data_2MXX
#
_entry.id   2MXX
#
_entity_poly.entity_id   1
_entity_poly.type   'polypeptide(L)'
_entity_poly.pdbx_seq_one_letter_code
;MADEATDAARNNDGAYYLQTQFTNADKVNEYLAQHDGEIRAEAAADPAVVAAKAALDAVEGGSHNYGEVKAAYEAAFNNA
FNAVRNKYVQRFQATYNNATEQEGKTYIQGETPEQANARYLKRVGAANNQNPAAEDKGATTPASKEEAKKSEAAAKNAGK
AAGKALPKTSAVKHHHHHH
;
_entity_poly.pdbx_strand_id   A
#
# COMPACT_ATOMS: atom_id res chain seq x y z
N MET A 1 17.04 -11.02 -2.99
CA MET A 1 15.86 -11.52 -3.71
C MET A 1 14.63 -11.53 -2.79
N ALA A 2 14.52 -10.67 -1.77
CA ALA A 2 13.39 -10.66 -0.84
C ALA A 2 12.22 -9.90 -1.46
N ASP A 3 11.83 -10.29 -2.67
CA ASP A 3 10.84 -9.63 -3.50
C ASP A 3 10.35 -10.61 -4.56
N GLU A 4 9.08 -10.50 -4.89
CA GLU A 4 8.25 -11.43 -5.62
C GLU A 4 6.93 -10.65 -5.80
N ALA A 5 6.39 -10.70 -6.99
CA ALA A 5 5.33 -9.84 -7.50
C ALA A 5 4.56 -10.58 -8.61
N THR A 6 3.51 -11.30 -8.23
CA THR A 6 2.60 -11.97 -9.15
C THR A 6 1.61 -10.94 -9.71
N ASP A 7 1.97 -10.21 -10.77
CA ASP A 7 1.06 -9.24 -11.42
C ASP A 7 0.03 -10.05 -12.21
N ALA A 8 -1.24 -10.06 -11.80
CA ALA A 8 -2.29 -10.90 -12.39
C ALA A 8 -3.46 -10.11 -12.98
N ALA A 9 -3.75 -8.90 -12.48
CA ALA A 9 -4.62 -7.87 -13.05
C ALA A 9 -6.11 -8.22 -12.91
N ARG A 10 -6.96 -7.23 -13.18
CA ARG A 10 -8.41 -7.26 -13.03
C ARG A 10 -8.97 -6.25 -14.02
N ASN A 11 -9.04 -6.60 -15.31
CA ASN A 11 -9.78 -5.75 -16.25
C ASN A 11 -11.27 -6.05 -16.09
N ASN A 12 -11.90 -5.60 -15.01
CA ASN A 12 -13.33 -5.83 -14.75
C ASN A 12 -13.96 -4.61 -14.07
N ASP A 13 -15.29 -4.65 -13.90
CA ASP A 13 -16.03 -3.54 -13.34
C ASP A 13 -15.78 -3.52 -11.83
N GLY A 14 -15.33 -2.40 -11.32
CA GLY A 14 -14.76 -2.30 -9.98
C GLY A 14 -15.13 -1.01 -9.28
N ALA A 15 -16.38 -0.54 -9.42
CA ALA A 15 -16.75 0.71 -8.83
C ALA A 15 -17.18 0.48 -7.38
N TYR A 16 -16.38 0.97 -6.45
CA TYR A 16 -16.67 1.02 -5.02
C TYR A 16 -18.01 1.70 -4.67
N TYR A 17 -18.57 2.49 -5.58
CA TYR A 17 -19.81 3.23 -5.36
C TYR A 17 -20.86 3.06 -6.44
N LEU A 18 -20.47 3.15 -7.70
CA LEU A 18 -21.39 2.91 -8.80
C LEU A 18 -21.64 1.43 -8.96
N GLN A 19 -20.70 0.57 -8.53
CA GLN A 19 -20.80 -0.88 -8.57
C GLN A 19 -20.96 -1.45 -9.98
N THR A 20 -20.75 -0.65 -11.03
CA THR A 20 -20.83 -1.03 -12.44
C THR A 20 -20.36 0.17 -13.29
N GLN A 21 -21.25 1.12 -13.62
CA GLN A 21 -21.05 2.27 -14.50
C GLN A 21 -22.19 3.29 -14.32
N PHE A 22 -22.83 3.32 -13.15
CA PHE A 22 -23.99 4.18 -12.90
C PHE A 22 -23.56 5.65 -13.07
N THR A 23 -24.56 6.52 -13.22
CA THR A 23 -24.38 7.92 -13.62
C THR A 23 -23.50 7.99 -14.87
N ASN A 24 -22.95 9.14 -15.21
CA ASN A 24 -22.12 9.37 -16.38
C ASN A 24 -20.67 8.98 -16.12
N ALA A 25 -20.47 7.83 -15.48
CA ALA A 25 -19.16 7.36 -15.09
C ALA A 25 -18.35 6.82 -16.28
N ASP A 26 -18.95 6.66 -17.47
CA ASP A 26 -18.23 6.16 -18.63
C ASP A 26 -17.17 7.17 -19.05
N LYS A 27 -17.58 8.44 -19.23
CA LYS A 27 -16.64 9.51 -19.54
C LYS A 27 -15.62 9.76 -18.43
N VAL A 28 -15.93 9.37 -17.18
CA VAL A 28 -14.93 9.37 -16.12
C VAL A 28 -13.86 8.35 -16.47
N ASN A 29 -14.24 7.07 -16.53
CA ASN A 29 -13.30 5.98 -16.80
C ASN A 29 -12.50 6.25 -18.06
N GLU A 30 -13.13 6.78 -19.10
CA GLU A 30 -12.44 7.08 -20.35
C GLU A 30 -11.21 7.97 -20.13
N TYR A 31 -11.29 8.97 -19.25
CA TYR A 31 -10.14 9.83 -18.96
C TYR A 31 -9.17 9.08 -18.06
N LEU A 32 -9.68 8.43 -17.01
CA LEU A 32 -8.84 7.72 -16.05
C LEU A 32 -8.02 6.62 -16.73
N ALA A 33 -8.56 6.04 -17.79
CA ALA A 33 -7.95 5.09 -18.70
C ALA A 33 -6.93 5.79 -19.60
N GLN A 34 -7.35 6.87 -20.30
CA GLN A 34 -6.50 7.55 -21.26
C GLN A 34 -5.18 8.02 -20.62
N HIS A 35 -5.21 8.47 -19.37
CA HIS A 35 -4.01 8.92 -18.65
C HIS A 35 -3.61 7.99 -17.50
N ASP A 36 -4.00 6.71 -17.57
CA ASP A 36 -3.69 5.69 -16.55
C ASP A 36 -2.20 5.63 -16.25
N GLY A 37 -1.33 6.00 -17.21
CA GLY A 37 0.11 6.06 -17.05
C GLY A 37 0.51 7.17 -16.07
N GLU A 38 0.21 8.43 -16.39
CA GLU A 38 0.57 9.58 -15.56
C GLU A 38 -0.01 9.43 -14.16
N ILE A 39 -1.27 8.99 -14.05
CA ILE A 39 -1.96 8.68 -12.80
C ILE A 39 -1.17 7.62 -12.03
N ARG A 40 -0.88 6.47 -12.66
CA ARG A 40 -0.17 5.38 -12.01
C ARG A 40 1.22 5.82 -11.55
N ALA A 41 1.94 6.57 -12.37
CA ALA A 41 3.27 7.05 -12.06
C ALA A 41 3.20 7.94 -10.83
N GLU A 42 2.27 8.89 -10.79
CA GLU A 42 2.10 9.81 -9.67
C GLU A 42 1.82 9.01 -8.39
N ALA A 43 0.86 8.09 -8.45
CA ALA A 43 0.48 7.25 -7.33
C ALA A 43 1.67 6.43 -6.82
N ALA A 44 2.43 5.83 -7.73
CA ALA A 44 3.57 4.99 -7.43
C ALA A 44 4.81 5.78 -7.00
N ALA A 45 4.85 7.08 -7.28
CA ALA A 45 5.90 8.00 -6.93
C ALA A 45 5.58 8.79 -5.65
N ASP A 46 4.40 8.60 -5.06
CA ASP A 46 4.01 9.21 -3.80
C ASP A 46 5.02 8.76 -2.72
N PRO A 47 5.41 9.63 -1.77
CA PRO A 47 6.47 9.31 -0.81
C PRO A 47 6.07 8.12 0.06
N ALA A 48 4.79 8.02 0.40
CA ALA A 48 4.26 6.94 1.20
C ALA A 48 4.47 5.61 0.50
N VAL A 49 4.16 5.55 -0.79
CA VAL A 49 4.17 4.32 -1.57
C VAL A 49 5.60 3.88 -1.82
N VAL A 50 6.49 4.79 -2.26
CA VAL A 50 7.87 4.44 -2.53
C VAL A 50 8.53 3.91 -1.26
N ALA A 51 8.32 4.62 -0.14
CA ALA A 51 8.88 4.24 1.15
C ALA A 51 8.34 2.89 1.58
N ALA A 52 7.02 2.68 1.47
CA ALA A 52 6.38 1.46 1.93
C ALA A 52 6.88 0.26 1.13
N LYS A 53 6.99 0.36 -0.20
CA LYS A 53 7.55 -0.73 -1.01
C LYS A 53 9.00 -1.00 -0.58
N ALA A 54 9.83 0.04 -0.48
CA ALA A 54 11.23 -0.13 -0.12
C ALA A 54 11.37 -0.69 1.31
N ALA A 55 10.42 -0.44 2.21
CA ALA A 55 10.42 -1.03 3.54
C ALA A 55 9.93 -2.48 3.51
N LEU A 56 8.98 -2.79 2.64
CA LEU A 56 8.50 -4.14 2.41
C LEU A 56 9.63 -5.05 1.98
N ASP A 57 10.48 -4.59 1.06
CA ASP A 57 11.59 -5.40 0.55
C ASP A 57 12.62 -5.67 1.65
N ALA A 58 12.55 -4.93 2.77
CA ALA A 58 13.41 -5.05 3.93
C ALA A 58 12.73 -5.82 5.06
N VAL A 59 11.45 -6.23 4.92
CA VAL A 59 10.74 -6.85 6.02
C VAL A 59 9.79 -7.98 5.56
N GLU A 60 9.92 -8.39 4.29
CA GLU A 60 8.96 -9.24 3.60
C GLU A 60 8.74 -10.62 4.23
N GLY A 61 7.89 -11.43 3.62
CA GLY A 61 7.71 -12.86 3.83
C GLY A 61 6.67 -13.15 4.90
N GLY A 62 6.42 -12.17 5.76
CA GLY A 62 5.78 -12.38 7.03
C GLY A 62 6.67 -11.90 8.16
N SER A 63 7.74 -11.11 7.91
CA SER A 63 8.57 -10.70 9.04
C SER A 63 7.87 -9.62 9.88
N HIS A 64 7.05 -10.06 10.84
CA HIS A 64 6.58 -9.35 12.02
C HIS A 64 5.89 -8.01 11.70
N ASN A 65 6.64 -6.93 11.51
CA ASN A 65 6.13 -5.62 11.07
C ASN A 65 5.60 -5.71 9.64
N TYR A 66 5.84 -6.83 8.95
CA TYR A 66 5.34 -7.14 7.63
C TYR A 66 3.86 -6.80 7.51
N GLY A 67 3.01 -7.33 8.40
CA GLY A 67 1.59 -7.08 8.33
C GLY A 67 1.27 -5.58 8.33
N GLU A 68 2.01 -4.79 9.11
CA GLU A 68 1.82 -3.35 9.17
C GLU A 68 2.23 -2.70 7.86
N VAL A 69 3.48 -2.91 7.40
CA VAL A 69 3.95 -2.25 6.18
C VAL A 69 3.14 -2.70 4.97
N LYS A 70 2.70 -3.95 4.95
CA LYS A 70 1.80 -4.51 3.95
C LYS A 70 0.49 -3.72 3.95
N ALA A 71 -0.14 -3.54 5.11
CA ALA A 71 -1.38 -2.80 5.21
C ALA A 71 -1.16 -1.33 4.82
N ALA A 72 -0.04 -0.74 5.22
CA ALA A 72 0.32 0.65 4.95
C ALA A 72 0.57 0.85 3.45
N TYR A 73 1.33 -0.05 2.81
CA TYR A 73 1.63 -0.06 1.39
C TYR A 73 0.33 -0.07 0.60
N GLU A 74 -0.56 -1.02 0.89
CA GLU A 74 -1.88 -1.08 0.26
C GLU A 74 -2.61 0.24 0.47
N ALA A 75 -2.79 0.66 1.72
CA ALA A 75 -3.57 1.83 2.05
C ALA A 75 -3.08 3.04 1.28
N ALA A 76 -1.78 3.31 1.33
CA ALA A 76 -1.16 4.43 0.65
C ALA A 76 -1.31 4.32 -0.86
N PHE A 77 -1.17 3.11 -1.44
CA PHE A 77 -1.26 2.92 -2.88
C PHE A 77 -2.65 3.29 -3.35
N ASN A 78 -3.69 2.66 -2.79
CA ASN A 78 -5.06 2.94 -3.19
C ASN A 78 -5.37 4.41 -2.93
N ASN A 79 -4.92 4.92 -1.78
CA ASN A 79 -5.13 6.29 -1.36
C ASN A 79 -4.63 7.24 -2.45
N ALA A 80 -3.36 7.08 -2.82
CA ALA A 80 -2.66 7.96 -3.74
C ALA A 80 -3.33 7.88 -5.10
N PHE A 81 -3.53 6.67 -5.63
CA PHE A 81 -4.12 6.45 -6.94
C PHE A 81 -5.53 7.06 -7.00
N ASN A 82 -6.34 6.88 -5.96
CA ASN A 82 -7.61 7.58 -5.85
C ASN A 82 -7.41 9.08 -5.90
N ALA A 83 -6.51 9.62 -5.06
CA ALA A 83 -6.33 11.06 -4.91
C ALA A 83 -5.91 11.72 -6.21
N VAL A 84 -4.95 11.15 -6.95
CA VAL A 84 -4.56 11.71 -8.24
C VAL A 84 -5.73 11.60 -9.22
N ARG A 85 -6.37 10.42 -9.34
CA ARG A 85 -7.41 10.24 -10.36
C ARG A 85 -8.55 11.24 -10.10
N ASN A 86 -8.97 11.36 -8.84
CA ASN A 86 -9.95 12.30 -8.30
C ASN A 86 -9.60 13.73 -8.68
N LYS A 87 -8.38 14.19 -8.37
CA LYS A 87 -8.02 15.58 -8.64
C LYS A 87 -8.09 15.89 -10.14
N TYR A 88 -7.65 14.95 -10.98
CA TYR A 88 -7.76 15.12 -12.42
C TYR A 88 -9.20 15.17 -12.87
N VAL A 89 -10.03 14.16 -12.61
CA VAL A 89 -11.40 14.14 -13.09
C VAL A 89 -12.20 15.36 -12.60
N GLN A 90 -11.95 15.78 -11.37
CA GLN A 90 -12.50 17.01 -10.80
C GLN A 90 -12.13 18.21 -11.66
N ARG A 91 -10.83 18.42 -11.94
CA ARG A 91 -10.43 19.49 -12.86
C ARG A 91 -11.11 19.33 -14.21
N PHE A 92 -11.01 18.15 -14.83
CA PHE A 92 -11.52 17.88 -16.18
C PHE A 92 -12.98 18.28 -16.29
N GLN A 93 -13.86 17.71 -15.45
CA GLN A 93 -15.27 18.05 -15.51
C GLN A 93 -15.48 19.53 -15.22
N ALA A 94 -14.85 20.10 -14.19
CA ALA A 94 -15.00 21.51 -13.86
C ALA A 94 -14.13 22.39 -14.76
N THR A 95 -14.15 22.09 -16.04
CA THR A 95 -13.52 22.78 -17.14
C THR A 95 -14.42 22.43 -18.34
N TYR A 96 -14.64 21.14 -18.61
CA TYR A 96 -15.55 20.62 -19.65
C TYR A 96 -17.01 20.58 -19.16
N ASN A 97 -17.40 21.61 -18.42
CA ASN A 97 -18.78 22.00 -18.17
C ASN A 97 -19.14 23.29 -18.91
N ASN A 98 -18.17 23.91 -19.61
CA ASN A 98 -18.33 25.12 -20.44
C ASN A 98 -19.58 25.01 -21.30
N ALA A 99 -20.65 25.71 -20.89
CA ALA A 99 -21.97 25.74 -21.50
C ALA A 99 -22.95 26.57 -20.66
N THR A 100 -22.78 26.63 -19.33
CA THR A 100 -23.71 27.30 -18.42
C THR A 100 -23.15 27.38 -17.00
N GLU A 101 -22.31 26.43 -16.58
CA GLU A 101 -21.87 26.21 -15.23
C GLU A 101 -20.42 25.78 -15.21
N GLN A 102 -19.85 25.91 -14.02
CA GLN A 102 -18.54 25.47 -13.56
C GLN A 102 -17.34 25.87 -14.44
N GLU A 103 -17.56 26.61 -15.51
CA GLU A 103 -16.53 27.23 -16.31
C GLU A 103 -15.77 28.25 -15.48
N GLY A 104 -14.44 28.12 -15.46
CA GLY A 104 -13.55 28.99 -14.71
C GLY A 104 -13.67 28.90 -13.19
N LYS A 105 -14.50 28.00 -12.63
CA LYS A 105 -14.84 28.00 -11.21
C LYS A 105 -13.64 27.61 -10.34
N THR A 106 -12.88 28.58 -9.84
CA THR A 106 -11.78 28.28 -8.94
C THR A 106 -12.26 28.01 -7.51
N TYR A 107 -13.53 28.27 -7.21
CA TYR A 107 -13.99 28.59 -5.85
C TYR A 107 -15.15 27.73 -5.36
N ILE A 108 -15.31 26.55 -5.93
CA ILE A 108 -16.31 25.56 -5.51
C ILE A 108 -15.65 24.19 -5.61
N GLN A 109 -16.00 23.31 -4.68
CA GLN A 109 -15.59 21.92 -4.65
C GLN A 109 -16.30 21.08 -5.74
N GLY A 110 -16.24 19.75 -5.60
CA GLY A 110 -17.26 18.86 -6.14
C GLY A 110 -17.41 17.65 -5.23
N GLU A 111 -16.31 17.16 -4.63
CA GLU A 111 -16.23 15.83 -3.99
C GLU A 111 -16.49 14.73 -5.03
N THR A 112 -16.20 13.48 -4.70
CA THR A 112 -16.49 12.31 -5.51
C THR A 112 -16.96 11.16 -4.62
N PRO A 113 -17.61 10.13 -5.18
CA PRO A 113 -18.17 9.08 -4.37
C PRO A 113 -17.09 8.15 -3.83
N GLU A 114 -16.11 7.77 -4.65
CA GLU A 114 -14.96 6.99 -4.20
C GLU A 114 -14.20 7.72 -3.11
N GLN A 115 -14.29 9.06 -3.06
CA GLN A 115 -13.61 9.85 -2.07
C GLN A 115 -14.07 9.46 -0.66
N ALA A 116 -15.35 9.11 -0.49
CA ALA A 116 -15.90 8.69 0.79
C ALA A 116 -15.34 7.32 1.22
N ASN A 117 -14.99 6.46 0.27
CA ASN A 117 -14.27 5.22 0.55
C ASN A 117 -12.80 5.54 0.87
N ALA A 118 -12.12 6.20 -0.06
CA ALA A 118 -10.70 6.50 -0.04
C ALA A 118 -10.28 7.29 1.21
N ARG A 119 -11.17 8.14 1.75
CA ARG A 119 -10.93 8.88 2.99
C ARG A 119 -10.41 7.96 4.10
N TYR A 120 -10.94 6.74 4.21
CA TYR A 120 -10.56 5.78 5.24
C TYR A 120 -9.07 5.43 5.20
N LEU A 121 -8.50 5.37 3.99
CA LEU A 121 -7.14 4.94 3.74
C LEU A 121 -6.26 6.20 3.70
N LYS A 122 -5.47 6.45 4.74
CA LYS A 122 -4.38 7.41 4.68
C LYS A 122 -3.32 7.01 5.68
N ARG A 123 -2.16 6.58 5.20
CA ARG A 123 -1.00 6.36 6.04
C ARG A 123 0.22 6.79 5.26
N VAL A 124 1.14 7.49 5.92
CA VAL A 124 2.39 8.02 5.39
C VAL A 124 3.41 7.92 6.52
N GLY A 125 3.41 6.77 7.19
CA GLY A 125 4.18 6.51 8.39
C GLY A 125 5.61 6.08 8.12
N ALA A 126 5.97 5.92 6.84
CA ALA A 126 7.32 6.04 6.34
C ALA A 126 7.24 6.89 5.07
N ALA A 127 8.28 7.65 4.79
CA ALA A 127 8.47 8.47 3.60
C ALA A 127 9.91 8.30 3.08
N ASN A 128 10.27 9.07 2.06
CA ASN A 128 11.60 9.09 1.42
C ASN A 128 11.96 7.71 0.83
N ASN A 129 13.24 7.46 0.55
CA ASN A 129 13.88 6.16 0.37
C ASN A 129 13.24 5.24 -0.68
N GLN A 130 13.79 5.21 -1.90
CA GLN A 130 13.22 4.49 -3.04
C GLN A 130 14.32 3.69 -3.74
N ASN A 131 14.18 2.36 -3.77
CA ASN A 131 15.00 1.46 -4.58
C ASN A 131 14.10 0.45 -5.32
N PRO A 132 14.60 -0.28 -6.34
CA PRO A 132 13.79 -1.16 -7.19
C PRO A 132 13.48 -2.52 -6.53
N ALA A 133 12.35 -3.11 -6.91
CA ALA A 133 11.79 -4.35 -6.40
C ALA A 133 10.81 -4.87 -7.45
N ALA A 134 11.36 -5.69 -8.33
CA ALA A 134 10.66 -6.68 -9.16
C ALA A 134 11.66 -7.71 -9.65
N GLU A 135 11.59 -8.98 -9.22
CA GLU A 135 12.24 -10.09 -9.91
C GLU A 135 11.64 -11.45 -9.52
N ASP A 136 10.48 -11.83 -10.06
CA ASP A 136 9.71 -13.00 -9.56
C ASP A 136 9.85 -14.28 -10.39
N LYS A 137 10.81 -14.31 -11.33
CA LYS A 137 11.13 -15.50 -12.16
C LYS A 137 9.92 -16.02 -12.98
N GLY A 138 8.85 -15.24 -13.10
CA GLY A 138 7.64 -15.54 -13.86
C GLY A 138 6.61 -16.21 -12.96
N ALA A 139 6.93 -17.39 -12.43
CA ALA A 139 6.09 -18.23 -11.58
C ALA A 139 4.66 -18.33 -12.13
N THR A 140 4.54 -18.94 -13.30
CA THR A 140 3.30 -19.04 -14.05
C THR A 140 2.78 -20.48 -13.91
N THR A 141 2.11 -20.73 -12.79
CA THR A 141 1.61 -22.02 -12.32
C THR A 141 2.66 -23.16 -12.48
N PRO A 142 3.57 -23.34 -11.53
CA PRO A 142 4.48 -24.48 -11.52
C PRO A 142 3.73 -25.73 -11.14
N ALA A 143 3.30 -26.52 -12.12
CA ALA A 143 2.94 -27.89 -11.83
C ALA A 143 4.23 -28.70 -11.57
N SER A 144 5.08 -28.24 -10.63
CA SER A 144 5.95 -29.14 -9.87
C SER A 144 5.10 -30.17 -9.09
N LYS A 145 5.71 -31.29 -8.66
CA LYS A 145 5.14 -32.33 -7.82
C LYS A 145 3.75 -32.72 -8.28
N GLU A 146 3.69 -33.65 -9.23
CA GLU A 146 2.48 -34.26 -9.69
C GLU A 146 2.79 -35.72 -10.01
N GLU A 147 2.28 -36.66 -9.22
CA GLU A 147 2.37 -38.10 -9.49
C GLU A 147 1.34 -38.82 -8.60
N ALA A 148 0.91 -40.05 -8.96
CA ALA A 148 0.03 -40.87 -8.14
C ALA A 148 0.25 -42.37 -8.43
N LYS A 149 1.34 -42.92 -7.90
CA LYS A 149 1.62 -44.36 -7.84
C LYS A 149 0.73 -45.02 -6.79
N LYS A 150 0.46 -46.32 -6.91
CA LYS A 150 -0.20 -47.19 -5.94
C LYS A 150 0.05 -48.63 -6.39
N SER A 151 0.10 -49.60 -5.49
CA SER A 151 0.53 -50.96 -5.69
C SER A 151 0.05 -51.89 -4.54
N GLU A 152 -1.17 -52.43 -4.60
CA GLU A 152 -1.81 -53.15 -3.51
C GLU A 152 -2.22 -54.58 -3.92
N ALA A 153 -2.48 -55.47 -2.96
CA ALA A 153 -2.98 -56.84 -3.16
C ALA A 153 -3.74 -57.36 -1.93
N ALA A 154 -4.53 -58.43 -2.05
CA ALA A 154 -5.40 -58.96 -0.99
C ALA A 154 -5.81 -60.44 -1.23
N ALA A 155 -6.81 -60.91 -0.47
CA ALA A 155 -7.72 -62.05 -0.70
C ALA A 155 -7.09 -63.37 -1.20
N LYS A 156 -6.45 -64.13 -0.31
CA LYS A 156 -5.90 -65.46 -0.66
C LYS A 156 -6.93 -66.61 -0.64
N ASN A 157 -8.16 -66.40 -0.16
CA ASN A 157 -9.29 -67.35 -0.04
C ASN A 157 -9.04 -68.62 0.77
N ALA A 158 -8.03 -69.45 0.45
CA ALA A 158 -7.65 -70.69 1.13
C ALA A 158 -8.80 -71.69 1.36
N GLY A 159 -9.39 -72.18 0.27
CA GLY A 159 -10.40 -73.24 0.26
C GLY A 159 -9.87 -74.60 0.72
N LYS A 160 -10.69 -75.65 0.58
CA LYS A 160 -10.35 -77.06 0.89
C LYS A 160 -10.55 -77.89 -0.39
N ALA A 161 -10.20 -79.19 -0.34
CA ALA A 161 -10.25 -80.07 -1.49
C ALA A 161 -11.50 -80.95 -1.44
N ALA A 162 -11.46 -82.09 -0.73
CA ALA A 162 -12.51 -83.10 -0.76
C ALA A 162 -12.60 -83.82 0.60
N GLY A 163 -13.57 -84.73 0.72
CA GLY A 163 -13.70 -85.69 1.80
C GLY A 163 -13.13 -87.05 1.37
N LYS A 164 -13.50 -88.12 2.08
CA LYS A 164 -13.15 -89.50 1.72
C LYS A 164 -14.41 -90.36 1.77
N ALA A 165 -14.40 -91.49 1.05
CA ALA A 165 -15.44 -92.50 1.03
C ALA A 165 -14.77 -93.87 0.86
N LEU A 166 -15.55 -94.94 0.75
CA LEU A 166 -15.09 -96.28 0.41
C LEU A 166 -16.20 -97.04 -0.31
N PRO A 167 -15.91 -97.99 -1.21
CA PRO A 167 -16.91 -98.88 -1.79
C PRO A 167 -17.39 -99.92 -0.76
N LYS A 168 -18.57 -100.50 -1.00
CA LYS A 168 -19.10 -101.57 -0.17
C LYS A 168 -18.29 -102.86 -0.38
N THR A 169 -18.19 -103.69 0.66
CA THR A 169 -17.70 -105.05 0.54
C THR A 169 -18.76 -105.95 -0.10
N SER A 170 -18.42 -107.24 -0.27
CA SER A 170 -19.25 -108.26 -0.89
C SER A 170 -19.37 -109.44 0.06
N ALA A 171 -19.94 -109.18 1.23
CA ALA A 171 -20.26 -110.17 2.26
C ALA A 171 -21.51 -110.98 1.86
N VAL A 172 -21.54 -111.52 0.64
CA VAL A 172 -22.58 -112.44 0.18
C VAL A 172 -21.92 -113.60 -0.57
N LYS A 173 -22.54 -114.78 -0.56
CA LYS A 173 -22.03 -115.94 -1.28
C LYS A 173 -23.23 -116.70 -1.85
N HIS A 174 -23.28 -116.83 -3.18
CA HIS A 174 -24.40 -117.44 -3.91
C HIS A 174 -25.70 -116.67 -3.62
N HIS A 175 -26.84 -117.23 -3.99
CA HIS A 175 -28.15 -116.76 -3.57
C HIS A 175 -29.00 -118.00 -3.28
N HIS A 176 -28.79 -118.58 -2.10
CA HIS A 176 -29.25 -119.89 -1.67
C HIS A 176 -28.78 -120.99 -2.62
N HIS A 177 -29.49 -121.20 -3.73
CA HIS A 177 -29.30 -122.26 -4.74
C HIS A 177 -29.65 -123.61 -4.12
N HIS A 178 -30.96 -123.91 -4.12
CA HIS A 178 -31.49 -125.22 -3.79
C HIS A 178 -31.52 -126.09 -5.06
N HIS A 179 -31.82 -127.37 -4.87
CA HIS A 179 -32.41 -128.25 -5.86
C HIS A 179 -33.74 -128.68 -5.24
N MET A 1 -2.27 27.17 3.72
CA MET A 1 -2.59 28.54 4.15
C MET A 1 -3.79 28.97 3.33
N ALA A 2 -4.91 29.26 3.99
CA ALA A 2 -6.21 28.65 3.66
C ALA A 2 -6.10 27.12 3.69
N ASP A 3 -7.23 26.45 3.65
CA ASP A 3 -7.41 25.01 3.52
C ASP A 3 -8.88 24.80 3.16
N GLU A 4 -9.31 23.60 2.77
CA GLU A 4 -10.64 23.32 2.25
C GLU A 4 -11.04 21.89 2.65
N ALA A 5 -12.02 21.75 3.56
CA ALA A 5 -12.65 20.46 3.87
C ALA A 5 -14.01 20.70 4.52
N THR A 6 -15.07 20.80 3.71
CA THR A 6 -16.44 21.00 4.18
C THR A 6 -17.42 20.19 3.32
N ASP A 7 -17.61 18.91 3.64
CA ASP A 7 -18.42 17.94 2.86
C ASP A 7 -19.92 18.29 2.80
N ALA A 8 -20.39 19.16 3.69
CA ALA A 8 -21.80 19.40 4.02
C ALA A 8 -22.51 18.13 4.53
N ALA A 9 -22.72 17.13 3.69
CA ALA A 9 -23.35 15.82 3.97
C ALA A 9 -23.47 15.04 2.65
N ARG A 10 -23.75 13.74 2.72
CA ARG A 10 -24.40 13.03 1.62
C ARG A 10 -25.39 12.10 2.28
N ASN A 11 -26.56 12.64 2.66
CA ASN A 11 -27.67 11.75 2.98
C ASN A 11 -28.23 11.23 1.64
N ASN A 12 -29.17 10.29 1.65
CA ASN A 12 -30.09 10.13 0.52
C ASN A 12 -31.10 11.27 0.56
N ASP A 13 -31.71 11.56 -0.59
CA ASP A 13 -32.78 12.52 -0.79
C ASP A 13 -33.60 12.05 -1.98
N GLY A 14 -34.73 12.69 -2.26
CA GLY A 14 -35.59 12.41 -3.39
C GLY A 14 -35.11 13.05 -4.68
N ALA A 15 -33.80 13.10 -4.92
CA ALA A 15 -33.29 13.78 -6.06
C ALA A 15 -33.58 12.92 -7.29
N TYR A 16 -34.32 13.47 -8.24
CA TYR A 16 -34.97 12.75 -9.34
C TYR A 16 -34.05 11.69 -9.94
N TYR A 17 -32.80 12.06 -10.23
CA TYR A 17 -31.76 11.17 -10.72
C TYR A 17 -30.60 11.03 -9.72
N LEU A 18 -30.34 12.03 -8.86
CA LEU A 18 -29.20 11.94 -7.94
C LEU A 18 -29.51 11.08 -6.72
N GLN A 19 -30.76 10.69 -6.49
CA GLN A 19 -31.10 9.57 -5.60
C GLN A 19 -30.55 8.22 -6.10
N THR A 20 -29.91 8.26 -7.26
CA THR A 20 -29.39 7.16 -8.05
C THR A 20 -28.04 7.57 -8.62
N GLN A 21 -27.37 8.48 -7.93
CA GLN A 21 -26.00 8.87 -8.10
C GLN A 21 -25.67 9.35 -9.53
N PHE A 22 -26.68 9.88 -10.22
CA PHE A 22 -26.57 10.49 -11.53
C PHE A 22 -25.40 11.48 -11.62
N THR A 23 -24.47 11.15 -12.50
CA THR A 23 -23.41 12.01 -12.99
C THR A 23 -23.01 11.49 -14.38
N ASN A 24 -22.22 12.27 -15.12
CA ASN A 24 -21.62 11.84 -16.38
C ASN A 24 -20.38 11.03 -16.04
N ALA A 25 -20.62 9.79 -15.60
CA ALA A 25 -19.57 8.87 -15.19
C ALA A 25 -18.83 8.29 -16.39
N ASP A 26 -19.52 8.19 -17.52
CA ASP A 26 -19.06 7.84 -18.86
C ASP A 26 -17.81 8.64 -19.24
N LYS A 27 -17.97 9.95 -19.46
CA LYS A 27 -16.89 10.87 -19.85
C LYS A 27 -15.81 11.04 -18.78
N VAL A 28 -16.05 10.53 -17.57
CA VAL A 28 -15.07 10.50 -16.50
C VAL A 28 -14.22 9.26 -16.73
N ASN A 29 -14.79 8.06 -16.65
CA ASN A 29 -14.09 6.79 -16.87
C ASN A 29 -13.23 6.80 -18.13
N GLU A 30 -13.65 7.51 -19.18
CA GLU A 30 -12.90 7.72 -20.40
C GLU A 30 -11.49 8.28 -20.08
N TYR A 31 -11.48 9.43 -19.39
CA TYR A 31 -10.30 10.08 -18.84
C TYR A 31 -9.50 9.08 -18.02
N LEU A 32 -10.14 8.43 -17.05
CA LEU A 32 -9.48 7.50 -16.13
C LEU A 32 -8.79 6.35 -16.86
N ALA A 33 -9.33 5.96 -18.02
CA ALA A 33 -8.77 4.90 -18.84
C ALA A 33 -7.53 5.39 -19.58
N GLN A 34 -7.61 6.53 -20.31
CA GLN A 34 -6.43 6.99 -21.06
C GLN A 34 -5.28 7.34 -20.11
N HIS A 35 -5.62 8.06 -19.04
CA HIS A 35 -4.69 8.82 -18.22
C HIS A 35 -4.00 7.89 -17.18
N ASP A 36 -4.39 6.61 -17.17
CA ASP A 36 -4.06 5.60 -16.17
C ASP A 36 -2.56 5.52 -15.95
N GLY A 37 -1.77 5.57 -17.02
CA GLY A 37 -0.32 5.43 -16.96
C GLY A 37 0.32 6.53 -16.13
N GLU A 38 -0.06 7.78 -16.41
CA GLU A 38 0.43 8.95 -15.69
C GLU A 38 -0.01 8.88 -14.24
N ILE A 39 -1.30 8.66 -13.99
CA ILE A 39 -1.85 8.54 -12.64
C ILE A 39 -1.07 7.47 -11.85
N ARG A 40 -0.84 6.29 -12.45
CA ARG A 40 -0.16 5.16 -11.84
C ARG A 40 1.32 5.48 -11.59
N ALA A 41 1.94 6.26 -12.46
CA ALA A 41 3.31 6.73 -12.34
C ALA A 41 3.43 7.74 -11.19
N GLU A 42 2.49 8.68 -11.10
CA GLU A 42 2.46 9.70 -10.06
C GLU A 42 2.19 9.03 -8.71
N ALA A 43 1.21 8.13 -8.65
CA ALA A 43 0.94 7.34 -7.45
C ALA A 43 2.16 6.51 -7.05
N ALA A 44 2.91 5.96 -8.01
CA ALA A 44 4.17 5.30 -7.70
C ALA A 44 5.23 6.25 -7.16
N ALA A 45 5.27 7.51 -7.63
CA ALA A 45 6.22 8.52 -7.19
C ALA A 45 5.85 9.14 -5.84
N ASP A 46 4.63 8.93 -5.34
CA ASP A 46 4.10 9.57 -4.14
C ASP A 46 5.02 9.19 -2.95
N PRO A 47 5.28 10.11 -1.99
CA PRO A 47 6.25 9.88 -0.93
C PRO A 47 5.91 8.65 -0.09
N ALA A 48 4.61 8.44 0.14
CA ALA A 48 4.11 7.35 0.95
C ALA A 48 4.39 6.02 0.24
N VAL A 49 4.22 5.95 -1.07
CA VAL A 49 4.38 4.71 -1.81
C VAL A 49 5.85 4.35 -1.92
N VAL A 50 6.73 5.31 -2.25
CA VAL A 50 8.16 5.02 -2.32
C VAL A 50 8.67 4.56 -0.94
N ALA A 51 8.26 5.26 0.12
CA ALA A 51 8.62 4.94 1.50
C ALA A 51 8.14 3.53 1.88
N ALA A 52 6.83 3.30 1.79
CA ALA A 52 6.20 2.08 2.28
C ALA A 52 6.73 0.87 1.53
N LYS A 53 6.91 0.98 0.21
CA LYS A 53 7.42 -0.11 -0.63
C LYS A 53 8.89 -0.39 -0.28
N ALA A 54 9.70 0.65 -0.06
CA ALA A 54 11.10 0.48 0.33
C ALA A 54 11.18 -0.35 1.61
N ALA A 55 10.40 0.02 2.64
CA ALA A 55 10.37 -0.72 3.89
C ALA A 55 9.84 -2.14 3.69
N LEU A 56 8.74 -2.33 2.95
CA LEU A 56 8.13 -3.64 2.71
C LEU A 56 9.14 -4.63 2.10
N ASP A 57 9.97 -4.21 1.16
CA ASP A 57 10.97 -5.11 0.58
C ASP A 57 12.15 -5.39 1.52
N ALA A 58 12.21 -4.75 2.69
CA ALA A 58 13.18 -4.98 3.74
C ALA A 58 12.55 -5.64 4.98
N VAL A 59 11.23 -5.82 5.01
CA VAL A 59 10.44 -6.35 6.12
C VAL A 59 9.45 -7.38 5.53
N GLU A 60 9.93 -8.19 4.59
CA GLU A 60 9.17 -9.28 4.01
C GLU A 60 9.17 -10.49 4.98
N GLY A 61 9.00 -11.70 4.43
CA GLY A 61 9.30 -12.94 5.12
C GLY A 61 8.27 -13.30 6.19
N GLY A 62 7.07 -12.72 6.09
CA GLY A 62 6.05 -12.87 7.11
C GLY A 62 6.52 -12.38 8.48
N SER A 63 7.42 -11.37 8.50
CA SER A 63 7.88 -10.65 9.67
C SER A 63 6.71 -10.30 10.60
N HIS A 64 6.97 -10.12 11.90
CA HIS A 64 5.94 -9.61 12.81
C HIS A 64 5.31 -8.32 12.23
N ASN A 65 6.15 -7.41 11.70
CA ASN A 65 5.66 -6.16 11.15
C ASN A 65 5.28 -6.24 9.67
N TYR A 66 5.38 -7.42 9.03
CA TYR A 66 4.96 -7.65 7.65
C TYR A 66 3.54 -7.16 7.42
N GLY A 67 2.63 -7.42 8.37
CA GLY A 67 1.26 -6.97 8.26
C GLY A 67 1.15 -5.45 8.23
N GLU A 68 1.96 -4.72 9.01
CA GLU A 68 1.96 -3.26 8.95
C GLU A 68 2.46 -2.81 7.58
N VAL A 69 3.65 -3.28 7.15
CA VAL A 69 4.20 -2.81 5.88
C VAL A 69 3.27 -3.15 4.72
N LYS A 70 2.67 -4.35 4.70
CA LYS A 70 1.78 -4.76 3.62
C LYS A 70 0.52 -3.91 3.64
N ALA A 71 -0.09 -3.71 4.80
CA ALA A 71 -1.27 -2.89 4.97
C ALA A 71 -0.98 -1.47 4.50
N ALA A 72 0.07 -0.86 5.04
CA ALA A 72 0.46 0.51 4.75
C ALA A 72 0.73 0.72 3.27
N TYR A 73 1.43 -0.23 2.64
CA TYR A 73 1.74 -0.22 1.21
C TYR A 73 0.46 -0.23 0.37
N GLU A 74 -0.40 -1.23 0.52
CA GLU A 74 -1.61 -1.31 -0.30
C GLU A 74 -2.54 -0.12 -0.04
N ALA A 75 -2.65 0.31 1.23
CA ALA A 75 -3.43 1.46 1.62
C ALA A 75 -2.92 2.71 0.92
N ALA A 76 -1.61 3.01 1.01
CA ALA A 76 -1.04 4.23 0.45
C ALA A 76 -1.13 4.20 -1.07
N PHE A 77 -0.90 3.05 -1.70
CA PHE A 77 -0.96 2.95 -3.15
C PHE A 77 -2.38 3.22 -3.64
N ASN A 78 -3.41 2.56 -3.09
CA ASN A 78 -4.78 2.86 -3.51
C ASN A 78 -5.16 4.29 -3.16
N ASN A 79 -4.72 4.78 -2.00
CA ASN A 79 -5.01 6.12 -1.52
C ASN A 79 -4.49 7.15 -2.51
N ALA A 80 -3.20 7.05 -2.89
CA ALA A 80 -2.54 7.93 -3.84
C ALA A 80 -3.21 7.80 -5.21
N PHE A 81 -3.32 6.58 -5.74
CA PHE A 81 -3.88 6.34 -7.05
C PHE A 81 -5.30 6.92 -7.16
N ASN A 82 -6.14 6.75 -6.14
CA ASN A 82 -7.45 7.39 -6.16
C ASN A 82 -7.33 8.91 -6.05
N ALA A 83 -6.54 9.42 -5.09
CA ALA A 83 -6.39 10.84 -4.85
C ALA A 83 -5.97 11.57 -6.13
N VAL A 84 -4.88 11.13 -6.74
CA VAL A 84 -4.37 11.63 -8.00
C VAL A 84 -5.50 11.55 -9.04
N ARG A 85 -6.04 10.35 -9.31
CA ARG A 85 -6.96 10.21 -10.44
C ARG A 85 -8.17 11.14 -10.27
N ASN A 86 -8.72 11.18 -9.05
CA ASN A 86 -9.82 12.03 -8.66
C ASN A 86 -9.47 13.50 -8.89
N LYS A 87 -8.38 14.01 -8.32
CA LYS A 87 -8.09 15.44 -8.35
C LYS A 87 -7.86 15.92 -9.79
N TYR A 88 -7.18 15.11 -10.60
CA TYR A 88 -7.08 15.31 -12.04
C TYR A 88 -8.46 15.38 -12.66
N VAL A 89 -9.23 14.27 -12.64
CA VAL A 89 -10.50 14.19 -13.35
C VAL A 89 -11.46 15.30 -12.90
N GLN A 90 -11.47 15.62 -11.60
CA GLN A 90 -12.27 16.71 -11.07
C GLN A 90 -11.88 18.03 -11.72
N ARG A 91 -10.59 18.41 -11.69
CA ARG A 91 -10.22 19.69 -12.28
C ARG A 91 -10.43 19.71 -13.81
N PHE A 92 -10.41 18.56 -14.49
CA PHE A 92 -10.77 18.44 -15.90
C PHE A 92 -12.28 18.60 -16.09
N GLN A 93 -13.10 17.72 -15.53
CA GLN A 93 -14.55 17.72 -15.70
C GLN A 93 -15.12 19.05 -15.23
N ALA A 94 -14.66 19.60 -14.11
CA ALA A 94 -15.10 20.89 -13.58
C ALA A 94 -14.56 22.12 -14.37
N THR A 95 -14.18 21.91 -15.64
CA THR A 95 -14.24 22.90 -16.70
C THR A 95 -15.01 22.30 -17.88
N TYR A 96 -14.59 21.12 -18.35
CA TYR A 96 -15.14 20.44 -19.53
C TYR A 96 -16.57 19.90 -19.34
N ASN A 97 -17.28 20.27 -18.28
CA ASN A 97 -18.66 19.86 -18.08
C ASN A 97 -19.60 20.75 -18.87
N ASN A 98 -19.12 21.89 -19.37
CA ASN A 98 -19.83 22.83 -20.26
C ASN A 98 -21.08 23.49 -19.64
N ALA A 99 -21.59 22.95 -18.52
CA ALA A 99 -22.75 23.42 -17.76
C ALA A 99 -22.37 23.57 -16.26
N THR A 100 -21.08 23.60 -15.96
CA THR A 100 -20.54 24.06 -14.69
C THR A 100 -19.96 25.47 -14.87
N GLU A 101 -19.73 25.90 -16.12
CA GLU A 101 -18.67 26.85 -16.46
C GLU A 101 -17.33 26.44 -15.80
N GLN A 102 -16.36 27.34 -15.79
CA GLN A 102 -15.12 27.23 -15.04
C GLN A 102 -14.76 28.55 -14.37
N GLU A 103 -15.05 29.74 -14.90
CA GLU A 103 -14.70 31.00 -14.23
C GLU A 103 -13.18 31.19 -13.94
N GLY A 104 -12.35 30.35 -14.56
CA GLY A 104 -10.89 30.45 -14.56
C GLY A 104 -10.25 29.74 -13.37
N LYS A 105 -11.01 28.93 -12.64
CA LYS A 105 -10.57 28.26 -11.42
C LYS A 105 -9.29 27.46 -11.64
N THR A 106 -8.57 27.24 -10.55
CA THR A 106 -7.61 26.15 -10.49
C THR A 106 -7.58 25.47 -9.11
N TYR A 107 -7.83 26.23 -8.03
CA TYR A 107 -7.74 25.82 -6.64
C TYR A 107 -9.13 25.51 -6.07
N ILE A 108 -9.99 24.81 -6.81
CA ILE A 108 -11.29 24.34 -6.30
C ILE A 108 -11.48 22.92 -6.82
N GLN A 109 -12.14 22.09 -6.02
CA GLN A 109 -12.53 20.70 -6.26
C GLN A 109 -13.98 20.49 -5.80
N GLY A 110 -14.48 19.25 -5.82
CA GLY A 110 -15.58 18.85 -4.96
C GLY A 110 -15.54 17.33 -4.89
N GLU A 111 -16.66 16.68 -5.20
CA GLU A 111 -16.87 15.26 -4.91
C GLU A 111 -17.34 14.47 -6.14
N THR A 112 -17.11 13.15 -6.08
CA THR A 112 -17.18 12.18 -7.15
C THR A 112 -17.52 10.82 -6.53
N PRO A 113 -18.08 9.87 -7.32
CA PRO A 113 -18.52 8.62 -6.77
C PRO A 113 -17.36 7.67 -6.46
N GLU A 114 -16.31 7.61 -7.27
CA GLU A 114 -15.14 6.79 -6.93
C GLU A 114 -14.39 7.38 -5.72
N GLN A 115 -14.60 8.66 -5.41
CA GLN A 115 -14.14 9.27 -4.18
C GLN A 115 -14.89 8.65 -2.99
N ALA A 116 -16.22 8.55 -3.10
CA ALA A 116 -17.09 7.96 -2.10
C ALA A 116 -16.82 6.46 -1.95
N ASN A 117 -16.56 5.75 -3.05
CA ASN A 117 -16.19 4.34 -3.00
C ASN A 117 -14.92 4.17 -2.18
N ALA A 118 -13.85 4.91 -2.52
CA ALA A 118 -12.56 4.81 -1.85
C ALA A 118 -12.61 5.12 -0.34
N ARG A 119 -13.61 5.89 0.15
CA ARG A 119 -13.79 6.12 1.59
C ARG A 119 -14.12 4.82 2.34
N TYR A 120 -14.72 3.82 1.67
CA TYR A 120 -15.17 2.57 2.27
C TYR A 120 -14.06 1.93 3.09
N LEU A 121 -12.93 1.64 2.46
CA LEU A 121 -11.78 0.98 3.07
C LEU A 121 -10.76 1.97 3.64
N LYS A 122 -11.13 3.24 3.85
CA LYS A 122 -10.26 4.26 4.43
C LYS A 122 -10.33 4.24 5.97
N ARG A 123 -10.34 3.05 6.58
CA ARG A 123 -10.40 2.85 8.03
C ARG A 123 -9.80 1.47 8.35
N VAL A 124 -9.62 1.19 9.64
CA VAL A 124 -9.02 -0.03 10.20
C VAL A 124 -10.03 -0.71 11.12
N GLY A 125 -11.31 -0.58 10.80
CA GLY A 125 -12.44 -1.12 11.55
C GLY A 125 -12.80 -0.30 12.79
N ALA A 126 -11.82 0.30 13.48
CA ALA A 126 -11.99 0.95 14.78
C ALA A 126 -12.71 0.00 15.75
N ALA A 127 -12.16 -1.21 15.94
CA ALA A 127 -12.76 -2.31 16.71
C ALA A 127 -11.64 -3.11 17.39
N ASN A 128 -11.99 -4.26 17.98
CA ASN A 128 -11.12 -5.42 18.22
C ASN A 128 -9.81 -5.13 18.99
N ASN A 129 -9.81 -5.33 20.33
CA ASN A 129 -8.59 -5.21 21.13
C ASN A 129 -8.45 -6.14 22.35
N GLN A 130 -9.39 -7.07 22.63
CA GLN A 130 -9.29 -7.98 23.78
C GLN A 130 -9.09 -9.43 23.33
N ASN A 131 -8.72 -10.28 24.29
CA ASN A 131 -8.65 -11.75 24.19
C ASN A 131 -8.30 -12.41 25.53
N PRO A 132 -9.28 -12.68 26.41
CA PRO A 132 -9.08 -13.49 27.60
C PRO A 132 -9.12 -15.00 27.28
N ALA A 133 -8.25 -15.79 27.91
CA ALA A 133 -8.13 -17.24 27.69
C ALA A 133 -7.46 -17.95 28.88
N ALA A 134 -8.05 -17.70 30.02
CA ALA A 134 -7.61 -18.14 31.32
C ALA A 134 -8.75 -18.22 32.35
N GLU A 135 -9.49 -19.33 32.40
CA GLU A 135 -10.36 -19.69 33.52
C GLU A 135 -10.54 -21.21 33.46
N ASP A 136 -10.11 -22.01 34.45
CA ASP A 136 -10.25 -23.47 34.42
C ASP A 136 -10.45 -24.00 35.83
N LYS A 137 -10.74 -25.30 36.00
CA LYS A 137 -10.91 -25.92 37.31
C LYS A 137 -9.59 -26.01 38.09
N GLY A 138 -8.44 -25.62 37.52
CA GLY A 138 -7.16 -25.64 38.22
C GLY A 138 -6.63 -27.05 38.50
N ALA A 139 -6.94 -28.04 37.66
CA ALA A 139 -6.36 -29.38 37.67
C ALA A 139 -5.22 -29.40 36.68
N THR A 140 -4.38 -28.36 36.78
CA THR A 140 -3.33 -27.98 35.85
C THR A 140 -2.47 -29.17 35.42
N THR A 141 -1.96 -29.98 36.36
CA THR A 141 -1.52 -31.35 36.11
C THR A 141 -1.30 -31.94 37.51
N PRO A 142 -2.29 -32.55 38.18
CA PRO A 142 -1.92 -33.53 39.18
C PRO A 142 -1.02 -34.57 38.50
N ALA A 143 0.29 -34.41 38.64
CA ALA A 143 1.19 -35.51 38.39
C ALA A 143 1.09 -36.53 39.54
N SER A 144 -0.07 -36.58 40.25
CA SER A 144 -0.18 -37.35 41.49
C SER A 144 0.05 -38.85 41.28
N LYS A 145 1.21 -39.33 41.74
CA LYS A 145 1.77 -40.67 41.48
C LYS A 145 2.51 -41.22 42.70
N GLU A 146 2.22 -40.66 43.87
CA GLU A 146 3.26 -40.30 44.84
C GLU A 146 3.10 -41.05 46.18
N GLU A 147 2.26 -42.10 46.24
CA GLU A 147 2.11 -42.96 47.42
C GLU A 147 2.32 -44.44 47.05
N ALA A 148 2.23 -45.35 48.02
CA ALA A 148 2.33 -46.81 47.82
C ALA A 148 1.99 -47.58 49.10
N LYS A 149 2.63 -47.21 50.22
CA LYS A 149 2.39 -47.67 51.59
C LYS A 149 2.15 -49.20 51.68
N LYS A 150 3.13 -50.00 51.26
CA LYS A 150 3.05 -51.45 51.29
C LYS A 150 4.37 -52.04 51.75
N SER A 151 4.36 -53.36 51.90
CA SER A 151 5.37 -54.19 52.53
C SER A 151 5.24 -54.03 54.04
N GLU A 152 5.16 -55.20 54.65
CA GLU A 152 4.83 -55.43 56.05
C GLU A 152 5.81 -56.48 56.60
N ALA A 153 5.62 -57.74 56.20
CA ALA A 153 6.43 -58.92 56.56
C ALA A 153 6.20 -59.34 58.03
N ALA A 154 6.85 -60.45 58.44
CA ALA A 154 6.63 -61.06 59.74
C ALA A 154 7.92 -61.74 60.18
N ALA A 155 8.54 -61.27 61.27
CA ALA A 155 9.76 -61.88 61.82
C ALA A 155 9.56 -63.35 62.22
N LYS A 156 8.36 -63.70 62.70
CA LYS A 156 7.86 -65.07 62.89
C LYS A 156 8.79 -66.00 63.68
N ASN A 157 9.71 -65.46 64.49
CA ASN A 157 10.80 -66.10 65.22
C ASN A 157 10.38 -67.05 66.37
N ALA A 158 9.25 -67.73 66.26
CA ALA A 158 8.89 -68.82 67.16
C ALA A 158 9.80 -70.03 66.90
N GLY A 159 9.82 -70.98 67.83
CA GLY A 159 10.61 -72.21 67.75
C GLY A 159 10.26 -73.12 68.92
N LYS A 160 10.99 -74.23 69.08
CA LYS A 160 10.88 -75.09 70.26
C LYS A 160 12.22 -75.79 70.47
N ALA A 161 12.35 -76.49 71.60
CA ALA A 161 13.40 -77.47 71.87
C ALA A 161 12.74 -78.69 72.52
N ALA A 162 13.51 -79.73 72.79
CA ALA A 162 13.09 -80.98 73.42
C ALA A 162 14.19 -81.46 74.37
N GLY A 163 14.14 -82.71 74.83
CA GLY A 163 15.04 -83.28 75.81
C GLY A 163 14.32 -84.41 76.54
N LYS A 164 14.54 -84.55 77.85
CA LYS A 164 14.52 -85.78 78.66
C LYS A 164 15.80 -86.56 78.39
N ALA A 165 16.53 -86.85 79.46
CA ALA A 165 17.49 -87.94 79.60
C ALA A 165 17.33 -88.40 81.05
N LEU A 166 17.54 -89.68 81.35
CA LEU A 166 17.43 -90.26 82.68
C LEU A 166 18.33 -91.50 82.77
N PRO A 167 18.64 -92.02 83.97
CA PRO A 167 19.37 -93.28 84.11
C PRO A 167 18.48 -94.47 83.76
N LYS A 168 19.07 -95.68 83.69
CA LYS A 168 18.30 -96.92 83.66
C LYS A 168 18.30 -97.52 85.06
N THR A 169 17.32 -98.35 85.36
CA THR A 169 17.43 -99.35 86.40
C THR A 169 18.31 -100.48 85.86
N SER A 170 19.36 -100.86 86.59
CA SER A 170 20.12 -102.07 86.30
C SER A 170 20.78 -102.52 87.60
N ALA A 171 20.02 -103.22 88.45
CA ALA A 171 20.47 -103.70 89.76
C ALA A 171 20.15 -105.18 90.00
N VAL A 172 19.73 -105.89 88.95
CA VAL A 172 19.44 -107.31 89.01
C VAL A 172 20.76 -108.03 89.30
N LYS A 173 20.83 -108.76 90.42
CA LYS A 173 21.96 -109.62 90.73
C LYS A 173 21.51 -110.85 91.50
N HIS A 174 20.61 -110.66 92.48
CA HIS A 174 20.15 -111.73 93.38
C HIS A 174 21.35 -112.41 94.06
N HIS A 175 21.15 -113.60 94.66
CA HIS A 175 22.19 -114.54 95.08
C HIS A 175 21.56 -115.91 95.36
N HIS A 176 20.37 -115.94 95.97
CA HIS A 176 19.63 -117.15 96.37
C HIS A 176 20.54 -118.15 97.11
N HIS A 177 20.95 -117.78 98.33
CA HIS A 177 21.49 -118.75 99.28
C HIS A 177 20.38 -119.72 99.69
N HIS A 178 20.74 -120.80 100.38
CA HIS A 178 19.83 -121.78 100.96
C HIS A 178 20.49 -122.34 102.22
N HIS A 179 19.88 -123.35 102.82
CA HIS A 179 20.44 -124.21 103.86
C HIS A 179 20.54 -125.62 103.30
N MET A 1 7.95 10.83 -14.57
CA MET A 1 8.06 10.54 -16.01
C MET A 1 8.71 9.16 -16.12
N ALA A 2 7.96 8.16 -16.60
CA ALA A 2 8.33 6.75 -16.61
C ALA A 2 8.43 6.21 -15.18
N ASP A 3 7.39 5.52 -14.70
CA ASP A 3 7.53 4.66 -13.52
C ASP A 3 6.45 3.59 -13.50
N GLU A 4 6.79 2.36 -13.10
CA GLU A 4 5.81 1.31 -12.87
C GLU A 4 6.41 0.18 -12.02
N ALA A 5 5.93 0.05 -10.78
CA ALA A 5 6.36 -0.99 -9.84
C ALA A 5 5.22 -1.30 -8.85
N THR A 6 4.02 -1.64 -9.33
CA THR A 6 2.85 -1.90 -8.50
C THR A 6 2.23 -3.26 -8.85
N ASP A 7 2.68 -4.34 -8.22
CA ASP A 7 2.10 -5.69 -8.36
C ASP A 7 2.12 -6.43 -7.03
N ALA A 8 0.94 -6.85 -6.55
CA ALA A 8 0.76 -7.64 -5.32
C ALA A 8 -0.58 -8.40 -5.29
N ALA A 9 -1.38 -8.29 -6.36
CA ALA A 9 -2.75 -8.79 -6.51
C ALA A 9 -2.96 -9.04 -8.00
N ARG A 10 -4.16 -9.44 -8.42
CA ARG A 10 -4.46 -9.73 -9.83
C ARG A 10 -5.79 -9.09 -10.24
N ASN A 11 -6.25 -8.07 -9.52
CA ASN A 11 -7.53 -7.45 -9.79
C ASN A 11 -7.45 -6.62 -11.08
N ASN A 12 -8.53 -6.63 -11.86
CA ASN A 12 -8.71 -5.79 -13.04
C ASN A 12 -9.99 -4.99 -12.77
N ASP A 13 -11.15 -5.56 -13.09
CA ASP A 13 -12.44 -4.87 -13.06
C ASP A 13 -13.48 -5.82 -12.47
N GLY A 14 -14.75 -5.41 -12.55
CA GLY A 14 -15.91 -6.23 -12.26
C GLY A 14 -16.98 -5.91 -13.29
N ALA A 15 -17.51 -4.69 -13.25
CA ALA A 15 -18.63 -4.25 -14.08
C ALA A 15 -18.17 -3.29 -15.16
N TYR A 16 -17.64 -3.86 -16.24
CA TYR A 16 -17.18 -3.27 -17.50
C TYR A 16 -16.07 -2.25 -17.28
N TYR A 17 -16.44 -1.06 -16.83
CA TYR A 17 -15.53 0.01 -16.44
C TYR A 17 -15.94 0.66 -15.13
N LEU A 18 -17.23 0.61 -14.78
CA LEU A 18 -17.86 1.25 -13.67
C LEU A 18 -17.38 0.56 -12.44
N GLN A 19 -17.42 -0.78 -12.49
CA GLN A 19 -17.08 -1.72 -11.44
C GLN A 19 -17.60 -1.40 -10.04
N THR A 20 -18.83 -0.91 -9.99
CA THR A 20 -19.44 -0.32 -8.81
C THR A 20 -20.94 -0.61 -8.70
N GLN A 21 -21.76 0.22 -9.35
CA GLN A 21 -23.21 0.13 -9.40
C GLN A 21 -23.78 0.90 -10.61
N PHE A 22 -22.88 1.35 -11.50
CA PHE A 22 -23.01 2.40 -12.52
C PHE A 22 -23.53 3.73 -11.96
N THR A 23 -23.23 4.83 -12.66
CA THR A 23 -23.92 6.13 -12.55
C THR A 23 -23.32 7.08 -13.59
N ASN A 24 -22.01 7.25 -13.49
CA ASN A 24 -21.24 8.34 -14.10
C ASN A 24 -19.82 7.98 -14.40
N ALA A 25 -19.34 6.87 -13.84
CA ALA A 25 -17.91 6.66 -13.80
C ALA A 25 -17.34 6.30 -15.17
N ASP A 26 -18.19 5.99 -16.14
CA ASP A 26 -17.79 5.64 -17.48
C ASP A 26 -17.05 6.83 -18.08
N LYS A 27 -17.70 7.99 -18.22
CA LYS A 27 -17.07 9.16 -18.83
C LYS A 27 -15.83 9.68 -18.07
N VAL A 28 -15.66 9.24 -16.82
CA VAL A 28 -14.55 9.55 -15.93
C VAL A 28 -13.36 8.63 -16.29
N ASN A 29 -13.63 7.33 -16.22
CA ASN A 29 -12.73 6.25 -16.58
C ASN A 29 -12.08 6.48 -17.94
N GLU A 30 -12.76 7.09 -18.91
CA GLU A 30 -12.17 7.39 -20.21
C GLU A 30 -10.91 8.27 -20.04
N TYR A 31 -10.95 9.28 -19.17
CA TYR A 31 -9.78 10.07 -18.79
C TYR A 31 -8.77 9.18 -18.07
N LEU A 32 -9.26 8.45 -17.06
CA LEU A 32 -8.35 7.65 -16.23
C LEU A 32 -7.57 6.62 -17.06
N ALA A 33 -8.18 6.10 -18.12
CA ALA A 33 -7.62 5.18 -19.09
C ALA A 33 -6.60 5.89 -19.96
N GLN A 34 -7.01 7.02 -20.56
CA GLN A 34 -6.21 7.79 -21.50
C GLN A 34 -4.90 8.29 -20.88
N HIS A 35 -4.87 8.60 -19.57
CA HIS A 35 -3.68 9.08 -18.87
C HIS A 35 -3.21 8.06 -17.82
N ASP A 36 -3.48 6.75 -18.00
CA ASP A 36 -3.10 5.74 -17.00
C ASP A 36 -1.61 5.77 -16.66
N GLY A 37 -0.76 6.09 -17.65
CA GLY A 37 0.69 6.11 -17.48
C GLY A 37 1.06 7.16 -16.45
N GLU A 38 0.66 8.42 -16.68
CA GLU A 38 0.92 9.53 -15.78
C GLU A 38 0.33 9.23 -14.40
N ILE A 39 -0.94 8.77 -14.34
CA ILE A 39 -1.63 8.58 -13.08
C ILE A 39 -0.94 7.49 -12.25
N ARG A 40 -0.73 6.30 -12.80
CA ARG A 40 -0.19 5.20 -12.01
C ARG A 40 1.25 5.49 -11.63
N ALA A 41 2.04 6.09 -12.53
CA ALA A 41 3.41 6.48 -12.24
C ALA A 41 3.40 7.47 -11.07
N GLU A 42 2.56 8.51 -11.11
CA GLU A 42 2.49 9.49 -10.05
C GLU A 42 2.08 8.84 -8.74
N ALA A 43 1.01 8.05 -8.77
CA ALA A 43 0.51 7.30 -7.64
C ALA A 43 1.45 6.19 -7.17
N ALA A 44 2.48 5.82 -7.94
CA ALA A 44 3.52 4.87 -7.53
C ALA A 44 4.81 5.58 -7.09
N ALA A 45 4.96 6.86 -7.42
CA ALA A 45 6.07 7.72 -7.05
C ALA A 45 5.71 8.63 -5.87
N ASP A 46 4.49 8.54 -5.34
CA ASP A 46 4.03 9.23 -4.14
C ASP A 46 4.96 8.86 -2.96
N PRO A 47 5.27 9.79 -2.04
CA PRO A 47 6.34 9.57 -1.07
C PRO A 47 6.05 8.38 -0.14
N ALA A 48 4.79 8.17 0.21
CA ALA A 48 4.44 7.07 1.10
C ALA A 48 4.41 5.73 0.35
N VAL A 49 4.30 5.74 -0.99
CA VAL A 49 4.36 4.54 -1.79
C VAL A 49 5.82 4.12 -1.95
N VAL A 50 6.69 5.02 -2.39
CA VAL A 50 8.12 4.72 -2.49
C VAL A 50 8.66 4.23 -1.15
N ALA A 51 8.30 4.93 -0.07
CA ALA A 51 8.65 4.56 1.29
C ALA A 51 8.17 3.14 1.61
N ALA A 52 6.87 2.88 1.51
CA ALA A 52 6.30 1.63 1.97
C ALA A 52 6.73 0.45 1.11
N LYS A 53 6.92 0.61 -0.20
CA LYS A 53 7.44 -0.47 -1.04
C LYS A 53 8.88 -0.77 -0.63
N ALA A 54 9.72 0.25 -0.42
CA ALA A 54 11.10 0.05 0.00
C ALA A 54 11.14 -0.70 1.34
N ALA A 55 10.26 -0.39 2.28
CA ALA A 55 10.18 -1.09 3.54
C ALA A 55 9.65 -2.52 3.35
N LEU A 56 8.64 -2.73 2.51
CA LEU A 56 8.08 -4.05 2.22
C LEU A 56 9.16 -4.99 1.69
N ASP A 57 10.03 -4.50 0.82
CA ASP A 57 11.12 -5.25 0.17
C ASP A 57 12.04 -5.91 1.21
N ALA A 58 12.16 -5.27 2.37
CA ALA A 58 13.08 -5.65 3.43
C ALA A 58 12.34 -6.37 4.57
N VAL A 59 11.02 -6.25 4.64
CA VAL A 59 10.17 -6.74 5.72
C VAL A 59 9.04 -7.57 5.09
N GLU A 60 9.38 -8.28 4.01
CA GLU A 60 8.48 -9.13 3.25
C GLU A 60 8.28 -10.45 4.00
N GLY A 61 7.95 -11.54 3.30
CA GLY A 61 8.07 -12.89 3.86
C GLY A 61 7.13 -13.20 5.03
N GLY A 62 6.16 -12.33 5.32
CA GLY A 62 5.36 -12.42 6.53
C GLY A 62 6.22 -12.23 7.78
N SER A 63 7.23 -11.36 7.73
CA SER A 63 8.01 -10.96 8.89
C SER A 63 7.12 -10.26 9.92
N HIS A 64 7.65 -9.94 11.11
CA HIS A 64 6.84 -9.48 12.23
C HIS A 64 6.05 -8.22 11.89
N ASN A 65 6.69 -7.23 11.28
CA ASN A 65 6.06 -5.98 10.83
C ASN A 65 5.42 -6.11 9.44
N TYR A 66 5.43 -7.27 8.77
CA TYR A 66 4.86 -7.42 7.43
C TYR A 66 3.45 -6.86 7.40
N GLY A 67 2.58 -7.27 8.32
CA GLY A 67 1.20 -6.81 8.35
C GLY A 67 1.07 -5.29 8.46
N GLU A 68 2.02 -4.62 9.14
CA GLU A 68 2.00 -3.17 9.31
C GLU A 68 2.54 -2.46 8.07
N VAL A 69 3.69 -2.89 7.53
CA VAL A 69 4.23 -2.28 6.31
C VAL A 69 3.31 -2.54 5.12
N LYS A 70 2.71 -3.74 5.06
CA LYS A 70 1.66 -4.10 4.11
C LYS A 70 0.51 -3.14 4.25
N ALA A 71 -0.08 -2.99 5.44
CA ALA A 71 -1.20 -2.07 5.66
C ALA A 71 -0.81 -0.67 5.18
N ALA A 72 0.33 -0.16 5.63
CA ALA A 72 0.85 1.15 5.25
C ALA A 72 0.93 1.29 3.74
N TYR A 73 1.45 0.28 3.03
CA TYR A 73 1.57 0.26 1.58
C TYR A 73 0.20 0.35 0.94
N GLU A 74 -0.67 -0.65 1.10
CA GLU A 74 -1.90 -0.71 0.32
C GLU A 74 -2.82 0.48 0.61
N ALA A 75 -2.80 0.90 1.86
CA ALA A 75 -3.36 2.17 2.28
C ALA A 75 -2.81 3.34 1.45
N ALA A 76 -1.50 3.58 1.51
CA ALA A 76 -0.86 4.69 0.80
C ALA A 76 -1.03 4.60 -0.72
N PHE A 77 -1.04 3.39 -1.29
CA PHE A 77 -1.23 3.13 -2.70
C PHE A 77 -2.61 3.62 -3.09
N ASN A 78 -3.67 3.09 -2.45
CA ASN A 78 -5.02 3.49 -2.77
C ASN A 78 -5.28 4.95 -2.44
N ASN A 79 -4.69 5.47 -1.36
CA ASN A 79 -4.76 6.87 -0.99
C ASN A 79 -4.25 7.73 -2.15
N ALA A 80 -3.01 7.47 -2.62
CA ALA A 80 -2.41 8.21 -3.72
C ALA A 80 -3.27 8.07 -4.97
N PHE A 81 -3.48 6.83 -5.44
CA PHE A 81 -4.15 6.56 -6.70
C PHE A 81 -5.56 7.16 -6.71
N ASN A 82 -6.32 6.99 -5.62
CA ASN A 82 -7.63 7.61 -5.49
C ASN A 82 -7.50 9.12 -5.58
N ALA A 83 -6.59 9.74 -4.83
CA ALA A 83 -6.49 11.18 -4.77
C ALA A 83 -6.17 11.77 -6.14
N VAL A 84 -5.16 11.26 -6.85
CA VAL A 84 -4.82 11.76 -8.18
C VAL A 84 -6.02 11.59 -9.11
N ARG A 85 -6.63 10.40 -9.13
CA ARG A 85 -7.79 10.11 -9.98
C ARG A 85 -8.93 11.07 -9.67
N ASN A 86 -9.25 11.31 -8.40
CA ASN A 86 -10.33 12.21 -8.00
C ASN A 86 -10.07 13.62 -8.48
N LYS A 87 -8.86 14.16 -8.25
CA LYS A 87 -8.57 15.52 -8.66
C LYS A 87 -8.65 15.61 -10.18
N TYR A 88 -8.05 14.67 -10.89
CA TYR A 88 -8.00 14.66 -12.34
C TYR A 88 -9.42 14.62 -12.91
N VAL A 89 -10.32 13.74 -12.42
CA VAL A 89 -11.70 13.74 -12.89
C VAL A 89 -12.39 15.06 -12.55
N GLN A 90 -12.24 15.56 -11.32
CA GLN A 90 -12.91 16.77 -10.90
C GLN A 90 -12.53 17.93 -11.83
N ARG A 91 -11.23 18.16 -12.07
CA ARG A 91 -10.81 19.17 -13.04
C ARG A 91 -11.31 18.86 -14.46
N PHE A 92 -11.34 17.60 -14.90
CA PHE A 92 -11.85 17.22 -16.21
C PHE A 92 -13.35 17.51 -16.33
N GLN A 93 -14.22 16.78 -15.63
CA GLN A 93 -15.65 16.89 -15.81
C GLN A 93 -16.14 18.30 -15.46
N ALA A 94 -15.52 18.98 -14.49
CA ALA A 94 -15.88 20.36 -14.24
C ALA A 94 -15.59 21.28 -15.43
N THR A 95 -14.49 21.05 -16.17
CA THR A 95 -14.05 22.05 -17.12
C THR A 95 -14.96 22.11 -18.35
N TYR A 96 -15.88 21.16 -18.55
CA TYR A 96 -16.78 21.21 -19.67
C TYR A 96 -18.23 21.35 -19.23
N ASN A 97 -18.48 21.07 -17.95
CA ASN A 97 -19.79 21.19 -17.30
C ASN A 97 -20.27 22.63 -17.24
N ASN A 98 -19.35 23.59 -17.44
CA ASN A 98 -19.55 25.04 -17.47
C ASN A 98 -20.05 25.54 -16.12
N ALA A 99 -21.35 25.40 -15.88
CA ALA A 99 -22.05 25.81 -14.66
C ALA A 99 -21.72 24.86 -13.49
N THR A 100 -20.47 24.82 -13.06
CA THR A 100 -20.04 24.22 -11.83
C THR A 100 -18.78 24.95 -11.35
N GLU A 101 -17.62 24.62 -11.93
CA GLU A 101 -16.33 24.65 -11.28
C GLU A 101 -15.27 25.00 -12.33
N GLN A 102 -15.36 26.20 -12.93
CA GLN A 102 -14.63 26.46 -14.17
C GLN A 102 -13.80 27.75 -14.29
N GLU A 103 -13.78 28.64 -13.30
CA GLU A 103 -13.16 29.98 -13.40
C GLU A 103 -11.63 29.92 -13.52
N GLY A 104 -11.09 29.75 -14.73
CA GLY A 104 -9.65 29.85 -15.07
C GLY A 104 -8.72 28.83 -14.38
N LYS A 105 -9.28 27.94 -13.57
CA LYS A 105 -8.59 27.20 -12.52
C LYS A 105 -7.58 26.23 -13.13
N THR A 106 -6.53 25.94 -12.37
CA THR A 106 -5.67 24.80 -12.63
C THR A 106 -5.34 23.99 -11.38
N TYR A 107 -5.83 24.35 -10.19
CA TYR A 107 -5.37 23.77 -8.93
C TYR A 107 -6.45 23.59 -7.87
N ILE A 108 -7.71 23.48 -8.29
CA ILE A 108 -8.88 23.28 -7.43
C ILE A 108 -9.49 21.93 -7.80
N GLN A 109 -10.11 21.27 -6.82
CA GLN A 109 -10.73 19.96 -6.90
C GLN A 109 -11.99 19.95 -6.03
N GLY A 110 -12.86 18.97 -6.25
CA GLY A 110 -13.95 18.65 -5.34
C GLY A 110 -13.83 17.20 -4.89
N GLU A 111 -14.88 16.41 -5.08
CA GLU A 111 -15.09 15.19 -4.33
C GLU A 111 -15.67 14.04 -5.17
N THR A 112 -15.76 12.83 -4.60
CA THR A 112 -16.25 11.63 -5.25
C THR A 112 -16.87 10.64 -4.26
N PRO A 113 -17.69 9.70 -4.74
CA PRO A 113 -18.31 8.67 -3.91
C PRO A 113 -17.24 7.68 -3.42
N GLU A 114 -16.40 7.13 -4.30
CA GLU A 114 -15.38 6.17 -3.89
C GLU A 114 -14.36 6.82 -2.94
N GLN A 115 -14.25 8.15 -2.95
CA GLN A 115 -13.42 8.87 -2.00
C GLN A 115 -14.08 8.95 -0.63
N ALA A 116 -15.40 9.24 -0.59
CA ALA A 116 -16.18 9.14 0.64
C ALA A 116 -16.22 7.69 1.13
N ASN A 117 -15.98 6.72 0.27
CA ASN A 117 -15.80 5.32 0.64
C ASN A 117 -14.46 5.18 1.37
N ALA A 118 -13.37 5.62 0.71
CA ALA A 118 -12.01 5.59 1.23
C ALA A 118 -11.85 6.31 2.57
N ARG A 119 -12.72 7.27 2.90
CA ARG A 119 -12.76 7.95 4.20
C ARG A 119 -12.97 7.02 5.40
N TYR A 120 -13.26 5.75 5.18
CA TYR A 120 -13.28 4.71 6.20
C TYR A 120 -11.86 4.27 6.62
N LEU A 121 -10.85 4.48 5.77
CA LEU A 121 -9.60 3.72 5.77
C LEU A 121 -8.40 4.54 5.24
N LYS A 122 -8.54 5.86 5.10
CA LYS A 122 -7.56 6.74 4.49
C LYS A 122 -6.34 6.85 5.41
N ARG A 123 -5.24 6.20 5.03
CA ARG A 123 -3.94 6.16 5.71
C ARG A 123 -4.02 5.36 7.02
N VAL A 124 -2.87 4.89 7.52
CA VAL A 124 -2.72 4.04 8.70
C VAL A 124 -1.48 4.48 9.48
N GLY A 125 -1.28 5.79 9.54
CA GLY A 125 -0.21 6.46 10.27
C GLY A 125 1.18 6.33 9.65
N ALA A 126 1.37 5.30 8.81
CA ALA A 126 2.59 4.93 8.11
C ALA A 126 3.82 4.90 9.04
N ALA A 127 3.68 4.16 10.15
CA ALA A 127 4.78 3.80 11.03
C ALA A 127 5.79 2.93 10.28
N ASN A 128 7.06 2.99 10.64
CA ASN A 128 8.16 2.24 10.01
C ASN A 128 9.25 2.00 11.07
N ASN A 129 9.95 0.87 10.99
CA ASN A 129 11.04 0.49 11.89
C ASN A 129 11.84 -0.72 11.38
N GLN A 130 11.16 -1.68 10.76
CA GLN A 130 11.64 -3.01 10.37
C GLN A 130 11.90 -3.91 11.57
N ASN A 131 12.02 -5.20 11.30
CA ASN A 131 12.47 -6.20 12.25
C ASN A 131 12.93 -7.48 11.54
N PRO A 132 13.74 -8.32 12.23
CA PRO A 132 14.07 -9.67 11.79
C PRO A 132 12.92 -10.66 12.03
N ALA A 133 13.12 -11.89 11.58
CA ALA A 133 12.29 -13.07 11.87
C ALA A 133 13.22 -14.27 12.10
N ALA A 134 13.66 -14.91 11.00
CA ALA A 134 14.50 -16.10 10.89
C ALA A 134 13.83 -17.43 11.24
N GLU A 135 12.51 -17.51 11.13
CA GLU A 135 11.81 -18.77 11.26
C GLU A 135 10.85 -18.82 10.08
N ASP A 136 11.12 -19.74 9.15
CA ASP A 136 10.28 -20.04 7.99
C ASP A 136 10.08 -21.57 7.98
N LYS A 137 9.53 -22.14 6.90
CA LYS A 137 9.13 -23.55 6.85
C LYS A 137 10.31 -24.51 7.04
N GLY A 138 11.54 -24.10 6.70
CA GLY A 138 12.68 -25.01 6.63
C GLY A 138 12.52 -26.09 5.55
N ALA A 139 11.66 -25.87 4.55
CA ALA A 139 11.33 -26.82 3.50
C ALA A 139 11.52 -26.22 2.10
N THR A 140 12.58 -25.44 1.90
CA THR A 140 12.98 -25.02 0.56
C THR A 140 13.37 -26.26 -0.26
N THR A 141 14.10 -27.22 0.32
CA THR A 141 14.54 -28.41 -0.39
C THR A 141 14.55 -29.63 0.55
N PRO A 142 13.42 -30.32 0.73
CA PRO A 142 13.40 -31.55 1.51
C PRO A 142 14.02 -32.72 0.73
N ALA A 143 13.83 -32.77 -0.59
CA ALA A 143 14.31 -33.79 -1.51
C ALA A 143 13.96 -35.24 -1.15
N SER A 144 13.00 -35.44 -0.25
CA SER A 144 12.43 -36.73 0.07
C SER A 144 11.78 -37.29 -1.20
N LYS A 145 12.10 -38.54 -1.56
CA LYS A 145 11.49 -39.20 -2.69
C LYS A 145 11.02 -40.56 -2.20
N GLU A 146 9.78 -40.56 -1.72
CA GLU A 146 9.08 -41.71 -1.19
C GLU A 146 7.90 -42.00 -2.11
N GLU A 147 8.05 -43.04 -2.95
CA GLU A 147 7.02 -43.53 -3.89
C GLU A 147 6.59 -42.39 -4.84
N ALA A 148 5.50 -42.58 -5.60
CA ALA A 148 4.70 -41.52 -6.18
C ALA A 148 3.26 -42.03 -6.24
N LYS A 149 2.93 -42.76 -7.30
CA LYS A 149 1.70 -43.49 -7.51
C LYS A 149 2.06 -44.53 -8.57
N LYS A 150 1.23 -45.57 -8.72
CA LYS A 150 1.30 -46.54 -9.80
C LYS A 150 -0.11 -46.99 -10.07
N SER A 151 -0.28 -47.55 -11.25
CA SER A 151 -1.37 -48.40 -11.66
C SER A 151 -0.79 -49.19 -12.85
N GLU A 152 -1.60 -50.05 -13.44
CA GLU A 152 -1.28 -50.87 -14.62
C GLU A 152 -2.47 -50.78 -15.59
N ALA A 153 -2.24 -51.02 -16.89
CA ALA A 153 -3.24 -51.02 -17.96
C ALA A 153 -2.92 -52.12 -19.00
N ALA A 154 -1.67 -52.56 -19.10
CA ALA A 154 -1.09 -53.32 -20.20
C ALA A 154 -1.44 -52.66 -21.55
N ALA A 155 -1.36 -53.43 -22.65
CA ALA A 155 -1.73 -52.96 -23.99
C ALA A 155 -2.46 -54.08 -24.74
N LYS A 156 -1.80 -55.24 -24.93
CA LYS A 156 -2.37 -56.50 -25.47
C LYS A 156 -3.27 -56.34 -26.70
N ASN A 157 -3.03 -55.32 -27.54
CA ASN A 157 -3.95 -54.89 -28.58
C ASN A 157 -4.11 -55.85 -29.77
N ALA A 158 -3.24 -56.85 -29.91
CA ALA A 158 -3.23 -57.84 -31.00
C ALA A 158 -3.41 -57.23 -32.41
N GLY A 159 -2.86 -56.02 -32.64
CA GLY A 159 -2.95 -55.36 -33.92
C GLY A 159 -2.16 -56.09 -35.02
N LYS A 160 -2.36 -55.67 -36.28
CA LYS A 160 -1.55 -56.17 -37.40
C LYS A 160 -0.08 -55.85 -37.13
N ALA A 161 0.76 -56.87 -37.16
CA ALA A 161 2.21 -56.77 -37.14
C ALA A 161 2.76 -57.73 -38.21
N ALA A 162 4.08 -57.75 -38.36
CA ALA A 162 4.81 -58.74 -39.14
C ALA A 162 6.13 -59.00 -38.41
N GLY A 163 6.85 -60.05 -38.81
CA GLY A 163 8.16 -60.33 -38.25
C GLY A 163 9.18 -59.29 -38.70
N LYS A 164 10.25 -59.11 -37.91
CA LYS A 164 11.41 -58.29 -38.24
C LYS A 164 12.64 -59.01 -37.72
N ALA A 165 13.82 -58.65 -38.26
CA ALA A 165 15.07 -59.02 -37.62
C ALA A 165 15.21 -58.24 -36.31
N LEU A 166 16.06 -58.74 -35.43
CA LEU A 166 16.49 -58.12 -34.17
C LEU A 166 17.96 -57.73 -34.32
N PRO A 167 18.43 -56.67 -33.63
CA PRO A 167 19.85 -56.40 -33.53
C PRO A 167 20.64 -57.49 -32.78
N LYS A 168 21.95 -57.31 -32.70
CA LYS A 168 22.86 -58.10 -31.87
C LYS A 168 23.65 -57.13 -31.00
N THR A 169 24.47 -57.66 -30.09
CA THR A 169 25.45 -56.92 -29.32
C THR A 169 26.68 -57.81 -29.21
N SER A 170 27.75 -57.28 -28.59
CA SER A 170 29.05 -57.93 -28.54
C SER A 170 29.64 -57.76 -27.13
N ALA A 171 28.92 -58.30 -26.13
CA ALA A 171 29.30 -58.18 -24.74
C ALA A 171 30.46 -59.10 -24.33
N VAL A 172 30.90 -59.96 -25.25
CA VAL A 172 31.93 -60.96 -25.03
C VAL A 172 33.24 -60.40 -25.57
N LYS A 173 34.35 -60.67 -24.87
CA LYS A 173 35.71 -60.32 -25.28
C LYS A 173 36.68 -61.17 -24.45
N HIS A 174 37.94 -61.25 -24.87
CA HIS A 174 38.99 -61.81 -24.03
C HIS A 174 39.22 -60.88 -22.84
N HIS A 175 39.83 -61.40 -21.78
CA HIS A 175 40.22 -60.66 -20.59
C HIS A 175 41.57 -61.18 -20.11
N HIS A 176 42.29 -60.36 -19.34
CA HIS A 176 43.54 -60.68 -18.65
C HIS A 176 43.66 -59.69 -17.49
N HIS A 177 44.65 -59.90 -16.63
CA HIS A 177 45.21 -58.92 -15.70
C HIS A 177 46.74 -59.05 -15.82
N HIS A 178 47.47 -58.31 -14.99
CA HIS A 178 48.92 -58.37 -14.87
C HIS A 178 49.25 -58.29 -13.37
N HIS A 179 50.55 -58.26 -13.05
CA HIS A 179 51.03 -57.83 -11.74
C HIS A 179 50.92 -56.31 -11.66
N MET A 1 3.34 -8.52 -3.38
CA MET A 1 2.31 -8.63 -2.33
C MET A 1 1.20 -7.63 -2.62
N ALA A 2 -0.01 -7.88 -2.10
CA ALA A 2 -1.27 -7.25 -2.46
C ALA A 2 -1.67 -7.57 -3.90
N ASP A 3 -2.99 -7.56 -4.15
CA ASP A 3 -3.66 -7.86 -5.42
C ASP A 3 -3.63 -9.36 -5.69
N GLU A 4 -4.73 -9.90 -6.21
CA GLU A 4 -5.04 -11.32 -6.14
C GLU A 4 -6.05 -11.70 -7.24
N ALA A 5 -5.85 -11.18 -8.45
CA ALA A 5 -6.61 -11.57 -9.63
C ALA A 5 -5.77 -11.22 -10.84
N THR A 6 -5.01 -12.19 -11.34
CA THR A 6 -4.09 -12.11 -12.49
C THR A 6 -4.75 -11.90 -13.87
N ASP A 7 -6.03 -11.50 -13.85
CA ASP A 7 -7.01 -11.40 -14.92
C ASP A 7 -7.47 -12.80 -15.36
N ALA A 8 -8.65 -12.85 -15.98
CA ALA A 8 -9.38 -14.03 -16.40
C ALA A 8 -10.21 -13.77 -17.66
N ALA A 9 -9.95 -12.66 -18.38
CA ALA A 9 -10.64 -12.17 -19.57
C ALA A 9 -12.14 -11.99 -19.33
N ARG A 10 -12.56 -10.86 -18.75
CA ARG A 10 -13.93 -10.64 -18.30
C ARG A 10 -14.52 -9.41 -18.98
N ASN A 11 -14.34 -9.31 -20.31
CA ASN A 11 -14.63 -8.12 -21.11
C ASN A 11 -16.12 -7.73 -21.07
N ASN A 12 -16.53 -6.99 -20.06
CA ASN A 12 -17.89 -6.55 -19.78
C ASN A 12 -17.80 -5.44 -18.74
N ASP A 13 -18.92 -4.76 -18.47
CA ASP A 13 -19.06 -3.55 -17.67
C ASP A 13 -18.20 -2.40 -18.19
N GLY A 14 -18.37 -1.28 -17.53
CA GLY A 14 -17.64 -0.05 -17.75
C GLY A 14 -17.93 0.96 -16.64
N ALA A 15 -18.92 0.70 -15.75
CA ALA A 15 -19.22 1.64 -14.67
C ALA A 15 -19.54 1.05 -13.31
N TYR A 16 -19.42 -0.26 -13.25
CA TYR A 16 -19.77 -1.21 -12.21
C TYR A 16 -21.18 -1.11 -11.72
N TYR A 17 -21.86 -2.23 -11.79
CA TYR A 17 -23.28 -2.44 -11.61
C TYR A 17 -23.95 -1.96 -12.87
N LEU A 18 -23.67 -0.73 -13.30
CA LEU A 18 -24.46 -0.17 -14.34
C LEU A 18 -24.20 -0.80 -15.70
N GLN A 19 -22.94 -1.13 -15.97
CA GLN A 19 -22.45 -1.65 -17.23
C GLN A 19 -22.63 -0.75 -18.47
N THR A 20 -22.87 0.54 -18.28
CA THR A 20 -23.31 1.45 -19.32
C THR A 20 -23.06 2.93 -18.96
N GLN A 21 -22.28 3.18 -17.90
CA GLN A 21 -22.05 4.51 -17.31
C GLN A 21 -23.35 5.33 -17.21
N PHE A 22 -24.33 4.77 -16.49
CA PHE A 22 -25.58 5.42 -16.09
C PHE A 22 -25.36 6.45 -14.96
N THR A 23 -24.15 6.95 -14.90
CA THR A 23 -23.56 7.72 -13.82
C THR A 23 -22.82 8.95 -14.37
N ASN A 24 -22.98 9.27 -15.66
CA ASN A 24 -22.20 10.26 -16.40
C ASN A 24 -20.71 9.91 -16.43
N ALA A 25 -20.36 8.70 -16.01
CA ALA A 25 -18.99 8.26 -15.97
C ALA A 25 -18.44 7.88 -17.35
N ASP A 26 -19.21 8.05 -18.43
CA ASP A 26 -18.75 7.89 -19.81
C ASP A 26 -17.55 8.80 -20.03
N LYS A 27 -17.76 10.11 -19.89
CA LYS A 27 -16.68 11.09 -20.01
C LYS A 27 -15.56 10.85 -19.01
N VAL A 28 -15.91 10.40 -17.80
CA VAL A 28 -14.95 10.13 -16.75
C VAL A 28 -13.98 9.03 -17.18
N ASN A 29 -14.50 7.88 -17.60
CA ASN A 29 -13.70 6.67 -17.78
C ASN A 29 -12.68 6.85 -18.92
N GLU A 30 -13.01 7.67 -19.93
CA GLU A 30 -12.07 7.95 -21.01
C GLU A 30 -10.87 8.72 -20.47
N TYR A 31 -11.10 9.66 -19.54
CA TYR A 31 -10.03 10.44 -18.94
C TYR A 31 -9.18 9.54 -18.04
N LEU A 32 -9.82 8.64 -17.28
CA LEU A 32 -9.13 7.68 -16.40
C LEU A 32 -8.33 6.66 -17.18
N ALA A 33 -8.73 6.32 -18.42
CA ALA A 33 -8.03 5.41 -19.30
C ALA A 33 -6.87 6.13 -20.01
N GLN A 34 -7.12 7.31 -20.58
CA GLN A 34 -6.09 8.02 -21.33
C GLN A 34 -4.97 8.51 -20.40
N HIS A 35 -5.28 8.83 -19.14
CA HIS A 35 -4.29 9.24 -18.14
C HIS A 35 -4.00 8.09 -17.19
N ASP A 36 -4.36 6.84 -17.55
CA ASP A 36 -4.19 5.68 -16.68
C ASP A 36 -2.75 5.57 -16.18
N GLY A 37 -1.81 5.72 -17.13
CA GLY A 37 -0.39 5.71 -16.87
C GLY A 37 0.00 6.83 -15.92
N GLU A 38 -0.30 8.08 -16.29
CA GLU A 38 0.10 9.27 -15.54
C GLU A 38 -0.43 9.25 -14.10
N ILE A 39 -1.71 8.92 -13.92
CA ILE A 39 -2.36 8.79 -12.62
C ILE A 39 -1.61 7.73 -11.81
N ARG A 40 -1.53 6.49 -12.33
CA ARG A 40 -0.97 5.40 -11.52
C ARG A 40 0.52 5.60 -11.29
N ALA A 41 1.23 6.24 -12.22
CA ALA A 41 2.64 6.57 -12.09
C ALA A 41 2.85 7.60 -10.99
N GLU A 42 2.01 8.64 -10.94
CA GLU A 42 2.14 9.69 -9.94
C GLU A 42 1.94 9.07 -8.55
N ALA A 43 0.91 8.22 -8.43
CA ALA A 43 0.65 7.45 -7.23
C ALA A 43 1.84 6.54 -6.90
N ALA A 44 2.39 5.82 -7.89
CA ALA A 44 3.50 4.89 -7.72
C ALA A 44 4.81 5.58 -7.35
N ALA A 45 4.94 6.88 -7.63
CA ALA A 45 6.06 7.71 -7.23
C ALA A 45 5.83 8.42 -5.89
N ASP A 46 4.62 8.37 -5.30
CA ASP A 46 4.28 9.15 -4.11
C ASP A 46 5.21 8.74 -2.97
N PRO A 47 5.63 9.67 -2.07
CA PRO A 47 6.68 9.36 -1.11
C PRO A 47 6.29 8.23 -0.18
N ALA A 48 5.01 8.20 0.22
CA ALA A 48 4.50 7.19 1.13
C ALA A 48 4.49 5.83 0.44
N VAL A 49 4.19 5.78 -0.85
CA VAL A 49 4.16 4.54 -1.61
C VAL A 49 5.57 4.00 -1.74
N VAL A 50 6.51 4.78 -2.28
CA VAL A 50 7.86 4.30 -2.57
C VAL A 50 8.56 3.87 -1.28
N ALA A 51 8.44 4.68 -0.22
CA ALA A 51 9.03 4.40 1.07
C ALA A 51 8.38 3.18 1.74
N ALA A 52 7.05 3.03 1.67
CA ALA A 52 6.39 1.83 2.17
C ALA A 52 6.93 0.61 1.41
N LYS A 53 6.98 0.66 0.08
CA LYS A 53 7.51 -0.42 -0.76
C LYS A 53 8.94 -0.78 -0.33
N ALA A 54 9.81 0.22 -0.12
CA ALA A 54 11.19 0.01 0.25
C ALA A 54 11.28 -0.76 1.56
N ALA A 55 10.55 -0.31 2.57
CA ALA A 55 10.48 -0.99 3.86
C ALA A 55 9.88 -2.40 3.70
N LEU A 56 8.87 -2.56 2.84
CA LEU A 56 8.17 -3.81 2.62
C LEU A 56 9.19 -4.82 2.17
N ASP A 57 9.96 -4.49 1.14
CA ASP A 57 10.90 -5.37 0.47
C ASP A 57 12.08 -5.77 1.37
N ALA A 58 12.19 -5.16 2.55
CA ALA A 58 13.22 -5.43 3.54
C ALA A 58 12.65 -6.11 4.80
N VAL A 59 11.32 -6.10 4.99
CA VAL A 59 10.63 -6.59 6.18
C VAL A 59 9.51 -7.56 5.77
N GLU A 60 9.49 -7.98 4.50
CA GLU A 60 8.51 -8.86 3.91
C GLU A 60 8.68 -10.29 4.47
N GLY A 61 7.86 -11.23 4.00
CA GLY A 61 8.09 -12.65 4.24
C GLY A 61 7.32 -13.18 5.43
N GLY A 62 6.32 -12.46 5.91
CA GLY A 62 5.66 -12.79 7.17
C GLY A 62 6.50 -12.37 8.37
N SER A 63 7.41 -11.40 8.20
CA SER A 63 8.19 -10.86 9.31
C SER A 63 7.27 -10.20 10.35
N HIS A 64 7.78 -9.89 11.54
CA HIS A 64 6.97 -9.33 12.63
C HIS A 64 6.24 -8.06 12.19
N ASN A 65 6.97 -7.11 11.61
CA ASN A 65 6.38 -5.84 11.14
C ASN A 65 5.70 -6.00 9.77
N TYR A 66 5.64 -7.20 9.16
CA TYR A 66 5.15 -7.37 7.79
C TYR A 66 3.74 -6.85 7.62
N GLY A 67 2.81 -7.27 8.48
CA GLY A 67 1.43 -6.82 8.39
C GLY A 67 1.34 -5.30 8.50
N GLU A 68 2.22 -4.69 9.29
CA GLU A 68 2.33 -3.25 9.49
C GLU A 68 2.77 -2.57 8.18
N VAL A 69 3.90 -2.97 7.59
CA VAL A 69 4.34 -2.33 6.34
C VAL A 69 3.34 -2.61 5.22
N LYS A 70 2.79 -3.84 5.14
CA LYS A 70 1.90 -4.20 4.05
C LYS A 70 0.57 -3.46 4.17
N ALA A 71 0.08 -3.22 5.39
CA ALA A 71 -1.07 -2.36 5.62
C ALA A 71 -0.75 -0.95 5.10
N ALA A 72 0.38 -0.37 5.51
CA ALA A 72 0.80 0.94 5.05
C ALA A 72 0.93 0.99 3.52
N TYR A 73 1.44 -0.08 2.89
CA TYR A 73 1.57 -0.13 1.45
C TYR A 73 0.19 -0.08 0.79
N GLU A 74 -0.72 -1.01 1.11
CA GLU A 74 -2.03 -1.01 0.45
C GLU A 74 -2.79 0.29 0.74
N ALA A 75 -2.60 0.86 1.93
CA ALA A 75 -3.16 2.12 2.36
C ALA A 75 -2.68 3.27 1.47
N ALA A 76 -1.39 3.58 1.48
CA ALA A 76 -0.83 4.69 0.72
C ALA A 76 -1.06 4.50 -0.77
N PHE A 77 -0.97 3.25 -1.27
CA PHE A 77 -1.22 2.92 -2.66
C PHE A 77 -2.62 3.38 -3.04
N ASN A 78 -3.67 2.82 -2.40
CA ASN A 78 -5.03 3.15 -2.76
C ASN A 78 -5.32 4.63 -2.53
N ASN A 79 -4.74 5.20 -1.48
CA ASN A 79 -4.93 6.58 -1.09
C ASN A 79 -4.47 7.51 -2.19
N ALA A 80 -3.21 7.37 -2.63
CA ALA A 80 -2.61 8.23 -3.63
C ALA A 80 -3.30 8.00 -4.97
N PHE A 81 -3.51 6.74 -5.34
CA PHE A 81 -4.15 6.37 -6.59
C PHE A 81 -5.52 7.03 -6.71
N ASN A 82 -6.40 6.83 -5.72
CA ASN A 82 -7.74 7.39 -5.77
C ASN A 82 -7.66 8.90 -5.75
N ALA A 83 -6.78 9.47 -4.92
CA ALA A 83 -6.63 10.92 -4.81
C ALA A 83 -6.30 11.51 -6.18
N VAL A 84 -5.25 11.05 -6.86
CA VAL A 84 -4.88 11.57 -8.18
C VAL A 84 -6.04 11.33 -9.16
N ARG A 85 -6.64 10.14 -9.20
CA ARG A 85 -7.82 9.87 -10.05
C ARG A 85 -8.92 10.91 -9.83
N ASN A 86 -9.34 11.14 -8.58
CA ASN A 86 -10.40 12.07 -8.23
C ASN A 86 -10.02 13.49 -8.65
N LYS A 87 -8.76 13.85 -8.45
CA LYS A 87 -8.22 15.16 -8.81
C LYS A 87 -8.30 15.37 -10.31
N TYR A 88 -7.94 14.37 -11.12
CA TYR A 88 -8.04 14.43 -12.58
C TYR A 88 -9.49 14.63 -13.01
N VAL A 89 -10.41 13.76 -12.57
CA VAL A 89 -11.81 13.86 -12.98
C VAL A 89 -12.36 15.25 -12.68
N GLN A 90 -12.06 15.78 -11.49
CA GLN A 90 -12.63 17.06 -11.10
C GLN A 90 -11.98 18.23 -11.85
N ARG A 91 -10.68 18.16 -12.10
CA ARG A 91 -9.98 19.19 -12.86
C ARG A 91 -10.52 19.25 -14.27
N PHE A 92 -10.98 18.12 -14.84
CA PHE A 92 -11.55 18.15 -16.17
C PHE A 92 -12.99 18.68 -16.04
N GLN A 93 -13.82 18.13 -15.15
CA GLN A 93 -15.23 18.52 -14.99
C GLN A 93 -15.34 20.02 -14.76
N ALA A 94 -14.68 20.52 -13.71
CA ALA A 94 -14.73 21.92 -13.29
C ALA A 94 -13.90 22.84 -14.20
N THR A 95 -13.65 22.44 -15.45
CA THR A 95 -13.26 23.32 -16.55
C THR A 95 -14.05 22.96 -17.82
N TYR A 96 -14.67 21.77 -17.94
CA TYR A 96 -15.55 21.40 -19.06
C TYR A 96 -16.99 21.88 -18.89
N ASN A 97 -17.34 22.24 -17.67
CA ASN A 97 -18.66 22.70 -17.25
C ASN A 97 -18.76 24.23 -17.27
N ASN A 98 -17.76 24.86 -17.89
CA ASN A 98 -17.72 26.28 -18.24
C ASN A 98 -18.93 26.79 -19.03
N ALA A 99 -19.74 25.90 -19.63
CA ALA A 99 -20.96 26.24 -20.36
C ALA A 99 -22.13 25.39 -19.86
N THR A 100 -22.18 25.15 -18.54
CA THR A 100 -23.32 24.56 -17.85
C THR A 100 -23.54 25.39 -16.57
N GLU A 101 -22.60 25.33 -15.63
CA GLU A 101 -22.76 25.84 -14.27
C GLU A 101 -21.47 26.36 -13.64
N GLN A 102 -20.30 26.08 -14.22
CA GLN A 102 -19.03 26.53 -13.69
C GLN A 102 -18.53 27.73 -14.49
N GLU A 103 -19.33 28.80 -14.49
CA GLU A 103 -19.04 30.12 -15.05
C GLU A 103 -18.24 30.96 -14.05
N GLY A 104 -17.16 31.62 -14.48
CA GLY A 104 -16.37 32.58 -13.70
C GLY A 104 -15.71 32.02 -12.43
N LYS A 105 -16.00 30.78 -12.05
CA LYS A 105 -15.49 30.14 -10.85
C LYS A 105 -13.99 30.05 -10.89
N THR A 106 -13.39 29.95 -9.72
CA THR A 106 -11.97 29.76 -9.63
C THR A 106 -11.61 28.88 -8.43
N TYR A 107 -12.55 28.66 -7.49
CA TYR A 107 -12.37 27.87 -6.28
C TYR A 107 -13.43 26.78 -6.12
N ILE A 108 -14.03 26.35 -7.23
CA ILE A 108 -15.13 25.37 -7.27
C ILE A 108 -14.67 24.17 -8.08
N GLN A 109 -15.18 23.01 -7.67
CA GLN A 109 -15.00 21.68 -8.20
C GLN A 109 -16.39 21.05 -8.29
N GLY A 110 -16.57 20.01 -9.10
CA GLY A 110 -17.81 19.24 -9.08
C GLY A 110 -17.75 18.03 -8.15
N GLU A 111 -16.57 17.74 -7.58
CA GLU A 111 -16.20 16.49 -6.91
C GLU A 111 -16.63 15.24 -7.70
N THR A 112 -16.58 14.06 -7.08
CA THR A 112 -17.21 12.87 -7.65
C THR A 112 -17.85 12.07 -6.52
N PRO A 113 -18.88 11.27 -6.79
CA PRO A 113 -19.55 10.50 -5.76
C PRO A 113 -18.69 9.33 -5.30
N GLU A 114 -17.96 8.70 -6.22
CA GLU A 114 -17.01 7.64 -5.94
C GLU A 114 -15.87 8.16 -5.06
N GLN A 115 -15.62 9.48 -4.98
CA GLN A 115 -14.55 9.95 -4.12
C GLN A 115 -14.88 9.67 -2.67
N ALA A 116 -16.17 9.72 -2.32
CA ALA A 116 -16.66 9.53 -0.97
C ALA A 116 -16.25 8.14 -0.44
N ASN A 117 -15.97 7.20 -1.34
CA ASN A 117 -15.39 5.91 -1.02
C ASN A 117 -14.00 6.11 -0.40
N ALA A 118 -13.10 6.75 -1.14
CA ALA A 118 -11.75 7.05 -0.67
C ALA A 118 -11.70 8.15 0.40
N ARG A 119 -12.77 8.92 0.63
CA ARG A 119 -12.85 9.84 1.76
C ARG A 119 -12.80 9.08 3.08
N TYR A 120 -13.34 7.86 3.14
CA TYR A 120 -13.19 7.00 4.30
C TYR A 120 -11.70 6.64 4.48
N LEU A 121 -11.03 6.34 3.37
CA LEU A 121 -9.63 5.91 3.31
C LEU A 121 -8.66 7.09 3.39
N LYS A 122 -8.85 7.99 4.36
CA LYS A 122 -7.96 9.13 4.61
C LYS A 122 -6.54 8.66 4.95
N ARG A 123 -5.59 8.71 4.00
CA ARG A 123 -4.16 8.54 4.28
C ARG A 123 -3.34 9.69 3.70
N VAL A 124 -3.96 10.83 3.41
CA VAL A 124 -3.35 11.93 2.65
C VAL A 124 -2.40 12.77 3.55
N GLY A 125 -2.18 12.37 4.80
CA GLY A 125 -1.30 13.05 5.75
C GLY A 125 0.16 12.63 5.54
N ALA A 126 0.66 12.78 4.32
CA ALA A 126 2.05 12.54 3.93
C ALA A 126 2.53 13.72 3.08
N ALA A 127 1.75 14.07 2.05
CA ALA A 127 2.02 15.09 1.02
C ALA A 127 3.06 14.59 0.01
N ASN A 128 3.50 15.45 -0.91
CA ASN A 128 4.25 15.07 -2.12
C ASN A 128 4.79 16.32 -2.83
N ASN A 129 3.93 17.02 -3.57
CA ASN A 129 4.17 18.27 -4.32
C ASN A 129 5.48 18.23 -5.12
N GLN A 130 5.65 17.21 -5.95
CA GLN A 130 6.80 17.02 -6.83
C GLN A 130 6.35 16.41 -8.13
N ASN A 131 7.17 16.55 -9.17
CA ASN A 131 6.95 15.96 -10.48
C ASN A 131 8.30 15.65 -11.14
N PRO A 132 8.32 14.84 -12.21
CA PRO A 132 9.43 14.78 -13.15
C PRO A 132 9.73 16.15 -13.77
N ALA A 133 10.85 16.24 -14.49
CA ALA A 133 11.32 17.37 -15.29
C ALA A 133 12.71 17.03 -15.84
N ALA A 134 12.76 16.49 -17.04
CA ALA A 134 13.98 16.09 -17.73
C ALA A 134 14.79 17.32 -18.14
N GLU A 135 16.08 17.13 -18.42
CA GLU A 135 17.05 18.21 -18.65
C GLU A 135 18.21 17.67 -19.50
N ASP A 136 17.85 17.12 -20.67
CA ASP A 136 18.75 16.58 -21.68
C ASP A 136 18.40 17.22 -23.03
N LYS A 137 19.20 16.93 -24.06
CA LYS A 137 18.99 17.47 -25.41
C LYS A 137 17.89 16.72 -26.19
N GLY A 138 16.89 16.16 -25.52
CA GLY A 138 15.77 15.46 -26.10
C GLY A 138 16.12 13.99 -26.31
N ALA A 139 17.10 13.72 -27.18
CA ALA A 139 17.71 12.40 -27.40
C ALA A 139 16.74 11.28 -27.79
N THR A 140 15.53 11.63 -28.21
CA THR A 140 14.43 10.73 -28.54
C THR A 140 14.89 9.65 -29.52
N THR A 141 15.54 10.02 -30.63
CA THR A 141 15.93 9.07 -31.65
C THR A 141 17.20 9.60 -32.31
N PRO A 142 18.37 9.31 -31.78
CA PRO A 142 19.51 9.17 -32.63
C PRO A 142 19.24 7.96 -33.49
N ALA A 143 18.57 8.21 -34.60
CA ALA A 143 19.06 7.71 -35.86
C ALA A 143 20.26 8.59 -36.23
N SER A 144 21.24 8.72 -35.33
CA SER A 144 22.62 8.99 -35.75
C SER A 144 23.11 7.98 -36.80
N LYS A 145 24.23 8.29 -37.47
CA LYS A 145 24.97 7.42 -38.40
C LYS A 145 24.10 6.97 -39.58
N GLU A 146 23.49 7.93 -40.30
CA GLU A 146 22.52 7.63 -41.36
C GLU A 146 23.05 8.03 -42.74
N GLU A 147 22.56 7.32 -43.75
CA GLU A 147 22.91 7.27 -45.18
C GLU A 147 24.42 7.26 -45.47
N ALA A 148 24.86 6.18 -46.14
CA ALA A 148 26.21 6.01 -46.63
C ALA A 148 26.12 5.68 -48.12
N LYS A 149 25.91 6.73 -48.92
CA LYS A 149 26.04 6.71 -50.37
C LYS A 149 26.49 8.09 -50.82
N LYS A 150 27.36 8.17 -51.82
CA LYS A 150 27.73 9.38 -52.55
C LYS A 150 28.52 8.96 -53.80
N SER A 151 28.84 9.92 -54.67
CA SER A 151 29.73 9.83 -55.82
C SER A 151 29.62 11.20 -56.53
N GLU A 152 30.70 11.96 -56.58
CA GLU A 152 30.74 13.30 -57.13
C GLU A 152 32.13 13.57 -57.71
N ALA A 153 32.23 13.86 -59.01
CA ALA A 153 33.45 14.33 -59.67
C ALA A 153 33.06 15.06 -60.96
N ALA A 154 33.91 15.98 -61.44
CA ALA A 154 33.84 16.55 -62.78
C ALA A 154 35.19 17.18 -63.11
N ALA A 155 35.52 17.31 -64.40
CA ALA A 155 36.59 18.15 -64.94
C ALA A 155 36.27 18.45 -66.40
N LYS A 156 36.84 19.51 -66.97
CA LYS A 156 36.90 19.86 -68.39
C LYS A 156 37.54 21.24 -68.49
N ASN A 157 38.49 21.42 -69.42
CA ASN A 157 39.13 22.72 -69.67
C ASN A 157 39.28 22.88 -71.17
N ALA A 158 40.37 22.35 -71.75
CA ALA A 158 40.82 22.57 -73.13
C ALA A 158 40.94 24.07 -73.48
N GLY A 159 41.17 24.39 -74.76
CA GLY A 159 41.38 25.74 -75.27
C GLY A 159 42.13 25.68 -76.60
N LYS A 160 42.37 26.82 -77.24
CA LYS A 160 43.31 26.99 -78.36
C LYS A 160 43.62 28.49 -78.47
N ALA A 161 44.64 28.85 -79.23
CA ALA A 161 44.90 30.20 -79.74
C ALA A 161 45.33 30.09 -81.20
N ALA A 162 45.52 31.22 -81.88
CA ALA A 162 46.10 31.32 -83.21
C ALA A 162 46.65 32.75 -83.40
N GLY A 163 47.30 33.03 -84.52
CA GLY A 163 47.74 34.35 -84.93
C GLY A 163 48.14 34.31 -86.41
N LYS A 164 48.39 35.46 -87.03
CA LYS A 164 48.78 35.56 -88.44
C LYS A 164 49.62 36.83 -88.59
N ALA A 165 50.64 36.80 -89.46
CA ALA A 165 51.54 37.93 -89.69
C ALA A 165 51.81 38.09 -91.20
N LEU A 166 52.69 39.04 -91.57
CA LEU A 166 53.33 39.17 -92.88
C LEU A 166 54.65 39.90 -92.67
N PRO A 167 55.73 39.57 -93.41
CA PRO A 167 56.94 40.36 -93.39
C PRO A 167 56.78 41.61 -94.27
N LYS A 168 56.63 42.78 -93.64
CA LYS A 168 56.61 44.04 -94.39
C LYS A 168 57.99 44.31 -95.00
N THR A 169 58.04 45.13 -96.04
CA THR A 169 59.26 45.76 -96.52
C THR A 169 59.03 47.27 -96.58
N SER A 170 60.10 48.02 -96.79
CA SER A 170 60.04 49.47 -96.82
C SER A 170 61.26 50.03 -97.57
N ALA A 171 61.25 49.92 -98.90
CA ALA A 171 62.41 50.26 -99.74
C ALA A 171 62.51 51.74 -100.12
N VAL A 172 61.68 52.60 -99.53
CA VAL A 172 61.56 54.02 -99.88
C VAL A 172 62.91 54.75 -99.74
N LYS A 173 63.07 55.85 -100.48
CA LYS A 173 64.17 56.81 -100.46
C LYS A 173 63.78 57.97 -101.37
N HIS A 174 64.65 58.97 -101.53
CA HIS A 174 64.57 59.91 -102.64
C HIS A 174 66.00 60.23 -103.07
N HIS A 175 66.70 61.05 -102.27
CA HIS A 175 67.98 61.67 -102.59
C HIS A 175 67.79 62.74 -103.66
N HIS A 176 67.44 63.96 -103.22
CA HIS A 176 67.63 65.15 -104.05
C HIS A 176 69.14 65.41 -104.18
N HIS A 177 69.52 66.24 -105.14
CA HIS A 177 70.75 67.01 -105.11
C HIS A 177 70.34 68.48 -104.89
N HIS A 178 71.27 69.34 -104.47
CA HIS A 178 71.00 70.73 -104.15
C HIS A 178 72.31 71.49 -104.26
N HIS A 179 72.45 72.33 -105.30
CA HIS A 179 73.69 72.49 -106.04
C HIS A 179 74.00 71.13 -106.65
N MET A 1 -35.61 0.08 -4.88
CA MET A 1 -34.22 0.52 -5.13
C MET A 1 -33.49 -0.56 -5.93
N ALA A 2 -34.02 -0.93 -7.10
CA ALA A 2 -33.42 -1.88 -8.03
C ALA A 2 -33.94 -1.50 -9.40
N ASP A 3 -33.08 -1.66 -10.40
CA ASP A 3 -33.35 -1.35 -11.80
C ASP A 3 -32.44 -2.30 -12.56
N GLU A 4 -32.92 -2.90 -13.64
CA GLU A 4 -32.29 -3.99 -14.35
C GLU A 4 -32.56 -3.72 -15.82
N ALA A 5 -31.50 -3.40 -16.56
CA ALA A 5 -31.51 -3.20 -18.00
C ALA A 5 -30.15 -3.60 -18.55
N THR A 6 -30.06 -3.77 -19.87
CA THR A 6 -28.85 -4.14 -20.59
C THR A 6 -28.27 -2.97 -21.40
N ASP A 7 -28.86 -1.78 -21.30
CA ASP A 7 -28.31 -0.50 -21.75
C ASP A 7 -28.81 0.56 -20.77
N ALA A 8 -28.17 1.72 -20.75
CA ALA A 8 -28.56 2.90 -19.98
C ALA A 8 -28.22 4.22 -20.72
N ALA A 9 -27.59 4.18 -21.90
CA ALA A 9 -27.41 5.27 -22.88
C ALA A 9 -27.00 6.62 -22.26
N ARG A 10 -25.70 6.83 -22.02
CA ARG A 10 -25.24 7.94 -21.18
C ARG A 10 -23.82 8.39 -21.55
N ASN A 11 -23.42 8.29 -22.82
CA ASN A 11 -22.04 8.61 -23.20
C ASN A 11 -21.72 10.10 -23.18
N ASN A 12 -22.76 10.93 -23.12
CA ASN A 12 -22.67 12.38 -23.13
C ASN A 12 -23.77 13.00 -22.26
N ASP A 13 -23.87 14.32 -22.32
CA ASP A 13 -24.81 15.17 -21.57
C ASP A 13 -26.19 15.17 -22.24
N GLY A 14 -26.96 16.24 -22.04
CA GLY A 14 -28.35 16.31 -22.44
C GLY A 14 -29.21 15.60 -21.42
N ALA A 15 -28.93 15.85 -20.14
CA ALA A 15 -29.79 15.38 -19.09
C ALA A 15 -30.94 16.36 -19.07
N TYR A 16 -32.13 15.93 -19.44
CA TYR A 16 -33.27 16.78 -19.78
C TYR A 16 -33.57 17.76 -18.66
N TYR A 17 -33.69 17.27 -17.42
CA TYR A 17 -34.13 18.11 -16.32
C TYR A 17 -32.97 18.62 -15.48
N LEU A 18 -31.90 17.83 -15.37
CA LEU A 18 -30.72 18.29 -14.63
C LEU A 18 -30.05 19.38 -15.45
N GLN A 19 -29.92 19.14 -16.76
CA GLN A 19 -29.42 20.07 -17.75
C GLN A 19 -27.97 20.54 -17.54
N THR A 20 -27.29 19.92 -16.59
CA THR A 20 -25.89 20.13 -16.29
C THR A 20 -25.15 18.99 -17.01
N GLN A 21 -25.01 17.82 -16.39
CA GLN A 21 -24.23 16.72 -16.91
C GLN A 21 -24.42 15.43 -16.07
N PHE A 22 -25.61 15.13 -15.52
CA PHE A 22 -25.76 14.10 -14.49
C PHE A 22 -25.05 12.75 -14.74
N THR A 23 -24.75 12.05 -13.64
CA THR A 23 -24.24 10.68 -13.57
C THR A 23 -23.04 10.42 -14.48
N ASN A 24 -22.24 11.44 -14.80
CA ASN A 24 -21.21 11.40 -15.82
C ASN A 24 -20.16 10.43 -15.31
N ALA A 25 -20.11 9.27 -15.94
CA ALA A 25 -19.16 8.24 -15.63
C ALA A 25 -18.36 7.88 -16.88
N ASP A 26 -18.92 8.12 -18.06
CA ASP A 26 -18.29 7.78 -19.33
C ASP A 26 -17.11 8.73 -19.59
N LYS A 27 -17.35 10.05 -19.55
CA LYS A 27 -16.26 11.02 -19.76
C LYS A 27 -15.17 10.92 -18.68
N VAL A 28 -15.51 10.30 -17.56
CA VAL A 28 -14.60 10.06 -16.46
C VAL A 28 -13.71 8.89 -16.84
N ASN A 29 -14.28 7.77 -17.27
CA ASN A 29 -13.52 6.59 -17.67
C ASN A 29 -12.57 6.90 -18.83
N GLU A 30 -12.89 7.89 -19.68
CA GLU A 30 -11.99 8.36 -20.74
C GLU A 30 -10.63 8.67 -20.11
N TYR A 31 -10.64 9.60 -19.15
CA TYR A 31 -9.45 10.08 -18.49
C TYR A 31 -8.80 8.98 -17.66
N LEU A 32 -9.59 8.22 -16.90
CA LEU A 32 -9.05 7.19 -16.01
C LEU A 32 -8.34 6.09 -16.80
N ALA A 33 -8.83 5.75 -17.99
CA ALA A 33 -8.20 4.79 -18.87
C ALA A 33 -6.98 5.42 -19.53
N GLN A 34 -7.17 6.53 -20.26
CA GLN A 34 -6.14 7.11 -21.10
C GLN A 34 -4.93 7.53 -20.28
N HIS A 35 -5.14 8.02 -19.06
CA HIS A 35 -4.08 8.48 -18.19
C HIS A 35 -3.80 7.46 -17.08
N ASP A 36 -4.25 6.20 -17.19
CA ASP A 36 -4.02 5.19 -16.14
C ASP A 36 -2.53 5.12 -15.79
N GLY A 37 -1.67 5.10 -16.80
CA GLY A 37 -0.23 5.03 -16.63
C GLY A 37 0.32 6.24 -15.88
N GLU A 38 -0.13 7.44 -16.22
CA GLU A 38 0.29 8.68 -15.57
C GLU A 38 -0.21 8.69 -14.13
N ILE A 39 -1.52 8.49 -13.91
CA ILE A 39 -2.14 8.46 -12.59
C ILE A 39 -1.42 7.43 -11.71
N ARG A 40 -1.19 6.22 -12.23
CA ARG A 40 -0.47 5.16 -11.55
C ARG A 40 0.91 5.67 -11.15
N ALA A 41 1.67 6.20 -12.10
CA ALA A 41 3.04 6.61 -11.88
C ALA A 41 3.13 7.73 -10.85
N GLU A 42 2.24 8.72 -10.96
CA GLU A 42 2.14 9.90 -10.10
C GLU A 42 1.88 9.43 -8.68
N ALA A 43 0.79 8.69 -8.49
CA ALA A 43 0.42 8.13 -7.21
C ALA A 43 1.55 7.26 -6.65
N ALA A 44 2.20 6.46 -7.50
CA ALA A 44 3.26 5.57 -7.06
C ALA A 44 4.55 6.32 -6.72
N ALA A 45 4.72 7.55 -7.21
CA ALA A 45 5.83 8.42 -6.85
C ALA A 45 5.65 9.12 -5.50
N ASP A 46 4.49 9.01 -4.85
CA ASP A 46 4.25 9.66 -3.56
C ASP A 46 5.30 9.23 -2.54
N PRO A 47 5.71 10.10 -1.60
CA PRO A 47 6.71 9.78 -0.60
C PRO A 47 6.26 8.58 0.24
N ALA A 48 4.96 8.50 0.53
CA ALA A 48 4.37 7.39 1.24
C ALA A 48 4.58 6.09 0.49
N VAL A 49 4.28 6.06 -0.81
CA VAL A 49 4.31 4.85 -1.61
C VAL A 49 5.74 4.40 -1.82
N VAL A 50 6.65 5.28 -2.21
CA VAL A 50 8.05 4.91 -2.40
C VAL A 50 8.62 4.35 -1.10
N ALA A 51 8.37 5.05 0.01
CA ALA A 51 8.78 4.62 1.34
C ALA A 51 8.20 3.26 1.69
N ALA A 52 6.89 3.11 1.51
CA ALA A 52 6.14 1.94 1.89
C ALA A 52 6.66 0.73 1.12
N LYS A 53 6.82 0.87 -0.20
CA LYS A 53 7.35 -0.15 -1.09
C LYS A 53 8.76 -0.52 -0.64
N ALA A 54 9.65 0.46 -0.48
CA ALA A 54 11.05 0.21 -0.16
C ALA A 54 11.19 -0.61 1.12
N ALA A 55 10.39 -0.29 2.14
CA ALA A 55 10.39 -1.06 3.38
C ALA A 55 9.73 -2.43 3.19
N LEU A 56 8.60 -2.50 2.49
CA LEU A 56 7.87 -3.73 2.24
C LEU A 56 8.70 -4.76 1.49
N ASP A 57 9.65 -4.34 0.67
CA ASP A 57 10.53 -5.25 -0.07
C ASP A 57 11.63 -5.79 0.85
N ALA A 58 11.92 -5.08 1.95
CA ALA A 58 12.92 -5.45 2.95
C ALA A 58 12.27 -6.16 4.15
N VAL A 59 10.95 -6.21 4.21
CA VAL A 59 10.18 -6.75 5.32
C VAL A 59 9.01 -7.57 4.74
N GLU A 60 9.28 -8.39 3.70
CA GLU A 60 8.29 -9.31 3.15
C GLU A 60 8.30 -10.63 3.94
N GLY A 61 7.59 -11.67 3.47
CA GLY A 61 7.78 -13.05 3.91
C GLY A 61 7.10 -13.35 5.25
N GLY A 62 6.29 -12.40 5.75
CA GLY A 62 5.74 -12.50 7.09
C GLY A 62 6.80 -12.18 8.14
N SER A 63 7.76 -11.30 7.82
CA SER A 63 8.72 -10.75 8.79
C SER A 63 8.04 -9.78 9.77
N HIS A 64 7.18 -10.28 10.68
CA HIS A 64 6.46 -9.61 11.76
C HIS A 64 5.82 -8.29 11.32
N ASN A 65 6.58 -7.19 11.36
CA ASN A 65 6.22 -5.87 10.82
C ASN A 65 5.78 -5.91 9.36
N TYR A 66 5.94 -7.04 8.67
CA TYR A 66 5.36 -7.34 7.37
C TYR A 66 3.89 -6.92 7.30
N GLY A 67 3.11 -7.19 8.35
CA GLY A 67 1.70 -6.84 8.35
C GLY A 67 1.51 -5.33 8.31
N GLU A 68 2.37 -4.57 8.99
CA GLU A 68 2.35 -3.11 8.95
C GLU A 68 2.72 -2.65 7.55
N VAL A 69 3.87 -3.08 7.02
CA VAL A 69 4.30 -2.60 5.72
C VAL A 69 3.30 -2.99 4.62
N LYS A 70 2.65 -4.15 4.70
CA LYS A 70 1.63 -4.56 3.73
C LYS A 70 0.39 -3.68 3.85
N ALA A 71 -0.13 -3.52 5.09
CA ALA A 71 -1.32 -2.73 5.34
C ALA A 71 -1.10 -1.29 4.89
N ALA A 72 0.02 -0.70 5.31
CA ALA A 72 0.42 0.66 4.97
C ALA A 72 0.55 0.80 3.46
N TYR A 73 1.22 -0.13 2.79
CA TYR A 73 1.45 -0.07 1.36
C TYR A 73 0.14 -0.04 0.59
N GLU A 74 -0.77 -1.01 0.80
CA GLU A 74 -2.03 -0.98 0.04
C GLU A 74 -2.88 0.23 0.42
N ALA A 75 -2.85 0.64 1.69
CA ALA A 75 -3.58 1.80 2.15
C ALA A 75 -3.07 3.07 1.46
N ALA A 76 -1.76 3.31 1.47
CA ALA A 76 -1.10 4.42 0.78
C ALA A 76 -1.30 4.33 -0.74
N PHE A 77 -1.27 3.13 -1.32
CA PHE A 77 -1.43 2.92 -2.74
C PHE A 77 -2.80 3.41 -3.20
N ASN A 78 -3.89 2.91 -2.59
CA ASN A 78 -5.23 3.31 -3.00
C ASN A 78 -5.54 4.75 -2.57
N ASN A 79 -4.96 5.21 -1.47
CA ASN A 79 -4.97 6.60 -1.04
C ASN A 79 -4.48 7.50 -2.16
N ALA A 80 -3.24 7.28 -2.60
CA ALA A 80 -2.58 8.03 -3.65
C ALA A 80 -3.38 7.89 -4.95
N PHE A 81 -3.58 6.66 -5.43
CA PHE A 81 -4.16 6.39 -6.74
C PHE A 81 -5.54 7.02 -6.85
N ASN A 82 -6.41 6.83 -5.85
CA ASN A 82 -7.75 7.40 -5.93
C ASN A 82 -7.69 8.91 -5.79
N ALA A 83 -6.82 9.47 -4.94
CA ALA A 83 -6.68 10.91 -4.79
C ALA A 83 -6.30 11.56 -6.12
N VAL A 84 -5.22 11.07 -6.75
CA VAL A 84 -4.80 11.54 -8.07
C VAL A 84 -5.96 11.36 -9.06
N ARG A 85 -6.56 10.17 -9.16
CA ARG A 85 -7.56 9.91 -10.19
C ARG A 85 -8.75 10.88 -9.99
N ASN A 86 -9.16 11.08 -8.73
CA ASN A 86 -10.23 11.99 -8.35
C ASN A 86 -9.89 13.42 -8.77
N LYS A 87 -8.76 13.95 -8.30
CA LYS A 87 -8.36 15.34 -8.53
C LYS A 87 -8.30 15.61 -10.03
N TYR A 88 -7.66 14.75 -10.80
CA TYR A 88 -7.57 14.91 -12.24
C TYR A 88 -8.94 14.96 -12.89
N VAL A 89 -9.83 14.00 -12.57
CA VAL A 89 -11.17 13.98 -13.14
C VAL A 89 -11.94 15.24 -12.73
N GLN A 90 -11.93 15.63 -11.45
CA GLN A 90 -12.66 16.81 -11.02
C GLN A 90 -12.12 18.06 -11.71
N ARG A 91 -10.79 18.25 -11.78
CA ARG A 91 -10.20 19.35 -12.53
C ARG A 91 -10.69 19.35 -13.98
N PHE A 92 -10.63 18.19 -14.65
CA PHE A 92 -11.08 18.02 -16.02
C PHE A 92 -12.54 18.46 -16.13
N GLN A 93 -13.48 17.76 -15.47
CA GLN A 93 -14.88 18.13 -15.62
C GLN A 93 -15.18 19.55 -15.11
N ALA A 94 -14.41 20.12 -14.18
CA ALA A 94 -14.66 21.48 -13.72
C ALA A 94 -14.48 22.53 -14.82
N THR A 95 -13.76 22.17 -15.89
CA THR A 95 -13.40 23.09 -16.96
C THR A 95 -13.91 22.48 -18.29
N TYR A 96 -14.75 21.44 -18.22
CA TYR A 96 -15.38 20.75 -19.32
C TYR A 96 -16.85 20.41 -18.97
N ASN A 97 -17.41 20.96 -17.88
CA ASN A 97 -18.70 20.51 -17.33
C ASN A 97 -19.80 20.82 -18.33
N ASN A 98 -19.68 22.01 -18.94
CA ASN A 98 -20.22 22.47 -20.22
C ASN A 98 -19.76 23.89 -20.52
N ALA A 99 -19.40 24.68 -19.51
CA ALA A 99 -19.26 26.14 -19.54
C ALA A 99 -20.60 26.82 -19.81
N THR A 100 -21.70 26.23 -19.34
CA THR A 100 -22.95 26.95 -19.22
C THR A 100 -22.80 28.05 -18.16
N GLU A 101 -22.48 27.69 -16.91
CA GLU A 101 -22.82 28.50 -15.73
C GLU A 101 -21.70 28.44 -14.67
N GLN A 102 -20.47 28.15 -15.09
CA GLN A 102 -19.45 27.59 -14.21
C GLN A 102 -18.09 28.28 -14.36
N GLU A 103 -18.03 29.60 -14.23
CA GLU A 103 -16.74 30.26 -14.04
C GLU A 103 -16.30 30.03 -12.60
N GLY A 104 -15.10 29.47 -12.39
CA GLY A 104 -14.42 29.45 -11.11
C GLY A 104 -15.13 28.74 -9.96
N LYS A 105 -16.24 28.03 -10.20
CA LYS A 105 -17.09 27.51 -9.13
C LYS A 105 -16.31 26.54 -8.26
N THR A 106 -16.22 26.86 -6.98
CA THR A 106 -15.33 26.22 -6.01
C THR A 106 -16.04 26.06 -4.67
N TYR A 107 -17.38 25.99 -4.71
CA TYR A 107 -18.29 26.15 -3.57
C TYR A 107 -19.59 25.37 -3.83
N ILE A 108 -19.49 24.33 -4.66
CA ILE A 108 -20.57 23.42 -5.02
C ILE A 108 -19.96 22.02 -4.90
N GLN A 109 -20.76 21.05 -4.48
CA GLN A 109 -20.30 19.68 -4.23
C GLN A 109 -20.27 18.86 -5.53
N GLY A 110 -19.90 17.59 -5.41
CA GLY A 110 -20.21 16.55 -6.39
C GLY A 110 -19.48 15.26 -6.03
N GLU A 111 -18.15 15.32 -5.84
CA GLU A 111 -17.27 14.21 -5.47
C GLU A 111 -17.54 12.97 -6.34
N THR A 112 -17.05 11.80 -5.94
CA THR A 112 -17.17 10.59 -6.73
C THR A 112 -17.76 9.44 -5.92
N PRO A 113 -18.31 8.41 -6.59
CA PRO A 113 -18.85 7.26 -5.90
C PRO A 113 -17.75 6.45 -5.23
N GLU A 114 -16.68 6.13 -5.99
CA GLU A 114 -15.53 5.38 -5.50
C GLU A 114 -14.85 6.11 -4.33
N GLN A 115 -15.03 7.42 -4.20
CA GLN A 115 -14.39 8.17 -3.12
C GLN A 115 -14.87 7.67 -1.76
N ALA A 116 -16.18 7.43 -1.61
CA ALA A 116 -16.77 6.95 -0.36
C ALA A 116 -16.24 5.55 -0.06
N ASN A 117 -16.28 4.67 -1.07
CA ASN A 117 -15.79 3.29 -0.96
C ASN A 117 -14.31 3.26 -0.58
N ALA A 118 -13.52 4.21 -1.10
CA ALA A 118 -12.10 4.35 -0.79
C ALA A 118 -11.93 4.85 0.65
N ARG A 119 -12.69 5.88 1.05
CA ARG A 119 -12.71 6.47 2.40
C ARG A 119 -13.07 5.46 3.49
N TYR A 120 -13.65 4.31 3.15
CA TYR A 120 -13.94 3.25 4.09
C TYR A 120 -12.67 2.58 4.62
N LEU A 121 -11.59 2.56 3.83
CA LEU A 121 -10.31 1.95 4.17
C LEU A 121 -9.59 2.80 5.22
N LYS A 122 -9.88 2.59 6.51
CA LYS A 122 -9.29 3.34 7.63
C LYS A 122 -8.89 2.35 8.72
N ARG A 123 -7.89 1.52 8.45
CA ARG A 123 -7.65 0.29 9.20
C ARG A 123 -6.23 0.31 9.76
N VAL A 124 -6.09 0.81 10.99
CA VAL A 124 -4.78 1.19 11.53
C VAL A 124 -4.69 0.81 13.02
N GLY A 125 -5.66 0.03 13.50
CA GLY A 125 -5.68 -0.54 14.84
C GLY A 125 -6.28 0.45 15.82
N ALA A 126 -5.62 0.60 16.96
CA ALA A 126 -6.00 1.48 18.05
C ALA A 126 -4.78 1.77 18.94
N ALA A 127 -3.63 2.02 18.30
CA ALA A 127 -2.30 2.17 18.89
C ALA A 127 -2.01 1.08 19.94
N ASN A 128 -1.85 -0.16 19.50
CA ASN A 128 -1.54 -1.27 20.41
C ASN A 128 -0.16 -1.13 21.05
N ASN A 129 0.79 -0.50 20.34
CA ASN A 129 2.22 -0.47 20.61
C ASN A 129 2.93 0.29 19.48
N GLN A 130 2.67 1.59 19.34
CA GLN A 130 3.27 2.43 18.31
C GLN A 130 3.60 3.83 18.86
N ASN A 131 4.60 4.48 18.24
CA ASN A 131 5.01 5.87 18.46
C ASN A 131 5.66 6.09 19.85
N PRO A 132 6.94 5.75 20.04
CA PRO A 132 7.62 5.91 21.33
C PRO A 132 8.04 7.37 21.56
N ALA A 133 8.38 7.72 22.81
CA ALA A 133 9.16 8.89 23.17
C ALA A 133 9.56 8.75 24.63
N ALA A 134 10.75 8.23 24.88
CA ALA A 134 11.36 8.09 26.20
C ALA A 134 12.83 8.51 26.23
N GLU A 135 13.25 9.28 25.23
CA GLU A 135 14.64 9.58 24.95
C GLU A 135 14.71 11.08 24.69
N ASP A 136 15.12 11.84 25.70
CA ASP A 136 15.29 13.29 25.66
C ASP A 136 16.12 13.68 26.90
N LYS A 137 16.35 14.98 27.11
CA LYS A 137 16.92 15.59 28.29
C LYS A 137 16.12 15.32 29.58
N GLY A 138 15.03 14.56 29.57
CA GLY A 138 14.24 14.20 30.74
C GLY A 138 13.35 15.34 31.28
N ALA A 139 13.75 16.60 31.07
CA ALA A 139 13.06 17.81 31.50
C ALA A 139 12.84 18.77 30.32
N THR A 140 13.21 18.34 29.10
CA THR A 140 13.21 19.03 27.82
C THR A 140 13.79 20.45 27.94
N THR A 141 12.96 21.44 28.28
CA THR A 141 13.30 22.81 28.63
C THR A 141 12.50 23.15 29.87
N PRO A 142 13.00 22.83 31.08
CA PRO A 142 12.41 23.13 32.35
C PRO A 142 12.64 24.58 32.70
N ALA A 143 11.65 25.43 32.52
CA ALA A 143 11.79 26.81 32.94
C ALA A 143 11.76 26.92 34.49
N SER A 144 12.36 25.95 35.21
CA SER A 144 12.61 26.08 36.64
C SER A 144 13.71 27.14 36.79
N LYS A 145 13.30 28.37 37.06
CA LYS A 145 14.08 29.60 37.34
C LYS A 145 13.04 30.64 37.74
N GLU A 146 12.33 30.36 38.83
CA GLU A 146 11.15 31.09 39.26
C GLU A 146 11.04 30.92 40.77
N GLU A 147 10.49 31.93 41.44
CA GLU A 147 10.45 32.05 42.89
C GLU A 147 9.41 33.13 43.22
N ALA A 148 8.94 33.22 44.46
CA ALA A 148 8.21 34.37 45.00
C ALA A 148 9.08 35.65 45.12
N LYS A 149 10.33 35.60 44.63
CA LYS A 149 11.49 36.43 44.93
C LYS A 149 11.75 36.60 46.43
N LYS A 150 12.76 37.39 46.76
CA LYS A 150 12.91 38.11 48.03
C LYS A 150 13.19 39.56 47.64
N SER A 151 13.18 40.47 48.60
CA SER A 151 13.47 41.89 48.40
C SER A 151 13.65 42.62 49.73
N GLU A 152 13.11 42.04 50.79
CA GLU A 152 13.03 42.62 52.14
C GLU A 152 12.38 44.02 52.11
N ALA A 153 12.54 44.77 53.22
CA ALA A 153 11.86 46.02 53.52
C ALA A 153 10.34 45.93 53.33
N ALA A 154 9.67 47.08 53.23
CA ALA A 154 8.27 47.18 52.85
C ALA A 154 8.11 48.45 52.04
N ALA A 155 7.39 48.38 50.91
CA ALA A 155 7.03 49.55 50.14
C ALA A 155 6.15 50.46 51.02
N LYS A 156 6.66 51.65 51.35
CA LYS A 156 5.98 52.71 52.10
C LYS A 156 6.31 54.05 51.45
N ASN A 157 7.59 54.28 51.16
CA ASN A 157 8.14 55.47 50.55
C ASN A 157 8.02 56.63 51.52
N ALA A 158 6.89 57.33 51.56
CA ALA A 158 6.69 58.46 52.47
C ALA A 158 5.20 58.81 52.58
N GLY A 159 4.87 59.67 53.55
CA GLY A 159 3.55 60.24 53.74
C GLY A 159 3.34 61.47 52.84
N LYS A 160 2.36 62.32 53.19
CA LYS A 160 2.10 63.55 52.45
C LYS A 160 2.03 64.77 53.38
N ALA A 161 1.24 64.72 54.45
CA ALA A 161 1.25 65.70 55.51
C ALA A 161 0.90 64.99 56.82
N ALA A 162 1.14 65.64 57.95
CA ALA A 162 0.66 65.29 59.28
C ALA A 162 0.68 66.57 60.13
N GLY A 163 0.05 66.55 61.31
CA GLY A 163 0.06 67.67 62.24
C GLY A 163 -1.20 67.66 63.09
N LYS A 164 -1.34 68.63 63.99
CA LYS A 164 -2.57 68.96 64.70
C LYS A 164 -2.51 70.42 65.11
N ALA A 165 -3.65 71.00 65.50
CA ALA A 165 -3.75 72.31 66.14
C ALA A 165 -4.40 72.12 67.51
N LEU A 166 -4.64 73.21 68.24
CA LEU A 166 -5.43 73.23 69.46
C LEU A 166 -6.18 74.56 69.50
N PRO A 167 -7.36 74.66 68.86
CA PRO A 167 -8.16 75.88 68.87
C PRO A 167 -8.75 76.10 70.27
N LYS A 168 -9.05 77.36 70.61
CA LYS A 168 -9.60 77.78 71.89
C LYS A 168 -10.21 79.17 71.72
N THR A 169 -11.06 79.59 72.65
CA THR A 169 -11.69 80.91 72.63
C THR A 169 -11.91 81.36 74.09
N SER A 170 -12.35 82.60 74.27
CA SER A 170 -12.39 83.28 75.56
C SER A 170 -13.75 83.95 75.73
N ALA A 171 -14.78 83.18 76.08
CA ALA A 171 -16.16 83.65 76.17
C ALA A 171 -16.82 83.33 77.53
N VAL A 172 -16.04 82.84 78.49
CA VAL A 172 -16.54 82.55 79.84
C VAL A 172 -16.95 83.87 80.50
N LYS A 173 -18.02 83.84 81.32
CA LYS A 173 -18.47 84.99 82.10
C LYS A 173 -18.69 84.52 83.53
N HIS A 174 -17.62 84.17 84.24
CA HIS A 174 -17.74 83.89 85.66
C HIS A 174 -18.17 85.19 86.36
N HIS A 175 -19.04 85.08 87.35
CA HIS A 175 -19.55 86.17 88.16
C HIS A 175 -20.10 85.55 89.45
N HIS A 176 -20.62 86.38 90.35
CA HIS A 176 -21.29 85.94 91.57
C HIS A 176 -22.57 86.77 91.76
N HIS A 177 -22.42 88.11 91.84
CA HIS A 177 -23.46 89.02 92.34
C HIS A 177 -23.84 88.66 93.79
N HIS A 178 -24.78 89.41 94.36
CA HIS A 178 -25.44 89.11 95.62
C HIS A 178 -26.85 89.72 95.56
N HIS A 179 -26.91 90.98 95.18
CA HIS A 179 -27.93 91.57 94.33
C HIS A 179 -27.19 91.94 93.04
N MET A 1 -2.72 -11.20 13.86
CA MET A 1 -3.62 -12.30 13.53
C MET A 1 -5.02 -11.75 13.36
N ALA A 2 -5.52 -11.72 12.12
CA ALA A 2 -6.93 -11.53 11.81
C ALA A 2 -7.42 -12.74 11.02
N ASP A 3 -6.58 -13.22 10.09
CA ASP A 3 -6.69 -14.48 9.35
C ASP A 3 -7.87 -14.51 8.36
N GLU A 4 -7.71 -15.31 7.30
CA GLU A 4 -8.29 -14.99 5.99
C GLU A 4 -8.46 -16.27 5.17
N ALA A 5 -9.62 -16.92 5.29
CA ALA A 5 -9.90 -18.15 4.55
C ALA A 5 -10.07 -17.91 3.04
N THR A 6 -10.32 -16.66 2.64
CA THR A 6 -10.40 -16.17 1.28
C THR A 6 -11.42 -16.94 0.44
N ASP A 7 -12.67 -16.42 0.46
CA ASP A 7 -13.69 -16.79 -0.50
C ASP A 7 -13.23 -16.52 -1.93
N ALA A 8 -13.83 -17.22 -2.88
CA ALA A 8 -13.48 -17.17 -4.29
C ALA A 8 -14.75 -17.11 -5.16
N ALA A 9 -15.81 -16.46 -4.68
CA ALA A 9 -16.99 -16.18 -5.49
C ALA A 9 -17.70 -15.00 -4.87
N ARG A 10 -17.90 -13.93 -5.65
CA ARG A 10 -18.87 -12.89 -5.34
C ARG A 10 -19.76 -12.83 -6.55
N ASN A 11 -20.94 -13.43 -6.47
CA ASN A 11 -21.84 -13.48 -7.60
C ASN A 11 -22.50 -12.12 -7.72
N ASN A 12 -22.14 -11.36 -8.76
CA ASN A 12 -22.72 -10.06 -9.05
C ASN A 12 -22.66 -9.78 -10.54
N ASP A 13 -23.14 -8.62 -10.95
CA ASP A 13 -22.91 -8.04 -12.27
C ASP A 13 -21.43 -7.70 -12.40
N GLY A 14 -20.96 -7.46 -13.62
CA GLY A 14 -19.59 -7.11 -13.95
C GLY A 14 -19.63 -6.22 -15.19
N ALA A 15 -20.33 -5.09 -15.08
CA ALA A 15 -20.38 -4.04 -16.07
C ALA A 15 -19.35 -2.94 -15.73
N TYR A 16 -18.22 -3.32 -15.13
CA TYR A 16 -17.08 -2.51 -14.71
C TYR A 16 -17.47 -1.38 -13.75
N TYR A 17 -18.03 -0.30 -14.29
CA TYR A 17 -18.49 0.85 -13.55
C TYR A 17 -19.96 0.73 -13.18
N LEU A 18 -20.75 0.04 -14.01
CA LEU A 18 -22.18 -0.09 -13.90
C LEU A 18 -22.55 -1.39 -13.19
N GLN A 19 -21.59 -2.14 -12.63
CA GLN A 19 -21.78 -3.35 -11.80
C GLN A 19 -22.44 -3.08 -10.44
N THR A 20 -23.21 -2.01 -10.42
CA THR A 20 -23.81 -1.33 -9.29
C THR A 20 -25.13 -0.70 -9.76
N GLN A 21 -25.11 0.50 -10.35
CA GLN A 21 -26.30 1.26 -10.76
C GLN A 21 -25.95 2.48 -11.62
N PHE A 22 -24.69 2.59 -12.07
CA PHE A 22 -24.14 3.83 -12.58
C PHE A 22 -24.70 4.05 -13.99
N THR A 23 -24.64 5.29 -14.46
CA THR A 23 -25.30 5.73 -15.70
C THR A 23 -24.45 6.65 -16.57
N ASN A 24 -23.60 7.47 -15.96
CA ASN A 24 -22.75 8.45 -16.64
C ASN A 24 -21.35 8.37 -16.07
N ALA A 25 -20.73 7.22 -16.34
CA ALA A 25 -19.38 6.87 -15.92
C ALA A 25 -18.48 6.64 -17.13
N ASP A 26 -19.05 6.22 -18.25
CA ASP A 26 -18.28 5.90 -19.43
C ASP A 26 -17.48 7.11 -19.90
N LYS A 27 -18.11 8.30 -19.89
CA LYS A 27 -17.44 9.55 -20.21
C LYS A 27 -16.23 9.78 -19.32
N VAL A 28 -16.35 9.49 -18.02
CA VAL A 28 -15.35 9.80 -17.02
C VAL A 28 -14.14 8.88 -17.17
N ASN A 29 -14.43 7.58 -17.22
CA ASN A 29 -13.36 6.61 -17.30
C ASN A 29 -12.59 6.76 -18.61
N GLU A 30 -13.15 7.32 -19.69
CA GLU A 30 -12.39 7.58 -20.91
C GLU A 30 -11.10 8.35 -20.58
N TYR A 31 -11.19 9.52 -19.94
CA TYR A 31 -9.98 10.20 -19.52
C TYR A 31 -9.24 9.45 -18.41
N LEU A 32 -9.94 8.87 -17.43
CA LEU A 32 -9.19 8.25 -16.33
C LEU A 32 -8.40 7.01 -16.76
N ALA A 33 -8.81 6.35 -17.84
CA ALA A 33 -8.17 5.18 -18.40
C ALA A 33 -7.14 5.56 -19.46
N GLN A 34 -7.36 6.67 -20.17
CA GLN A 34 -6.32 7.25 -21.03
C GLN A 34 -5.09 7.57 -20.18
N HIS A 35 -5.29 8.33 -19.11
CA HIS A 35 -4.20 8.95 -18.37
C HIS A 35 -3.72 8.04 -17.22
N ASP A 36 -4.22 6.79 -17.18
CA ASP A 36 -3.88 5.78 -16.17
C ASP A 36 -2.37 5.66 -15.95
N GLY A 37 -1.57 5.79 -17.01
CA GLY A 37 -0.11 5.81 -16.94
C GLY A 37 0.42 6.93 -16.05
N GLU A 38 0.00 8.17 -16.26
CA GLU A 38 0.51 9.29 -15.48
C GLU A 38 -0.04 9.23 -14.05
N ILE A 39 -1.28 8.77 -13.88
CA ILE A 39 -1.92 8.55 -12.58
C ILE A 39 -1.06 7.56 -11.80
N ARG A 40 -0.84 6.37 -12.35
CA ARG A 40 -0.07 5.31 -11.70
C ARG A 40 1.32 5.81 -11.34
N ALA A 41 1.98 6.52 -12.27
CA ALA A 41 3.31 7.05 -12.08
C ALA A 41 3.32 8.03 -10.91
N GLU A 42 2.42 9.03 -10.90
CA GLU A 42 2.43 10.06 -9.87
C GLU A 42 2.15 9.43 -8.51
N ALA A 43 1.14 8.55 -8.47
CA ALA A 43 0.71 7.87 -7.26
C ALA A 43 1.83 7.02 -6.68
N ALA A 44 2.46 6.19 -7.51
CA ALA A 44 3.55 5.34 -7.06
C ALA A 44 4.79 6.16 -6.66
N ALA A 45 4.96 7.35 -7.25
CA ALA A 45 6.06 8.26 -6.96
C ALA A 45 5.93 8.97 -5.60
N ASP A 46 4.76 8.88 -4.93
CA ASP A 46 4.51 9.57 -3.68
C ASP A 46 5.60 9.21 -2.69
N PRO A 47 6.04 10.14 -1.82
CA PRO A 47 7.13 9.88 -0.87
C PRO A 47 6.76 8.73 0.06
N ALA A 48 5.49 8.66 0.46
CA ALA A 48 4.97 7.63 1.33
C ALA A 48 4.87 6.28 0.63
N VAL A 49 4.57 6.25 -0.67
CA VAL A 49 4.37 4.99 -1.40
C VAL A 49 5.73 4.41 -1.79
N VAL A 50 6.72 5.23 -2.16
CA VAL A 50 8.08 4.75 -2.36
C VAL A 50 8.66 4.27 -1.04
N ALA A 51 8.43 5.03 0.04
CA ALA A 51 8.86 4.67 1.38
C ALA A 51 8.30 3.32 1.78
N ALA A 52 6.98 3.17 1.65
CA ALA A 52 6.25 1.97 1.97
C ALA A 52 6.81 0.79 1.21
N LYS A 53 6.79 0.85 -0.14
CA LYS A 53 7.24 -0.24 -1.01
C LYS A 53 8.64 -0.70 -0.64
N ALA A 54 9.59 0.24 -0.51
CA ALA A 54 10.96 -0.08 -0.15
C ALA A 54 11.00 -0.86 1.18
N ALA A 55 10.33 -0.33 2.21
CA ALA A 55 10.34 -0.95 3.53
C ALA A 55 9.75 -2.36 3.48
N LEU A 56 8.64 -2.49 2.77
CA LEU A 56 7.82 -3.70 2.65
C LEU A 56 8.63 -4.82 2.04
N ASP A 57 9.35 -4.56 0.94
CA ASP A 57 10.08 -5.60 0.21
C ASP A 57 11.18 -6.26 1.03
N ALA A 58 11.66 -5.58 2.08
CA ALA A 58 12.73 -6.04 2.93
C ALA A 58 12.19 -6.67 4.21
N VAL A 59 10.87 -6.61 4.43
CA VAL A 59 10.17 -7.01 5.64
C VAL A 59 8.98 -7.94 5.27
N GLU A 60 8.96 -8.44 4.03
CA GLU A 60 7.86 -9.24 3.51
C GLU A 60 7.86 -10.65 4.12
N GLY A 61 6.96 -11.51 3.63
CA GLY A 61 6.97 -12.94 3.95
C GLY A 61 6.66 -13.23 5.41
N GLY A 62 5.94 -12.32 6.07
CA GLY A 62 5.64 -12.46 7.48
C GLY A 62 6.87 -12.22 8.34
N SER A 63 7.62 -11.13 8.08
CA SER A 63 8.68 -10.69 9.00
C SER A 63 8.14 -9.96 10.26
N HIS A 64 6.97 -10.38 10.78
CA HIS A 64 6.22 -9.80 11.90
C HIS A 64 5.72 -8.39 11.59
N ASN A 65 6.64 -7.44 11.41
CA ASN A 65 6.37 -6.08 10.91
C ASN A 65 5.73 -6.10 9.53
N TYR A 66 5.73 -7.26 8.85
CA TYR A 66 5.05 -7.51 7.60
C TYR A 66 3.63 -6.95 7.61
N GLY A 67 2.84 -7.17 8.66
CA GLY A 67 1.47 -6.66 8.69
C GLY A 67 1.43 -5.13 8.64
N GLU A 68 2.36 -4.46 9.33
CA GLU A 68 2.45 -3.00 9.29
C GLU A 68 2.77 -2.52 7.88
N VAL A 69 3.84 -3.03 7.28
CA VAL A 69 4.26 -2.60 5.95
C VAL A 69 3.23 -2.97 4.87
N LYS A 70 2.67 -4.18 4.92
CA LYS A 70 1.65 -4.61 3.97
C LYS A 70 0.47 -3.66 4.02
N ALA A 71 -0.02 -3.39 5.23
CA ALA A 71 -1.13 -2.47 5.40
C ALA A 71 -0.77 -1.06 4.92
N ALA A 72 0.46 -0.60 5.19
CA ALA A 72 0.95 0.71 4.76
C ALA A 72 0.89 0.81 3.25
N TYR A 73 1.45 -0.17 2.55
CA TYR A 73 1.53 -0.17 1.11
C TYR A 73 0.15 -0.20 0.46
N GLU A 74 -0.79 -1.01 0.94
CA GLU A 74 -2.14 -1.08 0.38
C GLU A 74 -2.92 0.21 0.66
N ALA A 75 -2.85 0.72 1.91
CA ALA A 75 -3.51 1.95 2.30
C ALA A 75 -3.01 3.11 1.45
N ALA A 76 -1.69 3.30 1.38
CA ALA A 76 -1.10 4.44 0.72
C ALA A 76 -1.23 4.32 -0.80
N PHE A 77 -1.17 3.10 -1.36
CA PHE A 77 -1.38 2.93 -2.79
C PHE A 77 -2.80 3.33 -3.16
N ASN A 78 -3.81 2.74 -2.52
CA ASN A 78 -5.19 3.02 -2.92
C ASN A 78 -5.51 4.49 -2.69
N ASN A 79 -5.00 5.07 -1.60
CA ASN A 79 -5.00 6.51 -1.39
C ASN A 79 -4.43 7.22 -2.61
N ALA A 80 -3.15 7.03 -2.94
CA ALA A 80 -2.44 7.86 -3.90
C ALA A 80 -2.98 7.67 -5.31
N PHE A 81 -3.22 6.42 -5.74
CA PHE A 81 -3.75 6.13 -7.06
C PHE A 81 -5.09 6.82 -7.19
N ASN A 82 -5.99 6.54 -6.23
CA ASN A 82 -7.30 7.10 -6.32
C ASN A 82 -7.25 8.62 -6.17
N ALA A 83 -6.30 9.19 -5.42
CA ALA A 83 -6.13 10.63 -5.26
C ALA A 83 -5.86 11.29 -6.61
N VAL A 84 -4.86 10.82 -7.35
CA VAL A 84 -4.47 11.47 -8.60
C VAL A 84 -5.58 11.30 -9.64
N ARG A 85 -6.17 10.09 -9.71
CA ARG A 85 -7.33 9.87 -10.57
C ARG A 85 -8.46 10.84 -10.23
N ASN A 86 -8.82 10.90 -8.95
CA ASN A 86 -9.87 11.73 -8.38
C ASN A 86 -9.67 13.21 -8.71
N LYS A 87 -8.47 13.73 -8.45
CA LYS A 87 -8.00 15.06 -8.82
C LYS A 87 -8.30 15.35 -10.28
N TYR A 88 -7.88 14.46 -11.19
CA TYR A 88 -8.14 14.62 -12.63
C TYR A 88 -9.64 14.82 -12.90
N VAL A 89 -10.44 13.79 -12.57
CA VAL A 89 -11.86 13.80 -12.87
C VAL A 89 -12.51 15.02 -12.23
N GLN A 90 -12.22 15.31 -10.97
CA GLN A 90 -12.85 16.40 -10.25
C GLN A 90 -12.60 17.73 -10.93
N ARG A 91 -11.35 18.03 -11.34
CA ARG A 91 -11.11 19.28 -12.04
C ARG A 91 -11.88 19.32 -13.34
N PHE A 92 -12.00 18.21 -14.07
CA PHE A 92 -12.86 18.26 -15.26
C PHE A 92 -14.35 18.40 -14.89
N GLN A 93 -14.85 17.58 -13.98
CA GLN A 93 -16.22 17.56 -13.49
C GLN A 93 -16.70 18.92 -13.01
N ALA A 94 -15.82 19.72 -12.38
CA ALA A 94 -16.13 21.08 -11.94
C ALA A 94 -16.56 22.00 -13.10
N THR A 95 -16.37 21.58 -14.36
CA THR A 95 -16.82 22.29 -15.54
C THR A 95 -17.62 21.36 -16.47
N TYR A 96 -17.85 20.09 -16.11
CA TYR A 96 -18.45 19.08 -16.99
C TYR A 96 -19.50 18.16 -16.35
N ASN A 97 -19.90 18.39 -15.11
CA ASN A 97 -21.05 17.74 -14.49
C ASN A 97 -22.37 18.31 -14.98
N ASN A 98 -22.35 19.46 -15.67
CA ASN A 98 -23.43 20.43 -15.72
C ASN A 98 -23.65 21.07 -14.35
N ALA A 99 -24.53 22.07 -14.28
CA ALA A 99 -25.11 22.58 -13.05
C ALA A 99 -26.02 21.48 -12.48
N THR A 100 -25.39 20.42 -12.00
CA THR A 100 -25.98 19.24 -11.42
C THR A 100 -24.96 18.76 -10.39
N GLU A 101 -24.98 19.42 -9.22
CA GLU A 101 -23.91 19.42 -8.22
C GLU A 101 -23.56 18.00 -7.73
N GLN A 102 -22.55 17.42 -8.37
CA GLN A 102 -22.27 15.99 -8.25
C GLN A 102 -21.64 15.61 -6.89
N GLU A 103 -21.42 16.55 -5.97
CA GLU A 103 -20.94 16.23 -4.61
C GLU A 103 -22.07 15.63 -3.75
N GLY A 104 -23.17 15.26 -4.38
CA GLY A 104 -24.44 14.85 -3.78
C GLY A 104 -24.87 13.48 -4.27
N LYS A 105 -24.06 12.44 -3.98
CA LYS A 105 -24.45 11.05 -4.15
C LYS A 105 -23.80 10.36 -2.95
N THR A 106 -24.39 9.30 -2.42
CA THR A 106 -23.89 8.57 -1.25
C THR A 106 -23.80 7.07 -1.52
N TYR A 107 -23.86 6.67 -2.80
CA TYR A 107 -24.03 5.29 -3.23
C TYR A 107 -23.25 4.98 -4.49
N ILE A 108 -22.18 5.74 -4.73
CA ILE A 108 -21.35 5.57 -5.91
C ILE A 108 -19.93 5.92 -5.49
N GLN A 109 -19.05 5.00 -5.80
CA GLN A 109 -17.62 5.02 -5.53
C GLN A 109 -16.87 4.74 -6.84
N GLY A 110 -15.58 4.42 -6.71
CA GLY A 110 -14.64 4.20 -7.78
C GLY A 110 -14.19 5.57 -8.26
N GLU A 111 -15.09 6.25 -8.97
CA GLU A 111 -14.85 7.54 -9.55
C GLU A 111 -16.09 8.40 -9.37
N THR A 112 -15.98 9.30 -8.42
CA THR A 112 -16.99 10.25 -8.00
C THR A 112 -16.25 11.39 -7.32
N PRO A 113 -16.83 12.57 -7.13
CA PRO A 113 -16.16 13.56 -6.32
C PRO A 113 -16.11 13.12 -4.84
N GLU A 114 -16.94 12.16 -4.43
CA GLU A 114 -16.90 11.57 -3.09
C GLU A 114 -15.97 10.33 -3.06
N GLN A 115 -15.38 9.88 -4.17
CA GLN A 115 -14.35 8.84 -4.14
C GLN A 115 -13.20 9.26 -3.22
N ALA A 116 -12.97 10.58 -3.17
CA ALA A 116 -12.08 11.34 -2.32
C ALA A 116 -12.27 10.97 -0.84
N ASN A 117 -13.50 10.60 -0.45
CA ASN A 117 -13.79 10.18 0.91
C ASN A 117 -13.11 8.85 1.27
N ALA A 118 -12.64 8.09 0.27
CA ALA A 118 -11.76 6.95 0.50
C ALA A 118 -10.36 7.44 0.83
N ARG A 119 -9.73 8.25 -0.05
CA ARG A 119 -8.28 8.53 -0.04
C ARG A 119 -7.82 9.13 1.28
N TYR A 120 -8.74 9.86 1.89
CA TYR A 120 -8.53 10.67 3.06
C TYR A 120 -7.71 9.95 4.15
N LEU A 121 -8.28 8.88 4.73
CA LEU A 121 -7.74 7.96 5.73
C LEU A 121 -6.99 8.58 6.92
N LYS A 122 -7.10 9.87 7.17
CA LYS A 122 -6.83 10.43 8.50
C LYS A 122 -8.07 10.19 9.37
N ARG A 123 -8.03 10.67 10.62
CA ARG A 123 -9.24 10.93 11.40
C ARG A 123 -9.19 12.29 12.08
N VAL A 124 -8.20 13.12 11.74
CA VAL A 124 -7.77 14.27 12.54
C VAL A 124 -7.80 15.55 11.70
N GLY A 125 -8.51 15.55 10.57
CA GLY A 125 -8.36 16.55 9.53
C GLY A 125 -6.89 16.57 9.13
N ALA A 126 -6.22 17.69 9.38
CA ALA A 126 -4.85 17.93 8.99
C ALA A 126 -3.89 17.95 10.18
N ALA A 127 -4.31 17.47 11.36
CA ALA A 127 -3.61 17.61 12.62
C ALA A 127 -3.11 16.27 13.20
N ASN A 128 -2.93 15.22 12.37
CA ASN A 128 -2.32 13.98 12.83
C ASN A 128 -0.82 14.21 13.05
N ASN A 129 -0.35 14.06 14.28
CA ASN A 129 1.05 13.83 14.64
C ASN A 129 1.04 12.93 15.88
N GLN A 130 2.04 12.07 16.05
CA GLN A 130 2.18 11.09 17.13
C GLN A 130 3.64 10.65 17.20
N ASN A 131 4.02 9.97 18.28
CA ASN A 131 5.40 9.64 18.64
C ASN A 131 5.47 8.32 19.42
N PRO A 132 5.52 7.15 18.75
CA PRO A 132 5.77 5.87 19.42
C PRO A 132 7.22 5.80 19.97
N ALA A 133 7.50 4.85 20.85
CA ALA A 133 8.75 4.78 21.60
C ALA A 133 9.74 3.81 20.96
N ALA A 134 9.48 2.49 21.10
CA ALA A 134 10.21 1.37 20.53
C ALA A 134 11.74 1.46 20.63
N GLU A 135 12.30 1.32 21.83
CA GLU A 135 13.75 1.22 22.05
C GLU A 135 14.08 0.06 22.99
N ASP A 136 13.19 -0.93 23.10
CA ASP A 136 13.32 -2.15 23.90
C ASP A 136 14.35 -3.16 23.35
N LYS A 137 15.11 -2.79 22.32
CA LYS A 137 16.05 -3.63 21.58
C LYS A 137 15.40 -4.87 20.94
N GLY A 138 14.07 -4.91 20.82
CA GLY A 138 13.36 -6.06 20.32
C GLY A 138 13.43 -7.19 21.34
N ALA A 139 12.63 -7.12 22.39
CA ALA A 139 12.01 -8.31 22.93
C ALA A 139 10.57 -8.35 22.43
N THR A 140 9.70 -9.01 23.18
CA THR A 140 8.46 -9.54 22.65
C THR A 140 8.77 -10.63 21.62
N THR A 141 9.07 -10.29 20.36
CA THR A 141 9.41 -11.27 19.34
C THR A 141 10.47 -10.71 18.37
N PRO A 142 11.77 -10.81 18.70
CA PRO A 142 12.85 -10.45 17.79
C PRO A 142 13.09 -11.49 16.69
N ALA A 143 12.89 -12.78 16.98
CA ALA A 143 13.24 -13.89 16.09
C ALA A 143 14.73 -13.91 15.68
N SER A 144 15.61 -13.34 16.49
CA SER A 144 17.04 -13.19 16.21
C SER A 144 17.81 -13.32 17.52
N LYS A 145 18.36 -14.51 17.79
CA LYS A 145 19.19 -14.85 18.94
C LYS A 145 19.86 -16.23 18.74
N GLU A 146 20.29 -16.53 17.52
CA GLU A 146 20.65 -17.89 17.12
C GLU A 146 22.12 -17.98 16.69
N GLU A 147 23.04 -17.92 17.65
CA GLU A 147 24.47 -18.13 17.46
C GLU A 147 24.83 -19.38 18.25
N ALA A 148 24.95 -20.51 17.56
CA ALA A 148 25.22 -21.81 18.18
C ALA A 148 25.89 -22.72 17.13
N LYS A 149 25.13 -23.20 16.14
CA LYS A 149 25.53 -24.07 15.03
C LYS A 149 26.36 -25.29 15.46
N LYS A 150 26.97 -25.96 14.47
CA LYS A 150 28.06 -26.91 14.57
C LYS A 150 28.52 -27.14 13.14
N SER A 151 29.68 -26.61 12.78
CA SER A 151 30.21 -26.51 11.47
C SER A 151 31.73 -26.68 11.53
N GLU A 152 32.15 -27.88 11.93
CA GLU A 152 33.53 -28.21 12.28
C GLU A 152 34.05 -29.31 11.34
N ALA A 153 35.38 -29.46 11.32
CA ALA A 153 36.13 -30.43 10.51
C ALA A 153 35.79 -30.33 9.00
N ALA A 154 36.10 -31.38 8.25
CA ALA A 154 35.78 -31.52 6.83
C ALA A 154 35.44 -33.00 6.62
N ALA A 155 34.22 -33.27 6.15
CA ALA A 155 33.44 -34.48 6.46
C ALA A 155 34.21 -35.80 6.40
N LYS A 156 35.08 -36.01 5.40
CA LYS A 156 35.95 -37.19 5.36
C LYS A 156 37.32 -36.83 4.77
N ASN A 157 37.86 -35.65 5.07
CA ASN A 157 39.18 -35.26 4.60
C ASN A 157 40.28 -35.99 5.38
N ALA A 158 40.40 -37.31 5.18
CA ALA A 158 41.40 -38.16 5.82
C ALA A 158 41.52 -39.49 5.04
N GLY A 159 42.60 -39.67 4.28
CA GLY A 159 42.91 -40.93 3.63
C GLY A 159 44.29 -40.91 2.97
N LYS A 160 44.77 -42.09 2.59
CA LYS A 160 45.92 -42.33 1.71
C LYS A 160 45.69 -43.74 1.12
N ALA A 161 46.38 -44.09 0.04
CA ALA A 161 46.41 -45.46 -0.48
C ALA A 161 47.77 -45.69 -1.14
N ALA A 162 47.96 -45.17 -2.36
CA ALA A 162 49.00 -45.62 -3.30
C ALA A 162 48.82 -47.12 -3.57
N GLY A 163 49.87 -47.84 -3.95
CA GLY A 163 49.83 -49.21 -4.42
C GLY A 163 50.73 -49.34 -5.63
N LYS A 164 50.28 -50.10 -6.65
CA LYS A 164 50.98 -50.30 -7.93
C LYS A 164 52.36 -50.96 -7.80
N ALA A 165 52.65 -51.57 -6.65
CA ALA A 165 53.75 -52.52 -6.54
C ALA A 165 53.42 -53.71 -7.45
N LEU A 166 54.44 -54.31 -8.07
CA LEU A 166 54.30 -55.46 -8.96
C LEU A 166 55.59 -56.31 -8.93
N PRO A 167 55.57 -57.59 -9.36
CA PRO A 167 56.74 -58.46 -9.41
C PRO A 167 57.70 -58.04 -10.54
N LYS A 168 58.64 -58.91 -10.90
CA LYS A 168 59.43 -58.84 -12.13
C LYS A 168 59.42 -60.24 -12.73
N THR A 169 59.68 -60.37 -14.02
CA THR A 169 59.97 -61.64 -14.65
C THR A 169 61.40 -62.04 -14.31
N SER A 170 61.68 -63.35 -14.28
CA SER A 170 62.94 -63.89 -13.79
C SER A 170 63.33 -65.18 -14.52
N ALA A 171 62.89 -65.34 -15.78
CA ALA A 171 62.97 -66.57 -16.57
C ALA A 171 64.39 -66.96 -17.02
N VAL A 172 65.44 -66.57 -16.29
CA VAL A 172 66.77 -67.12 -16.51
C VAL A 172 66.75 -68.61 -16.13
N LYS A 173 67.54 -69.45 -16.81
CA LYS A 173 67.68 -70.84 -16.39
C LYS A 173 68.35 -70.88 -15.01
N HIS A 174 68.01 -71.87 -14.20
CA HIS A 174 68.70 -72.11 -12.94
C HIS A 174 70.19 -72.42 -13.17
N HIS A 175 70.98 -72.36 -12.10
CA HIS A 175 72.41 -72.67 -12.11
C HIS A 175 72.82 -73.37 -10.82
N HIS A 176 72.35 -72.86 -9.68
CA HIS A 176 72.93 -73.05 -8.34
C HIS A 176 74.42 -72.68 -8.40
N HIS A 177 75.30 -73.62 -8.73
CA HIS A 177 76.70 -73.43 -9.07
C HIS A 177 77.57 -72.76 -7.98
N HIS A 178 77.02 -72.32 -6.84
CA HIS A 178 77.73 -71.76 -5.70
C HIS A 178 76.76 -71.80 -4.51
N HIS A 179 76.60 -72.99 -3.93
CA HIS A 179 75.34 -73.43 -3.33
C HIS A 179 74.26 -73.43 -4.41
N MET A 1 -12.70 24.81 3.38
CA MET A 1 -12.09 24.59 4.71
C MET A 1 -13.02 23.74 5.58
N ALA A 2 -13.54 22.63 5.04
CA ALA A 2 -14.34 21.61 5.72
C ALA A 2 -14.23 20.43 4.76
N ASP A 3 -13.93 19.23 5.24
CA ASP A 3 -13.62 18.13 4.32
C ASP A 3 -13.80 16.78 5.00
N GLU A 4 -15.02 16.47 5.44
CA GLU A 4 -15.41 15.28 6.16
C GLU A 4 -16.91 15.12 5.93
N ALA A 5 -17.32 13.91 5.57
CA ALA A 5 -18.70 13.43 5.44
C ALA A 5 -18.72 12.01 6.00
N THR A 6 -19.70 11.65 6.85
CA THR A 6 -19.68 10.37 7.54
C THR A 6 -21.11 9.93 7.88
N ASP A 7 -21.74 9.11 7.04
CA ASP A 7 -23.13 8.69 7.20
C ASP A 7 -23.24 7.30 7.84
N ALA A 8 -22.14 6.54 7.82
CA ALA A 8 -21.97 5.18 8.35
C ALA A 8 -22.97 4.12 7.83
N ALA A 9 -23.80 4.43 6.83
CA ALA A 9 -24.71 3.47 6.20
C ALA A 9 -23.94 2.73 5.11
N ARG A 10 -24.26 1.46 4.85
CA ARG A 10 -23.59 0.66 3.83
C ARG A 10 -24.63 -0.08 2.98
N ASN A 11 -25.72 0.60 2.64
CA ASN A 11 -26.92 0.01 2.05
C ASN A 11 -26.66 -0.50 0.63
N ASN A 12 -27.69 -1.06 -0.02
CA ASN A 12 -27.68 -1.65 -1.37
C ASN A 12 -27.48 -0.64 -2.51
N ASP A 13 -26.74 0.43 -2.23
CA ASP A 13 -26.55 1.64 -3.00
C ASP A 13 -25.67 1.40 -4.23
N GLY A 14 -25.25 2.49 -4.86
CA GLY A 14 -24.39 2.52 -6.02
C GLY A 14 -25.19 3.09 -7.17
N ALA A 15 -25.60 4.36 -7.08
CA ALA A 15 -26.36 4.96 -8.16
C ALA A 15 -25.34 5.40 -9.18
N TYR A 16 -25.18 4.62 -10.27
CA TYR A 16 -24.41 5.02 -11.48
C TYR A 16 -22.91 5.25 -11.28
N TYR A 17 -22.48 4.71 -10.15
CA TYR A 17 -21.27 4.81 -9.30
C TYR A 17 -21.20 6.03 -8.44
N LEU A 18 -21.99 7.03 -8.74
CA LEU A 18 -21.93 8.31 -8.09
C LEU A 18 -22.55 8.25 -6.73
N GLN A 19 -23.48 7.29 -6.52
CA GLN A 19 -24.17 7.10 -5.25
C GLN A 19 -25.13 8.25 -4.91
N THR A 20 -25.49 9.11 -5.87
CA THR A 20 -26.30 10.29 -5.60
C THR A 20 -27.48 10.44 -6.58
N GLN A 21 -27.27 11.08 -7.72
CA GLN A 21 -28.27 11.38 -8.74
C GLN A 21 -27.67 11.94 -10.03
N PHE A 22 -26.35 12.00 -10.12
CA PHE A 22 -25.68 12.41 -11.34
C PHE A 22 -25.83 11.28 -12.37
N THR A 23 -25.43 11.55 -13.60
CA THR A 23 -25.38 10.56 -14.67
C THR A 23 -24.20 10.83 -15.63
N ASN A 24 -23.00 11.04 -15.08
CA ASN A 24 -21.77 11.16 -15.85
C ASN A 24 -20.66 10.39 -15.17
N ALA A 25 -20.36 9.21 -15.73
CA ALA A 25 -19.22 8.34 -15.42
C ALA A 25 -18.54 7.82 -16.69
N ASP A 26 -19.21 7.87 -17.85
CA ASP A 26 -18.62 7.55 -19.16
C ASP A 26 -17.41 8.45 -19.42
N LYS A 27 -17.63 9.77 -19.39
CA LYS A 27 -16.58 10.78 -19.48
C LYS A 27 -15.53 10.65 -18.38
N VAL A 28 -15.75 9.86 -17.33
CA VAL A 28 -14.70 9.56 -16.37
C VAL A 28 -13.85 8.44 -16.95
N ASN A 29 -14.42 7.26 -17.20
CA ASN A 29 -13.70 6.07 -17.64
C ASN A 29 -12.79 6.33 -18.84
N GLU A 30 -13.25 7.14 -19.79
CA GLU A 30 -12.50 7.59 -20.96
C GLU A 30 -11.14 8.14 -20.52
N TYR A 31 -11.22 9.17 -19.69
CA TYR A 31 -10.11 9.99 -19.26
C TYR A 31 -9.18 9.16 -18.41
N LEU A 32 -9.74 8.37 -17.49
CA LEU A 32 -8.97 7.48 -16.62
C LEU A 32 -8.14 6.54 -17.48
N ALA A 33 -8.71 5.96 -18.54
CA ALA A 33 -7.98 5.04 -19.41
C ALA A 33 -6.88 5.76 -20.19
N GLN A 34 -7.15 6.98 -20.69
CA GLN A 34 -6.20 7.79 -21.42
C GLN A 34 -4.94 8.03 -20.58
N HIS A 35 -5.11 8.49 -19.34
CA HIS A 35 -4.03 8.95 -18.47
C HIS A 35 -3.69 7.98 -17.33
N ASP A 36 -4.10 6.71 -17.43
CA ASP A 36 -3.91 5.70 -16.38
C ASP A 36 -2.43 5.51 -16.04
N GLY A 37 -1.55 5.66 -17.05
CA GLY A 37 -0.10 5.64 -16.91
C GLY A 37 0.44 6.81 -16.09
N GLU A 38 -0.21 7.97 -16.20
CA GLU A 38 0.19 9.21 -15.55
C GLU A 38 -0.23 9.19 -14.09
N ILE A 39 -1.44 8.70 -13.82
CA ILE A 39 -1.94 8.48 -12.47
C ILE A 39 -1.05 7.44 -11.78
N ARG A 40 -0.87 6.25 -12.37
CA ARG A 40 -0.08 5.20 -11.72
C ARG A 40 1.36 5.64 -11.53
N ALA A 41 1.92 6.45 -12.45
CA ALA A 41 3.24 7.01 -12.25
C ALA A 41 3.27 7.89 -11.00
N GLU A 42 2.42 8.91 -10.96
CA GLU A 42 2.45 9.94 -9.93
C GLU A 42 2.13 9.35 -8.56
N ALA A 43 1.11 8.49 -8.50
CA ALA A 43 0.71 7.77 -7.30
C ALA A 43 1.85 6.88 -6.81
N ALA A 44 2.44 6.06 -7.70
CA ALA A 44 3.53 5.19 -7.28
C ALA A 44 4.80 5.99 -6.94
N ALA A 45 4.94 7.23 -7.41
CA ALA A 45 6.05 8.10 -7.08
C ALA A 45 5.85 8.86 -5.77
N ASP A 46 4.71 8.73 -5.09
CA ASP A 46 4.48 9.44 -3.84
C ASP A 46 5.55 8.99 -2.83
N PRO A 47 6.06 9.89 -1.95
CA PRO A 47 7.01 9.51 -0.90
C PRO A 47 6.46 8.36 -0.04
N ALA A 48 5.15 8.36 0.20
CA ALA A 48 4.49 7.32 0.98
C ALA A 48 4.71 5.96 0.32
N VAL A 49 4.45 5.86 -0.98
CA VAL A 49 4.44 4.60 -1.69
C VAL A 49 5.87 4.08 -1.90
N VAL A 50 6.82 4.95 -2.22
CA VAL A 50 8.20 4.52 -2.41
C VAL A 50 8.77 4.02 -1.09
N ALA A 51 8.53 4.77 0.00
CA ALA A 51 9.05 4.43 1.32
C ALA A 51 8.44 3.11 1.80
N ALA A 52 7.12 2.99 1.69
CA ALA A 52 6.37 1.85 2.16
C ALA A 52 6.81 0.58 1.43
N LYS A 53 6.91 0.64 0.10
CA LYS A 53 7.38 -0.49 -0.71
C LYS A 53 8.81 -0.86 -0.33
N ALA A 54 9.71 0.14 -0.26
CA ALA A 54 11.11 -0.11 0.06
C ALA A 54 11.23 -0.85 1.39
N ALA A 55 10.43 -0.47 2.40
CA ALA A 55 10.39 -1.20 3.65
C ALA A 55 9.81 -2.60 3.46
N LEU A 56 8.72 -2.75 2.70
CA LEU A 56 8.07 -4.02 2.41
C LEU A 56 9.08 -5.04 1.90
N ASP A 57 9.91 -4.65 0.93
CA ASP A 57 10.88 -5.53 0.28
C ASP A 57 12.06 -5.90 1.19
N ALA A 58 12.09 -5.39 2.43
CA ALA A 58 13.08 -5.67 3.47
C ALA A 58 12.42 -6.26 4.74
N VAL A 59 11.09 -6.41 4.76
CA VAL A 59 10.28 -6.84 5.90
C VAL A 59 9.14 -7.72 5.36
N GLU A 60 9.34 -8.45 4.25
CA GLU A 60 8.23 -9.14 3.59
C GLU A 60 7.88 -10.48 4.24
N GLY A 61 6.95 -11.22 3.64
CA GLY A 61 6.79 -12.67 3.68
C GLY A 61 6.40 -13.29 5.03
N GLY A 62 6.36 -12.51 6.10
CA GLY A 62 6.14 -12.98 7.45
C GLY A 62 7.16 -12.41 8.45
N SER A 63 7.88 -11.34 8.11
CA SER A 63 8.88 -10.70 8.97
C SER A 63 8.30 -10.01 10.24
N HIS A 64 7.21 -10.51 10.82
CA HIS A 64 6.44 -9.93 11.92
C HIS A 64 5.78 -8.61 11.49
N ASN A 65 6.58 -7.55 11.38
CA ASN A 65 6.15 -6.20 11.01
C ASN A 65 5.64 -6.15 9.57
N TYR A 66 5.75 -7.28 8.85
CA TYR A 66 5.21 -7.53 7.54
C TYR A 66 3.76 -7.08 7.45
N GLY A 67 2.92 -7.38 8.44
CA GLY A 67 1.52 -6.96 8.42
C GLY A 67 1.35 -5.44 8.45
N GLU A 68 2.20 -4.74 9.20
CA GLU A 68 2.11 -3.29 9.33
C GLU A 68 2.53 -2.65 8.01
N VAL A 69 3.73 -2.99 7.54
CA VAL A 69 4.32 -2.44 6.33
C VAL A 69 3.44 -2.75 5.11
N LYS A 70 2.83 -3.95 5.07
CA LYS A 70 1.92 -4.36 4.00
C LYS A 70 0.67 -3.50 4.01
N ALA A 71 -0.01 -3.40 5.16
CA ALA A 71 -1.25 -2.64 5.23
C ALA A 71 -1.00 -1.17 4.91
N ALA A 72 0.10 -0.62 5.42
CA ALA A 72 0.55 0.73 5.14
C ALA A 72 0.73 0.93 3.64
N TYR A 73 1.45 0.02 2.97
CA TYR A 73 1.68 0.11 1.53
C TYR A 73 0.35 0.12 0.77
N GLU A 74 -0.51 -0.89 0.97
CA GLU A 74 -1.74 -0.93 0.17
C GLU A 74 -2.60 0.31 0.43
N ALA A 75 -2.77 0.68 1.69
CA ALA A 75 -3.56 1.85 2.06
C ALA A 75 -3.05 3.08 1.30
N ALA A 76 -1.76 3.39 1.41
CA ALA A 76 -1.16 4.53 0.75
C ALA A 76 -1.22 4.43 -0.78
N PHE A 77 -1.03 3.24 -1.35
CA PHE A 77 -1.03 3.01 -2.79
C PHE A 77 -2.40 3.39 -3.36
N ASN A 78 -3.48 2.75 -2.88
CA ASN A 78 -4.81 3.04 -3.40
C ASN A 78 -5.16 4.47 -3.07
N ASN A 79 -4.74 4.96 -1.89
CA ASN A 79 -5.05 6.31 -1.44
C ASN A 79 -4.57 7.30 -2.49
N ALA A 80 -3.29 7.21 -2.86
CA ALA A 80 -2.62 8.12 -3.79
C ALA A 80 -3.22 7.95 -5.17
N PHE A 81 -3.35 6.71 -5.65
CA PHE A 81 -3.92 6.41 -6.95
C PHE A 81 -5.28 7.09 -7.08
N ASN A 82 -6.18 6.78 -6.15
CA ASN A 82 -7.50 7.35 -6.17
C ASN A 82 -7.45 8.87 -6.02
N ALA A 83 -6.58 9.40 -5.16
CA ALA A 83 -6.54 10.82 -4.86
C ALA A 83 -6.26 11.62 -6.12
N VAL A 84 -5.20 11.24 -6.83
CA VAL A 84 -4.80 11.81 -8.11
C VAL A 84 -5.96 11.62 -9.10
N ARG A 85 -6.39 10.36 -9.33
CA ARG A 85 -7.48 10.01 -10.26
C ARG A 85 -8.68 10.92 -10.05
N ASN A 86 -9.23 10.95 -8.83
CA ASN A 86 -10.39 11.74 -8.50
C ASN A 86 -10.11 13.20 -8.79
N LYS A 87 -9.06 13.80 -8.21
CA LYS A 87 -8.89 15.26 -8.32
C LYS A 87 -8.75 15.68 -9.78
N TYR A 88 -7.99 14.93 -10.58
CA TYR A 88 -7.80 15.22 -11.99
C TYR A 88 -9.14 15.10 -12.72
N VAL A 89 -9.89 14.00 -12.54
CA VAL A 89 -11.17 13.84 -13.23
C VAL A 89 -12.18 14.90 -12.78
N GLN A 90 -12.16 15.28 -11.50
CA GLN A 90 -12.99 16.32 -10.92
C GLN A 90 -12.72 17.65 -11.61
N ARG A 91 -11.45 18.06 -11.70
CA ARG A 91 -11.06 19.27 -12.40
C ARG A 91 -11.46 19.19 -13.88
N PHE A 92 -11.32 18.03 -14.52
CA PHE A 92 -11.76 17.81 -15.90
C PHE A 92 -13.28 17.97 -16.04
N GLN A 93 -14.10 17.19 -15.33
CA GLN A 93 -15.56 17.26 -15.45
C GLN A 93 -16.09 18.62 -15.05
N ALA A 94 -15.46 19.32 -14.11
CA ALA A 94 -15.85 20.67 -13.78
C ALA A 94 -15.69 21.58 -15.00
N THR A 95 -14.53 21.57 -15.66
CA THR A 95 -14.25 22.50 -16.77
C THR A 95 -14.85 21.99 -18.09
N TYR A 96 -15.68 20.95 -18.06
CA TYR A 96 -16.44 20.43 -19.18
C TYR A 96 -17.88 20.14 -18.78
N ASN A 97 -18.37 20.70 -17.66
CA ASN A 97 -19.72 20.38 -17.17
C ASN A 97 -20.78 20.78 -18.18
N ASN A 98 -20.45 21.73 -19.06
CA ASN A 98 -21.31 22.46 -19.98
C ASN A 98 -22.37 23.28 -19.22
N ALA A 99 -23.07 24.19 -19.91
CA ALA A 99 -24.13 25.11 -19.46
C ALA A 99 -23.83 26.04 -18.26
N THR A 100 -22.91 25.69 -17.38
CA THR A 100 -22.37 26.44 -16.26
C THR A 100 -20.84 26.32 -16.31
N GLU A 101 -20.31 25.18 -16.78
CA GLU A 101 -18.92 24.84 -16.61
C GLU A 101 -18.52 24.99 -15.13
N GLN A 102 -17.22 25.07 -14.83
CA GLN A 102 -16.74 25.30 -13.49
C GLN A 102 -17.13 26.69 -12.95
N GLU A 103 -17.79 27.54 -13.75
CA GLU A 103 -18.45 28.77 -13.34
C GLU A 103 -17.53 29.69 -12.50
N GLY A 104 -18.12 30.54 -11.65
CA GLY A 104 -17.43 31.28 -10.60
C GLY A 104 -17.59 30.61 -9.23
N LYS A 105 -18.12 29.38 -9.18
CA LYS A 105 -18.61 28.75 -7.95
C LYS A 105 -17.55 28.70 -6.85
N THR A 106 -17.83 29.27 -5.69
CA THR A 106 -16.90 29.27 -4.56
C THR A 106 -17.20 28.13 -3.55
N TYR A 107 -18.37 27.50 -3.63
CA TYR A 107 -18.99 26.78 -2.51
C TYR A 107 -19.19 25.29 -2.81
N ILE A 108 -18.38 24.74 -3.71
CA ILE A 108 -18.45 23.36 -4.20
C ILE A 108 -17.01 22.91 -4.33
N GLN A 109 -16.74 21.67 -3.93
CA GLN A 109 -15.39 21.12 -3.76
C GLN A 109 -15.13 19.88 -4.62
N GLY A 110 -15.91 19.77 -5.68
CA GLY A 110 -15.82 18.77 -6.74
C GLY A 110 -16.83 17.65 -6.57
N GLU A 111 -16.82 16.99 -5.41
CA GLU A 111 -17.68 15.90 -4.97
C GLU A 111 -17.58 14.61 -5.80
N THR A 112 -17.04 13.53 -5.22
CA THR A 112 -16.88 12.21 -5.81
C THR A 112 -17.24 11.09 -4.82
N PRO A 113 -17.52 9.86 -5.33
CA PRO A 113 -17.92 8.74 -4.49
C PRO A 113 -16.72 8.06 -3.82
N GLU A 114 -15.64 7.78 -4.55
CA GLU A 114 -14.44 7.18 -3.92
C GLU A 114 -13.80 8.16 -2.93
N GLN A 115 -14.17 9.45 -3.02
CA GLN A 115 -13.79 10.45 -2.05
C GLN A 115 -14.34 10.10 -0.66
N ALA A 116 -15.53 9.49 -0.57
CA ALA A 116 -16.09 8.93 0.65
C ALA A 116 -15.56 7.50 0.86
N ASN A 117 -15.60 6.67 -0.19
CA ASN A 117 -15.31 5.24 -0.07
C ASN A 117 -13.92 4.97 0.50
N ALA A 118 -12.91 5.65 -0.06
CA ALA A 118 -11.54 5.56 0.42
C ALA A 118 -11.28 6.45 1.66
N ARG A 119 -12.25 7.29 2.10
CA ARG A 119 -12.13 8.02 3.36
C ARG A 119 -12.30 7.05 4.52
N TYR A 120 -13.25 6.12 4.39
CA TYR A 120 -13.63 5.15 5.41
C TYR A 120 -12.49 4.20 5.83
N LEU A 121 -11.35 4.20 5.14
CA LEU A 121 -10.13 3.47 5.50
C LEU A 121 -8.85 4.31 5.31
N LYS A 122 -8.96 5.64 5.34
CA LYS A 122 -7.86 6.59 5.14
C LYS A 122 -6.82 6.63 6.28
N ARG A 123 -6.71 5.58 7.11
CA ARG A 123 -6.08 5.67 8.43
C ARG A 123 -5.51 4.32 8.89
N VAL A 124 -4.34 4.35 9.53
CA VAL A 124 -3.55 3.15 9.85
C VAL A 124 -2.85 3.28 11.23
N GLY A 125 -3.21 4.29 12.02
CA GLY A 125 -2.87 4.28 13.45
C GLY A 125 -3.58 3.11 14.13
N ALA A 126 -3.27 2.85 15.39
CA ALA A 126 -3.63 1.61 16.06
C ALA A 126 -3.11 0.39 15.27
N ALA A 127 -1.85 0.45 14.83
CA ALA A 127 -1.05 -0.70 14.49
C ALA A 127 0.26 -0.56 15.27
N ASN A 128 0.46 -1.37 16.31
CA ASN A 128 1.68 -1.45 17.12
C ASN A 128 1.67 -2.71 17.98
N ASN A 129 2.63 -3.62 17.80
CA ASN A 129 2.80 -4.82 18.63
C ASN A 129 4.21 -5.38 18.47
N GLN A 130 4.69 -6.17 19.44
CA GLN A 130 5.76 -7.15 19.34
C GLN A 130 5.50 -8.22 20.40
N ASN A 131 6.03 -9.44 20.19
CA ASN A 131 6.14 -10.47 21.23
C ASN A 131 7.15 -11.53 20.78
N PRO A 132 7.65 -12.41 21.67
CA PRO A 132 8.39 -13.61 21.26
C PRO A 132 7.44 -14.64 20.63
N ALA A 133 7.98 -15.54 19.80
CA ALA A 133 7.47 -16.87 19.44
C ALA A 133 8.35 -17.44 18.33
N ALA A 134 9.35 -18.26 18.63
CA ALA A 134 10.24 -18.88 17.64
C ALA A 134 10.79 -20.23 18.12
N GLU A 135 9.99 -21.04 18.81
CA GLU A 135 10.45 -22.13 19.66
C GLU A 135 10.83 -23.37 18.85
N ASP A 136 10.80 -23.24 17.52
CA ASP A 136 10.54 -24.32 16.60
C ASP A 136 11.37 -24.26 15.32
N LYS A 137 12.11 -23.18 15.18
CA LYS A 137 13.10 -22.98 14.12
C LYS A 137 14.23 -24.01 14.23
N GLY A 138 14.27 -24.77 15.32
CA GLY A 138 15.37 -25.69 15.57
C GLY A 138 15.20 -27.02 14.83
N ALA A 139 13.98 -27.51 14.67
CA ALA A 139 13.69 -28.93 14.50
C ALA A 139 12.60 -29.06 13.45
N THR A 140 12.85 -28.41 12.33
CA THR A 140 12.00 -28.22 11.18
C THR A 140 11.98 -29.53 10.36
N THR A 141 11.53 -30.62 11.00
CA THR A 141 11.48 -32.01 10.53
C THR A 141 12.79 -32.43 9.86
N PRO A 142 13.82 -32.88 10.62
CA PRO A 142 15.13 -33.20 10.09
C PRO A 142 15.06 -34.25 8.99
N ALA A 143 14.44 -35.40 9.27
CA ALA A 143 14.34 -36.54 8.36
C ALA A 143 15.72 -37.06 7.95
N SER A 144 16.62 -37.18 8.93
CA SER A 144 17.89 -37.90 8.77
C SER A 144 17.65 -39.28 8.15
N LYS A 145 18.41 -39.61 7.09
CA LYS A 145 18.41 -40.94 6.47
C LYS A 145 19.86 -41.40 6.37
N GLU A 146 20.49 -41.50 7.53
CA GLU A 146 21.89 -41.84 7.70
C GLU A 146 22.09 -43.33 8.06
N GLU A 147 20.99 -44.08 8.10
CA GLU A 147 20.98 -45.55 8.13
C GLU A 147 21.20 -46.03 6.68
N ALA A 148 22.21 -46.87 6.45
CA ALA A 148 22.35 -47.67 5.22
C ALA A 148 23.40 -48.77 5.38
N LYS A 149 24.67 -48.37 5.53
CA LYS A 149 25.85 -49.24 5.71
C LYS A 149 25.85 -50.48 4.79
N LYS A 150 25.93 -50.25 3.47
CA LYS A 150 26.06 -51.30 2.48
C LYS A 150 26.99 -50.80 1.39
N SER A 151 27.73 -51.72 0.77
CA SER A 151 28.40 -51.57 -0.50
C SER A 151 28.68 -53.00 -0.96
N GLU A 152 28.91 -53.17 -2.26
CA GLU A 152 29.20 -54.45 -2.91
C GLU A 152 30.20 -54.18 -4.04
N ALA A 153 30.71 -55.21 -4.71
CA ALA A 153 31.61 -55.10 -5.85
C ALA A 153 31.46 -56.34 -6.73
N ALA A 154 31.96 -56.30 -7.97
CA ALA A 154 31.96 -57.43 -8.89
C ALA A 154 33.26 -57.45 -9.69
N ALA A 155 33.67 -58.64 -10.13
CA ALA A 155 34.87 -58.87 -10.91
C ALA A 155 34.51 -59.37 -12.31
N LYS A 156 35.48 -59.41 -13.22
CA LYS A 156 35.37 -60.03 -14.52
C LYS A 156 36.79 -60.36 -14.96
N ASN A 157 37.05 -61.63 -15.27
CA ASN A 157 38.28 -62.12 -15.90
C ASN A 157 37.87 -63.30 -16.76
N ALA A 158 38.02 -63.20 -18.08
CA ALA A 158 37.76 -64.26 -19.05
C ALA A 158 38.53 -63.93 -20.33
N GLY A 159 38.60 -64.89 -21.27
CA GLY A 159 39.16 -64.70 -22.60
C GLY A 159 38.07 -64.88 -23.65
N LYS A 160 38.36 -64.50 -24.91
CA LYS A 160 37.43 -64.59 -26.03
C LYS A 160 38.29 -64.75 -27.28
N ALA A 161 37.92 -65.66 -28.19
CA ALA A 161 38.62 -65.89 -29.46
C ALA A 161 37.67 -65.66 -30.65
N ALA A 162 38.15 -65.90 -31.87
CA ALA A 162 37.39 -65.70 -33.10
C ALA A 162 37.64 -66.82 -34.10
N GLY A 163 38.81 -66.81 -34.72
CA GLY A 163 39.20 -67.75 -35.79
C GLY A 163 38.51 -67.38 -37.10
N LYS A 164 39.27 -66.90 -38.09
CA LYS A 164 38.78 -66.61 -39.45
C LYS A 164 40.00 -66.60 -40.38
N ALA A 165 39.77 -66.48 -41.69
CA ALA A 165 40.76 -66.64 -42.76
C ALA A 165 41.44 -68.02 -42.69
N LEU A 166 42.44 -68.22 -43.56
CA LEU A 166 43.33 -69.38 -43.60
C LEU A 166 44.64 -68.94 -44.28
N PRO A 167 45.79 -69.55 -43.97
CA PRO A 167 47.06 -69.23 -44.61
C PRO A 167 47.06 -69.74 -46.06
N LYS A 168 46.64 -68.91 -47.01
CA LYS A 168 46.72 -69.27 -48.42
C LYS A 168 48.19 -69.40 -48.80
N THR A 169 48.52 -70.47 -49.52
CA THR A 169 49.81 -70.71 -50.13
C THR A 169 49.56 -71.42 -51.45
N SER A 170 50.66 -71.71 -52.17
CA SER A 170 50.72 -72.56 -53.35
C SER A 170 49.61 -72.32 -54.38
N ALA A 171 49.30 -71.03 -54.67
CA ALA A 171 48.10 -70.63 -55.42
C ALA A 171 48.03 -71.07 -56.90
N VAL A 172 49.07 -71.72 -57.41
CA VAL A 172 49.33 -72.20 -58.76
C VAL A 172 49.00 -71.18 -59.89
N LYS A 173 48.88 -69.88 -59.58
CA LYS A 173 48.47 -68.82 -60.50
C LYS A 173 49.63 -68.45 -61.42
N HIS A 174 50.03 -69.38 -62.29
CA HIS A 174 50.84 -69.14 -63.47
C HIS A 174 50.01 -68.35 -64.50
N HIS A 175 50.63 -68.01 -65.63
CA HIS A 175 49.96 -67.68 -66.87
C HIS A 175 50.72 -68.46 -67.95
N HIS A 176 50.02 -68.94 -68.98
CA HIS A 176 50.59 -69.64 -70.13
C HIS A 176 49.60 -69.46 -71.28
N HIS A 177 50.09 -69.57 -72.51
CA HIS A 177 49.31 -69.36 -73.73
C HIS A 177 48.67 -67.96 -73.73
N HIS A 178 47.70 -67.74 -74.62
CA HIS A 178 47.09 -66.44 -74.89
C HIS A 178 48.14 -65.47 -75.47
N HIS A 179 47.78 -64.19 -75.54
CA HIS A 179 48.64 -63.05 -75.84
C HIS A 179 48.12 -61.87 -75.02
N MET A 1 -23.10 30.41 -44.14
CA MET A 1 -23.91 29.34 -44.70
C MET A 1 -23.87 28.11 -43.80
N ALA A 2 -22.72 27.88 -43.16
CA ALA A 2 -22.55 26.74 -42.26
C ALA A 2 -23.55 26.80 -41.12
N ASP A 3 -23.87 25.63 -40.56
CA ASP A 3 -24.80 25.54 -39.45
C ASP A 3 -24.07 25.30 -38.13
N GLU A 4 -23.35 24.19 -38.04
CA GLU A 4 -22.60 23.85 -36.84
C GLU A 4 -23.54 23.43 -35.72
N ALA A 5 -24.31 24.40 -35.20
CA ALA A 5 -25.26 24.13 -34.12
C ALA A 5 -24.55 23.53 -32.92
N THR A 6 -24.13 24.39 -31.99
CA THR A 6 -23.44 23.95 -30.79
C THR A 6 -23.94 24.70 -29.57
N ASP A 7 -24.69 24.01 -28.71
CA ASP A 7 -25.22 24.62 -27.50
C ASP A 7 -26.18 25.75 -27.84
N ALA A 8 -26.97 26.17 -26.85
CA ALA A 8 -27.93 27.25 -27.04
C ALA A 8 -28.52 27.71 -25.72
N ALA A 9 -27.72 27.62 -24.65
CA ALA A 9 -28.17 28.02 -23.32
C ALA A 9 -26.98 28.17 -22.38
N ARG A 10 -27.24 28.73 -21.20
CA ARG A 10 -26.20 28.94 -20.20
C ARG A 10 -26.76 28.81 -18.78
N ASN A 11 -27.71 27.89 -18.61
CA ASN A 11 -28.32 27.67 -17.31
C ASN A 11 -27.26 27.44 -16.23
N ASN A 12 -27.48 28.04 -15.06
CA ASN A 12 -26.55 27.90 -13.95
C ASN A 12 -26.72 26.56 -13.25
N ASP A 13 -25.62 25.87 -12.99
CA ASP A 13 -25.65 24.57 -12.32
C ASP A 13 -25.74 24.74 -10.82
N GLY A 14 -26.70 24.06 -10.20
CA GLY A 14 -26.88 24.16 -8.76
C GLY A 14 -27.43 22.88 -8.16
N ALA A 15 -26.62 21.82 -8.17
CA ALA A 15 -27.03 20.54 -7.63
C ALA A 15 -26.81 20.49 -6.12
N TYR A 16 -27.90 20.32 -5.38
CA TYR A 16 -27.84 20.26 -3.91
C TYR A 16 -26.73 19.33 -3.46
N TYR A 17 -26.99 18.03 -3.49
CA TYR A 17 -26.01 17.03 -3.08
C TYR A 17 -25.49 16.25 -4.28
N LEU A 18 -25.08 16.96 -5.31
CA LEU A 18 -24.57 16.33 -6.53
C LEU A 18 -23.50 17.21 -7.18
N GLN A 19 -23.66 18.52 -7.08
CA GLN A 19 -22.72 19.46 -7.68
C GLN A 19 -22.74 19.39 -9.18
N THR A 20 -23.56 18.48 -9.73
CA THR A 20 -23.66 18.31 -11.17
C THR A 20 -25.02 17.75 -11.55
N GLN A 21 -25.21 16.45 -11.30
CA GLN A 21 -26.46 15.77 -11.64
C GLN A 21 -26.42 14.31 -11.23
N PHE A 22 -25.48 13.96 -10.36
CA PHE A 22 -25.32 12.58 -9.90
C PHE A 22 -25.38 11.61 -11.07
N THR A 23 -24.94 12.05 -12.23
CA THR A 23 -24.96 11.23 -13.43
C THR A 23 -23.91 11.69 -14.44
N ASN A 24 -22.72 11.12 -14.36
CA ASN A 24 -21.64 11.48 -15.28
C ASN A 24 -20.38 10.67 -14.97
N ALA A 25 -20.29 9.49 -15.57
CA ALA A 25 -19.13 8.62 -15.36
C ALA A 25 -18.42 8.33 -16.68
N ASP A 26 -19.19 8.29 -17.77
CA ASP A 26 -18.62 8.02 -19.10
C ASP A 26 -17.47 8.98 -19.39
N LYS A 27 -17.64 10.24 -19.00
CA LYS A 27 -16.61 11.25 -19.22
C LYS A 27 -15.46 11.09 -18.23
N VAL A 28 -15.76 10.54 -17.05
CA VAL A 28 -14.75 10.32 -16.02
C VAL A 28 -13.85 9.16 -16.37
N ASN A 29 -14.45 7.98 -16.58
CA ASN A 29 -13.70 6.78 -16.91
C ASN A 29 -12.77 7.04 -18.08
N GLU A 30 -13.23 7.82 -19.05
CA GLU A 30 -12.43 8.15 -20.23
C GLU A 30 -11.12 8.81 -19.82
N TYR A 31 -11.18 9.66 -18.81
CA TYR A 31 -10.00 10.37 -18.32
C TYR A 31 -9.12 9.45 -17.49
N LEU A 32 -9.75 8.65 -16.63
CA LEU A 32 -9.03 7.72 -15.78
C LEU A 32 -8.31 6.66 -16.61
N ALA A 33 -8.94 6.24 -17.69
CA ALA A 33 -8.37 5.23 -18.57
C ALA A 33 -7.33 5.85 -19.51
N GLN A 34 -7.67 7.00 -20.08
CA GLN A 34 -6.76 7.69 -20.99
C GLN A 34 -5.51 8.16 -20.27
N HIS A 35 -5.68 8.71 -19.07
CA HIS A 35 -4.57 9.20 -18.27
C HIS A 35 -4.17 8.18 -17.22
N ASP A 36 -4.48 6.91 -17.47
CA ASP A 36 -4.15 5.84 -16.54
C ASP A 36 -2.66 5.81 -16.25
N GLY A 37 -1.86 6.13 -17.26
CA GLY A 37 -0.41 6.13 -17.10
C GLY A 37 0.06 7.24 -16.17
N GLU A 38 -0.42 8.46 -16.42
CA GLU A 38 -0.03 9.61 -15.61
C GLU A 38 -0.45 9.41 -14.17
N ILE A 39 -1.67 8.93 -13.96
CA ILE A 39 -2.19 8.71 -12.61
C ILE A 39 -1.39 7.62 -11.91
N ARG A 40 -1.17 6.51 -12.61
CA ARG A 40 -0.42 5.39 -12.03
C ARG A 40 0.97 5.83 -11.59
N ALA A 41 1.71 6.46 -12.51
CA ALA A 41 3.05 6.94 -12.21
C ALA A 41 3.04 7.90 -11.03
N GLU A 42 2.16 8.89 -11.08
CA GLU A 42 2.05 9.88 -10.02
C GLU A 42 1.88 9.21 -8.67
N ALA A 43 0.92 8.28 -8.59
CA ALA A 43 0.67 7.56 -7.35
C ALA A 43 1.85 6.67 -6.96
N ALA A 44 2.57 6.18 -7.97
CA ALA A 44 3.73 5.33 -7.74
C ALA A 44 4.93 6.15 -7.24
N ALA A 45 4.93 7.43 -7.58
CA ALA A 45 6.02 8.32 -7.17
C ALA A 45 5.67 9.07 -5.89
N ASP A 46 4.79 8.49 -5.10
CA ASP A 46 4.36 9.09 -3.84
C ASP A 46 5.28 8.67 -2.70
N PRO A 47 5.26 9.45 -1.61
CA PRO A 47 6.08 9.17 -0.43
C PRO A 47 5.62 7.93 0.32
N ALA A 48 4.31 7.71 0.35
CA ALA A 48 3.73 6.55 1.02
C ALA A 48 4.04 5.27 0.26
N VAL A 49 4.01 5.35 -1.06
CA VAL A 49 4.28 4.20 -1.90
C VAL A 49 5.76 3.82 -1.88
N VAL A 50 6.61 4.83 -2.05
CA VAL A 50 8.06 4.61 -2.05
C VAL A 50 8.54 4.14 -0.69
N ALA A 51 7.99 4.73 0.37
CA ALA A 51 8.37 4.37 1.73
C ALA A 51 7.87 2.97 2.07
N ALA A 52 6.59 2.73 1.86
CA ALA A 52 6.00 1.44 2.15
C ALA A 52 6.71 0.31 1.41
N LYS A 53 6.99 0.54 0.13
CA LYS A 53 7.68 -0.44 -0.69
C LYS A 53 9.10 -0.67 -0.18
N ALA A 54 9.86 0.40 -0.02
CA ALA A 54 11.23 0.32 0.46
C ALA A 54 11.31 -0.49 1.75
N ALA A 55 10.36 -0.26 2.65
CA ALA A 55 10.32 -0.98 3.92
C ALA A 55 9.85 -2.42 3.72
N LEU A 56 8.78 -2.60 2.96
CA LEU A 56 8.24 -3.92 2.69
C LEU A 56 9.28 -4.82 2.03
N ASP A 57 10.24 -4.20 1.36
CA ASP A 57 11.32 -4.93 0.69
C ASP A 57 12.38 -5.38 1.69
N ALA A 58 12.17 -5.05 2.96
CA ALA A 58 13.13 -5.41 4.00
C ALA A 58 12.45 -6.26 5.07
N VAL A 59 11.14 -6.13 5.21
CA VAL A 59 10.37 -6.88 6.19
C VAL A 59 9.41 -7.85 5.52
N GLU A 60 9.77 -8.30 4.32
CA GLU A 60 8.94 -9.25 3.58
C GLU A 60 9.02 -10.63 4.19
N GLY A 61 8.17 -11.54 3.71
CA GLY A 61 8.16 -12.89 4.21
C GLY A 61 7.24 -13.05 5.41
N GLY A 62 6.67 -11.95 5.87
CA GLY A 62 5.78 -12.00 7.01
C GLY A 62 6.45 -11.53 8.28
N SER A 63 7.49 -10.72 8.14
CA SER A 63 8.22 -10.20 9.29
C SER A 63 7.27 -9.56 10.29
N HIS A 64 7.80 -9.25 11.48
CA HIS A 64 6.99 -8.63 12.52
C HIS A 64 6.45 -7.28 12.08
N ASN A 65 7.12 -6.67 11.11
CA ASN A 65 6.71 -5.37 10.59
C ASN A 65 6.01 -5.53 9.24
N TYR A 66 6.00 -6.75 8.72
CA TYR A 66 5.36 -7.04 7.43
C TYR A 66 3.93 -6.50 7.40
N GLY A 67 3.19 -6.73 8.49
CA GLY A 67 1.82 -6.27 8.57
C GLY A 67 1.71 -4.75 8.43
N GLU A 68 2.66 -4.04 9.03
CA GLU A 68 2.67 -2.58 8.98
C GLU A 68 2.97 -2.09 7.56
N VAL A 69 4.06 -2.58 6.98
CA VAL A 69 4.44 -2.19 5.63
C VAL A 69 3.39 -2.61 4.61
N LYS A 70 2.77 -3.76 4.85
CA LYS A 70 1.75 -4.28 3.95
C LYS A 70 0.51 -3.39 3.97
N ALA A 71 -0.02 -3.15 5.18
CA ALA A 71 -1.20 -2.33 5.34
C ALA A 71 -0.97 -0.93 4.77
N ALA A 72 0.19 -0.36 5.07
CA ALA A 72 0.54 0.97 4.58
C ALA A 72 0.75 0.97 3.07
N TYR A 73 1.39 -0.07 2.56
CA TYR A 73 1.65 -0.20 1.14
C TYR A 73 0.35 -0.23 0.35
N GLU A 74 -0.53 -1.16 0.70
CA GLU A 74 -1.81 -1.30 0.02
C GLU A 74 -2.67 -0.05 0.23
N ALA A 75 -2.89 0.31 1.49
CA ALA A 75 -3.70 1.48 1.81
C ALA A 75 -3.24 2.69 1.03
N ALA A 76 -1.94 2.95 1.06
CA ALA A 76 -1.37 4.09 0.35
C ALA A 76 -1.47 3.90 -1.16
N PHE A 77 -1.39 2.66 -1.62
CA PHE A 77 -1.48 2.34 -3.04
C PHE A 77 -2.81 2.81 -3.61
N ASN A 78 -3.90 2.30 -3.07
CA ASN A 78 -5.23 2.67 -3.54
C ASN A 78 -5.55 4.12 -3.19
N ASN A 79 -5.11 4.56 -2.01
CA ASN A 79 -5.34 5.92 -1.57
C ASN A 79 -4.75 6.92 -2.56
N ALA A 80 -3.49 6.71 -2.94
CA ALA A 80 -2.81 7.59 -3.88
C ALA A 80 -3.42 7.48 -5.27
N PHE A 81 -3.70 6.25 -5.69
CA PHE A 81 -4.29 6.00 -7.01
C PHE A 81 -5.64 6.71 -7.14
N ASN A 82 -6.53 6.45 -6.18
CA ASN A 82 -7.86 7.05 -6.18
C ASN A 82 -7.77 8.56 -6.01
N ALA A 83 -6.81 9.01 -5.20
CA ALA A 83 -6.63 10.43 -4.95
C ALA A 83 -6.15 11.15 -6.20
N VAL A 84 -5.16 10.57 -6.87
CA VAL A 84 -4.62 11.15 -8.10
C VAL A 84 -5.66 11.20 -9.19
N ARG A 85 -6.33 10.07 -9.41
CA ARG A 85 -7.35 9.97 -10.44
C ARG A 85 -8.52 10.91 -10.13
N ASN A 86 -8.79 11.10 -8.84
CA ASN A 86 -9.89 11.95 -8.41
C ASN A 86 -9.57 13.42 -8.71
N LYS A 87 -8.37 13.85 -8.36
CA LYS A 87 -7.95 15.23 -8.60
C LYS A 87 -7.88 15.52 -10.10
N TYR A 88 -7.31 14.59 -10.85
CA TYR A 88 -7.18 14.75 -12.30
C TYR A 88 -8.55 14.86 -12.96
N VAL A 89 -9.39 13.87 -12.73
CA VAL A 89 -10.73 13.87 -13.32
C VAL A 89 -11.54 15.06 -12.83
N GLN A 90 -11.27 15.49 -11.60
CA GLN A 90 -11.98 16.62 -11.01
C GLN A 90 -11.68 17.91 -11.78
N ARG A 91 -10.41 18.20 -11.97
CA ARG A 91 -10.00 19.40 -12.69
C ARG A 91 -10.40 19.32 -14.16
N PHE A 92 -10.39 18.10 -14.70
CA PHE A 92 -10.75 17.88 -16.10
C PHE A 92 -12.21 18.25 -16.35
N GLN A 93 -13.10 17.64 -15.58
CA GLN A 93 -14.54 17.90 -15.71
C GLN A 93 -14.89 19.29 -15.21
N ALA A 94 -14.07 19.81 -14.29
CA ALA A 94 -14.29 21.14 -13.73
C ALA A 94 -14.16 22.22 -14.79
N THR A 95 -13.58 21.86 -15.93
CA THR A 95 -13.40 22.79 -17.04
C THR A 95 -14.04 22.27 -18.31
N TYR A 96 -14.69 21.11 -18.22
CA TYR A 96 -15.34 20.51 -19.37
C TYR A 96 -16.84 20.39 -19.15
N ASN A 97 -17.36 21.15 -18.19
CA ASN A 97 -18.79 21.13 -17.88
C ASN A 97 -19.56 22.02 -18.83
N ASN A 98 -18.89 23.02 -19.38
CA ASN A 98 -19.54 23.95 -20.31
C ASN A 98 -20.62 24.75 -19.62
N ALA A 99 -20.87 25.96 -20.12
CA ALA A 99 -21.89 26.83 -19.56
C ALA A 99 -21.58 27.19 -18.11
N THR A 100 -20.33 26.99 -17.71
CA THR A 100 -19.90 27.30 -16.35
C THR A 100 -20.81 26.64 -15.32
N GLU A 101 -20.48 25.41 -14.94
CA GLU A 101 -21.28 24.68 -13.97
C GLU A 101 -20.52 24.50 -12.67
N GLN A 102 -19.29 24.00 -12.77
CA GLN A 102 -18.45 23.77 -11.60
C GLN A 102 -17.18 24.62 -11.67
N GLU A 103 -17.26 25.73 -12.40
CA GLU A 103 -16.12 26.63 -12.54
C GLU A 103 -15.96 27.52 -11.32
N GLY A 104 -14.98 28.42 -11.36
CA GLY A 104 -14.74 29.32 -10.25
C GLY A 104 -14.05 28.64 -9.09
N LYS A 105 -13.42 27.50 -9.36
CA LYS A 105 -12.70 26.75 -8.33
C LYS A 105 -11.57 25.93 -8.95
N THR A 106 -10.38 26.53 -9.01
CA THR A 106 -9.22 25.86 -9.57
C THR A 106 -8.18 25.58 -8.50
N TYR A 107 -8.60 25.60 -7.24
CA TYR A 107 -7.71 25.35 -6.11
C TYR A 107 -8.49 24.98 -4.86
N ILE A 108 -9.53 24.17 -5.03
CA ILE A 108 -10.36 23.75 -3.91
C ILE A 108 -10.70 22.27 -4.00
N GLN A 109 -10.84 21.62 -2.85
CA GLN A 109 -11.17 20.20 -2.82
C GLN A 109 -12.66 19.99 -2.52
N GLY A 110 -13.46 19.97 -3.57
CA GLY A 110 -14.89 19.77 -3.41
C GLY A 110 -15.22 18.42 -2.81
N GLU A 111 -15.67 17.50 -3.65
CA GLU A 111 -16.04 16.16 -3.19
C GLU A 111 -16.48 15.29 -4.35
N THR A 112 -15.97 14.07 -4.41
CA THR A 112 -16.33 13.13 -5.47
C THR A 112 -17.05 11.92 -4.93
N PRO A 113 -17.77 11.20 -5.79
CA PRO A 113 -18.52 10.01 -5.42
C PRO A 113 -17.60 8.84 -5.08
N GLU A 114 -16.41 8.83 -5.67
CA GLU A 114 -15.45 7.77 -5.43
C GLU A 114 -14.59 8.08 -4.20
N GLN A 115 -14.43 9.37 -3.90
CA GLN A 115 -13.64 9.80 -2.75
C GLN A 115 -14.10 9.10 -1.48
N ALA A 116 -15.41 9.10 -1.24
CA ALA A 116 -15.97 8.47 -0.05
C ALA A 116 -15.50 7.02 0.07
N ASN A 117 -15.25 6.38 -1.07
CA ASN A 117 -14.79 4.99 -1.09
C ASN A 117 -13.34 4.90 -0.65
N ALA A 118 -12.52 5.85 -1.10
CA ALA A 118 -11.10 5.87 -0.74
C ALA A 118 -10.91 6.33 0.69
N ARG A 119 -11.82 7.17 1.18
CA ARG A 119 -11.74 7.67 2.55
C ARG A 119 -11.77 6.53 3.55
N TYR A 120 -12.41 5.43 3.18
CA TYR A 120 -12.50 4.26 4.05
C TYR A 120 -11.12 3.84 4.55
N LEU A 121 -10.10 4.10 3.75
CA LEU A 121 -8.72 3.76 4.11
C LEU A 121 -7.83 4.99 4.07
N LYS A 122 -7.47 5.49 5.25
CA LYS A 122 -6.61 6.66 5.36
C LYS A 122 -5.40 6.37 6.24
N ARG A 123 -4.63 5.35 5.89
CA ARG A 123 -3.46 4.97 6.65
C ARG A 123 -2.20 5.54 6.01
N VAL A 124 -1.50 6.40 6.76
CA VAL A 124 -0.28 7.03 6.27
C VAL A 124 0.77 7.15 7.38
N GLY A 125 0.67 6.26 8.38
CA GLY A 125 1.60 6.30 9.49
C GLY A 125 2.73 5.29 9.33
N ALA A 126 3.65 5.58 8.43
CA ALA A 126 4.78 4.70 8.18
C ALA A 126 6.09 5.49 8.14
N ALA A 127 6.05 6.65 7.49
CA ALA A 127 7.23 7.49 7.37
C ALA A 127 8.35 6.79 6.60
N ASN A 128 9.47 7.49 6.42
CA ASN A 128 10.60 6.92 5.70
C ASN A 128 11.92 7.39 6.31
N ASN A 129 12.94 6.52 6.26
CA ASN A 129 14.25 6.85 6.79
C ASN A 129 15.34 6.02 6.13
N GLN A 130 15.49 6.21 4.82
CA GLN A 130 16.50 5.48 4.06
C GLN A 130 16.74 6.14 2.71
N ASN A 131 17.91 5.92 2.14
CA ASN A 131 18.26 6.47 0.83
C ASN A 131 18.71 5.38 -0.13
N PRO A 132 18.66 5.68 -1.44
CA PRO A 132 19.04 4.73 -2.49
C PRO A 132 20.54 4.47 -2.50
N ALA A 133 20.97 3.59 -3.41
CA ALA A 133 22.39 3.25 -3.52
C ALA A 133 22.61 2.23 -4.61
N ALA A 134 22.80 2.72 -5.84
CA ALA A 134 23.04 1.84 -6.98
C ALA A 134 23.54 2.64 -8.19
N GLU A 135 23.58 1.99 -9.34
CA GLU A 135 24.03 2.63 -10.57
C GLU A 135 25.51 2.98 -10.49
N ASP A 136 26.30 2.44 -11.40
CA ASP A 136 27.74 2.69 -11.44
C ASP A 136 28.06 3.83 -12.40
N LYS A 137 27.09 4.70 -12.65
CA LYS A 137 27.28 5.82 -13.56
C LYS A 137 28.07 5.42 -14.79
N GLY A 138 27.83 4.21 -15.26
CA GLY A 138 28.57 3.71 -16.43
C GLY A 138 30.05 3.78 -16.26
N ALA A 139 30.56 3.09 -15.23
CA ALA A 139 31.99 3.08 -14.96
C ALA A 139 32.47 1.68 -14.62
N THR A 140 32.14 0.72 -15.48
CA THR A 140 32.54 -0.67 -15.28
C THR A 140 34.03 -0.87 -15.55
N THR A 141 34.87 -0.38 -14.64
CA THR A 141 36.30 -0.51 -14.79
C THR A 141 36.73 -0.28 -16.24
N PRO A 142 36.97 0.97 -16.63
CA PRO A 142 37.38 1.32 -17.99
C PRO A 142 38.79 0.85 -18.30
N ALA A 143 39.44 0.22 -17.32
CA ALA A 143 40.80 -0.27 -17.49
C ALA A 143 41.70 0.80 -18.08
N SER A 144 41.34 2.06 -17.84
CA SER A 144 42.13 3.17 -18.40
C SER A 144 42.58 4.10 -17.28
N LYS A 145 43.76 3.82 -16.73
CA LYS A 145 44.31 4.63 -15.65
C LYS A 145 45.82 4.42 -15.53
N GLU A 146 46.47 4.14 -16.66
CA GLU A 146 47.91 3.92 -16.68
C GLU A 146 48.62 5.11 -17.31
N GLU A 147 49.93 4.95 -17.57
CA GLU A 147 50.73 6.00 -18.17
C GLU A 147 51.96 5.41 -18.86
N ALA A 148 52.24 5.91 -20.06
CA ALA A 148 53.40 5.45 -20.83
C ALA A 148 53.58 6.28 -22.10
N LYS A 149 54.32 7.39 -21.97
CA LYS A 149 54.57 8.26 -23.11
C LYS A 149 56.06 8.54 -23.25
N LYS A 150 56.63 8.11 -24.37
CA LYS A 150 58.06 8.32 -24.63
C LYS A 150 58.33 8.34 -26.13
N SER A 151 59.20 9.25 -26.56
CA SER A 151 59.55 9.36 -27.97
C SER A 151 60.59 10.46 -28.18
N GLU A 152 61.72 10.09 -28.78
CA GLU A 152 62.79 11.04 -29.04
C GLU A 152 63.56 10.65 -30.30
N ALA A 153 63.98 11.67 -31.05
CA ALA A 153 64.73 11.44 -32.29
C ALA A 153 65.69 12.59 -32.56
N ALA A 154 66.91 12.24 -32.96
CA ALA A 154 67.94 13.24 -33.26
C ALA A 154 68.14 13.38 -34.76
N ALA A 155 67.76 14.53 -35.30
CA ALA A 155 67.91 14.79 -36.73
C ALA A 155 68.45 16.19 -36.97
N LYS A 156 69.74 16.39 -36.70
CA LYS A 156 70.38 17.70 -36.90
C LYS A 156 71.89 17.55 -36.93
N ASN A 157 72.42 17.23 -38.11
CA ASN A 157 73.86 17.08 -38.27
C ASN A 157 74.51 18.38 -38.70
N ALA A 158 73.74 19.21 -39.41
CA ALA A 158 74.25 20.50 -39.89
C ALA A 158 75.47 20.32 -40.77
N GLY A 159 76.06 21.44 -41.19
CA GLY A 159 77.24 21.37 -42.04
C GLY A 159 77.99 22.69 -42.07
N LYS A 160 79.30 22.62 -42.21
CA LYS A 160 80.15 23.81 -42.26
C LYS A 160 80.80 23.96 -43.63
N ALA A 161 80.33 24.94 -44.39
CA ALA A 161 80.87 25.20 -45.72
C ALA A 161 81.69 26.48 -45.74
N ALA A 162 82.84 26.43 -46.41
CA ALA A 162 83.71 27.59 -46.51
C ALA A 162 84.29 27.72 -47.91
N GLY A 163 84.86 28.89 -48.21
CA GLY A 163 85.43 29.13 -49.52
C GLY A 163 86.90 28.78 -49.58
N LYS A 164 87.55 29.10 -50.69
CA LYS A 164 88.97 28.82 -50.87
C LYS A 164 89.83 29.92 -50.27
N ALA A 165 91.05 29.57 -49.89
CA ALA A 165 91.97 30.54 -49.30
C ALA A 165 93.37 30.39 -49.89
N LEU A 166 93.88 31.46 -50.48
CA LEU A 166 95.21 31.45 -51.08
C LEU A 166 95.86 32.83 -51.00
N PRO A 167 97.19 32.86 -51.02
CA PRO A 167 97.96 34.12 -50.97
C PRO A 167 97.83 34.93 -52.26
N LYS A 168 97.03 35.99 -52.20
CA LYS A 168 96.83 36.85 -53.36
C LYS A 168 97.69 38.10 -53.27
N THR A 169 98.62 38.25 -54.22
CA THR A 169 99.51 39.40 -54.24
C THR A 169 98.98 40.48 -55.17
N SER A 170 98.70 41.66 -54.61
CA SER A 170 98.19 42.77 -55.39
C SER A 170 98.98 44.05 -55.10
N ALA A 171 99.78 44.47 -56.08
CA ALA A 171 100.59 45.67 -55.93
C ALA A 171 100.67 46.45 -57.24
N VAL A 172 99.61 46.35 -58.05
CA VAL A 172 99.55 47.05 -59.34
C VAL A 172 98.79 48.36 -59.21
N LYS A 173 99.36 49.43 -59.76
CA LYS A 173 98.73 50.74 -59.73
C LYS A 173 98.92 51.47 -61.05
N HIS A 174 98.14 52.52 -61.26
CA HIS A 174 98.22 53.31 -62.48
C HIS A 174 98.83 54.68 -62.22
N HIS A 175 100.08 54.68 -61.76
CA HIS A 175 100.77 55.94 -61.46
C HIS A 175 101.71 56.32 -62.59
N HIS A 176 101.14 56.85 -63.67
CA HIS A 176 101.93 57.26 -64.83
C HIS A 176 101.38 58.55 -65.43
N HIS A 177 102.22 59.58 -65.48
CA HIS A 177 101.81 60.87 -66.04
C HIS A 177 103.02 61.78 -66.25
N HIS A 178 103.76 62.01 -65.17
CA HIS A 178 104.95 62.86 -65.23
C HIS A 178 106.22 62.04 -65.07
N HIS A 179 107.33 62.55 -65.60
CA HIS A 179 108.61 61.86 -65.53
C HIS A 179 109.71 62.82 -65.08
N MET A 1 -34.02 -18.28 -15.35
CA MET A 1 -33.67 -19.09 -16.53
C MET A 1 -34.50 -18.54 -17.67
N ALA A 2 -33.88 -17.87 -18.65
CA ALA A 2 -34.31 -16.56 -19.12
C ALA A 2 -34.31 -15.57 -17.94
N ASP A 3 -34.30 -14.27 -18.25
CA ASP A 3 -33.56 -13.33 -17.43
C ASP A 3 -34.34 -12.02 -17.37
N GLU A 4 -34.42 -11.45 -16.18
CA GLU A 4 -35.59 -10.68 -15.76
C GLU A 4 -35.58 -9.20 -16.17
N ALA A 5 -34.44 -8.66 -16.62
CA ALA A 5 -34.34 -7.25 -17.01
C ALA A 5 -34.69 -7.00 -18.48
N THR A 6 -34.57 -8.02 -19.33
CA THR A 6 -34.98 -8.04 -20.74
C THR A 6 -34.49 -6.85 -21.62
N ASP A 7 -33.43 -6.13 -21.24
CA ASP A 7 -32.93 -5.03 -22.09
C ASP A 7 -32.28 -5.57 -23.36
N ALA A 8 -32.91 -5.25 -24.50
CA ALA A 8 -32.28 -5.28 -25.81
C ALA A 8 -32.60 -3.99 -26.59
N ALA A 9 -33.26 -3.00 -25.99
CA ALA A 9 -33.97 -1.96 -26.73
C ALA A 9 -33.12 -0.70 -26.75
N ARG A 10 -33.14 0.02 -27.87
CA ARG A 10 -32.53 1.34 -27.99
C ARG A 10 -33.58 2.18 -28.69
N ASN A 11 -34.32 2.95 -27.89
CA ASN A 11 -35.46 3.72 -28.34
C ASN A 11 -34.99 5.14 -28.67
N ASN A 12 -35.94 6.04 -28.95
CA ASN A 12 -35.71 7.46 -28.75
C ASN A 12 -35.46 7.71 -27.26
N ASP A 13 -34.66 8.72 -26.93
CA ASP A 13 -34.14 9.00 -25.58
C ASP A 13 -34.71 10.35 -25.10
N GLY A 14 -34.21 10.90 -23.99
CA GLY A 14 -34.57 12.21 -23.49
C GLY A 14 -33.60 12.76 -22.44
N ALA A 15 -32.42 12.16 -22.28
CA ALA A 15 -31.63 12.36 -21.08
C ALA A 15 -31.03 13.76 -21.08
N TYR A 16 -31.42 14.59 -20.15
CA TYR A 16 -31.25 16.02 -20.19
C TYR A 16 -29.82 16.47 -20.24
N TYR A 17 -29.59 17.21 -21.29
CA TYR A 17 -28.33 17.79 -21.76
C TYR A 17 -27.34 16.71 -22.18
N LEU A 18 -27.80 15.46 -22.19
CA LEU A 18 -27.04 14.33 -22.62
C LEU A 18 -27.57 13.94 -23.99
N GLN A 19 -28.89 14.10 -24.22
CA GLN A 19 -29.68 13.60 -25.32
C GLN A 19 -29.73 12.08 -25.35
N THR A 20 -28.98 11.44 -24.45
CA THR A 20 -28.78 10.02 -24.25
C THR A 20 -27.71 9.80 -23.17
N GLN A 21 -26.42 9.79 -23.52
CA GLN A 21 -25.33 9.46 -22.61
C GLN A 21 -24.13 10.41 -22.73
N PHE A 22 -24.27 11.55 -23.42
CA PHE A 22 -23.20 12.52 -23.46
C PHE A 22 -22.94 13.04 -22.05
N THR A 23 -21.74 13.56 -21.81
CA THR A 23 -21.30 14.15 -20.55
C THR A 23 -21.71 13.29 -19.33
N ASN A 24 -21.14 12.09 -19.24
CA ASN A 24 -21.50 11.06 -18.27
C ASN A 24 -20.30 10.33 -17.71
N ALA A 25 -20.57 9.27 -16.93
CA ALA A 25 -19.52 8.51 -16.30
C ALA A 25 -18.62 7.79 -17.30
N ASP A 26 -19.09 7.50 -18.52
CA ASP A 26 -18.16 7.13 -19.58
C ASP A 26 -17.12 8.23 -19.75
N LYS A 27 -17.53 9.51 -19.82
CA LYS A 27 -16.50 10.50 -20.15
C LYS A 27 -15.57 10.75 -18.95
N VAL A 28 -15.86 10.18 -17.79
CA VAL A 28 -14.88 10.01 -16.74
C VAL A 28 -13.97 8.84 -17.09
N ASN A 29 -14.52 7.62 -17.17
CA ASN A 29 -13.74 6.40 -17.25
C ASN A 29 -12.79 6.39 -18.45
N GLU A 30 -13.15 7.11 -19.51
CA GLU A 30 -12.33 7.47 -20.64
C GLU A 30 -10.97 7.97 -20.15
N TYR A 31 -10.94 9.16 -19.55
CA TYR A 31 -9.72 9.83 -19.14
C TYR A 31 -9.03 9.07 -18.00
N LEU A 32 -9.80 8.37 -17.14
CA LEU A 32 -9.24 7.51 -16.09
C LEU A 32 -8.47 6.33 -16.69
N ALA A 33 -8.86 5.84 -17.88
CA ALA A 33 -8.16 4.78 -18.58
C ALA A 33 -7.03 5.33 -19.43
N GLN A 34 -7.28 6.40 -20.21
CA GLN A 34 -6.30 7.00 -21.10
C GLN A 34 -5.06 7.43 -20.33
N HIS A 35 -5.24 8.11 -19.20
CA HIS A 35 -4.14 8.62 -18.40
C HIS A 35 -3.73 7.63 -17.30
N ASP A 36 -4.13 6.35 -17.36
CA ASP A 36 -3.79 5.41 -16.29
C ASP A 36 -2.29 5.32 -15.98
N GLY A 37 -1.43 5.61 -16.95
CA GLY A 37 0.01 5.75 -16.76
C GLY A 37 0.32 6.87 -15.77
N GLU A 38 -0.23 8.07 -15.99
CA GLU A 38 -0.07 9.23 -15.12
C GLU A 38 -0.58 8.87 -13.73
N ILE A 39 -1.81 8.35 -13.64
CA ILE A 39 -2.41 8.05 -12.34
C ILE A 39 -1.54 7.04 -11.59
N ARG A 40 -1.19 5.92 -12.24
CA ARG A 40 -0.43 4.87 -11.59
C ARG A 40 0.96 5.38 -11.21
N ALA A 41 1.61 6.16 -12.07
CA ALA A 41 2.95 6.66 -11.83
C ALA A 41 2.95 7.71 -10.73
N GLU A 42 1.99 8.64 -10.70
CA GLU A 42 1.90 9.69 -9.69
C GLU A 42 1.59 9.07 -8.32
N ALA A 43 0.82 7.99 -8.30
CA ALA A 43 0.63 7.18 -7.10
C ALA A 43 1.93 6.48 -6.71
N ALA A 44 2.53 5.76 -7.65
CA ALA A 44 3.69 4.91 -7.39
C ALA A 44 4.90 5.71 -6.92
N ALA A 45 5.07 6.94 -7.43
CA ALA A 45 6.24 7.77 -7.19
C ALA A 45 6.23 8.43 -5.81
N ASP A 46 5.04 8.61 -5.21
CA ASP A 46 4.90 9.60 -4.13
C ASP A 46 5.79 9.14 -2.95
N PRO A 47 6.40 10.06 -2.20
CA PRO A 47 7.35 9.75 -1.13
C PRO A 47 6.78 8.77 -0.11
N ALA A 48 5.49 8.88 0.20
CA ALA A 48 4.81 8.06 1.18
C ALA A 48 4.65 6.63 0.68
N VAL A 49 4.24 6.44 -0.58
CA VAL A 49 4.19 5.15 -1.24
C VAL A 49 5.59 4.57 -1.31
N VAL A 50 6.57 5.28 -1.89
CA VAL A 50 7.87 4.65 -2.13
C VAL A 50 8.54 4.25 -0.82
N ALA A 51 8.38 5.06 0.22
CA ALA A 51 8.82 4.72 1.56
C ALA A 51 8.16 3.43 2.03
N ALA A 52 6.82 3.42 2.08
CA ALA A 52 6.05 2.28 2.57
C ALA A 52 6.40 0.99 1.80
N LYS A 53 6.37 1.08 0.47
CA LYS A 53 6.75 0.04 -0.48
C LYS A 53 8.16 -0.45 -0.20
N ALA A 54 9.17 0.42 -0.15
CA ALA A 54 10.56 -0.02 -0.03
C ALA A 54 10.78 -0.77 1.28
N ALA A 55 10.23 -0.26 2.39
CA ALA A 55 10.30 -0.93 3.68
C ALA A 55 9.63 -2.31 3.63
N LEU A 56 8.48 -2.39 2.94
CA LEU A 56 7.75 -3.64 2.73
C LEU A 56 8.59 -4.63 1.92
N ASP A 57 9.20 -4.17 0.84
CA ASP A 57 10.07 -4.96 -0.04
C ASP A 57 11.40 -5.35 0.63
N ALA A 58 11.57 -4.99 1.90
CA ALA A 58 12.70 -5.33 2.77
C ALA A 58 12.27 -6.09 4.02
N VAL A 59 11.00 -6.49 4.13
CA VAL A 59 10.48 -7.33 5.22
C VAL A 59 9.40 -8.30 4.69
N GLU A 60 9.38 -8.47 3.38
CA GLU A 60 8.35 -9.19 2.65
C GLU A 60 8.20 -10.62 3.18
N GLY A 61 7.13 -11.31 2.82
CA GLY A 61 7.02 -12.74 3.04
C GLY A 61 6.58 -13.08 4.46
N GLY A 62 5.99 -12.11 5.15
CA GLY A 62 5.37 -12.35 6.45
C GLY A 62 6.34 -12.22 7.63
N SER A 63 7.52 -11.62 7.43
CA SER A 63 8.43 -11.27 8.52
C SER A 63 7.79 -10.27 9.49
N HIS A 64 7.01 -10.75 10.46
CA HIS A 64 6.40 -10.04 11.61
C HIS A 64 5.78 -8.69 11.24
N ASN A 65 6.60 -7.63 11.22
CA ASN A 65 6.24 -6.26 10.82
C ASN A 65 5.58 -6.24 9.45
N TYR A 66 5.73 -7.30 8.65
CA TYR A 66 5.12 -7.46 7.35
C TYR A 66 3.64 -7.07 7.34
N GLY A 67 2.83 -7.47 8.32
CA GLY A 67 1.42 -7.10 8.33
C GLY A 67 1.23 -5.58 8.39
N GLU A 68 2.05 -4.92 9.22
CA GLU A 68 2.04 -3.48 9.42
C GLU A 68 2.42 -2.80 8.10
N VAL A 69 3.59 -3.13 7.54
CA VAL A 69 4.03 -2.51 6.29
C VAL A 69 3.14 -2.87 5.10
N LYS A 70 2.56 -4.08 5.04
CA LYS A 70 1.68 -4.51 3.97
C LYS A 70 0.45 -3.61 3.97
N ALA A 71 -0.16 -3.40 5.13
CA ALA A 71 -1.29 -2.50 5.23
C ALA A 71 -0.89 -1.10 4.78
N ALA A 72 0.22 -0.58 5.30
CA ALA A 72 0.71 0.76 4.96
C ALA A 72 0.96 0.93 3.47
N TYR A 73 1.68 -0.01 2.84
CA TYR A 73 2.00 0.06 1.44
C TYR A 73 0.73 0.08 0.60
N GLU A 74 -0.15 -0.92 0.77
CA GLU A 74 -1.34 -1.03 -0.07
C GLU A 74 -2.22 0.20 0.14
N ALA A 75 -2.48 0.57 1.39
CA ALA A 75 -3.32 1.72 1.70
C ALA A 75 -2.74 2.99 1.07
N ALA A 76 -1.43 3.23 1.14
CA ALA A 76 -0.80 4.38 0.50
C ALA A 76 -0.98 4.34 -1.00
N PHE A 77 -0.70 3.19 -1.64
CA PHE A 77 -0.74 3.08 -3.10
C PHE A 77 -2.15 3.40 -3.60
N ASN A 78 -3.17 2.82 -2.97
CA ASN A 78 -4.55 3.11 -3.31
C ASN A 78 -4.91 4.55 -3.00
N ASN A 79 -4.39 5.06 -1.89
CA ASN A 79 -4.77 6.35 -1.36
C ASN A 79 -4.36 7.40 -2.37
N ALA A 80 -3.09 7.36 -2.76
CA ALA A 80 -2.49 8.29 -3.70
C ALA A 80 -3.16 8.14 -5.07
N PHE A 81 -3.40 6.89 -5.50
CA PHE A 81 -4.04 6.64 -6.78
C PHE A 81 -5.47 7.22 -6.84
N ASN A 82 -6.27 7.07 -5.78
CA ASN A 82 -7.62 7.64 -5.80
C ASN A 82 -7.55 9.15 -5.69
N ALA A 83 -6.62 9.68 -4.90
CA ALA A 83 -6.43 11.12 -4.72
C ALA A 83 -6.08 11.77 -6.06
N VAL A 84 -5.05 11.28 -6.75
CA VAL A 84 -4.67 11.84 -8.04
C VAL A 84 -5.86 11.72 -9.00
N ARG A 85 -6.46 10.51 -9.11
CA ARG A 85 -7.58 10.23 -9.99
C ARG A 85 -8.71 11.22 -9.77
N ASN A 86 -9.21 11.37 -8.54
CA ASN A 86 -10.36 12.22 -8.33
C ASN A 86 -10.03 13.70 -8.55
N LYS A 87 -8.88 14.17 -8.09
CA LYS A 87 -8.55 15.59 -8.19
C LYS A 87 -8.45 16.00 -9.64
N TYR A 88 -7.73 15.22 -10.45
CA TYR A 88 -7.61 15.45 -11.88
C TYR A 88 -8.99 15.41 -12.54
N VAL A 89 -9.83 14.39 -12.30
CA VAL A 89 -11.12 14.32 -13.00
C VAL A 89 -11.99 15.51 -12.61
N GLN A 90 -12.02 15.89 -11.33
CA GLN A 90 -12.80 17.04 -10.91
C GLN A 90 -12.29 18.33 -11.56
N ARG A 91 -10.98 18.51 -11.71
CA ARG A 91 -10.44 19.65 -12.45
C ARG A 91 -10.89 19.61 -13.91
N PHE A 92 -10.74 18.47 -14.57
CA PHE A 92 -11.11 18.26 -15.96
C PHE A 92 -12.60 18.55 -16.16
N GLN A 93 -13.49 18.02 -15.33
CA GLN A 93 -14.91 18.32 -15.40
C GLN A 93 -15.30 19.67 -14.80
N ALA A 94 -14.42 20.37 -14.08
CA ALA A 94 -14.64 21.79 -13.79
C ALA A 94 -14.69 22.59 -15.09
N THR A 95 -14.01 22.15 -16.15
CA THR A 95 -14.13 22.78 -17.45
C THR A 95 -15.13 21.96 -18.29
N TYR A 96 -14.77 20.74 -18.70
CA TYR A 96 -15.58 19.90 -19.57
C TYR A 96 -16.68 19.14 -18.80
N ASN A 97 -17.38 19.80 -17.87
CA ASN A 97 -18.71 19.34 -17.48
C ASN A 97 -19.63 19.49 -18.68
N ASN A 98 -19.56 20.66 -19.32
CA ASN A 98 -20.27 21.02 -20.53
C ASN A 98 -19.73 22.35 -21.00
N ALA A 99 -20.28 23.45 -20.48
CA ALA A 99 -20.09 24.79 -21.02
C ALA A 99 -18.97 25.59 -20.31
N THR A 100 -18.10 24.92 -19.55
CA THR A 100 -17.03 25.55 -18.76
C THR A 100 -17.54 26.48 -17.64
N GLU A 101 -18.81 26.34 -17.31
CA GLU A 101 -19.49 27.06 -16.26
C GLU A 101 -19.21 26.49 -14.85
N GLN A 102 -18.43 25.40 -14.75
CA GLN A 102 -18.23 24.63 -13.54
C GLN A 102 -16.85 24.84 -12.93
N GLU A 103 -16.13 25.91 -13.30
CA GLU A 103 -14.88 26.26 -12.65
C GLU A 103 -15.11 27.25 -11.51
N GLY A 104 -14.35 27.09 -10.43
CA GLY A 104 -14.06 28.12 -9.45
C GLY A 104 -15.15 28.26 -8.39
N LYS A 105 -16.28 27.57 -8.58
CA LYS A 105 -17.46 27.61 -7.73
C LYS A 105 -16.98 27.23 -6.34
N THR A 106 -17.43 27.92 -5.30
CA THR A 106 -16.75 27.85 -4.02
C THR A 106 -17.39 26.80 -3.11
N TYR A 107 -18.43 26.13 -3.59
CA TYR A 107 -19.30 25.27 -2.81
C TYR A 107 -19.97 24.16 -3.62
N ILE A 108 -19.36 23.78 -4.74
CA ILE A 108 -19.86 22.71 -5.61
C ILE A 108 -18.66 21.90 -6.10
N GLN A 109 -18.81 20.59 -6.02
CA GLN A 109 -17.87 19.54 -6.38
C GLN A 109 -18.67 18.37 -6.95
N GLY A 110 -17.99 17.36 -7.48
CA GLY A 110 -18.54 16.08 -7.88
C GLY A 110 -17.57 15.01 -7.39
N GLU A 111 -17.76 14.50 -6.17
CA GLU A 111 -17.07 13.28 -5.77
C GLU A 111 -17.63 12.07 -6.53
N THR A 112 -17.01 10.90 -6.35
CA THR A 112 -17.23 9.73 -7.19
C THR A 112 -17.70 8.55 -6.33
N PRO A 113 -18.33 7.52 -6.93
CA PRO A 113 -18.77 6.37 -6.16
C PRO A 113 -17.59 5.55 -5.65
N GLU A 114 -16.54 5.42 -6.46
CA GLU A 114 -15.28 4.84 -6.03
C GLU A 114 -14.72 5.62 -4.83
N GLN A 115 -14.98 6.93 -4.75
CA GLN A 115 -14.45 7.76 -3.68
C GLN A 115 -15.01 7.31 -2.34
N ALA A 116 -16.30 6.96 -2.28
CA ALA A 116 -16.91 6.47 -1.05
C ALA A 116 -16.26 5.14 -0.66
N ASN A 117 -15.93 4.28 -1.63
CA ASN A 117 -15.27 3.01 -1.35
C ASN A 117 -13.82 3.19 -0.90
N ALA A 118 -13.14 4.22 -1.41
CA ALA A 118 -11.78 4.59 -1.03
C ALA A 118 -11.75 5.21 0.37
N ARG A 119 -12.62 6.18 0.65
CA ARG A 119 -12.69 6.88 1.93
C ARG A 119 -12.89 5.94 3.10
N TYR A 120 -13.48 4.77 2.85
CA TYR A 120 -13.71 3.72 3.83
C TYR A 120 -12.41 3.26 4.51
N LEU A 121 -11.25 3.37 3.85
CA LEU A 121 -9.93 3.18 4.42
C LEU A 121 -9.51 4.30 5.39
N LYS A 122 -10.36 4.65 6.36
CA LYS A 122 -9.91 5.37 7.54
C LYS A 122 -8.99 4.43 8.32
N ARG A 123 -7.70 4.74 8.39
CA ARG A 123 -6.79 4.23 9.43
C ARG A 123 -5.58 5.15 9.51
N VAL A 124 -4.56 4.74 10.24
CA VAL A 124 -3.23 5.34 10.33
C VAL A 124 -2.18 4.21 10.32
N GLY A 125 -2.50 3.10 9.65
CA GLY A 125 -1.71 1.87 9.55
C GLY A 125 -1.61 1.06 10.84
N ALA A 126 -1.89 1.67 12.00
CA ALA A 126 -1.86 1.10 13.35
C ALA A 126 -0.58 0.29 13.63
N ALA A 127 0.56 0.76 13.10
CA ALA A 127 1.84 0.10 13.26
C ALA A 127 2.41 0.39 14.64
N ASN A 128 2.86 -0.65 15.34
CA ASN A 128 3.48 -0.58 16.65
C ASN A 128 4.39 -1.79 16.78
N ASN A 129 5.68 -1.64 16.48
CA ASN A 129 6.63 -2.74 16.68
C ASN A 129 6.79 -3.00 18.19
N GLN A 130 7.36 -4.15 18.57
CA GLN A 130 7.49 -4.58 19.95
C GLN A 130 8.85 -5.23 20.13
N ASN A 131 9.24 -5.48 21.38
CA ASN A 131 10.46 -6.20 21.71
C ASN A 131 10.25 -7.18 22.87
N PRO A 132 11.14 -8.17 23.06
CA PRO A 132 11.13 -9.03 24.25
C PRO A 132 11.55 -8.25 25.50
N ALA A 133 11.45 -8.92 26.66
CA ALA A 133 11.71 -8.33 27.97
C ALA A 133 13.08 -8.76 28.50
N ALA A 134 13.36 -10.07 28.48
CA ALA A 134 14.52 -10.77 29.01
C ALA A 134 14.75 -10.54 30.51
N GLU A 135 15.66 -11.31 31.11
CA GLU A 135 15.93 -11.36 32.54
C GLU A 135 17.41 -11.63 32.83
N ASP A 136 18.27 -11.46 31.84
CA ASP A 136 19.57 -12.10 31.68
C ASP A 136 20.71 -11.08 31.52
N LYS A 137 20.37 -9.80 31.55
CA LYS A 137 21.32 -8.70 31.74
C LYS A 137 21.88 -8.69 33.17
N GLY A 138 21.43 -9.60 34.04
CA GLY A 138 21.84 -9.64 35.45
C GLY A 138 23.34 -9.78 35.62
N ALA A 139 23.92 -10.84 35.03
CA ALA A 139 25.36 -11.10 34.95
C ALA A 139 26.08 -10.86 36.29
N THR A 140 25.57 -11.46 37.36
CA THR A 140 25.94 -11.24 38.76
C THR A 140 27.39 -11.69 39.10
N THR A 141 28.39 -11.05 38.50
CA THR A 141 29.82 -11.32 38.60
C THR A 141 30.12 -12.83 38.51
N PRO A 142 30.02 -13.43 37.32
CA PRO A 142 30.45 -14.80 37.10
C PRO A 142 31.96 -14.92 37.29
N ALA A 143 32.40 -15.37 38.46
CA ALA A 143 33.77 -15.81 38.59
C ALA A 143 33.92 -17.16 37.86
N SER A 144 33.53 -17.24 36.57
CA SER A 144 33.97 -18.32 35.69
C SER A 144 33.46 -19.66 36.19
N LYS A 145 34.16 -20.75 35.85
CA LYS A 145 33.92 -22.11 36.34
C LYS A 145 35.29 -22.73 36.60
N GLU A 146 36.05 -22.14 37.52
CA GLU A 146 37.46 -22.44 37.70
C GLU A 146 37.67 -23.25 38.98
N GLU A 147 37.45 -22.63 40.14
CA GLU A 147 37.52 -23.25 41.48
C GLU A 147 38.87 -23.98 41.79
N ALA A 148 39.90 -23.71 41.00
CA ALA A 148 41.30 -24.16 41.15
C ALA A 148 42.01 -23.43 42.31
N LYS A 149 41.32 -23.30 43.43
CA LYS A 149 41.81 -22.79 44.69
C LYS A 149 42.82 -23.76 45.30
N LYS A 150 43.54 -23.25 46.31
CA LYS A 150 44.64 -23.89 47.04
C LYS A 150 45.85 -24.10 46.13
N SER A 151 47.02 -24.25 46.74
CA SER A 151 48.31 -24.47 46.09
C SER A 151 49.32 -24.51 47.23
N GLU A 152 50.07 -25.60 47.30
CA GLU A 152 51.03 -25.91 48.35
C GLU A 152 51.96 -26.97 47.77
N ALA A 153 53.28 -26.79 47.91
CA ALA A 153 54.28 -27.71 47.35
C ALA A 153 55.64 -27.50 48.00
N ALA A 154 56.12 -26.25 48.01
CA ALA A 154 57.44 -25.89 48.52
C ALA A 154 57.54 -26.26 50.01
N ALA A 155 58.36 -27.26 50.33
CA ALA A 155 58.57 -27.75 51.68
C ALA A 155 59.99 -28.30 51.80
N LYS A 156 60.40 -28.62 53.03
CA LYS A 156 61.70 -29.21 53.41
C LYS A 156 62.86 -28.23 53.27
N ASN A 157 63.04 -27.64 52.08
CA ASN A 157 64.14 -26.80 51.64
C ASN A 157 65.47 -27.53 51.83
N ALA A 158 66.06 -27.45 53.01
CA ALA A 158 67.48 -27.70 53.21
C ALA A 158 67.78 -27.85 54.70
N GLY A 159 69.04 -28.12 55.06
CA GLY A 159 69.45 -28.30 56.45
C GLY A 159 70.72 -29.13 56.52
N LYS A 160 71.01 -29.65 57.72
CA LYS A 160 72.29 -30.22 58.16
C LYS A 160 73.30 -29.09 58.41
N ALA A 161 74.50 -29.44 58.86
CA ALA A 161 75.61 -28.54 59.14
C ALA A 161 76.92 -29.25 58.75
N ALA A 162 78.04 -28.56 58.91
CA ALA A 162 79.39 -29.06 58.64
C ALA A 162 80.34 -28.52 59.73
N GLY A 163 81.64 -28.80 59.60
CA GLY A 163 82.69 -28.32 60.50
C GLY A 163 84.02 -28.45 59.77
N LYS A 164 84.65 -29.63 59.84
CA LYS A 164 86.00 -29.86 59.26
C LYS A 164 87.00 -28.98 60.02
N ALA A 165 88.21 -28.79 59.46
CA ALA A 165 89.23 -27.82 59.87
C ALA A 165 89.46 -27.76 61.39
N LEU A 166 89.83 -28.90 62.00
CA LEU A 166 89.89 -29.05 63.45
C LEU A 166 91.33 -29.33 63.91
N PRO A 167 92.14 -28.27 64.12
CA PRO A 167 93.53 -28.39 64.60
C PRO A 167 93.57 -28.78 66.08
N LYS A 168 94.75 -29.18 66.57
CA LYS A 168 95.05 -29.45 67.98
C LYS A 168 96.56 -29.38 68.14
N THR A 169 97.05 -29.46 69.38
CA THR A 169 98.46 -29.45 69.74
C THR A 169 99.11 -28.12 69.38
N SER A 170 99.57 -27.96 68.15
CA SER A 170 100.22 -26.76 67.65
C SER A 170 99.19 -25.68 67.27
N ALA A 171 98.08 -25.58 68.03
CA ALA A 171 96.95 -24.71 67.76
C ALA A 171 97.22 -23.22 68.04
N VAL A 172 98.47 -22.84 68.28
CA VAL A 172 98.87 -21.48 68.63
C VAL A 172 100.29 -21.27 68.10
N LYS A 173 100.71 -20.01 67.93
CA LYS A 173 102.09 -19.64 67.66
C LYS A 173 102.50 -18.61 68.70
N HIS A 174 103.76 -18.67 69.10
CA HIS A 174 104.50 -17.58 69.69
C HIS A 174 105.89 -17.71 69.07
N HIS A 175 106.71 -18.63 69.59
CA HIS A 175 108.18 -18.64 69.65
C HIS A 175 108.69 -17.67 70.70
N HIS A 176 109.95 -17.86 71.07
CA HIS A 176 110.79 -17.08 71.97
C HIS A 176 112.18 -17.52 71.54
N HIS A 177 112.94 -16.62 70.94
CA HIS A 177 114.22 -16.89 70.30
C HIS A 177 115.00 -15.57 70.26
N HIS A 178 116.11 -15.50 71.00
CA HIS A 178 116.88 -14.31 71.36
C HIS A 178 116.15 -13.49 72.43
N HIS A 179 114.85 -13.25 72.28
CA HIS A 179 113.91 -12.84 73.31
C HIS A 179 112.52 -13.17 72.74
N MET A 1 -6.03 -4.74 -3.69
CA MET A 1 -5.31 -4.84 -4.97
C MET A 1 -6.23 -5.20 -6.13
N ALA A 2 -7.05 -4.23 -6.56
CA ALA A 2 -7.69 -4.18 -7.88
C ALA A 2 -8.30 -2.79 -8.07
N ASP A 3 -8.55 -2.37 -9.31
CA ASP A 3 -9.39 -1.23 -9.68
C ASP A 3 -9.65 -1.27 -11.17
N GLU A 4 -10.90 -1.46 -11.57
CA GLU A 4 -11.34 -1.64 -12.93
C GLU A 4 -12.78 -1.14 -12.95
N ALA A 5 -13.08 -0.31 -13.94
CA ALA A 5 -14.39 0.09 -14.41
C ALA A 5 -14.22 0.91 -15.69
N THR A 6 -14.65 0.38 -16.84
CA THR A 6 -14.70 1.10 -18.12
C THR A 6 -15.84 0.53 -18.98
N ASP A 7 -17.10 0.81 -18.64
CA ASP A 7 -18.25 0.33 -19.40
C ASP A 7 -19.44 1.22 -19.09
N ALA A 8 -20.14 1.68 -20.13
CA ALA A 8 -21.34 2.51 -20.04
C ALA A 8 -22.07 2.49 -21.38
N ALA A 9 -21.48 3.01 -22.47
CA ALA A 9 -22.18 3.09 -23.75
C ALA A 9 -21.25 3.04 -24.95
N ARG A 10 -21.83 2.68 -26.10
CA ARG A 10 -21.16 2.54 -27.39
C ARG A 10 -22.01 3.28 -28.43
N ASN A 11 -22.52 4.45 -28.07
CA ASN A 11 -23.28 5.28 -28.99
C ASN A 11 -22.38 5.81 -30.10
N ASN A 12 -23.00 6.34 -31.16
CA ASN A 12 -22.30 7.14 -32.16
C ASN A 12 -21.88 8.44 -31.49
N ASP A 13 -20.57 8.72 -31.39
CA ASP A 13 -20.03 9.99 -30.93
C ASP A 13 -19.07 10.53 -31.96
N GLY A 14 -18.44 11.65 -31.61
CA GLY A 14 -17.36 12.29 -32.33
C GLY A 14 -16.71 13.44 -31.56
N ALA A 15 -17.18 13.84 -30.36
CA ALA A 15 -16.33 14.71 -29.52
C ALA A 15 -16.41 14.29 -28.06
N TYR A 16 -15.35 13.64 -27.57
CA TYR A 16 -14.98 13.53 -26.13
C TYR A 16 -15.91 12.63 -25.31
N TYR A 17 -16.68 11.90 -26.09
CA TYR A 17 -17.80 11.03 -25.78
C TYR A 17 -19.00 11.83 -25.28
N LEU A 18 -19.23 12.91 -26.00
CA LEU A 18 -20.28 13.89 -25.77
C LEU A 18 -20.94 14.30 -27.07
N GLN A 19 -20.14 14.44 -28.15
CA GLN A 19 -20.21 15.41 -29.26
C GLN A 19 -20.45 16.88 -28.88
N THR A 20 -20.72 17.15 -27.62
CA THR A 20 -21.35 18.35 -27.12
C THR A 20 -21.58 18.15 -25.64
N GLN A 21 -22.69 17.53 -25.24
CA GLN A 21 -23.14 17.40 -23.87
C GLN A 21 -23.66 16.02 -23.57
N PHE A 22 -22.73 15.11 -23.29
CA PHE A 22 -23.03 13.85 -22.62
C PHE A 22 -22.06 13.54 -21.50
N THR A 23 -21.80 14.58 -20.74
CA THR A 23 -20.95 14.59 -19.56
C THR A 23 -21.41 13.47 -18.61
N ASN A 24 -20.74 12.32 -18.64
CA ASN A 24 -21.15 11.12 -17.93
C ASN A 24 -20.00 10.25 -17.52
N ALA A 25 -20.30 9.20 -16.78
CA ALA A 25 -19.26 8.40 -16.17
C ALA A 25 -18.39 7.72 -17.22
N ASP A 26 -18.94 7.47 -18.41
CA ASP A 26 -18.12 7.03 -19.54
C ASP A 26 -17.02 8.06 -19.80
N LYS A 27 -17.36 9.36 -19.82
CA LYS A 27 -16.29 10.27 -20.26
C LYS A 27 -15.23 10.47 -19.18
N VAL A 28 -15.54 10.07 -17.95
CA VAL A 28 -14.58 9.96 -16.89
C VAL A 28 -13.73 8.73 -17.16
N ASN A 29 -14.31 7.53 -17.19
CA ASN A 29 -13.58 6.28 -17.20
C ASN A 29 -12.64 6.16 -18.40
N GLU A 30 -13.02 6.74 -19.54
CA GLU A 30 -12.12 6.77 -20.71
C GLU A 30 -10.88 7.61 -20.41
N TYR A 31 -11.05 8.84 -19.90
CA TYR A 31 -9.91 9.68 -19.51
C TYR A 31 -9.05 8.94 -18.50
N LEU A 32 -9.65 8.37 -17.44
CA LEU A 32 -8.97 7.61 -16.39
C LEU A 32 -8.22 6.40 -16.96
N ALA A 33 -8.70 5.80 -18.05
CA ALA A 33 -8.06 4.68 -18.70
C ALA A 33 -6.80 5.15 -19.43
N GLN A 34 -6.90 6.08 -20.38
CA GLN A 34 -5.69 6.48 -21.13
C GLN A 34 -4.64 7.04 -20.19
N HIS A 35 -5.11 7.74 -19.14
CA HIS A 35 -4.27 8.47 -18.22
C HIS A 35 -3.73 7.57 -17.11
N ASP A 36 -4.06 6.27 -17.13
CA ASP A 36 -3.69 5.34 -16.06
C ASP A 36 -2.18 5.32 -15.81
N GLY A 37 -1.40 5.63 -16.84
CA GLY A 37 0.04 5.70 -16.81
C GLY A 37 0.52 6.81 -15.89
N GLU A 38 0.23 8.08 -16.24
CA GLU A 38 0.66 9.24 -15.46
C GLU A 38 0.09 9.19 -14.05
N ILE A 39 -1.20 8.85 -13.90
CA ILE A 39 -1.87 8.67 -12.62
C ILE A 39 -1.09 7.70 -11.75
N ARG A 40 -0.90 6.46 -12.21
CA ARG A 40 -0.20 5.43 -11.47
C ARG A 40 1.22 5.85 -11.19
N ALA A 41 1.90 6.49 -12.15
CA ALA A 41 3.26 6.92 -11.97
C ALA A 41 3.31 7.88 -10.79
N GLU A 42 2.42 8.88 -10.77
CA GLU A 42 2.56 9.94 -9.79
C GLU A 42 2.14 9.40 -8.41
N ALA A 43 1.05 8.64 -8.40
CA ALA A 43 0.51 8.01 -7.21
C ALA A 43 1.52 7.06 -6.59
N ALA A 44 2.34 6.38 -7.40
CA ALA A 44 3.29 5.38 -6.93
C ALA A 44 4.71 5.93 -6.79
N ALA A 45 4.98 7.16 -7.26
CA ALA A 45 6.21 7.88 -7.00
C ALA A 45 6.07 8.80 -5.77
N ASP A 46 4.91 8.82 -5.10
CA ASP A 46 4.73 9.56 -3.85
C ASP A 46 5.73 9.04 -2.80
N PRO A 47 6.29 9.89 -1.92
CA PRO A 47 7.34 9.49 -1.00
C PRO A 47 6.91 8.37 -0.06
N ALA A 48 5.65 8.42 0.40
CA ALA A 48 5.17 7.43 1.34
C ALA A 48 5.02 6.08 0.64
N VAL A 49 4.60 6.08 -0.63
CA VAL A 49 4.44 4.87 -1.41
C VAL A 49 5.80 4.27 -1.73
N VAL A 50 6.77 5.05 -2.23
CA VAL A 50 8.08 4.51 -2.57
C VAL A 50 8.79 3.95 -1.35
N ALA A 51 8.70 4.66 -0.21
CA ALA A 51 9.23 4.24 1.07
C ALA A 51 8.54 2.96 1.53
N ALA A 52 7.21 2.95 1.55
CA ALA A 52 6.42 1.79 1.95
C ALA A 52 6.80 0.57 1.11
N LYS A 53 6.93 0.73 -0.22
CA LYS A 53 7.32 -0.36 -1.10
C LYS A 53 8.74 -0.82 -0.78
N ALA A 54 9.68 0.12 -0.66
CA ALA A 54 11.08 -0.18 -0.42
C ALA A 54 11.26 -0.96 0.89
N ALA A 55 10.44 -0.66 1.90
CA ALA A 55 10.40 -1.36 3.17
C ALA A 55 9.60 -2.67 3.08
N LEU A 56 8.52 -2.73 2.29
CA LEU A 56 7.71 -3.94 2.12
C LEU A 56 8.58 -5.05 1.57
N ASP A 57 9.33 -4.72 0.52
CA ASP A 57 10.23 -5.64 -0.18
C ASP A 57 11.50 -5.95 0.64
N ALA A 58 11.59 -5.44 1.88
CA ALA A 58 12.71 -5.62 2.79
C ALA A 58 12.31 -6.22 4.14
N VAL A 59 11.00 -6.33 4.41
CA VAL A 59 10.41 -6.76 5.69
C VAL A 59 9.25 -7.72 5.35
N GLU A 60 9.40 -8.45 4.25
CA GLU A 60 8.52 -9.52 3.83
C GLU A 60 8.62 -10.73 4.77
N GLY A 61 7.94 -11.82 4.44
CA GLY A 61 8.30 -13.11 5.01
C GLY A 61 7.84 -13.24 6.44
N GLY A 62 6.60 -12.82 6.68
CA GLY A 62 5.95 -12.88 7.98
C GLY A 62 6.75 -12.18 9.07
N SER A 63 7.63 -11.25 8.70
CA SER A 63 8.37 -10.40 9.61
C SER A 63 7.41 -9.59 10.50
N HIS A 64 7.90 -9.01 11.59
CA HIS A 64 7.04 -8.44 12.64
C HIS A 64 6.19 -7.30 12.10
N ASN A 65 6.84 -6.27 11.58
CA ASN A 65 6.15 -5.16 10.93
C ASN A 65 5.54 -5.57 9.57
N TYR A 66 5.64 -6.82 9.10
CA TYR A 66 5.15 -7.23 7.78
C TYR A 66 3.71 -6.78 7.59
N GLY A 67 2.82 -7.11 8.52
CA GLY A 67 1.42 -6.76 8.42
C GLY A 67 1.18 -5.25 8.39
N GLU A 68 2.01 -4.46 9.09
CA GLU A 68 1.94 -3.02 9.04
C GLU A 68 2.36 -2.58 7.65
N VAL A 69 3.56 -2.94 7.19
CA VAL A 69 4.11 -2.37 5.97
C VAL A 69 3.26 -2.79 4.78
N LYS A 70 2.76 -4.03 4.78
CA LYS A 70 1.82 -4.54 3.79
C LYS A 70 0.55 -3.70 3.82
N ALA A 71 -0.09 -3.55 4.98
CA ALA A 71 -1.34 -2.81 5.08
C ALA A 71 -1.13 -1.34 4.68
N ALA A 72 -0.08 -0.71 5.19
CA ALA A 72 0.27 0.68 4.95
C ALA A 72 0.60 0.93 3.48
N TYR A 73 1.32 0.02 2.84
CA TYR A 73 1.61 0.08 1.42
C TYR A 73 0.31 0.07 0.66
N GLU A 74 -0.56 -0.92 0.90
CA GLU A 74 -1.85 -1.00 0.22
C GLU A 74 -2.66 0.28 0.42
N ALA A 75 -2.82 0.69 1.68
CA ALA A 75 -3.54 1.90 2.05
C ALA A 75 -3.03 3.09 1.24
N ALA A 76 -1.75 3.46 1.38
CA ALA A 76 -1.16 4.60 0.70
C ALA A 76 -1.20 4.45 -0.84
N PHE A 77 -1.05 3.22 -1.36
CA PHE A 77 -1.07 2.94 -2.79
C PHE A 77 -2.41 3.36 -3.38
N ASN A 78 -3.50 2.70 -2.98
CA ASN A 78 -4.82 3.00 -3.52
C ASN A 78 -5.22 4.40 -3.10
N ASN A 79 -4.76 4.87 -1.93
CA ASN A 79 -5.10 6.19 -1.42
C ASN A 79 -4.71 7.24 -2.45
N ALA A 80 -3.44 7.17 -2.89
CA ALA A 80 -2.87 8.08 -3.85
C ALA A 80 -3.52 7.88 -5.22
N PHE A 81 -3.69 6.63 -5.66
CA PHE A 81 -4.29 6.33 -6.96
C PHE A 81 -5.68 6.97 -7.04
N ASN A 82 -6.50 6.77 -6.02
CA ASN A 82 -7.80 7.42 -5.87
C ASN A 82 -7.65 8.94 -5.80
N ALA A 83 -6.77 9.47 -4.95
CA ALA A 83 -6.62 10.91 -4.73
C ALA A 83 -6.33 11.62 -6.05
N VAL A 84 -5.30 11.16 -6.77
CA VAL A 84 -4.91 11.65 -8.08
C VAL A 84 -6.10 11.56 -9.04
N ARG A 85 -6.71 10.37 -9.17
CA ARG A 85 -7.85 10.15 -10.05
C ARG A 85 -8.99 11.14 -9.71
N ASN A 86 -9.30 11.36 -8.42
CA ASN A 86 -10.30 12.35 -8.00
C ASN A 86 -9.87 13.76 -8.39
N LYS A 87 -8.64 14.15 -8.07
CA LYS A 87 -8.14 15.50 -8.32
C LYS A 87 -8.25 15.84 -9.80
N TYR A 88 -7.75 14.94 -10.67
CA TYR A 88 -7.86 15.10 -12.11
C TYR A 88 -9.32 15.20 -12.55
N VAL A 89 -10.22 14.28 -12.14
CA VAL A 89 -11.61 14.35 -12.62
C VAL A 89 -12.31 15.62 -12.15
N GLN A 90 -12.07 16.04 -10.90
CA GLN A 90 -12.59 17.29 -10.35
C GLN A 90 -12.18 18.45 -11.27
N ARG A 91 -10.88 18.57 -11.59
CA ARG A 91 -10.41 19.59 -12.52
C ARG A 91 -11.12 19.43 -13.87
N PHE A 92 -11.04 18.24 -14.49
CA PHE A 92 -11.54 17.96 -15.83
C PHE A 92 -12.98 18.43 -15.97
N GLN A 93 -13.89 17.85 -15.19
CA GLN A 93 -15.29 18.18 -15.21
C GLN A 93 -15.55 19.62 -14.79
N ALA A 94 -14.88 20.22 -13.79
CA ALA A 94 -15.19 21.60 -13.40
C ALA A 94 -14.83 22.60 -14.51
N THR A 95 -14.01 22.17 -15.47
CA THR A 95 -13.44 22.98 -16.53
C THR A 95 -14.23 22.76 -17.82
N TYR A 96 -14.33 21.52 -18.32
CA TYR A 96 -15.17 21.16 -19.46
C TYR A 96 -16.64 21.03 -19.05
N ASN A 97 -17.05 21.75 -18.01
CA ASN A 97 -18.37 21.65 -17.40
C ASN A 97 -19.47 22.20 -18.29
N ASN A 98 -19.11 23.08 -19.22
CA ASN A 98 -20.05 23.99 -19.90
C ASN A 98 -20.91 24.79 -18.89
N ALA A 99 -20.38 24.98 -17.67
CA ALA A 99 -21.02 25.56 -16.49
C ALA A 99 -22.32 24.84 -16.07
N THR A 100 -22.58 23.63 -16.54
CA THR A 100 -23.86 22.96 -16.37
C THR A 100 -24.13 22.55 -14.90
N GLU A 101 -23.13 22.05 -14.18
CA GLU A 101 -23.26 21.47 -12.84
C GLU A 101 -22.24 22.03 -11.83
N GLN A 102 -21.35 22.91 -12.30
CA GLN A 102 -20.16 23.44 -11.65
C GLN A 102 -20.33 23.87 -10.20
N GLU A 103 -21.49 24.36 -9.75
CA GLU A 103 -21.64 24.99 -8.44
C GLU A 103 -20.85 26.31 -8.35
N GLY A 104 -20.49 26.89 -9.51
CA GLY A 104 -19.78 28.16 -9.64
C GLY A 104 -18.33 28.11 -9.16
N LYS A 105 -17.75 26.92 -8.99
CA LYS A 105 -16.48 26.69 -8.31
C LYS A 105 -15.48 25.96 -9.20
N THR A 106 -14.24 25.88 -8.74
CA THR A 106 -13.20 25.15 -9.48
C THR A 106 -12.23 24.54 -8.47
N TYR A 107 -11.63 25.34 -7.59
CA TYR A 107 -10.60 24.91 -6.64
C TYR A 107 -11.15 24.20 -5.41
N ILE A 108 -12.33 23.58 -5.51
CA ILE A 108 -12.98 22.88 -4.40
C ILE A 108 -13.03 21.40 -4.78
N GLN A 109 -12.66 20.57 -3.81
CA GLN A 109 -12.74 19.12 -3.85
C GLN A 109 -14.14 18.77 -3.36
N GLY A 110 -14.85 17.90 -4.10
CA GLY A 110 -16.00 17.20 -3.55
C GLY A 110 -15.62 15.74 -3.40
N GLU A 111 -16.41 14.84 -3.97
CA GLU A 111 -16.29 13.41 -3.67
C GLU A 111 -16.44 12.59 -4.93
N THR A 112 -16.14 11.29 -4.81
CA THR A 112 -16.40 10.27 -5.80
C THR A 112 -16.81 8.98 -5.07
N PRO A 113 -17.46 8.04 -5.77
CA PRO A 113 -17.84 6.77 -5.20
C PRO A 113 -16.61 5.92 -4.86
N GLU A 114 -15.56 6.00 -5.69
CA GLU A 114 -14.25 5.43 -5.35
C GLU A 114 -13.72 6.02 -4.06
N GLN A 115 -13.92 7.31 -3.84
CA GLN A 115 -13.28 8.00 -2.73
C GLN A 115 -13.93 7.57 -1.42
N ALA A 116 -15.26 7.37 -1.42
CA ALA A 116 -15.97 6.75 -0.30
C ALA A 116 -15.50 5.32 -0.05
N ASN A 117 -14.96 4.62 -1.05
CA ASN A 117 -14.31 3.32 -0.88
C ASN A 117 -12.95 3.53 -0.23
N ALA A 118 -12.08 4.32 -0.88
CA ALA A 118 -10.71 4.59 -0.48
C ALA A 118 -10.61 5.19 0.93
N ARG A 119 -11.65 5.87 1.42
CA ARG A 119 -11.78 6.33 2.80
C ARG A 119 -11.48 5.20 3.77
N TYR A 120 -11.99 4.00 3.49
CA TYR A 120 -12.01 2.89 4.43
C TYR A 120 -10.61 2.50 4.92
N LEU A 121 -9.60 2.60 4.05
CA LEU A 121 -8.21 2.27 4.34
C LEU A 121 -7.58 3.43 5.11
N LYS A 122 -7.52 3.34 6.44
CA LYS A 122 -7.04 4.43 7.29
C LYS A 122 -5.51 4.55 7.36
N ARG A 123 -4.78 3.68 6.65
CA ARG A 123 -3.36 3.37 6.86
C ARG A 123 -3.12 2.99 8.33
N VAL A 124 -1.84 2.89 8.71
CA VAL A 124 -1.35 2.30 9.95
C VAL A 124 -0.21 3.18 10.51
N GLY A 125 -0.11 4.43 10.06
CA GLY A 125 0.99 5.33 10.42
C GLY A 125 2.28 4.84 9.77
N ALA A 126 3.38 4.73 10.52
CA ALA A 126 4.60 4.00 10.20
C ALA A 126 5.42 3.79 11.48
N ALA A 127 5.81 2.55 11.78
CA ALA A 127 6.52 2.12 13.00
C ALA A 127 7.55 1.01 12.72
N ASN A 128 8.12 0.95 11.51
CA ASN A 128 9.12 -0.07 11.17
C ASN A 128 10.36 0.02 12.05
N ASN A 129 10.71 -1.08 12.73
CA ASN A 129 11.96 -1.23 13.48
C ASN A 129 12.32 -2.72 13.59
N GLN A 130 13.61 -3.03 13.51
CA GLN A 130 14.30 -4.32 13.62
C GLN A 130 15.79 -4.06 13.31
N ASN A 131 16.72 -4.88 13.81
CA ASN A 131 18.15 -4.85 13.38
C ASN A 131 18.71 -6.29 13.42
N PRO A 132 18.37 -7.15 12.44
CA PRO A 132 18.76 -8.56 12.39
C PRO A 132 20.25 -8.80 12.03
N ALA A 133 20.61 -10.09 11.92
CA ALA A 133 21.93 -10.68 11.74
C ALA A 133 22.96 -10.21 12.75
N ALA A 134 22.90 -10.85 13.90
CA ALA A 134 23.88 -10.75 14.98
C ALA A 134 23.96 -12.06 15.77
N GLU A 135 23.66 -13.19 15.12
CA GLU A 135 23.52 -14.50 15.77
C GLU A 135 23.99 -15.60 14.83
N ASP A 136 24.85 -15.28 13.86
CA ASP A 136 25.34 -16.24 12.88
C ASP A 136 26.40 -17.16 13.48
N LYS A 137 26.76 -16.94 14.74
CA LYS A 137 27.90 -17.51 15.43
C LYS A 137 29.12 -17.45 14.51
N GLY A 138 29.57 -16.21 14.31
CA GLY A 138 30.85 -15.84 13.69
C GLY A 138 31.97 -16.71 14.24
N ALA A 139 32.31 -17.74 13.46
CA ALA A 139 33.39 -18.70 13.64
C ALA A 139 33.49 -19.21 15.09
N THR A 140 32.37 -19.68 15.64
CA THR A 140 32.31 -20.21 16.99
C THR A 140 33.31 -21.36 17.17
N THR A 141 33.39 -22.33 16.26
CA THR A 141 34.32 -23.45 16.39
C THR A 141 34.73 -23.97 15.00
N PRO A 142 35.69 -23.33 14.30
CA PRO A 142 36.23 -23.86 13.05
C PRO A 142 37.13 -25.09 13.26
N ALA A 143 37.77 -25.20 14.42
CA ALA A 143 38.78 -26.20 14.80
C ALA A 143 40.00 -26.34 13.87
N SER A 144 40.10 -25.48 12.88
CA SER A 144 41.04 -25.59 11.78
C SER A 144 42.14 -24.56 11.96
N LYS A 145 43.06 -24.82 12.89
CA LYS A 145 44.30 -24.07 12.99
C LYS A 145 45.37 -25.10 13.29
N GLU A 146 46.02 -25.56 12.24
CA GLU A 146 47.00 -26.63 12.32
C GLU A 146 48.35 -26.13 11.82
N GLU A 147 49.37 -26.96 12.01
CA GLU A 147 50.82 -26.75 11.93
C GLU A 147 51.36 -25.56 12.76
N ALA A 148 52.39 -25.81 13.57
CA ALA A 148 53.20 -24.80 14.25
C ALA A 148 54.52 -25.41 14.77
N LYS A 149 55.01 -26.51 14.19
CA LYS A 149 55.82 -27.49 14.91
C LYS A 149 57.01 -27.93 14.06
N LYS A 150 58.05 -28.46 14.70
CA LYS A 150 59.12 -29.25 14.09
C LYS A 150 59.47 -30.25 15.18
N SER A 151 59.72 -31.50 14.81
CA SER A 151 60.04 -32.56 15.74
C SER A 151 60.62 -33.67 14.87
N GLU A 152 61.85 -34.08 15.16
CA GLU A 152 62.61 -35.07 14.42
C GLU A 152 63.54 -35.74 15.43
N ALA A 153 63.89 -37.00 15.20
CA ALA A 153 65.01 -37.70 15.81
C ALA A 153 65.31 -38.91 14.92
N ALA A 154 66.53 -39.42 14.98
CA ALA A 154 66.95 -40.65 14.31
C ALA A 154 67.78 -41.49 15.29
N ALA A 155 67.76 -42.81 15.10
CA ALA A 155 68.44 -43.77 15.94
C ALA A 155 69.36 -44.61 15.06
N LYS A 156 70.66 -44.54 15.28
CA LYS A 156 71.68 -45.25 14.49
C LYS A 156 72.84 -45.54 15.43
N ASN A 157 73.05 -46.81 15.77
CA ASN A 157 74.05 -47.21 16.75
C ASN A 157 75.24 -47.80 16.02
N ALA A 158 75.19 -49.08 15.64
CA ALA A 158 76.25 -49.81 14.96
C ALA A 158 75.64 -50.63 13.83
N GLY A 159 76.46 -51.43 13.15
CA GLY A 159 76.11 -52.21 11.96
C GLY A 159 77.40 -52.70 11.31
N LYS A 160 77.33 -53.08 10.03
CA LYS A 160 78.32 -53.84 9.26
C LYS A 160 78.59 -55.24 9.86
N ALA A 161 79.46 -56.00 9.20
CA ALA A 161 80.00 -57.26 9.64
C ALA A 161 81.48 -57.30 9.24
N ALA A 162 82.19 -58.35 9.62
CA ALA A 162 83.54 -58.69 9.16
C ALA A 162 83.73 -60.20 9.35
N GLY A 163 84.86 -60.74 8.88
CA GLY A 163 85.30 -62.10 9.17
C GLY A 163 86.81 -62.10 9.27
N LYS A 164 87.36 -62.83 10.25
CA LYS A 164 88.80 -63.04 10.45
C LYS A 164 88.95 -64.44 11.05
N ALA A 165 90.19 -64.93 11.23
CA ALA A 165 90.47 -66.25 11.79
C ALA A 165 89.77 -67.37 11.00
N LEU A 166 89.68 -68.56 11.61
CA LEU A 166 89.20 -69.86 11.13
C LEU A 166 90.14 -70.37 10.05
N PRO A 167 90.21 -71.70 9.83
CA PRO A 167 90.85 -72.18 8.64
C PRO A 167 90.10 -71.73 7.37
N LYS A 168 90.62 -72.03 6.18
CA LYS A 168 90.11 -71.44 4.95
C LYS A 168 90.25 -72.50 3.86
N THR A 169 89.12 -73.07 3.47
CA THR A 169 89.00 -74.29 2.67
C THR A 169 89.31 -75.50 3.56
N SER A 170 88.71 -76.65 3.25
CA SER A 170 88.80 -77.90 4.00
C SER A 170 90.10 -78.64 3.69
N ALA A 171 91.24 -77.95 3.75
CA ALA A 171 92.58 -78.51 3.57
C ALA A 171 93.02 -79.30 4.82
N VAL A 172 92.16 -80.20 5.31
CA VAL A 172 92.51 -81.18 6.32
C VAL A 172 93.17 -82.40 5.67
N LYS A 173 93.77 -83.28 6.49
CA LYS A 173 94.51 -84.48 6.09
C LYS A 173 95.56 -84.16 5.02
N HIS A 174 96.01 -85.19 4.29
CA HIS A 174 96.85 -85.07 3.11
C HIS A 174 96.11 -85.77 1.96
N HIS A 175 96.64 -85.61 0.75
CA HIS A 175 96.14 -86.34 -0.42
C HIS A 175 96.50 -87.81 -0.28
N HIS A 176 95.65 -88.70 -0.83
CA HIS A 176 95.82 -90.16 -0.78
C HIS A 176 96.04 -90.64 0.67
N HIS A 177 96.53 -91.88 0.83
CA HIS A 177 97.12 -92.43 2.05
C HIS A 177 97.91 -93.64 1.57
N HIS A 178 97.22 -94.74 1.27
CA HIS A 178 97.78 -96.08 1.10
C HIS A 178 98.38 -96.58 2.42
N HIS A 179 98.87 -97.83 2.38
CA HIS A 179 98.86 -98.74 3.51
C HIS A 179 97.39 -98.90 3.98
N MET A 1 1.24 -20.27 -14.90
CA MET A 1 2.42 -20.75 -14.13
C MET A 1 1.98 -21.11 -12.72
N ALA A 2 1.76 -22.40 -12.43
CA ALA A 2 0.59 -22.81 -11.64
C ALA A 2 -0.65 -22.19 -12.33
N ASP A 3 -1.75 -21.95 -11.62
CA ASP A 3 -3.00 -21.40 -12.16
C ASP A 3 -3.47 -22.17 -13.41
N GLU A 4 -4.46 -21.68 -14.17
CA GLU A 4 -4.92 -22.38 -15.37
C GLU A 4 -5.50 -21.40 -16.38
N ALA A 5 -6.77 -21.03 -16.20
CA ALA A 5 -7.65 -20.38 -17.15
C ALA A 5 -9.03 -20.29 -16.50
N THR A 6 -9.69 -19.14 -16.56
CA THR A 6 -11.11 -18.97 -16.30
C THR A 6 -11.55 -17.60 -16.85
N ASP A 7 -12.22 -17.60 -18.01
CA ASP A 7 -12.83 -16.45 -18.69
C ASP A 7 -11.75 -15.46 -19.20
N ALA A 8 -11.89 -15.03 -20.44
CA ALA A 8 -10.99 -14.09 -21.09
C ALA A 8 -11.14 -12.71 -20.49
N ALA A 9 -12.35 -12.13 -20.56
CA ALA A 9 -12.63 -10.82 -19.97
C ALA A 9 -14.12 -10.61 -19.90
N ARG A 10 -14.52 -9.68 -19.05
CA ARG A 10 -15.92 -9.33 -18.77
C ARG A 10 -16.08 -7.84 -19.06
N ASN A 11 -15.31 -7.34 -20.02
CA ASN A 11 -15.35 -5.95 -20.45
C ASN A 11 -16.71 -5.72 -21.10
N ASN A 12 -17.61 -5.11 -20.34
CA ASN A 12 -18.99 -4.86 -20.71
C ASN A 12 -19.56 -3.87 -19.71
N ASP A 13 -19.41 -4.21 -18.43
CA ASP A 13 -20.06 -3.57 -17.30
C ASP A 13 -19.26 -3.91 -16.04
N GLY A 14 -19.76 -3.50 -14.88
CA GLY A 14 -19.33 -3.98 -13.58
C GLY A 14 -19.40 -2.87 -12.54
N ALA A 15 -20.35 -1.94 -12.66
CA ALA A 15 -20.30 -0.76 -11.83
C ALA A 15 -20.86 -1.12 -10.47
N TYR A 16 -19.99 -1.11 -9.47
CA TYR A 16 -20.33 -1.30 -8.07
C TYR A 16 -21.54 -0.48 -7.62
N TYR A 17 -21.53 0.82 -7.93
CA TYR A 17 -22.56 1.76 -7.54
C TYR A 17 -23.53 2.03 -8.66
N LEU A 18 -23.01 2.18 -9.88
CA LEU A 18 -23.81 2.60 -11.01
C LEU A 18 -24.65 1.41 -11.47
N GLN A 19 -24.18 0.17 -11.23
CA GLN A 19 -24.91 -1.06 -11.54
C GLN A 19 -25.07 -1.34 -13.03
N THR A 20 -24.63 -0.41 -13.88
CA THR A 20 -24.80 -0.39 -15.32
C THR A 20 -23.92 0.75 -15.88
N GLN A 21 -24.43 1.98 -15.94
CA GLN A 21 -23.86 3.08 -16.71
C GLN A 21 -24.19 4.46 -16.14
N PHE A 22 -24.72 4.47 -14.91
CA PHE A 22 -25.37 5.60 -14.27
C PHE A 22 -24.39 6.74 -13.96
N THR A 23 -24.94 7.88 -13.55
CA THR A 23 -24.29 9.16 -13.35
C THR A 23 -23.44 9.56 -14.56
N ASN A 24 -22.59 10.59 -14.44
CA ASN A 24 -21.55 10.85 -15.43
C ASN A 24 -20.34 10.02 -15.01
N ALA A 25 -20.14 8.93 -15.73
CA ALA A 25 -19.07 7.96 -15.53
C ALA A 25 -18.34 7.70 -16.84
N ASP A 26 -19.02 7.83 -17.97
CA ASP A 26 -18.43 7.71 -19.32
C ASP A 26 -17.30 8.73 -19.47
N LYS A 27 -17.61 10.03 -19.31
CA LYS A 27 -16.59 11.10 -19.39
C LYS A 27 -15.51 10.96 -18.31
N VAL A 28 -15.76 10.20 -17.25
CA VAL A 28 -14.79 9.99 -16.18
C VAL A 28 -13.80 8.97 -16.72
N ASN A 29 -14.28 7.76 -17.02
CA ASN A 29 -13.38 6.69 -17.42
C ASN A 29 -12.67 6.99 -18.73
N GLU A 30 -13.21 7.86 -19.58
CA GLU A 30 -12.49 8.40 -20.73
C GLU A 30 -11.14 8.98 -20.28
N TYR A 31 -11.16 9.93 -19.34
CA TYR A 31 -9.97 10.56 -18.81
C TYR A 31 -9.13 9.51 -18.08
N LEU A 32 -9.73 8.77 -17.15
CA LEU A 32 -9.02 7.80 -16.30
C LEU A 32 -8.38 6.66 -17.09
N ALA A 33 -8.82 6.42 -18.32
CA ALA A 33 -8.25 5.43 -19.22
C ALA A 33 -7.12 6.06 -20.03
N GLN A 34 -7.39 7.16 -20.75
CA GLN A 34 -6.38 7.84 -21.55
C GLN A 34 -5.17 8.23 -20.69
N HIS A 35 -5.38 8.55 -19.41
CA HIS A 35 -4.36 9.02 -18.49
C HIS A 35 -4.04 7.97 -17.40
N ASP A 36 -4.40 6.68 -17.58
CA ASP A 36 -4.15 5.65 -16.56
C ASP A 36 -2.67 5.53 -16.19
N GLY A 37 -1.78 5.74 -17.14
CA GLY A 37 -0.33 5.71 -16.94
C GLY A 37 0.17 6.94 -16.19
N GLU A 38 -0.45 8.10 -16.36
CA GLU A 38 -0.14 9.33 -15.64
C GLU A 38 -0.47 9.13 -14.16
N ILE A 39 -1.69 8.63 -13.92
CA ILE A 39 -2.20 8.24 -12.62
C ILE A 39 -1.24 7.22 -12.00
N ARG A 40 -0.99 6.08 -12.68
CA ARG A 40 -0.13 5.03 -12.15
C ARG A 40 1.25 5.59 -11.80
N ALA A 41 1.80 6.51 -12.59
CA ALA A 41 3.10 7.08 -12.33
C ALA A 41 3.07 8.01 -11.11
N GLU A 42 2.14 8.97 -11.07
CA GLU A 42 2.07 9.93 -9.96
C GLU A 42 1.80 9.18 -8.66
N ALA A 43 0.90 8.19 -8.72
CA ALA A 43 0.48 7.40 -7.58
C ALA A 43 1.45 6.29 -7.19
N ALA A 44 2.37 5.87 -8.08
CA ALA A 44 3.46 4.99 -7.68
C ALA A 44 4.61 5.80 -7.07
N ALA A 45 4.77 7.06 -7.49
CA ALA A 45 5.85 7.93 -7.05
C ALA A 45 5.59 8.63 -5.71
N ASP A 46 4.37 8.51 -5.17
CA ASP A 46 3.93 9.21 -3.98
C ASP A 46 4.86 8.85 -2.81
N PRO A 47 5.17 9.80 -1.90
CA PRO A 47 6.21 9.62 -0.90
C PRO A 47 5.93 8.44 0.04
N ALA A 48 4.66 8.24 0.41
CA ALA A 48 4.29 7.16 1.31
C ALA A 48 4.37 5.83 0.57
N VAL A 49 3.97 5.80 -0.71
CA VAL A 49 4.02 4.59 -1.51
C VAL A 49 5.48 4.17 -1.67
N VAL A 50 6.36 5.07 -2.10
CA VAL A 50 7.76 4.73 -2.35
C VAL A 50 8.43 4.26 -1.06
N ALA A 51 8.21 4.99 0.04
CA ALA A 51 8.77 4.63 1.35
C ALA A 51 8.29 3.25 1.77
N ALA A 52 6.97 3.04 1.80
CA ALA A 52 6.39 1.82 2.28
C ALA A 52 6.80 0.63 1.40
N LYS A 53 6.93 0.79 0.08
CA LYS A 53 7.45 -0.25 -0.81
C LYS A 53 8.87 -0.63 -0.40
N ALA A 54 9.76 0.36 -0.34
CA ALA A 54 11.18 0.13 -0.07
C ALA A 54 11.38 -0.57 1.28
N ALA A 55 10.51 -0.28 2.25
CA ALA A 55 10.53 -1.01 3.52
C ALA A 55 9.86 -2.38 3.42
N LEU A 56 8.75 -2.51 2.68
CA LEU A 56 8.02 -3.77 2.52
C LEU A 56 8.97 -4.85 2.04
N ASP A 57 9.73 -4.59 0.97
CA ASP A 57 10.60 -5.62 0.37
C ASP A 57 11.83 -5.93 1.24
N ALA A 58 11.97 -5.29 2.40
CA ALA A 58 13.03 -5.50 3.39
C ALA A 58 12.46 -6.01 4.73
N VAL A 59 11.14 -6.06 4.89
CA VAL A 59 10.46 -6.45 6.12
C VAL A 59 9.29 -7.40 5.77
N GLU A 60 9.35 -8.05 4.61
CA GLU A 60 8.44 -9.11 4.22
C GLU A 60 8.83 -10.39 4.99
N GLY A 61 8.34 -11.56 4.58
CA GLY A 61 8.90 -12.82 5.06
C GLY A 61 8.21 -13.37 6.29
N GLY A 62 7.07 -12.81 6.70
CA GLY A 62 6.47 -13.15 7.98
C GLY A 62 7.21 -12.50 9.13
N SER A 63 7.90 -11.39 8.86
CA SER A 63 8.49 -10.55 9.89
C SER A 63 7.38 -10.04 10.83
N HIS A 64 7.74 -9.60 12.04
CA HIS A 64 6.77 -9.05 13.00
C HIS A 64 6.02 -7.87 12.38
N ASN A 65 6.78 -6.96 11.79
CA ASN A 65 6.32 -5.72 11.17
C ASN A 65 5.73 -5.94 9.77
N TYR A 66 5.70 -7.17 9.26
CA TYR A 66 5.27 -7.45 7.89
C TYR A 66 3.83 -6.98 7.66
N GLY A 67 2.92 -7.19 8.61
CA GLY A 67 1.56 -6.68 8.52
C GLY A 67 1.54 -5.15 8.46
N GLU A 68 2.22 -4.49 9.37
CA GLU A 68 2.25 -3.03 9.48
C GLU A 68 2.63 -2.42 8.13
N VAL A 69 3.79 -2.82 7.60
CA VAL A 69 4.34 -2.24 6.39
C VAL A 69 3.50 -2.65 5.16
N LYS A 70 3.05 -3.90 5.09
CA LYS A 70 2.22 -4.37 4.00
C LYS A 70 0.93 -3.56 3.94
N ALA A 71 0.21 -3.48 5.05
CA ALA A 71 -1.06 -2.77 5.12
C ALA A 71 -0.87 -1.28 4.82
N ALA A 72 0.23 -0.69 5.27
CA ALA A 72 0.57 0.70 5.00
C ALA A 72 0.78 0.92 3.50
N TYR A 73 1.63 0.13 2.87
CA TYR A 73 1.92 0.20 1.44
C TYR A 73 0.64 0.06 0.64
N GLU A 74 -0.05 -1.07 0.80
CA GLU A 74 -1.20 -1.46 0.03
C GLU A 74 -2.29 -0.39 0.11
N ALA A 75 -2.62 0.03 1.34
CA ALA A 75 -3.58 1.10 1.55
C ALA A 75 -3.18 2.38 0.82
N ALA A 76 -1.91 2.80 0.96
CA ALA A 76 -1.43 4.03 0.34
C ALA A 76 -1.39 3.92 -1.18
N PHE A 77 -1.09 2.74 -1.73
CA PHE A 77 -1.05 2.51 -3.17
C PHE A 77 -2.45 2.76 -3.73
N ASN A 78 -3.48 2.19 -3.07
CA ASN A 78 -4.86 2.48 -3.43
C ASN A 78 -5.16 3.96 -3.26
N ASN A 79 -4.74 4.54 -2.13
CA ASN A 79 -5.20 5.88 -1.80
C ASN A 79 -4.61 6.87 -2.79
N ALA A 80 -3.36 6.67 -3.20
CA ALA A 80 -2.65 7.50 -4.14
C ALA A 80 -3.33 7.37 -5.50
N PHE A 81 -3.63 6.14 -5.96
CA PHE A 81 -4.40 5.93 -7.18
C PHE A 81 -5.71 6.72 -7.13
N ASN A 82 -6.49 6.55 -6.05
CA ASN A 82 -7.73 7.29 -5.86
C ASN A 82 -7.50 8.80 -5.93
N ALA A 83 -6.54 9.31 -5.15
CA ALA A 83 -6.30 10.73 -4.98
C ALA A 83 -6.02 11.39 -6.33
N VAL A 84 -5.06 10.84 -7.05
CA VAL A 84 -4.64 11.34 -8.34
C VAL A 84 -5.83 11.33 -9.30
N ARG A 85 -6.48 10.17 -9.47
CA ARG A 85 -7.62 10.07 -10.40
C ARG A 85 -8.69 11.11 -10.05
N ASN A 86 -8.94 11.31 -8.75
CA ASN A 86 -10.01 12.18 -8.27
C ASN A 86 -9.71 13.61 -8.69
N LYS A 87 -8.52 14.10 -8.35
CA LYS A 87 -8.17 15.49 -8.64
C LYS A 87 -8.22 15.73 -10.13
N TYR A 88 -7.62 14.85 -10.93
CA TYR A 88 -7.66 14.99 -12.38
C TYR A 88 -9.09 15.06 -12.93
N VAL A 89 -9.98 14.16 -12.53
CA VAL A 89 -11.37 14.13 -12.98
C VAL A 89 -12.08 15.42 -12.58
N GLN A 90 -11.94 15.82 -11.32
CA GLN A 90 -12.63 16.99 -10.82
C GLN A 90 -12.11 18.26 -11.51
N ARG A 91 -10.79 18.41 -11.71
CA ARG A 91 -10.22 19.50 -12.50
C ARG A 91 -10.78 19.49 -13.92
N PHE A 92 -10.78 18.33 -14.58
CA PHE A 92 -11.26 18.15 -15.94
C PHE A 92 -12.69 18.67 -16.06
N GLN A 93 -13.62 18.07 -15.30
CA GLN A 93 -14.99 18.51 -15.30
C GLN A 93 -15.12 19.97 -14.88
N ALA A 94 -14.28 20.49 -13.97
CA ALA A 94 -14.40 21.87 -13.51
C ALA A 94 -14.20 22.89 -14.63
N THR A 95 -13.62 22.51 -15.77
CA THR A 95 -13.48 23.38 -16.93
C THR A 95 -14.27 22.86 -18.16
N TYR A 96 -14.58 21.56 -18.23
CA TYR A 96 -15.37 20.96 -19.29
C TYR A 96 -16.85 20.82 -18.92
N ASN A 97 -17.33 21.55 -17.90
CA ASN A 97 -18.76 21.66 -17.61
C ASN A 97 -19.47 22.63 -18.59
N ASN A 98 -18.76 23.18 -19.58
CA ASN A 98 -19.24 24.11 -20.62
C ASN A 98 -20.54 23.69 -21.33
N ALA A 99 -20.91 22.41 -21.24
CA ALA A 99 -22.03 21.80 -21.96
C ALA A 99 -23.05 21.16 -21.01
N THR A 100 -22.97 21.45 -19.71
CA THR A 100 -23.80 20.90 -18.64
C THR A 100 -24.04 21.99 -17.58
N GLU A 101 -23.79 23.26 -17.92
CA GLU A 101 -23.70 24.43 -17.05
C GLU A 101 -22.57 24.33 -16.02
N GLN A 102 -21.65 25.30 -16.08
CA GLN A 102 -20.53 25.47 -15.18
C GLN A 102 -20.81 26.50 -14.07
N GLU A 103 -21.93 27.23 -14.15
CA GLU A 103 -22.43 28.19 -13.18
C GLU A 103 -21.32 29.19 -12.77
N GLY A 104 -21.40 29.79 -11.58
CA GLY A 104 -20.42 30.74 -11.03
C GLY A 104 -19.63 30.16 -9.86
N LYS A 105 -19.52 28.83 -9.79
CA LYS A 105 -19.05 28.06 -8.65
C LYS A 105 -17.53 27.90 -8.69
N THR A 106 -16.76 28.93 -8.31
CA THR A 106 -15.31 28.84 -8.38
C THR A 106 -14.76 27.93 -7.27
N TYR A 107 -15.54 27.70 -6.22
CA TYR A 107 -15.08 27.22 -4.93
C TYR A 107 -15.85 25.98 -4.48
N ILE A 108 -16.38 25.22 -5.43
CA ILE A 108 -17.25 24.07 -5.19
C ILE A 108 -16.75 22.92 -6.06
N GLN A 109 -16.99 21.70 -5.59
CA GLN A 109 -16.59 20.45 -6.18
C GLN A 109 -17.78 19.49 -6.19
N GLY A 110 -17.80 18.56 -7.14
CA GLY A 110 -18.79 17.48 -7.13
C GLY A 110 -18.44 16.46 -6.05
N GLU A 111 -17.14 16.28 -5.79
CA GLU A 111 -16.60 15.19 -4.98
C GLU A 111 -16.87 13.85 -5.67
N THR A 112 -16.45 12.73 -5.08
CA THR A 112 -16.64 11.40 -5.66
C THR A 112 -16.91 10.36 -4.56
N PRO A 113 -17.53 9.21 -4.92
CA PRO A 113 -17.81 8.16 -3.94
C PRO A 113 -16.53 7.42 -3.56
N GLU A 114 -15.68 7.12 -4.56
CA GLU A 114 -14.39 6.50 -4.35
C GLU A 114 -13.46 7.37 -3.49
N GLN A 115 -13.73 8.69 -3.42
CA GLN A 115 -13.06 9.60 -2.51
C GLN A 115 -13.38 9.20 -1.07
N ALA A 116 -14.67 9.10 -0.75
CA ALA A 116 -15.19 8.78 0.57
C ALA A 116 -14.65 7.44 1.06
N ASN A 117 -14.52 6.48 0.13
CA ASN A 117 -14.00 5.16 0.45
C ASN A 117 -12.62 5.27 1.11
N ALA A 118 -11.66 5.89 0.41
CA ALA A 118 -10.29 6.08 0.91
C ALA A 118 -10.19 7.13 2.03
N ARG A 119 -11.18 8.02 2.15
CA ARG A 119 -11.26 9.07 3.17
C ARG A 119 -11.14 8.49 4.57
N TYR A 120 -11.70 7.29 4.74
CA TYR A 120 -11.75 6.50 5.95
C TYR A 120 -10.39 6.33 6.64
N LEU A 121 -9.27 6.52 5.94
CA LEU A 121 -7.93 6.40 6.52
C LEU A 121 -6.91 7.39 5.91
N LYS A 122 -7.37 8.47 5.25
CA LYS A 122 -6.53 9.45 4.54
C LYS A 122 -5.62 10.22 5.52
N ARG A 123 -4.29 10.09 5.40
CA ARG A 123 -3.33 10.63 6.38
C ARG A 123 -2.02 11.11 5.73
N VAL A 124 -2.00 11.43 4.43
CA VAL A 124 -0.77 11.52 3.64
C VAL A 124 -0.46 12.97 3.23
N GLY A 125 -0.54 13.86 4.21
CA GLY A 125 -0.06 15.24 4.09
C GLY A 125 1.43 15.31 3.83
N ALA A 126 1.79 15.04 2.58
CA ALA A 126 3.08 15.21 1.97
C ALA A 126 2.83 15.70 0.53
N ALA A 127 3.82 15.47 -0.32
CA ALA A 127 3.91 15.82 -1.74
C ALA A 127 3.50 14.64 -2.64
N ASN A 128 3.82 14.67 -3.94
CA ASN A 128 3.40 13.67 -4.93
C ASN A 128 4.63 13.19 -5.71
N ASN A 129 5.01 13.93 -6.75
CA ASN A 129 6.04 13.62 -7.75
C ASN A 129 5.58 12.53 -8.70
N GLN A 130 6.40 12.19 -9.71
CA GLN A 130 6.14 11.21 -10.74
C GLN A 130 7.49 10.59 -11.07
N ASN A 131 7.57 9.28 -11.28
CA ASN A 131 8.83 8.54 -11.38
C ASN A 131 8.63 7.19 -12.09
N PRO A 132 9.71 6.53 -12.55
CA PRO A 132 9.65 5.25 -13.25
C PRO A 132 9.32 4.09 -12.32
N ALA A 133 8.09 3.57 -12.37
CA ALA A 133 7.69 2.40 -11.62
C ALA A 133 6.58 1.67 -12.34
N ALA A 134 7.01 0.79 -13.22
CA ALA A 134 6.18 -0.14 -13.99
C ALA A 134 5.41 -1.06 -13.03
N GLU A 135 4.08 -0.97 -13.04
CA GLU A 135 3.18 -2.02 -12.61
C GLU A 135 1.94 -1.94 -13.50
N ASP A 136 1.14 -2.99 -13.45
CA ASP A 136 -0.03 -3.27 -14.26
C ASP A 136 -1.24 -3.19 -13.31
N LYS A 137 -2.34 -3.88 -13.59
CA LYS A 137 -3.45 -4.07 -12.66
C LYS A 137 -3.75 -5.57 -12.59
N GLY A 138 -2.71 -6.37 -12.36
CA GLY A 138 -2.77 -7.79 -12.02
C GLY A 138 -3.63 -8.62 -12.98
N ALA A 139 -3.06 -9.06 -14.10
CA ALA A 139 -3.75 -9.79 -15.18
C ALA A 139 -4.93 -8.97 -15.68
N THR A 140 -4.62 -7.77 -16.19
CA THR A 140 -5.57 -6.92 -16.89
C THR A 140 -6.15 -7.66 -18.08
N THR A 141 -5.40 -7.85 -19.15
CA THR A 141 -5.93 -8.56 -20.32
C THR A 141 -4.82 -9.43 -20.91
N PRO A 142 -4.41 -10.51 -20.21
CA PRO A 142 -3.55 -11.57 -20.77
C PRO A 142 -4.41 -12.53 -21.60
N ALA A 143 -4.94 -11.89 -22.61
CA ALA A 143 -5.58 -12.35 -23.80
C ALA A 143 -4.44 -12.89 -24.66
N SER A 144 -4.04 -14.09 -24.28
CA SER A 144 -2.93 -14.85 -24.82
C SER A 144 -3.09 -15.13 -26.32
N LYS A 145 -2.02 -15.67 -26.90
CA LYS A 145 -2.01 -16.23 -28.25
C LYS A 145 -2.47 -17.68 -28.15
N GLU A 146 -3.78 -17.85 -28.04
CA GLU A 146 -4.45 -19.14 -27.94
C GLU A 146 -5.76 -19.08 -28.73
N GLU A 147 -6.07 -20.08 -29.56
CA GLU A 147 -7.42 -20.25 -30.11
C GLU A 147 -7.77 -21.72 -30.38
N ALA A 148 -9.07 -22.03 -30.35
CA ALA A 148 -9.63 -23.33 -30.70
C ALA A 148 -9.66 -23.54 -32.22
N LYS A 149 -10.11 -22.53 -32.98
CA LYS A 149 -10.29 -22.53 -34.43
C LYS A 149 -10.96 -23.80 -34.95
N LYS A 150 -12.29 -23.92 -34.83
CA LYS A 150 -13.05 -25.08 -35.31
C LYS A 150 -14.41 -24.55 -35.72
N SER A 151 -14.88 -24.88 -36.93
CA SER A 151 -16.17 -24.46 -37.45
C SER A 151 -16.47 -25.31 -38.68
N GLU A 152 -17.59 -26.01 -38.73
CA GLU A 152 -17.97 -26.88 -39.84
C GLU A 152 -19.47 -26.79 -40.14
N ALA A 153 -19.88 -27.37 -41.27
CA ALA A 153 -21.21 -27.45 -41.88
C ALA A 153 -21.65 -26.14 -42.56
N ALA A 154 -22.73 -26.22 -43.34
CA ALA A 154 -23.28 -25.13 -44.11
C ALA A 154 -24.21 -24.30 -43.23
N ALA A 155 -23.89 -23.01 -43.07
CA ALA A 155 -24.67 -22.06 -42.28
C ALA A 155 -26.16 -22.11 -42.64
N LYS A 156 -26.98 -22.66 -41.72
CA LYS A 156 -28.43 -22.83 -41.85
C LYS A 156 -28.88 -23.57 -43.13
N ASN A 157 -27.97 -24.21 -43.86
CA ASN A 157 -28.18 -24.84 -45.16
C ASN A 157 -29.00 -23.97 -46.11
N ALA A 158 -28.48 -22.79 -46.45
CA ALA A 158 -29.10 -21.83 -47.37
C ALA A 158 -29.08 -22.35 -48.82
N GLY A 159 -29.91 -23.36 -49.13
CA GLY A 159 -30.01 -23.99 -50.44
C GLY A 159 -30.74 -23.10 -51.44
N LYS A 160 -30.03 -22.19 -52.11
CA LYS A 160 -30.56 -21.39 -53.21
C LYS A 160 -30.99 -22.32 -54.36
N ALA A 161 -32.29 -22.60 -54.49
CA ALA A 161 -32.88 -23.39 -55.57
C ALA A 161 -33.66 -22.50 -56.53
N ALA A 162 -34.33 -23.10 -57.52
CA ALA A 162 -35.19 -22.46 -58.50
C ALA A 162 -36.33 -23.42 -58.90
N GLY A 163 -37.11 -23.08 -59.92
CA GLY A 163 -38.26 -23.83 -60.40
C GLY A 163 -38.89 -23.03 -61.54
N LYS A 164 -40.23 -22.98 -61.58
CA LYS A 164 -41.10 -22.40 -62.63
C LYS A 164 -41.18 -23.33 -63.86
N ALA A 165 -42.08 -24.31 -63.81
CA ALA A 165 -42.57 -25.05 -64.96
C ALA A 165 -44.06 -25.23 -64.76
N LEU A 166 -44.89 -25.07 -65.81
CA LEU A 166 -46.33 -25.35 -65.77
C LEU A 166 -46.79 -25.52 -67.24
N PRO A 167 -47.74 -26.41 -67.56
CA PRO A 167 -48.24 -26.59 -68.93
C PRO A 167 -49.10 -25.40 -69.39
N LYS A 168 -49.51 -25.41 -70.66
CA LYS A 168 -50.41 -24.42 -71.27
C LYS A 168 -51.55 -25.18 -71.93
N THR A 169 -52.69 -24.51 -72.09
CA THR A 169 -53.88 -24.99 -72.77
C THR A 169 -54.52 -23.78 -73.45
N SER A 170 -55.18 -23.94 -74.59
CA SER A 170 -55.38 -22.86 -75.55
C SER A 170 -56.83 -22.79 -76.07
N ALA A 171 -57.83 -23.14 -75.25
CA ALA A 171 -59.24 -23.33 -75.64
C ALA A 171 -59.97 -22.07 -76.18
N VAL A 172 -59.26 -20.96 -76.39
CA VAL A 172 -59.81 -19.70 -76.87
C VAL A 172 -60.34 -19.92 -78.29
N LYS A 173 -61.49 -19.30 -78.63
CA LYS A 173 -62.12 -19.35 -79.95
C LYS A 173 -62.32 -20.78 -80.49
N HIS A 174 -62.54 -21.76 -79.61
CA HIS A 174 -62.99 -23.10 -80.01
C HIS A 174 -64.29 -23.03 -80.83
N HIS A 175 -64.64 -24.15 -81.48
CA HIS A 175 -65.53 -24.25 -82.62
C HIS A 175 -65.05 -23.34 -83.76
N HIS A 176 -65.42 -22.05 -83.72
CA HIS A 176 -65.35 -21.17 -84.88
C HIS A 176 -66.16 -21.78 -86.04
N HIS A 177 -65.97 -21.26 -87.26
CA HIS A 177 -66.69 -21.70 -88.47
C HIS A 177 -68.21 -21.56 -88.30
N HIS A 178 -68.97 -22.22 -89.18
CA HIS A 178 -70.42 -22.36 -89.14
C HIS A 178 -70.73 -23.70 -89.80
N HIS A 179 -71.99 -24.11 -89.79
CA HIS A 179 -72.52 -25.21 -90.59
C HIS A 179 -73.90 -24.75 -91.09
N MET A 1 -27.06 14.48 -3.25
CA MET A 1 -27.38 13.61 -4.39
C MET A 1 -28.09 14.44 -5.45
N ALA A 2 -27.76 14.21 -6.73
CA ALA A 2 -28.70 14.34 -7.82
C ALA A 2 -29.15 12.92 -8.18
N ASP A 3 -30.09 12.79 -9.11
CA ASP A 3 -30.44 11.56 -9.81
C ASP A 3 -30.85 11.98 -11.22
N GLU A 4 -30.93 11.04 -12.16
CA GLU A 4 -31.21 11.27 -13.58
C GLU A 4 -32.05 10.12 -14.19
N ALA A 5 -32.23 9.00 -13.49
CA ALA A 5 -32.69 7.73 -14.07
C ALA A 5 -34.16 7.76 -14.52
N THR A 6 -34.44 8.23 -15.74
CA THR A 6 -35.74 8.25 -16.36
C THR A 6 -35.54 8.42 -17.88
N ASP A 7 -36.61 8.14 -18.62
CA ASP A 7 -36.82 8.56 -20.01
C ASP A 7 -38.33 8.79 -20.19
N ALA A 8 -38.74 9.45 -21.28
CA ALA A 8 -40.13 9.80 -21.60
C ALA A 8 -40.62 9.15 -22.90
N ALA A 9 -39.94 8.13 -23.44
CA ALA A 9 -40.30 7.34 -24.60
C ALA A 9 -40.74 8.23 -25.77
N ARG A 10 -39.80 8.99 -26.31
CA ARG A 10 -40.07 10.25 -27.03
C ARG A 10 -39.66 10.18 -28.50
N ASN A 11 -39.22 9.01 -28.96
CA ASN A 11 -38.46 8.78 -30.19
C ASN A 11 -37.34 9.81 -30.33
N ASN A 12 -36.30 9.68 -29.51
CA ASN A 12 -35.08 10.49 -29.66
C ASN A 12 -34.30 10.00 -30.89
N ASP A 13 -33.17 10.65 -31.15
CA ASP A 13 -32.08 10.14 -31.97
C ASP A 13 -31.40 8.94 -31.29
N GLY A 14 -30.34 8.44 -31.92
CA GLY A 14 -29.61 7.25 -31.53
C GLY A 14 -28.11 7.49 -31.44
N ALA A 15 -27.65 8.66 -31.00
CA ALA A 15 -26.24 8.98 -30.94
C ALA A 15 -25.50 8.29 -29.78
N TYR A 16 -26.04 7.19 -29.25
CA TYR A 16 -25.55 6.32 -28.18
C TYR A 16 -25.38 7.08 -26.87
N TYR A 17 -24.31 7.87 -26.76
CA TYR A 17 -23.95 8.66 -25.61
C TYR A 17 -24.58 10.05 -25.68
N LEU A 18 -24.87 10.56 -26.88
CA LEU A 18 -25.27 11.95 -27.08
C LEU A 18 -26.75 12.09 -27.38
N GLN A 19 -27.48 10.98 -27.47
CA GLN A 19 -28.93 10.96 -27.63
C GLN A 19 -29.68 11.43 -26.39
N THR A 20 -28.93 11.95 -25.44
CA THR A 20 -29.41 12.24 -24.12
C THR A 20 -28.71 13.55 -23.80
N GLN A 21 -27.46 13.46 -23.37
CA GLN A 21 -26.50 14.51 -23.15
C GLN A 21 -25.29 13.81 -22.54
N PHE A 22 -24.31 13.49 -23.38
CA PHE A 22 -22.97 13.02 -22.94
C PHE A 22 -22.30 13.98 -21.94
N THR A 23 -22.67 13.78 -20.68
CA THR A 23 -22.37 14.70 -19.59
C THR A 23 -22.18 13.94 -18.24
N ASN A 24 -21.60 12.74 -18.28
CA ASN A 24 -21.84 11.70 -17.28
C ASN A 24 -20.62 10.80 -17.04
N ALA A 25 -20.78 9.66 -16.37
CA ALA A 25 -19.68 8.72 -16.14
C ALA A 25 -18.93 8.35 -17.40
N ASP A 26 -19.63 8.30 -18.55
CA ASP A 26 -18.99 8.15 -19.85
C ASP A 26 -17.98 9.26 -20.12
N LYS A 27 -18.34 10.55 -19.91
CA LYS A 27 -17.42 11.62 -20.31
C LYS A 27 -16.19 11.61 -19.39
N VAL A 28 -16.34 11.08 -18.17
CA VAL A 28 -15.26 10.88 -17.23
C VAL A 28 -14.31 9.81 -17.75
N ASN A 29 -14.83 8.63 -18.11
CA ASN A 29 -14.06 7.43 -18.40
C ASN A 29 -12.96 7.73 -19.41
N GLU A 30 -13.30 8.46 -20.46
CA GLU A 30 -12.39 8.70 -21.57
C GLU A 30 -11.15 9.48 -21.11
N TYR A 31 -11.35 10.43 -20.19
CA TYR A 31 -10.28 11.20 -19.57
C TYR A 31 -9.47 10.28 -18.64
N LEU A 32 -10.14 9.52 -17.75
CA LEU A 32 -9.49 8.61 -16.81
C LEU A 32 -8.63 7.59 -17.53
N ALA A 33 -9.08 7.07 -18.68
CA ALA A 33 -8.38 6.12 -19.52
C ALA A 33 -7.17 6.79 -20.15
N GLN A 34 -7.37 7.97 -20.78
CA GLN A 34 -6.30 8.77 -21.37
C GLN A 34 -5.13 8.95 -20.41
N HIS A 35 -5.43 9.26 -19.15
CA HIS A 35 -4.41 9.62 -18.19
C HIS A 35 -4.21 8.51 -17.14
N ASP A 36 -4.66 7.27 -17.44
CA ASP A 36 -4.55 6.12 -16.54
C ASP A 36 -3.09 5.81 -16.24
N GLY A 37 -2.25 5.78 -17.27
CA GLY A 37 -0.82 5.54 -17.13
C GLY A 37 -0.16 6.61 -16.27
N GLU A 38 -0.52 7.88 -16.49
CA GLU A 38 -0.02 9.03 -15.74
C GLU A 38 -0.34 8.87 -14.25
N ILE A 39 -1.63 8.68 -13.92
CA ILE A 39 -2.10 8.41 -12.56
C ILE A 39 -1.25 7.31 -11.94
N ARG A 40 -1.11 6.18 -12.61
CA ARG A 40 -0.56 4.98 -12.00
C ARG A 40 0.93 5.14 -11.80
N ALA A 41 1.63 5.77 -12.75
CA ALA A 41 3.03 6.10 -12.62
C ALA A 41 3.20 7.00 -11.39
N GLU A 42 2.41 8.07 -11.29
CA GLU A 42 2.45 8.99 -10.18
C GLU A 42 2.19 8.26 -8.87
N ALA A 43 1.16 7.41 -8.83
CA ALA A 43 0.76 6.68 -7.64
C ALA A 43 1.86 5.77 -7.12
N ALA A 44 2.55 5.06 -8.03
CA ALA A 44 3.67 4.22 -7.65
C ALA A 44 4.87 5.05 -7.21
N ALA A 45 5.04 6.24 -7.79
CA ALA A 45 6.05 7.22 -7.45
C ALA A 45 5.65 8.15 -6.29
N ASP A 46 4.55 7.88 -5.58
CA ASP A 46 4.20 8.68 -4.40
C ASP A 46 5.28 8.41 -3.34
N PRO A 47 5.70 9.41 -2.55
CA PRO A 47 6.85 9.27 -1.66
C PRO A 47 6.62 8.20 -0.58
N ALA A 48 5.39 8.09 -0.08
CA ALA A 48 5.04 7.11 0.92
C ALA A 48 5.07 5.72 0.32
N VAL A 49 4.61 5.58 -0.93
CA VAL A 49 4.52 4.30 -1.60
C VAL A 49 5.92 3.79 -1.91
N VAL A 50 6.81 4.61 -2.45
CA VAL A 50 8.20 4.20 -2.68
C VAL A 50 8.85 3.81 -1.35
N ALA A 51 8.70 4.64 -0.32
CA ALA A 51 9.30 4.35 0.98
C ALA A 51 8.77 3.05 1.58
N ALA A 52 7.45 2.85 1.52
CA ALA A 52 6.78 1.70 2.10
C ALA A 52 7.16 0.43 1.33
N LYS A 53 7.29 0.49 0.00
CA LYS A 53 7.72 -0.66 -0.79
C LYS A 53 9.14 -1.03 -0.38
N ALA A 54 10.06 -0.06 -0.28
CA ALA A 54 11.42 -0.31 0.17
C ALA A 54 11.42 -1.02 1.52
N ALA A 55 10.67 -0.48 2.50
CA ALA A 55 10.57 -1.05 3.82
C ALA A 55 9.93 -2.45 3.80
N LEU A 56 8.90 -2.68 2.97
CA LEU A 56 8.26 -3.99 2.81
C LEU A 56 9.29 -5.01 2.38
N ASP A 57 10.10 -4.67 1.37
CA ASP A 57 11.08 -5.58 0.77
C ASP A 57 12.20 -5.94 1.74
N ALA A 58 12.29 -5.26 2.89
CA ALA A 58 13.26 -5.52 3.94
C ALA A 58 12.62 -6.19 5.15
N VAL A 59 11.28 -6.28 5.20
CA VAL A 59 10.53 -6.71 6.37
C VAL A 59 9.28 -7.49 5.91
N GLU A 60 9.37 -8.26 4.81
CA GLU A 60 8.23 -9.04 4.31
C GLU A 60 8.08 -10.36 5.10
N GLY A 61 7.18 -11.24 4.68
CA GLY A 61 7.36 -12.68 4.90
C GLY A 61 7.17 -13.12 6.35
N GLY A 62 6.48 -12.29 7.15
CA GLY A 62 6.21 -12.58 8.55
C GLY A 62 7.19 -11.90 9.52
N SER A 63 8.04 -11.01 9.02
CA SER A 63 9.07 -10.30 9.79
C SER A 63 8.50 -9.27 10.80
N HIS A 64 7.67 -9.69 11.75
CA HIS A 64 7.07 -8.90 12.84
C HIS A 64 6.35 -7.65 12.35
N ASN A 65 7.03 -6.52 12.14
CA ASN A 65 6.44 -5.29 11.60
C ASN A 65 5.94 -5.45 10.17
N TYR A 66 6.09 -6.64 9.56
CA TYR A 66 5.55 -7.01 8.26
C TYR A 66 4.11 -6.54 8.09
N GLY A 67 3.21 -6.90 9.01
CA GLY A 67 1.79 -6.56 8.86
C GLY A 67 1.53 -5.06 8.87
N GLU A 68 2.36 -4.31 9.60
CA GLU A 68 2.24 -2.86 9.71
C GLU A 68 2.76 -2.19 8.43
N VAL A 69 3.97 -2.53 7.98
CA VAL A 69 4.53 -1.97 6.76
C VAL A 69 3.67 -2.37 5.56
N LYS A 70 3.15 -3.60 5.55
CA LYS A 70 2.19 -4.09 4.56
C LYS A 70 0.97 -3.17 4.54
N ALA A 71 0.33 -2.97 5.69
CA ALA A 71 -0.84 -2.12 5.77
C ALA A 71 -0.53 -0.71 5.28
N ALA A 72 0.59 -0.12 5.72
CA ALA A 72 1.02 1.20 5.29
C ALA A 72 1.17 1.27 3.76
N TYR A 73 1.87 0.30 3.16
CA TYR A 73 2.08 0.25 1.72
C TYR A 73 0.76 0.19 0.97
N GLU A 74 -0.08 -0.81 1.26
CA GLU A 74 -1.27 -1.03 0.45
C GLU A 74 -2.30 0.08 0.61
N ALA A 75 -2.46 0.54 1.85
CA ALA A 75 -3.33 1.67 2.15
C ALA A 75 -2.88 2.90 1.38
N ALA A 76 -1.61 3.28 1.49
CA ALA A 76 -1.09 4.47 0.83
C ALA A 76 -1.12 4.32 -0.68
N PHE A 77 -0.87 3.13 -1.22
CA PHE A 77 -0.85 2.92 -2.66
C PHE A 77 -2.25 3.06 -3.27
N ASN A 78 -3.26 2.41 -2.68
CA ASN A 78 -4.62 2.53 -3.20
C ASN A 78 -5.16 3.93 -2.98
N ASN A 79 -4.83 4.53 -1.82
CA ASN A 79 -5.01 5.96 -1.60
C ASN A 79 -4.42 6.73 -2.78
N ALA A 80 -3.13 6.59 -3.06
CA ALA A 80 -2.42 7.39 -4.03
C ALA A 80 -3.09 7.31 -5.39
N PHE A 81 -3.24 6.12 -5.96
CA PHE A 81 -3.74 6.04 -7.33
C PHE A 81 -5.19 6.53 -7.40
N ASN A 82 -6.03 6.19 -6.41
CA ASN A 82 -7.41 6.63 -6.48
C ASN A 82 -7.51 8.13 -6.25
N ALA A 83 -6.72 8.70 -5.33
CA ALA A 83 -6.73 10.10 -4.96
C ALA A 83 -6.17 10.97 -6.08
N VAL A 84 -5.10 10.53 -6.75
CA VAL A 84 -4.57 11.18 -7.95
C VAL A 84 -5.69 11.20 -8.99
N ARG A 85 -6.29 10.05 -9.31
CA ARG A 85 -7.38 9.99 -10.30
C ARG A 85 -8.50 10.95 -9.93
N ASN A 86 -8.99 10.91 -8.69
CA ASN A 86 -10.05 11.76 -8.19
C ASN A 86 -9.68 13.24 -8.35
N LYS A 87 -8.50 13.65 -7.89
CA LYS A 87 -8.05 15.05 -7.96
C LYS A 87 -8.09 15.54 -9.41
N TYR A 88 -7.56 14.74 -10.33
CA TYR A 88 -7.46 15.08 -11.74
C TYR A 88 -8.86 15.25 -12.32
N VAL A 89 -9.73 14.22 -12.21
CA VAL A 89 -11.08 14.29 -12.77
C VAL A 89 -11.89 15.41 -12.13
N GLN A 90 -11.75 15.67 -10.83
CA GLN A 90 -12.41 16.78 -10.18
C GLN A 90 -12.01 18.09 -10.84
N ARG A 91 -10.71 18.41 -10.97
CA ARG A 91 -10.34 19.68 -11.63
C ARG A 91 -10.88 19.77 -13.06
N PHE A 92 -10.89 18.66 -13.81
CA PHE A 92 -11.44 18.63 -15.16
C PHE A 92 -12.95 18.87 -15.13
N GLN A 93 -13.73 17.97 -14.55
CA GLN A 93 -15.18 18.00 -14.56
C GLN A 93 -15.71 19.21 -13.79
N ALA A 94 -14.96 19.79 -12.85
CA ALA A 94 -15.30 21.08 -12.24
C ALA A 94 -15.66 22.07 -13.32
N THR A 95 -14.70 22.36 -14.21
CA THR A 95 -14.92 23.36 -15.24
C THR A 95 -15.82 22.77 -16.34
N TYR A 96 -15.73 21.46 -16.61
CA TYR A 96 -16.53 20.80 -17.65
C TYR A 96 -17.94 20.40 -17.25
N ASN A 97 -18.41 20.83 -16.09
CA ASN A 97 -19.83 20.86 -15.76
C ASN A 97 -20.45 22.23 -16.04
N ASN A 98 -19.63 23.15 -16.56
CA ASN A 98 -19.85 24.56 -16.85
C ASN A 98 -20.14 25.36 -15.56
N ALA A 99 -20.05 26.70 -15.68
CA ALA A 99 -19.89 27.71 -14.62
C ALA A 99 -18.67 27.51 -13.70
N THR A 100 -18.10 26.31 -13.63
CA THR A 100 -17.21 25.86 -12.58
C THR A 100 -17.96 25.87 -11.24
N GLU A 101 -18.99 25.01 -11.14
CA GLU A 101 -19.77 24.66 -9.93
C GLU A 101 -18.94 24.20 -8.72
N GLN A 102 -17.61 24.15 -8.82
CA GLN A 102 -16.78 23.30 -8.02
C GLN A 102 -15.63 24.13 -7.40
N GLU A 103 -14.62 24.53 -8.19
CA GLU A 103 -13.52 25.40 -7.81
C GLU A 103 -12.88 25.12 -6.44
N GLY A 104 -12.32 23.92 -6.26
CA GLY A 104 -11.48 23.63 -5.09
C GLY A 104 -12.22 23.62 -3.76
N LYS A 105 -13.55 23.48 -3.80
CA LYS A 105 -14.47 23.35 -2.67
C LYS A 105 -14.03 22.34 -1.61
N THR A 106 -14.64 22.46 -0.43
CA THR A 106 -14.46 21.55 0.69
C THR A 106 -15.79 21.04 1.24
N TYR A 107 -16.90 21.76 1.02
CA TYR A 107 -18.19 21.46 1.66
C TYR A 107 -19.38 21.52 0.70
N ILE A 108 -19.12 21.34 -0.58
CA ILE A 108 -20.09 21.42 -1.68
C ILE A 108 -20.18 20.02 -2.30
N GLN A 109 -21.19 19.77 -3.12
CA GLN A 109 -21.27 18.60 -4.00
C GLN A 109 -20.13 18.65 -5.05
N GLY A 110 -20.17 17.77 -6.06
CA GLY A 110 -19.08 17.59 -7.00
C GLY A 110 -18.03 16.73 -6.32
N GLU A 111 -18.23 15.41 -6.35
CA GLU A 111 -17.43 14.35 -5.73
C GLU A 111 -17.62 13.09 -6.60
N THR A 112 -17.09 11.94 -6.18
CA THR A 112 -17.21 10.65 -6.86
C THR A 112 -17.71 9.57 -5.89
N PRO A 113 -18.27 8.45 -6.37
CA PRO A 113 -18.66 7.36 -5.49
C PRO A 113 -17.42 6.63 -4.97
N GLU A 114 -16.40 6.46 -5.81
CA GLU A 114 -15.14 5.87 -5.44
C GLU A 114 -14.33 6.78 -4.50
N GLN A 115 -14.70 8.06 -4.34
CA GLN A 115 -14.16 8.86 -3.26
C GLN A 115 -14.58 8.25 -1.92
N ALA A 116 -15.87 7.95 -1.75
CA ALA A 116 -16.37 7.32 -0.53
C ALA A 116 -15.78 5.91 -0.33
N ASN A 117 -15.47 5.20 -1.41
CA ASN A 117 -14.82 3.89 -1.34
C ASN A 117 -13.41 4.01 -0.75
N ALA A 118 -12.60 4.94 -1.26
CA ALA A 118 -11.27 5.19 -0.71
C ALA A 118 -11.30 5.92 0.65
N ARG A 119 -12.35 6.68 0.97
CA ARG A 119 -12.52 7.34 2.28
C ARG A 119 -12.76 6.35 3.41
N TYR A 120 -13.25 5.15 3.11
CA TYR A 120 -13.63 4.16 4.13
C TYR A 120 -12.45 3.81 5.03
N LEU A 121 -11.22 3.80 4.50
CA LEU A 121 -10.01 3.40 5.20
C LEU A 121 -9.70 4.32 6.38
N LYS A 122 -10.22 4.02 7.57
CA LYS A 122 -9.88 4.76 8.80
C LYS A 122 -10.02 3.96 10.09
N ARG A 123 -10.45 2.71 10.03
CA ARG A 123 -10.51 1.81 11.18
C ARG A 123 -9.14 1.13 11.32
N VAL A 124 -8.82 0.70 12.54
CA VAL A 124 -7.62 -0.10 12.85
C VAL A 124 -7.99 -1.24 13.81
N GLY A 125 -9.28 -1.37 14.13
CA GLY A 125 -9.80 -2.16 15.24
C GLY A 125 -9.48 -1.49 16.57
N ALA A 126 -9.66 -2.24 17.66
CA ALA A 126 -9.00 -2.02 18.94
C ALA A 126 -8.55 -3.41 19.39
N ALA A 127 -7.30 -3.76 19.08
CA ALA A 127 -6.71 -5.08 19.25
C ALA A 127 -6.03 -5.16 20.62
N ASN A 128 -6.83 -5.25 21.70
CA ASN A 128 -6.32 -5.53 23.04
C ASN A 128 -7.39 -6.24 23.86
N ASN A 129 -7.01 -7.19 24.70
CA ASN A 129 -7.83 -7.82 25.73
C ASN A 129 -6.90 -8.69 26.59
N GLN A 130 -6.44 -8.17 27.74
CA GLN A 130 -5.79 -8.95 28.79
C GLN A 130 -6.03 -8.32 30.16
N ASN A 131 -5.93 -9.14 31.22
CA ASN A 131 -5.80 -8.76 32.64
C ASN A 131 -5.44 -9.99 33.48
N PRO A 132 -4.91 -9.83 34.71
CA PRO A 132 -4.76 -10.93 35.66
C PRO A 132 -6.11 -11.40 36.22
N ALA A 133 -6.11 -12.52 36.95
CA ALA A 133 -7.18 -12.95 37.84
C ALA A 133 -6.61 -13.99 38.80
N ALA A 134 -6.14 -13.53 39.95
CA ALA A 134 -5.67 -14.36 41.05
C ALA A 134 -5.80 -13.60 42.36
N GLU A 135 -6.84 -13.92 43.15
CA GLU A 135 -6.91 -13.58 44.56
C GLU A 135 -7.99 -14.44 45.19
N ASP A 136 -7.72 -15.12 46.30
CA ASP A 136 -8.76 -15.74 47.11
C ASP A 136 -8.30 -15.84 48.55
N LYS A 137 -8.88 -15.01 49.42
CA LYS A 137 -8.87 -15.05 50.88
C LYS A 137 -7.51 -14.81 51.54
N GLY A 138 -6.42 -15.22 50.92
CA GLY A 138 -5.06 -15.16 51.42
C GLY A 138 -4.71 -16.28 52.39
N ALA A 139 -5.57 -17.32 52.58
CA ALA A 139 -5.36 -18.27 53.67
C ALA A 139 -6.03 -19.63 53.44
N THR A 140 -5.77 -20.21 52.28
CA THR A 140 -6.18 -21.57 51.99
C THR A 140 -5.22 -22.56 52.69
N THR A 141 -5.46 -22.80 53.98
CA THR A 141 -4.89 -23.85 54.83
C THR A 141 -3.36 -24.06 54.67
N PRO A 142 -2.53 -23.21 55.30
CA PRO A 142 -1.06 -23.22 55.11
C PRO A 142 -0.34 -24.36 55.84
N ALA A 143 -1.06 -25.21 56.57
CA ALA A 143 -0.57 -26.40 57.27
C ALA A 143 0.70 -26.15 58.12
N SER A 144 0.68 -25.08 58.93
CA SER A 144 1.75 -24.68 59.83
C SER A 144 2.29 -25.86 60.65
N LYS A 145 3.54 -26.25 60.40
CA LYS A 145 4.20 -27.37 61.10
C LYS A 145 4.87 -26.92 62.41
N GLU A 146 4.31 -25.92 63.08
CA GLU A 146 4.92 -25.16 64.14
C GLU A 146 5.37 -25.94 65.38
N GLU A 147 4.74 -27.08 65.72
CA GLU A 147 5.20 -27.94 66.83
C GLU A 147 5.47 -29.37 66.33
N ALA A 148 6.28 -30.12 67.11
CA ALA A 148 6.56 -31.53 66.95
C ALA A 148 6.19 -32.33 68.21
N LYS A 149 6.78 -32.04 69.38
CA LYS A 149 6.48 -32.72 70.65
C LYS A 149 6.94 -31.86 71.83
N LYS A 150 6.67 -32.33 73.06
CA LYS A 150 7.27 -31.94 74.34
C LYS A 150 7.56 -33.26 75.06
N SER A 151 8.30 -33.27 76.16
CA SER A 151 8.62 -34.48 76.89
C SER A 151 9.36 -34.11 78.17
N GLU A 152 8.71 -34.31 79.32
CA GLU A 152 9.10 -33.74 80.61
C GLU A 152 8.67 -34.68 81.75
N ALA A 153 9.36 -34.61 82.90
CA ALA A 153 9.05 -35.30 84.14
C ALA A 153 9.91 -34.72 85.27
N ALA A 154 9.59 -35.02 86.53
CA ALA A 154 10.47 -34.83 87.69
C ALA A 154 10.00 -35.78 88.81
N ALA A 155 10.87 -36.07 89.79
CA ALA A 155 10.52 -36.73 91.04
C ALA A 155 11.60 -36.40 92.09
N LYS A 156 11.26 -36.53 93.38
CA LYS A 156 12.16 -36.43 94.52
C LYS A 156 11.33 -36.79 95.75
N ASN A 157 11.82 -37.65 96.64
CA ASN A 157 11.20 -37.83 97.96
C ASN A 157 12.27 -37.70 99.04
N ALA A 158 12.97 -38.78 99.40
CA ALA A 158 13.96 -38.84 100.47
C ALA A 158 14.61 -40.23 100.45
N GLY A 159 15.61 -40.46 101.30
CA GLY A 159 16.14 -41.78 101.63
C GLY A 159 17.00 -41.69 102.89
N LYS A 160 17.29 -42.83 103.51
CA LYS A 160 18.28 -43.05 104.58
C LYS A 160 18.66 -44.54 104.49
N ALA A 161 19.58 -44.99 105.36
CA ALA A 161 19.55 -46.36 105.83
C ALA A 161 18.34 -46.48 106.76
N ALA A 162 18.47 -46.12 108.05
CA ALA A 162 17.33 -46.00 108.95
C ALA A 162 17.56 -44.87 109.96
N GLY A 163 18.24 -45.19 111.06
CA GLY A 163 18.34 -44.35 112.25
C GLY A 163 19.46 -44.85 113.15
N LYS A 164 19.37 -44.59 114.46
CA LYS A 164 20.31 -45.05 115.47
C LYS A 164 19.51 -45.74 116.57
N ALA A 165 20.10 -46.70 117.27
CA ALA A 165 19.45 -47.54 118.28
C ALA A 165 20.26 -47.43 119.56
N LEU A 166 20.48 -46.19 120.00
CA LEU A 166 21.21 -45.77 121.19
C LEU A 166 22.62 -46.38 121.19
N PRO A 167 23.55 -45.81 120.40
CA PRO A 167 24.85 -46.42 120.20
C PRO A 167 25.71 -46.31 121.48
N LYS A 168 25.61 -47.30 122.37
CA LYS A 168 26.27 -47.30 123.69
C LYS A 168 27.79 -47.56 123.62
N THR A 169 28.36 -47.58 122.41
CA THR A 169 29.74 -47.89 122.06
C THR A 169 30.25 -49.24 122.62
N SER A 170 31.49 -49.57 122.28
CA SER A 170 32.14 -50.86 122.56
C SER A 170 32.61 -50.92 124.02
N ALA A 171 31.66 -50.85 124.96
CA ALA A 171 31.93 -50.86 126.40
C ALA A 171 32.35 -52.24 126.94
N VAL A 172 32.49 -53.24 126.06
CA VAL A 172 32.76 -54.63 126.41
C VAL A 172 34.17 -54.74 127.00
N LYS A 173 34.27 -55.24 128.24
CA LYS A 173 35.48 -55.73 128.91
C LYS A 173 35.03 -56.49 130.16
N HIS A 174 35.97 -56.93 130.99
CA HIS A 174 35.79 -57.45 132.35
C HIS A 174 35.10 -58.82 132.45
N HIS A 175 34.37 -59.27 131.43
CA HIS A 175 33.83 -60.62 131.37
C HIS A 175 34.96 -61.64 131.41
N HIS A 176 35.03 -62.42 132.50
CA HIS A 176 35.90 -63.56 132.73
C HIS A 176 35.20 -64.47 133.75
N HIS A 177 35.82 -65.60 134.08
CA HIS A 177 35.51 -66.43 135.23
C HIS A 177 36.81 -66.61 136.02
N HIS A 178 36.70 -67.11 137.25
CA HIS A 178 37.79 -67.34 138.19
C HIS A 178 38.76 -66.14 138.31
N HIS A 179 39.94 -66.40 138.88
CA HIS A 179 41.09 -65.54 138.98
C HIS A 179 42.27 -66.40 138.50
N MET A 1 3.26 -4.13 -18.07
CA MET A 1 3.19 -4.81 -16.77
C MET A 1 1.73 -5.15 -16.44
N ALA A 2 1.18 -6.20 -17.04
CA ALA A 2 -0.13 -6.76 -16.73
C ALA A 2 -0.02 -8.28 -16.82
N ASP A 3 0.51 -8.93 -15.77
CA ASP A 3 0.43 -10.39 -15.71
C ASP A 3 -1.04 -10.83 -15.63
N GLU A 4 -1.35 -12.02 -16.12
CA GLU A 4 -2.68 -12.56 -16.29
C GLU A 4 -2.58 -14.04 -15.94
N ALA A 5 -3.20 -14.45 -14.82
CA ALA A 5 -2.88 -15.73 -14.16
C ALA A 5 -4.03 -16.37 -13.39
N THR A 6 -5.25 -15.87 -13.51
CA THR A 6 -6.39 -16.49 -12.85
C THR A 6 -7.63 -16.23 -13.71
N ASP A 7 -7.76 -17.03 -14.77
CA ASP A 7 -8.95 -16.99 -15.61
C ASP A 7 -10.12 -17.56 -14.81
N ALA A 8 -11.20 -16.78 -14.65
CA ALA A 8 -12.36 -17.18 -13.87
C ALA A 8 -13.69 -16.58 -14.37
N ALA A 9 -13.64 -15.60 -15.31
CA ALA A 9 -14.76 -14.88 -15.91
C ALA A 9 -15.39 -13.96 -14.87
N ARG A 10 -16.12 -14.58 -13.93
CA ARG A 10 -16.75 -14.08 -12.71
C ARG A 10 -17.69 -12.95 -13.09
N ASN A 11 -18.26 -13.08 -14.30
CA ASN A 11 -18.46 -11.90 -15.09
C ASN A 11 -19.50 -11.01 -14.48
N ASN A 12 -19.17 -9.74 -14.24
CA ASN A 12 -19.98 -8.87 -13.38
C ASN A 12 -19.72 -7.42 -13.79
N ASP A 13 -20.42 -6.47 -13.18
CA ASP A 13 -20.10 -5.04 -13.23
C ASP A 13 -18.71 -4.84 -12.63
N GLY A 14 -17.89 -4.08 -13.35
CA GLY A 14 -16.50 -3.81 -12.99
C GLY A 14 -16.27 -2.33 -12.99
N ALA A 15 -16.79 -1.63 -11.97
CA ALA A 15 -16.50 -0.22 -11.77
C ALA A 15 -15.63 -0.05 -10.53
N TYR A 16 -14.43 -0.61 -10.58
CA TYR A 16 -13.29 -0.49 -9.66
C TYR A 16 -13.65 -0.85 -8.22
N TYR A 17 -14.31 0.07 -7.52
CA TYR A 17 -14.73 -0.04 -6.13
C TYR A 17 -16.23 0.16 -5.94
N LEU A 18 -16.90 0.82 -6.89
CA LEU A 18 -18.34 0.92 -6.96
C LEU A 18 -18.90 -0.47 -7.19
N GLN A 19 -18.39 -1.15 -8.23
CA GLN A 19 -18.84 -2.46 -8.67
C GLN A 19 -20.34 -2.51 -9.06
N THR A 20 -20.90 -1.38 -9.47
CA THR A 20 -22.31 -1.18 -9.80
C THR A 20 -22.48 0.00 -10.75
N GLN A 21 -21.40 0.38 -11.45
CA GLN A 21 -21.28 1.51 -12.37
C GLN A 21 -21.86 2.84 -11.88
N PHE A 22 -21.99 3.05 -10.55
CA PHE A 22 -22.67 4.16 -9.90
C PHE A 22 -22.22 5.53 -10.41
N THR A 23 -23.13 6.50 -10.27
CA THR A 23 -23.06 7.88 -10.72
C THR A 23 -22.56 7.96 -12.17
N ASN A 24 -22.14 9.14 -12.62
CA ASN A 24 -21.43 9.26 -13.88
C ASN A 24 -19.96 8.93 -13.62
N ALA A 25 -19.64 7.64 -13.74
CA ALA A 25 -18.27 7.13 -13.71
C ALA A 25 -17.86 6.57 -15.07
N ASP A 26 -18.82 6.01 -15.82
CA ASP A 26 -18.59 5.46 -17.14
C ASP A 26 -17.95 6.52 -18.05
N LYS A 27 -18.61 7.67 -18.21
CA LYS A 27 -18.08 8.78 -18.99
C LYS A 27 -16.80 9.41 -18.42
N VAL A 28 -16.30 8.97 -17.26
CA VAL A 28 -15.03 9.40 -16.69
C VAL A 28 -13.94 8.35 -17.03
N ASN A 29 -14.34 7.08 -17.21
CA ASN A 29 -13.45 5.96 -17.55
C ASN A 29 -12.55 6.27 -18.75
N GLU A 30 -13.01 7.11 -19.68
CA GLU A 30 -12.27 7.63 -20.82
C GLU A 30 -10.97 8.28 -20.34
N TYR A 31 -11.10 9.36 -19.57
CA TYR A 31 -10.02 10.17 -19.05
C TYR A 31 -9.09 9.29 -18.20
N LEU A 32 -9.70 8.41 -17.41
CA LEU A 32 -8.95 7.53 -16.53
C LEU A 32 -8.11 6.52 -17.32
N ALA A 33 -8.67 5.91 -18.37
CA ALA A 33 -7.98 4.91 -19.18
C ALA A 33 -6.89 5.56 -20.04
N GLN A 34 -7.15 6.77 -20.53
CA GLN A 34 -6.20 7.53 -21.30
C GLN A 34 -4.96 7.85 -20.49
N HIS A 35 -5.16 8.39 -19.28
CA HIS A 35 -4.09 8.89 -18.45
C HIS A 35 -3.48 7.75 -17.61
N ASP A 36 -3.66 6.46 -17.94
CA ASP A 36 -3.28 5.37 -17.03
C ASP A 36 -1.78 5.45 -16.72
N GLY A 37 -1.02 5.94 -17.69
CA GLY A 37 0.41 6.23 -17.58
C GLY A 37 0.66 7.18 -16.43
N GLU A 38 0.10 8.39 -16.50
CA GLU A 38 0.33 9.44 -15.54
C GLU A 38 -0.28 9.10 -14.19
N ILE A 39 -1.53 8.62 -14.14
CA ILE A 39 -2.19 8.31 -12.88
C ILE A 39 -1.34 7.28 -12.16
N ARG A 40 -0.96 6.18 -12.83
CA ARG A 40 -0.12 5.20 -12.17
C ARG A 40 1.25 5.78 -11.85
N ALA A 41 1.82 6.63 -12.70
CA ALA A 41 3.13 7.20 -12.48
C ALA A 41 3.14 8.05 -11.21
N GLU A 42 2.16 8.94 -11.05
CA GLU A 42 2.11 9.89 -9.95
C GLU A 42 1.76 9.14 -8.65
N ALA A 43 0.90 8.13 -8.72
CA ALA A 43 0.59 7.26 -7.61
C ALA A 43 1.73 6.30 -7.26
N ALA A 44 2.59 5.93 -8.21
CA ALA A 44 3.70 5.00 -7.98
C ALA A 44 4.92 5.74 -7.44
N ALA A 45 5.14 6.96 -7.90
CA ALA A 45 6.25 7.80 -7.47
C ALA A 45 6.05 8.34 -6.05
N ASP A 46 4.84 8.26 -5.52
CA ASP A 46 4.40 9.05 -4.37
C ASP A 46 5.17 8.62 -3.13
N PRO A 47 5.52 9.53 -2.20
CA PRO A 47 6.51 9.28 -1.18
C PRO A 47 6.10 8.15 -0.24
N ALA A 48 4.79 8.04 0.01
CA ALA A 48 4.21 7.04 0.88
C ALA A 48 4.34 5.64 0.27
N VAL A 49 4.12 5.54 -1.04
CA VAL A 49 4.10 4.27 -1.76
C VAL A 49 5.55 3.80 -1.88
N VAL A 50 6.46 4.65 -2.36
CA VAL A 50 7.86 4.26 -2.51
C VAL A 50 8.48 3.89 -1.15
N ALA A 51 8.23 4.69 -0.11
CA ALA A 51 8.74 4.45 1.23
C ALA A 51 8.25 3.11 1.77
N ALA A 52 6.94 2.84 1.69
CA ALA A 52 6.41 1.57 2.16
C ALA A 52 6.95 0.41 1.33
N LYS A 53 7.17 0.59 0.02
CA LYS A 53 7.74 -0.47 -0.83
C LYS A 53 9.18 -0.77 -0.41
N ALA A 54 9.99 0.27 -0.23
CA ALA A 54 11.36 0.17 0.23
C ALA A 54 11.47 -0.54 1.57
N ALA A 55 10.50 -0.33 2.47
CA ALA A 55 10.47 -0.97 3.78
C ALA A 55 9.86 -2.38 3.74
N LEU A 56 8.96 -2.67 2.80
CA LEU A 56 8.31 -3.97 2.66
C LEU A 56 9.31 -4.98 2.13
N ASP A 57 10.09 -4.64 1.10
CA ASP A 57 11.08 -5.53 0.51
C ASP A 57 12.21 -5.83 1.52
N ALA A 58 12.22 -5.17 2.68
CA ALA A 58 13.14 -5.38 3.78
C ALA A 58 12.49 -6.13 4.95
N VAL A 59 11.16 -6.24 5.01
CA VAL A 59 10.41 -6.82 6.12
C VAL A 59 9.27 -7.71 5.57
N GLU A 60 9.55 -8.36 4.45
CA GLU A 60 8.68 -9.30 3.76
C GLU A 60 8.45 -10.59 4.58
N GLY A 61 7.77 -11.55 3.96
CA GLY A 61 7.99 -12.95 4.31
C GLY A 61 7.41 -13.30 5.67
N GLY A 62 6.34 -12.60 6.05
CA GLY A 62 5.61 -12.85 7.28
C GLY A 62 6.40 -12.52 8.53
N SER A 63 7.45 -11.69 8.42
CA SER A 63 8.08 -11.03 9.57
C SER A 63 7.04 -10.26 10.40
N HIS A 64 7.36 -9.86 11.63
CA HIS A 64 6.37 -9.26 12.53
C HIS A 64 5.75 -8.00 11.93
N ASN A 65 6.57 -7.02 11.56
CA ASN A 65 6.08 -5.75 11.05
C ASN A 65 5.64 -5.86 9.58
N TYR A 66 5.59 -7.06 8.97
CA TYR A 66 5.05 -7.31 7.63
C TYR A 66 3.65 -6.71 7.51
N GLY A 67 2.76 -7.00 8.46
CA GLY A 67 1.39 -6.52 8.41
C GLY A 67 1.30 -5.00 8.47
N GLU A 68 2.13 -4.36 9.30
CA GLU A 68 2.21 -2.91 9.42
C GLU A 68 2.55 -2.34 8.03
N VAL A 69 3.69 -2.75 7.45
CA VAL A 69 4.19 -2.16 6.22
C VAL A 69 3.32 -2.52 5.01
N LYS A 70 2.83 -3.76 4.92
CA LYS A 70 1.91 -4.19 3.88
C LYS A 70 0.66 -3.33 3.90
N ALA A 71 0.03 -3.20 5.06
CA ALA A 71 -1.18 -2.40 5.18
C ALA A 71 -0.85 -0.94 4.84
N ALA A 72 0.30 -0.43 5.28
CA ALA A 72 0.68 0.96 5.06
C ALA A 72 0.85 1.25 3.57
N TYR A 73 1.45 0.32 2.82
CA TYR A 73 1.55 0.38 1.37
C TYR A 73 0.16 0.38 0.77
N GLU A 74 -0.65 -0.65 1.01
CA GLU A 74 -1.94 -0.82 0.37
C GLU A 74 -2.85 0.39 0.61
N ALA A 75 -2.97 0.84 1.86
CA ALA A 75 -3.75 2.01 2.19
C ALA A 75 -3.21 3.26 1.49
N ALA A 76 -1.90 3.52 1.58
CA ALA A 76 -1.27 4.64 0.87
C ALA A 76 -1.42 4.52 -0.64
N PHE A 77 -1.50 3.32 -1.20
CA PHE A 77 -1.59 3.03 -2.62
C PHE A 77 -3.00 3.37 -3.10
N ASN A 78 -4.05 2.98 -2.36
CA ASN A 78 -5.39 3.43 -2.66
C ASN A 78 -5.46 4.94 -2.58
N ASN A 79 -4.89 5.50 -1.51
CA ASN A 79 -4.97 6.91 -1.21
C ASN A 79 -4.29 7.72 -2.32
N ALA A 80 -3.09 7.33 -2.76
CA ALA A 80 -2.37 8.05 -3.79
C ALA A 80 -3.12 7.94 -5.11
N PHE A 81 -3.49 6.72 -5.52
CA PHE A 81 -4.11 6.51 -6.81
C PHE A 81 -5.48 7.19 -6.86
N ASN A 82 -6.25 7.17 -5.77
CA ASN A 82 -7.46 7.99 -5.66
C ASN A 82 -7.09 9.45 -5.68
N ALA A 83 -6.04 9.92 -5.01
CA ALA A 83 -5.68 11.33 -4.94
C ALA A 83 -5.54 11.87 -6.36
N VAL A 84 -4.62 11.29 -7.15
CA VAL A 84 -4.42 11.72 -8.54
C VAL A 84 -5.70 11.54 -9.36
N ARG A 85 -6.36 10.38 -9.33
CA ARG A 85 -7.57 10.14 -10.12
C ARG A 85 -8.65 11.17 -9.77
N ASN A 86 -8.86 11.43 -8.49
CA ASN A 86 -9.86 12.38 -8.02
C ASN A 86 -9.49 13.77 -8.48
N LYS A 87 -8.24 14.20 -8.27
CA LYS A 87 -7.78 15.55 -8.61
C LYS A 87 -8.07 15.83 -10.09
N TYR A 88 -7.73 14.88 -10.96
CA TYR A 88 -8.02 14.95 -12.38
C TYR A 88 -9.52 15.03 -12.66
N VAL A 89 -10.35 14.08 -12.20
CA VAL A 89 -11.77 14.13 -12.53
C VAL A 89 -12.42 15.40 -11.96
N GLN A 90 -12.05 15.81 -10.74
CA GLN A 90 -12.50 17.06 -10.13
C GLN A 90 -12.25 18.22 -11.10
N ARG A 91 -11.00 18.42 -11.51
CA ARG A 91 -10.62 19.52 -12.39
C ARG A 91 -11.33 19.44 -13.74
N PHE A 92 -11.47 18.27 -14.34
CA PHE A 92 -12.08 18.09 -15.65
C PHE A 92 -13.60 18.29 -15.57
N GLN A 93 -14.30 17.54 -14.72
CA GLN A 93 -15.73 17.67 -14.52
C GLN A 93 -16.09 19.08 -14.06
N ALA A 94 -15.20 19.83 -13.40
CA ALA A 94 -15.43 21.23 -13.08
C ALA A 94 -15.67 22.11 -14.32
N THR A 95 -15.07 21.84 -15.48
CA THR A 95 -15.22 22.68 -16.69
C THR A 95 -16.32 22.02 -17.51
N TYR A 96 -16.05 20.79 -17.91
CA TYR A 96 -16.89 19.91 -18.70
C TYR A 96 -18.19 19.50 -17.99
N ASN A 97 -18.54 20.12 -16.85
CA ASN A 97 -19.83 19.97 -16.21
C ASN A 97 -20.93 20.37 -17.17
N ASN A 98 -20.72 21.50 -17.84
CA ASN A 98 -21.59 22.06 -18.88
C ASN A 98 -20.87 23.22 -19.59
N ALA A 99 -19.54 23.17 -19.70
CA ALA A 99 -18.68 24.29 -20.10
C ALA A 99 -18.87 25.49 -19.17
N THR A 100 -19.09 25.22 -17.88
CA THR A 100 -19.34 26.23 -16.86
C THR A 100 -18.04 26.79 -16.25
N GLU A 101 -16.88 26.32 -16.70
CA GLU A 101 -15.53 26.82 -16.43
C GLU A 101 -15.29 27.15 -14.95
N GLN A 102 -15.81 26.28 -14.09
CA GLN A 102 -15.90 26.39 -12.65
C GLN A 102 -14.54 26.08 -11.99
N GLU A 103 -13.47 26.71 -12.48
CA GLU A 103 -12.18 26.84 -11.82
C GLU A 103 -12.22 28.01 -10.83
N GLY A 104 -11.12 28.23 -10.09
CA GLY A 104 -10.90 29.38 -9.22
C GLY A 104 -11.66 29.28 -7.90
N LYS A 105 -12.84 28.67 -7.90
CA LYS A 105 -13.59 28.22 -6.75
C LYS A 105 -12.79 27.19 -5.95
N THR A 106 -11.90 27.64 -5.09
CA THR A 106 -11.25 26.83 -4.08
C THR A 106 -12.29 26.47 -3.02
N TYR A 107 -13.17 27.42 -2.72
CA TYR A 107 -14.12 27.44 -1.63
C TYR A 107 -15.38 26.62 -1.92
N ILE A 108 -15.27 25.65 -2.80
CA ILE A 108 -16.32 24.71 -3.20
C ILE A 108 -15.62 23.38 -3.47
N GLN A 109 -16.27 22.30 -3.08
CA GLN A 109 -15.77 20.94 -3.14
C GLN A 109 -16.62 20.11 -4.11
N GLY A 110 -16.14 18.94 -4.51
CA GLY A 110 -16.91 18.01 -5.34
C GLY A 110 -16.83 16.58 -4.86
N GLU A 111 -15.67 16.14 -4.36
CA GLU A 111 -15.40 14.79 -3.89
C GLU A 111 -15.57 13.73 -4.99
N THR A 112 -15.42 12.45 -4.66
CA THR A 112 -15.54 11.31 -5.59
C THR A 112 -16.28 10.15 -4.96
N PRO A 113 -16.89 9.26 -5.76
CA PRO A 113 -17.64 8.10 -5.28
C PRO A 113 -16.76 6.91 -4.88
N GLU A 114 -15.45 7.11 -4.91
CA GLU A 114 -14.42 6.20 -4.37
C GLU A 114 -13.68 6.80 -3.17
N GLN A 115 -13.93 8.06 -2.82
CA GLN A 115 -13.25 8.67 -1.67
C GLN A 115 -13.77 8.08 -0.36
N ALA A 116 -15.09 8.01 -0.20
CA ALA A 116 -15.72 7.43 0.98
C ALA A 116 -15.50 5.92 1.02
N ASN A 117 -15.37 5.27 -0.13
CA ASN A 117 -15.19 3.82 -0.21
C ASN A 117 -13.97 3.41 0.57
N ALA A 118 -12.80 3.98 0.22
CA ALA A 118 -11.59 3.72 0.97
C ALA A 118 -11.62 4.30 2.38
N ARG A 119 -12.49 5.27 2.71
CA ARG A 119 -12.62 5.70 4.10
C ARG A 119 -13.11 4.57 5.01
N TYR A 120 -13.71 3.50 4.46
CA TYR A 120 -14.03 2.28 5.19
C TYR A 120 -12.79 1.67 5.85
N LEU A 121 -11.62 1.79 5.19
CA LEU A 121 -10.43 1.01 5.48
C LEU A 121 -9.15 1.86 5.57
N LYS A 122 -9.28 3.19 5.59
CA LYS A 122 -8.18 4.12 5.84
C LYS A 122 -7.65 3.84 7.24
N ARG A 123 -6.44 3.27 7.33
CA ARG A 123 -5.80 2.92 8.59
C ARG A 123 -4.30 2.88 8.35
N VAL A 124 -3.50 2.89 9.40
CA VAL A 124 -2.07 2.62 9.34
C VAL A 124 -1.65 1.75 10.54
N GLY A 125 -2.46 0.72 10.77
CA GLY A 125 -2.24 -0.39 11.68
C GLY A 125 -2.08 0.14 13.08
N ALA A 126 -0.84 0.17 13.57
CA ALA A 126 -0.42 1.01 14.68
C ALA A 126 0.91 1.71 14.39
N ALA A 127 1.66 1.24 13.40
CA ALA A 127 2.88 1.77 12.82
C ALA A 127 4.06 1.83 13.79
N ASN A 128 3.95 1.16 14.95
CA ASN A 128 4.90 1.23 16.03
C ASN A 128 4.81 -0.07 16.82
N ASN A 129 5.77 -0.97 16.62
CA ASN A 129 5.93 -2.21 17.38
C ASN A 129 7.35 -2.74 17.13
N GLN A 130 7.87 -3.56 18.04
CA GLN A 130 9.05 -4.41 17.86
C GLN A 130 8.81 -5.71 18.64
N ASN A 131 9.51 -6.80 18.25
CA ASN A 131 9.45 -8.09 18.92
C ASN A 131 10.76 -8.89 18.73
N PRO A 132 11.05 -9.93 19.56
CA PRO A 132 12.09 -10.92 19.32
C PRO A 132 11.69 -11.90 18.20
N ALA A 133 12.39 -13.03 18.07
CA ALA A 133 12.19 -14.01 17.00
C ALA A 133 11.64 -15.35 17.55
N ALA A 134 12.52 -16.24 18.02
CA ALA A 134 12.18 -17.60 18.43
C ALA A 134 13.40 -18.26 19.09
N GLU A 135 13.50 -18.19 20.40
CA GLU A 135 14.65 -18.67 21.17
C GLU A 135 14.12 -19.74 22.12
N ASP A 136 14.01 -20.99 21.64
CA ASP A 136 13.53 -22.12 22.44
C ASP A 136 14.17 -23.40 21.87
N LYS A 137 13.90 -24.56 22.48
CA LYS A 137 14.30 -25.91 22.07
C LYS A 137 13.71 -26.36 20.72
N GLY A 138 13.18 -25.46 19.91
CA GLY A 138 12.73 -25.76 18.56
C GLY A 138 11.29 -26.26 18.52
N ALA A 139 10.46 -25.92 19.50
CA ALA A 139 9.04 -26.26 19.53
C ALA A 139 8.26 -25.07 20.07
N THR A 140 7.61 -24.31 19.19
CA THR A 140 6.80 -23.14 19.50
C THR A 140 5.45 -23.53 20.16
N THR A 141 5.48 -24.37 21.19
CA THR A 141 4.33 -24.90 21.91
C THR A 141 3.30 -25.53 20.95
N PRO A 142 3.61 -26.71 20.36
CA PRO A 142 2.71 -27.41 19.44
C PRO A 142 1.42 -27.89 20.13
N ALA A 143 1.47 -28.11 21.45
CA ALA A 143 0.33 -28.46 22.29
C ALA A 143 -0.45 -29.70 21.83
N SER A 144 0.20 -30.65 21.16
CA SER A 144 -0.44 -31.91 20.79
C SER A 144 -1.01 -32.63 22.02
N LYS A 145 -1.99 -33.52 21.79
CA LYS A 145 -2.66 -34.34 22.79
C LYS A 145 -2.77 -35.73 22.20
N GLU A 146 -1.61 -36.34 21.99
CA GLU A 146 -1.46 -37.66 21.38
C GLU A 146 -1.54 -38.69 22.50
N GLU A 147 -2.15 -39.85 22.26
CA GLU A 147 -2.12 -40.99 23.18
C GLU A 147 -2.10 -42.29 22.38
N ALA A 148 -1.71 -43.40 23.04
CA ALA A 148 -1.57 -44.72 22.42
C ALA A 148 -2.85 -45.56 22.53
N LYS A 149 -3.95 -44.99 23.02
CA LYS A 149 -5.17 -45.73 23.36
C LYS A 149 -5.89 -46.19 22.08
N LYS A 150 -5.74 -47.45 21.71
CA LYS A 150 -6.63 -48.14 20.79
C LYS A 150 -6.88 -49.53 21.33
N SER A 151 -7.99 -50.14 20.90
CA SER A 151 -8.35 -51.51 21.18
C SER A 151 -9.58 -51.75 20.32
N GLU A 152 -9.46 -52.68 19.38
CA GLU A 152 -10.39 -52.98 18.32
C GLU A 152 -10.34 -54.50 18.09
N ALA A 153 -11.27 -55.05 17.31
CA ALA A 153 -11.35 -56.48 17.04
C ALA A 153 -11.65 -56.71 15.56
N ALA A 154 -11.28 -57.89 15.05
CA ALA A 154 -11.44 -58.23 13.64
C ALA A 154 -12.92 -58.34 13.28
N ALA A 155 -13.25 -57.92 12.05
CA ALA A 155 -14.50 -58.28 11.42
C ALA A 155 -14.52 -59.80 11.20
N LYS A 156 -15.70 -60.41 11.27
CA LYS A 156 -15.86 -61.86 11.15
C LYS A 156 -16.62 -62.29 9.88
N ASN A 157 -17.14 -61.32 9.12
CA ASN A 157 -17.99 -61.47 7.93
C ASN A 157 -19.10 -62.51 8.11
N ALA A 158 -18.83 -63.79 7.85
CA ALA A 158 -19.74 -64.93 7.90
C ALA A 158 -20.94 -64.76 6.96
N GLY A 159 -21.86 -65.72 7.00
CA GLY A 159 -22.81 -65.92 5.91
C GLY A 159 -22.04 -66.30 4.65
N LYS A 160 -22.50 -65.85 3.49
CA LYS A 160 -21.76 -65.98 2.24
C LYS A 160 -22.05 -64.70 1.46
N ALA A 161 -21.10 -63.77 1.41
CA ALA A 161 -21.25 -62.55 0.64
C ALA A 161 -21.40 -62.90 -0.84
N ALA A 162 -22.25 -62.14 -1.56
CA ALA A 162 -22.53 -62.38 -2.97
C ALA A 162 -21.66 -61.54 -3.91
N GLY A 163 -21.00 -60.50 -3.42
CA GLY A 163 -20.24 -59.56 -4.23
C GLY A 163 -20.55 -58.12 -3.84
N LYS A 164 -20.16 -57.16 -4.69
CA LYS A 164 -20.35 -55.73 -4.49
C LYS A 164 -20.80 -55.17 -5.85
N ALA A 165 -22.10 -54.95 -6.01
CA ALA A 165 -22.59 -54.18 -7.15
C ALA A 165 -22.32 -52.69 -6.88
N LEU A 166 -22.33 -51.87 -7.93
CA LEU A 166 -22.28 -50.41 -7.84
C LEU A 166 -23.20 -49.85 -8.92
N PRO A 167 -24.50 -49.72 -8.65
CA PRO A 167 -25.44 -49.11 -9.58
C PRO A 167 -25.27 -47.58 -9.59
N LYS A 168 -25.68 -46.96 -10.71
CA LYS A 168 -25.59 -45.53 -11.05
C LYS A 168 -24.17 -44.95 -10.86
N THR A 169 -24.02 -43.65 -11.10
CA THR A 169 -22.75 -42.94 -11.02
C THR A 169 -22.95 -41.82 -10.01
N SER A 170 -22.59 -42.08 -8.75
CA SER A 170 -22.82 -41.15 -7.64
C SER A 170 -21.78 -39.99 -7.61
N ALA A 171 -21.21 -39.61 -8.75
CA ALA A 171 -20.07 -38.69 -8.89
C ALA A 171 -20.37 -37.23 -8.52
N VAL A 172 -21.63 -36.96 -8.24
CA VAL A 172 -22.23 -35.67 -7.93
C VAL A 172 -22.07 -34.65 -9.08
N LYS A 173 -22.89 -33.60 -9.07
CA LYS A 173 -23.16 -32.73 -10.21
C LYS A 173 -22.31 -31.46 -10.13
N HIS A 174 -21.56 -31.13 -11.19
CA HIS A 174 -20.68 -29.98 -11.24
C HIS A 174 -21.46 -28.72 -11.69
N HIS A 175 -21.76 -28.59 -12.98
CA HIS A 175 -22.35 -27.39 -13.57
C HIS A 175 -23.56 -27.73 -14.45
N HIS A 176 -24.36 -26.70 -14.73
CA HIS A 176 -25.58 -26.75 -15.52
C HIS A 176 -25.25 -26.60 -17.02
N HIS A 177 -24.45 -27.51 -17.60
CA HIS A 177 -23.93 -27.41 -18.97
C HIS A 177 -23.26 -26.05 -19.25
N HIS A 178 -23.02 -25.71 -20.52
CA HIS A 178 -22.33 -24.49 -20.97
C HIS A 178 -23.13 -23.23 -20.61
N HIS A 179 -22.57 -22.05 -20.93
CA HIS A 179 -23.14 -20.75 -20.63
C HIS A 179 -24.57 -20.65 -21.13
N MET A 1 1.18 -1.06 19.87
CA MET A 1 -0.22 -1.06 19.43
C MET A 1 -0.37 -1.96 18.20
N ALA A 2 -0.16 -1.47 16.97
CA ALA A 2 -0.67 -2.10 15.74
C ALA A 2 -2.19 -2.32 15.84
N ASP A 3 -2.89 -1.27 16.27
CA ASP A 3 -4.31 -1.29 16.63
C ASP A 3 -4.96 -0.07 15.98
N GLU A 4 -5.24 -0.15 14.67
CA GLU A 4 -5.98 0.88 13.95
C GLU A 4 -6.55 0.25 12.68
N ALA A 5 -7.83 -0.15 12.66
CA ALA A 5 -8.53 -0.57 11.46
C ALA A 5 -10.02 -0.22 11.55
N THR A 6 -10.64 0.01 10.39
CA THR A 6 -12.05 0.37 10.24
C THR A 6 -12.63 -0.19 8.92
N ASP A 7 -12.06 -1.26 8.36
CA ASP A 7 -12.53 -1.95 7.17
C ASP A 7 -13.52 -3.04 7.60
N ALA A 8 -14.79 -2.77 7.35
CA ALA A 8 -15.85 -3.76 7.42
C ALA A 8 -15.73 -4.69 6.22
N ALA A 9 -16.29 -4.28 5.07
CA ALA A 9 -16.37 -5.05 3.84
C ALA A 9 -16.80 -4.18 2.67
N ARG A 10 -16.86 -4.78 1.47
CA ARG A 10 -17.17 -4.14 0.20
C ARG A 10 -18.17 -5.06 -0.51
N ASN A 11 -19.42 -5.14 -0.05
CA ASN A 11 -20.31 -6.22 -0.45
C ASN A 11 -21.22 -5.82 -1.61
N ASN A 12 -22.22 -6.63 -1.95
CA ASN A 12 -23.32 -6.18 -2.79
C ASN A 12 -24.17 -5.19 -2.00
N ASP A 13 -24.70 -4.20 -2.70
CA ASP A 13 -25.64 -3.23 -2.14
C ASP A 13 -26.99 -3.40 -2.87
N GLY A 14 -28.05 -2.77 -2.37
CA GLY A 14 -29.40 -2.85 -2.93
C GLY A 14 -29.91 -1.50 -3.40
N ALA A 15 -29.06 -0.76 -4.10
CA ALA A 15 -29.40 0.56 -4.55
C ALA A 15 -30.05 0.38 -5.93
N TYR A 16 -31.33 0.63 -6.04
CA TYR A 16 -32.12 0.43 -7.24
C TYR A 16 -31.80 1.43 -8.37
N TYR A 17 -31.33 0.79 -9.41
CA TYR A 17 -30.63 1.30 -10.59
C TYR A 17 -29.29 1.93 -10.23
N LEU A 18 -28.83 1.70 -9.01
CA LEU A 18 -27.74 2.44 -8.40
C LEU A 18 -26.69 1.57 -7.74
N GLN A 19 -26.92 0.26 -7.54
CA GLN A 19 -26.05 -0.71 -6.81
C GLN A 19 -24.65 -0.93 -7.39
N THR A 20 -24.30 -0.07 -8.33
CA THR A 20 -23.29 -0.11 -9.37
C THR A 20 -23.10 1.31 -9.90
N GLN A 21 -23.35 2.27 -9.02
CA GLN A 21 -22.81 3.57 -8.99
C GLN A 21 -23.17 4.27 -10.32
N PHE A 22 -24.48 4.36 -10.58
CA PHE A 22 -25.06 5.09 -11.70
C PHE A 22 -24.92 6.57 -11.41
N THR A 23 -23.84 7.08 -11.97
CA THR A 23 -23.45 8.49 -12.09
C THR A 23 -22.72 8.59 -13.43
N ASN A 24 -22.20 9.77 -13.78
CA ASN A 24 -21.51 10.04 -15.04
C ASN A 24 -20.08 9.49 -14.98
N ALA A 25 -19.96 8.16 -14.92
CA ALA A 25 -18.70 7.47 -14.89
C ALA A 25 -18.04 7.46 -16.28
N ASP A 26 -18.83 7.46 -17.36
CA ASP A 26 -18.29 7.14 -18.67
C ASP A 26 -17.33 8.24 -19.11
N LYS A 27 -17.76 9.51 -19.07
CA LYS A 27 -16.92 10.63 -19.52
C LYS A 27 -15.60 10.68 -18.76
N VAL A 28 -15.70 10.39 -17.46
CA VAL A 28 -14.62 10.37 -16.50
C VAL A 28 -13.66 9.25 -16.90
N ASN A 29 -14.18 8.04 -17.11
CA ASN A 29 -13.38 6.85 -17.37
C ASN A 29 -12.56 7.02 -18.64
N GLU A 30 -13.05 7.78 -19.62
CA GLU A 30 -12.36 7.91 -20.89
C GLU A 30 -10.99 8.52 -20.62
N TYR A 31 -10.95 9.61 -19.83
CA TYR A 31 -9.75 10.24 -19.34
C TYR A 31 -8.95 9.24 -18.51
N LEU A 32 -9.58 8.60 -17.52
CA LEU A 32 -8.90 7.67 -16.61
C LEU A 32 -8.30 6.45 -17.31
N ALA A 33 -8.67 6.21 -18.57
CA ALA A 33 -8.11 5.20 -19.43
C ALA A 33 -6.99 5.81 -20.28
N GLN A 34 -7.27 6.87 -21.05
CA GLN A 34 -6.29 7.48 -21.95
C GLN A 34 -5.19 8.28 -21.24
N HIS A 35 -5.22 8.35 -19.91
CA HIS A 35 -4.22 8.99 -19.06
C HIS A 35 -3.78 8.04 -17.93
N ASP A 36 -4.09 6.74 -18.03
CA ASP A 36 -3.76 5.78 -16.98
C ASP A 36 -2.25 5.65 -16.74
N GLY A 37 -1.44 5.90 -17.76
CA GLY A 37 0.01 6.03 -17.63
C GLY A 37 0.39 7.09 -16.59
N GLU A 38 -0.03 8.33 -16.83
CA GLU A 38 0.26 9.47 -15.97
C GLU A 38 -0.23 9.21 -14.55
N ILE A 39 -1.49 8.83 -14.39
CA ILE A 39 -2.11 8.68 -13.06
C ILE A 39 -1.49 7.50 -12.31
N ARG A 40 -1.26 6.35 -12.96
CA ARG A 40 -0.61 5.20 -12.32
C ARG A 40 0.77 5.60 -11.82
N ALA A 41 1.54 6.32 -12.66
CA ALA A 41 2.89 6.72 -12.34
C ALA A 41 2.92 7.71 -11.17
N GLU A 42 2.02 8.71 -11.15
CA GLU A 42 1.90 9.64 -10.04
C GLU A 42 1.69 8.83 -8.74
N ALA A 43 0.73 7.91 -8.73
CA ALA A 43 0.46 7.06 -7.58
C ALA A 43 1.61 6.12 -7.22
N ALA A 44 2.45 5.72 -8.19
CA ALA A 44 3.64 4.91 -7.94
C ALA A 44 4.85 5.75 -7.52
N ALA A 45 4.79 7.07 -7.69
CA ALA A 45 5.83 8.00 -7.28
C ALA A 45 5.58 8.59 -5.88
N ASP A 46 4.38 8.42 -5.32
CA ASP A 46 3.90 9.12 -4.12
C ASP A 46 4.76 8.68 -2.91
N PRO A 47 5.07 9.56 -1.94
CA PRO A 47 6.12 9.29 -0.95
C PRO A 47 5.81 8.07 -0.10
N ALA A 48 4.54 7.87 0.23
CA ALA A 48 4.16 6.77 1.09
C ALA A 48 4.29 5.44 0.35
N VAL A 49 4.10 5.43 -0.98
CA VAL A 49 4.14 4.23 -1.78
C VAL A 49 5.61 3.84 -1.99
N VAL A 50 6.45 4.79 -2.39
CA VAL A 50 7.87 4.53 -2.59
C VAL A 50 8.52 4.09 -1.28
N ALA A 51 8.22 4.78 -0.17
CA ALA A 51 8.72 4.46 1.15
C ALA A 51 8.20 3.10 1.62
N ALA A 52 6.90 2.82 1.52
CA ALA A 52 6.35 1.57 2.00
C ALA A 52 6.88 0.38 1.18
N LYS A 53 7.11 0.53 -0.13
CA LYS A 53 7.72 -0.52 -0.94
C LYS A 53 9.16 -0.75 -0.50
N ALA A 54 9.96 0.32 -0.34
CA ALA A 54 11.34 0.20 0.11
C ALA A 54 11.42 -0.52 1.46
N ALA A 55 10.56 -0.11 2.40
CA ALA A 55 10.42 -0.73 3.71
C ALA A 55 10.04 -2.21 3.56
N LEU A 56 9.00 -2.51 2.76
CA LEU A 56 8.51 -3.86 2.55
C LEU A 56 9.60 -4.78 2.05
N ASP A 57 10.42 -4.38 1.09
CA ASP A 57 11.43 -5.24 0.48
C ASP A 57 12.48 -5.73 1.50
N ALA A 58 12.59 -5.01 2.63
CA ALA A 58 13.48 -5.31 3.73
C ALA A 58 12.73 -5.86 4.95
N VAL A 59 11.39 -5.84 4.95
CA VAL A 59 10.54 -6.25 6.05
C VAL A 59 9.31 -6.89 5.40
N GLU A 60 9.54 -7.85 4.51
CA GLU A 60 8.53 -8.69 3.88
C GLU A 60 8.52 -10.02 4.64
N GLY A 61 8.10 -11.12 4.02
CA GLY A 61 8.32 -12.48 4.49
C GLY A 61 7.62 -12.86 5.81
N GLY A 62 6.82 -11.95 6.37
CA GLY A 62 6.24 -12.17 7.68
C GLY A 62 7.17 -11.83 8.84
N SER A 63 8.20 -11.01 8.64
CA SER A 63 9.10 -10.49 9.68
C SER A 63 8.42 -9.59 10.75
N HIS A 64 7.33 -10.03 11.39
CA HIS A 64 6.55 -9.33 12.42
C HIS A 64 5.90 -8.05 11.86
N ASN A 65 6.68 -6.98 11.69
CA ASN A 65 6.22 -5.69 11.17
C ASN A 65 5.71 -5.79 9.75
N TYR A 66 5.84 -6.95 9.09
CA TYR A 66 5.26 -7.27 7.81
C TYR A 66 3.80 -6.83 7.73
N GLY A 67 2.99 -7.13 8.74
CA GLY A 67 1.58 -6.75 8.72
C GLY A 67 1.40 -5.23 8.70
N GLU A 68 2.18 -4.51 9.51
CA GLU A 68 2.18 -3.07 9.60
C GLU A 68 2.54 -2.46 8.24
N VAL A 69 3.70 -2.83 7.69
CA VAL A 69 4.22 -2.23 6.47
C VAL A 69 3.37 -2.64 5.26
N LYS A 70 2.86 -3.87 5.24
CA LYS A 70 1.93 -4.35 4.21
C LYS A 70 0.65 -3.53 4.24
N ALA A 71 0.02 -3.44 5.40
CA ALA A 71 -1.24 -2.71 5.55
C ALA A 71 -1.02 -1.26 5.10
N ALA A 72 0.07 -0.66 5.56
CA ALA A 72 0.50 0.66 5.15
C ALA A 72 0.61 0.77 3.64
N TYR A 73 1.31 -0.16 2.97
CA TYR A 73 1.50 -0.16 1.53
C TYR A 73 0.14 -0.22 0.82
N GLU A 74 -0.68 -1.25 1.04
CA GLU A 74 -1.92 -1.41 0.29
C GLU A 74 -2.86 -0.21 0.49
N ALA A 75 -2.99 0.25 1.74
CA ALA A 75 -3.78 1.42 2.06
C ALA A 75 -3.25 2.64 1.31
N ALA A 76 -1.95 2.94 1.42
CA ALA A 76 -1.34 4.10 0.77
C ALA A 76 -1.41 4.00 -0.76
N PHE A 77 -1.28 2.81 -1.33
CA PHE A 77 -1.30 2.51 -2.76
C PHE A 77 -2.66 2.89 -3.33
N ASN A 78 -3.73 2.29 -2.80
CA ASN A 78 -5.08 2.58 -3.26
C ASN A 78 -5.46 4.02 -2.93
N ASN A 79 -5.07 4.54 -1.76
CA ASN A 79 -5.25 5.93 -1.36
C ASN A 79 -4.69 6.86 -2.43
N ALA A 80 -3.41 6.69 -2.78
CA ALA A 80 -2.70 7.53 -3.74
C ALA A 80 -3.44 7.50 -5.06
N PHE A 81 -3.56 6.32 -5.67
CA PHE A 81 -4.19 6.18 -6.97
C PHE A 81 -5.57 6.82 -6.99
N ASN A 82 -6.40 6.55 -5.99
CA ASN A 82 -7.73 7.12 -5.90
C ASN A 82 -7.67 8.65 -5.70
N ALA A 83 -6.70 9.17 -4.95
CA ALA A 83 -6.53 10.59 -4.69
C ALA A 83 -6.21 11.34 -5.99
N VAL A 84 -5.17 10.89 -6.72
CA VAL A 84 -4.78 11.52 -7.98
C VAL A 84 -5.95 11.43 -8.96
N ARG A 85 -6.52 10.24 -9.16
CA ARG A 85 -7.66 10.02 -10.04
C ARG A 85 -8.78 11.00 -9.72
N ASN A 86 -9.13 11.19 -8.43
CA ASN A 86 -10.13 12.19 -8.04
C ASN A 86 -9.70 13.58 -8.46
N LYS A 87 -8.53 14.02 -8.04
CA LYS A 87 -8.07 15.39 -8.28
C LYS A 87 -8.12 15.71 -9.77
N TYR A 88 -7.65 14.78 -10.61
CA TYR A 88 -7.73 14.87 -12.04
C TYR A 88 -9.19 15.05 -12.49
N VAL A 89 -10.12 14.13 -12.20
CA VAL A 89 -11.50 14.28 -12.70
C VAL A 89 -12.13 15.59 -12.21
N GLN A 90 -11.97 15.91 -10.92
CA GLN A 90 -12.55 17.11 -10.32
C GLN A 90 -12.07 18.36 -11.08
N ARG A 91 -10.74 18.53 -11.21
CA ARG A 91 -10.14 19.61 -12.01
C ARG A 91 -10.71 19.59 -13.40
N PHE A 92 -10.59 18.46 -14.10
CA PHE A 92 -11.00 18.27 -15.48
C PHE A 92 -12.41 18.80 -15.68
N GLN A 93 -13.37 18.27 -14.93
CA GLN A 93 -14.76 18.63 -15.00
C GLN A 93 -14.99 20.11 -14.71
N ALA A 94 -14.37 20.70 -13.68
CA ALA A 94 -14.59 22.12 -13.41
C ALA A 94 -14.10 22.97 -14.58
N THR A 95 -12.93 22.63 -15.09
CA THR A 95 -12.27 23.33 -16.18
C THR A 95 -12.96 23.07 -17.53
N TYR A 96 -13.87 22.09 -17.61
CA TYR A 96 -14.66 21.77 -18.80
C TYR A 96 -16.14 22.04 -18.53
N ASN A 97 -16.46 22.84 -17.51
CA ASN A 97 -17.84 23.27 -17.21
C ASN A 97 -18.14 24.63 -17.84
N ASN A 98 -17.21 25.22 -18.60
CA ASN A 98 -17.38 26.57 -19.14
C ASN A 98 -18.63 26.65 -20.03
N ALA A 99 -18.94 25.56 -20.73
CA ALA A 99 -20.13 25.37 -21.56
C ALA A 99 -21.44 25.34 -20.77
N THR A 100 -21.38 25.31 -19.44
CA THR A 100 -22.44 24.94 -18.52
C THR A 100 -22.43 25.87 -17.29
N GLU A 101 -21.82 27.05 -17.45
CA GLU A 101 -21.40 28.11 -16.54
C GLU A 101 -20.71 27.57 -15.29
N GLN A 102 -21.44 26.88 -14.42
CA GLN A 102 -21.04 26.33 -13.13
C GLN A 102 -20.64 27.40 -12.09
N GLU A 103 -20.69 28.67 -12.45
CA GLU A 103 -20.44 29.78 -11.55
C GLU A 103 -21.71 30.03 -10.75
N GLY A 104 -21.65 29.77 -9.44
CA GLY A 104 -22.70 30.10 -8.48
C GLY A 104 -23.34 28.86 -7.87
N LYS A 105 -23.48 27.76 -8.62
CA LYS A 105 -23.95 26.50 -8.05
C LYS A 105 -22.95 26.05 -6.99
N THR A 106 -23.42 25.53 -5.86
CA THR A 106 -22.57 24.81 -4.91
C THR A 106 -23.36 23.67 -4.25
N TYR A 107 -24.65 23.88 -3.96
CA TYR A 107 -25.55 22.92 -3.31
C TYR A 107 -25.99 21.77 -4.23
N ILE A 108 -25.20 21.47 -5.26
CA ILE A 108 -25.45 20.40 -6.21
C ILE A 108 -24.21 19.51 -6.12
N GLN A 109 -24.46 18.22 -6.23
CA GLN A 109 -23.52 17.10 -6.19
C GLN A 109 -22.35 17.38 -7.12
N GLY A 110 -21.24 17.86 -6.56
CA GLY A 110 -20.02 18.17 -7.29
C GLY A 110 -19.05 17.02 -7.13
N GLU A 111 -18.78 16.63 -5.88
CA GLU A 111 -17.83 15.57 -5.55
C GLU A 111 -18.29 14.20 -6.05
N THR A 112 -17.50 13.17 -5.73
CA THR A 112 -17.57 11.85 -6.35
C THR A 112 -17.65 10.75 -5.28
N PRO A 113 -18.13 9.55 -5.64
CA PRO A 113 -18.28 8.47 -4.67
C PRO A 113 -16.95 7.87 -4.25
N GLU A 114 -16.03 7.63 -5.19
CA GLU A 114 -14.68 7.15 -4.85
C GLU A 114 -13.91 8.22 -4.04
N GLN A 115 -14.38 9.47 -4.02
CA GLN A 115 -13.79 10.51 -3.20
C GLN A 115 -14.00 10.16 -1.74
N ALA A 116 -15.26 9.95 -1.31
CA ALA A 116 -15.56 9.52 0.05
C ALA A 116 -14.86 8.19 0.35
N ASN A 117 -14.86 7.27 -0.63
CA ASN A 117 -14.40 5.91 -0.45
C ASN A 117 -12.97 5.87 0.10
N ALA A 118 -12.02 6.41 -0.66
CA ALA A 118 -10.62 6.43 -0.25
C ALA A 118 -10.31 7.52 0.79
N ARG A 119 -11.09 8.61 0.85
CA ARG A 119 -10.81 9.67 1.85
C ARG A 119 -10.82 9.12 3.27
N TYR A 120 -11.63 8.09 3.51
CA TYR A 120 -11.81 7.45 4.80
C TYR A 120 -10.49 7.06 5.48
N LEU A 121 -9.44 6.74 4.71
CA LEU A 121 -8.11 6.37 5.19
C LEU A 121 -6.99 7.20 4.55
N LYS A 122 -7.32 8.37 4.02
CA LYS A 122 -6.37 9.30 3.38
C LYS A 122 -5.24 9.64 4.34
N ARG A 123 -3.99 9.66 3.87
CA ARG A 123 -2.83 10.20 4.60
C ARG A 123 -1.79 10.69 3.59
N VAL A 124 -0.91 11.62 4.00
CA VAL A 124 0.26 12.10 3.24
C VAL A 124 1.39 12.42 4.22
N GLY A 125 1.64 11.51 5.14
CA GLY A 125 2.93 11.41 5.81
C GLY A 125 4.06 11.54 4.79
N ALA A 126 4.58 12.75 4.59
CA ALA A 126 5.69 13.02 3.68
C ALA A 126 6.91 12.27 4.18
N ALA A 127 7.55 11.49 3.30
CA ALA A 127 8.69 10.65 3.67
C ALA A 127 10.02 11.23 3.23
N ASN A 128 10.45 10.96 1.99
CA ASN A 128 11.72 11.44 1.44
C ASN A 128 11.77 11.31 -0.09
N ASN A 129 12.80 11.87 -0.73
CA ASN A 129 13.03 11.84 -2.18
C ASN A 129 13.55 10.48 -2.67
N GLN A 130 12.95 9.39 -2.19
CA GLN A 130 13.10 8.06 -2.73
C GLN A 130 12.35 8.06 -4.05
N ASN A 131 13.05 7.72 -5.14
CA ASN A 131 12.47 7.67 -6.47
C ASN A 131 12.82 6.32 -7.10
N PRO A 132 12.15 5.22 -6.69
CA PRO A 132 12.46 3.87 -7.13
C PRO A 132 11.77 3.55 -8.47
N ALA A 133 12.19 2.47 -9.13
CA ALA A 133 11.53 1.91 -10.30
C ALA A 133 11.97 0.49 -10.58
N ALA A 134 11.27 -0.44 -9.93
CA ALA A 134 11.30 -1.87 -10.18
C ALA A 134 9.98 -2.44 -9.67
N GLU A 135 8.92 -2.30 -10.48
CA GLU A 135 7.62 -2.90 -10.23
C GLU A 135 6.99 -3.11 -11.61
N ASP A 136 6.77 -4.35 -12.04
CA ASP A 136 6.11 -4.67 -13.33
C ASP A 136 5.45 -6.03 -13.23
N LYS A 137 4.17 -6.08 -12.84
CA LYS A 137 3.28 -7.26 -12.80
C LYS A 137 3.74 -8.45 -11.95
N GLY A 138 5.00 -8.50 -11.52
CA GLY A 138 5.61 -9.48 -10.66
C GLY A 138 5.67 -10.90 -11.22
N ALA A 139 5.28 -11.15 -12.48
CA ALA A 139 4.79 -12.50 -12.85
C ALA A 139 5.07 -12.91 -14.29
N THR A 140 6.28 -12.64 -14.79
CA THR A 140 6.79 -13.08 -16.08
C THR A 140 6.48 -14.56 -16.35
N THR A 141 7.07 -15.47 -15.57
CA THR A 141 6.91 -16.90 -15.70
C THR A 141 6.87 -17.48 -14.28
N PRO A 142 5.69 -17.51 -13.63
CA PRO A 142 5.47 -18.38 -12.48
C PRO A 142 5.66 -19.85 -12.85
N ALA A 143 5.25 -20.25 -14.06
CA ALA A 143 5.19 -21.63 -14.52
C ALA A 143 4.57 -22.51 -13.43
N SER A 144 3.32 -22.21 -13.10
CA SER A 144 2.51 -23.00 -12.17
C SER A 144 1.07 -22.95 -12.69
N LYS A 145 0.64 -24.01 -13.39
CA LYS A 145 -0.68 -24.19 -14.02
C LYS A 145 -0.61 -25.49 -14.80
N GLU A 146 -0.95 -26.61 -14.16
CA GLU A 146 -0.94 -27.93 -14.78
C GLU A 146 -2.06 -28.72 -14.09
N GLU A 147 -3.19 -28.96 -14.77
CA GLU A 147 -4.30 -29.72 -14.22
C GLU A 147 -5.15 -30.38 -15.31
N ALA A 148 -4.87 -31.65 -15.64
CA ALA A 148 -5.62 -32.42 -16.63
C ALA A 148 -5.47 -33.91 -16.32
N LYS A 149 -6.30 -34.46 -15.43
CA LYS A 149 -6.33 -35.91 -15.14
C LYS A 149 -7.74 -36.47 -15.29
N LYS A 150 -7.88 -37.81 -15.31
CA LYS A 150 -9.13 -38.52 -15.56
C LYS A 150 -9.02 -39.87 -14.90
N SER A 151 -10.16 -40.53 -14.77
CA SER A 151 -10.22 -41.92 -14.40
C SER A 151 -11.47 -42.53 -15.08
N GLU A 152 -11.63 -43.84 -14.94
CA GLU A 152 -12.66 -44.74 -15.50
C GLU A 152 -12.74 -44.75 -17.04
N ALA A 153 -13.64 -45.58 -17.59
CA ALA A 153 -14.03 -45.68 -18.99
C ALA A 153 -15.42 -46.32 -19.03
N ALA A 154 -16.08 -46.31 -20.20
CA ALA A 154 -17.28 -47.11 -20.43
C ALA A 154 -16.87 -48.54 -20.79
N ALA A 155 -17.80 -49.49 -20.66
CA ALA A 155 -17.65 -50.87 -21.10
C ALA A 155 -18.97 -51.36 -21.68
N LYS A 156 -18.94 -52.44 -22.46
CA LYS A 156 -20.11 -53.07 -23.09
C LYS A 156 -19.62 -54.44 -23.56
N ASN A 157 -20.25 -55.52 -23.14
CA ASN A 157 -19.99 -56.84 -23.74
C ASN A 157 -21.08 -57.14 -24.76
N ALA A 158 -22.20 -57.74 -24.36
CA ALA A 158 -23.27 -58.20 -25.25
C ALA A 158 -24.44 -58.72 -24.39
N GLY A 159 -25.55 -59.08 -25.04
CA GLY A 159 -26.68 -59.80 -24.44
C GLY A 159 -27.58 -60.26 -25.57
N LYS A 160 -28.02 -61.53 -25.55
CA LYS A 160 -28.93 -62.11 -26.55
C LYS A 160 -29.36 -63.50 -26.09
N ALA A 161 -30.55 -63.63 -25.50
CA ALA A 161 -31.11 -64.89 -24.99
C ALA A 161 -32.53 -65.07 -25.55
N ALA A 162 -33.29 -66.03 -24.99
CA ALA A 162 -34.63 -66.44 -25.41
C ALA A 162 -34.63 -67.07 -26.81
N GLY A 163 -35.82 -67.33 -27.37
CA GLY A 163 -36.04 -68.10 -28.58
C GLY A 163 -37.34 -68.90 -28.43
N LYS A 164 -37.33 -70.19 -28.79
CA LYS A 164 -38.45 -71.13 -28.67
C LYS A 164 -39.62 -70.71 -29.59
N ALA A 165 -39.39 -70.72 -30.90
CA ALA A 165 -40.46 -70.73 -31.89
C ALA A 165 -40.96 -72.16 -32.10
N LEU A 166 -42.08 -72.32 -32.79
CA LEU A 166 -42.58 -73.59 -33.37
C LEU A 166 -43.60 -73.27 -34.48
N PRO A 167 -43.83 -74.18 -35.44
CA PRO A 167 -44.98 -74.09 -36.35
C PRO A 167 -46.31 -74.39 -35.63
N LYS A 168 -47.41 -74.35 -36.39
CA LYS A 168 -48.78 -74.60 -35.93
C LYS A 168 -49.49 -75.51 -36.91
N THR A 169 -50.68 -75.99 -36.55
CA THR A 169 -51.53 -76.86 -37.35
C THR A 169 -52.95 -76.29 -37.39
N SER A 170 -53.83 -76.94 -38.14
CA SER A 170 -55.23 -76.59 -38.29
C SER A 170 -56.05 -77.87 -38.13
N ALA A 171 -57.18 -77.80 -37.44
CA ALA A 171 -58.10 -78.92 -37.26
C ALA A 171 -59.56 -78.53 -37.55
N VAL A 172 -59.78 -77.30 -38.03
CA VAL A 172 -61.11 -76.82 -38.40
C VAL A 172 -61.53 -77.53 -39.69
N LYS A 173 -62.82 -77.83 -39.84
CA LYS A 173 -63.39 -78.46 -41.03
C LYS A 173 -64.80 -77.92 -41.25
N HIS A 174 -65.68 -78.07 -40.26
CA HIS A 174 -67.09 -77.68 -40.34
C HIS A 174 -67.82 -78.38 -41.50
N HIS A 175 -69.02 -77.92 -41.87
CA HIS A 175 -69.75 -78.33 -43.06
C HIS A 175 -70.69 -77.19 -43.46
N HIS A 176 -71.43 -77.35 -44.57
CA HIS A 176 -72.56 -76.49 -44.91
C HIS A 176 -73.84 -77.27 -44.68
N HIS A 177 -74.95 -76.54 -44.47
CA HIS A 177 -76.30 -77.07 -44.59
C HIS A 177 -76.78 -76.85 -46.03
N HIS A 178 -77.95 -77.39 -46.37
CA HIS A 178 -78.65 -77.17 -47.63
C HIS A 178 -80.16 -77.15 -47.32
N HIS A 179 -81.00 -77.01 -48.35
CA HIS A 179 -82.45 -77.13 -48.30
C HIS A 179 -82.87 -77.99 -49.50
N MET A 1 -13.88 -14.72 -1.45
CA MET A 1 -12.47 -14.42 -1.12
C MET A 1 -11.73 -14.56 -2.44
N ALA A 2 -11.32 -13.44 -3.05
CA ALA A 2 -10.69 -13.38 -4.37
C ALA A 2 -11.76 -13.58 -5.44
N ASP A 3 -11.89 -12.59 -6.33
CA ASP A 3 -12.73 -12.62 -7.52
C ASP A 3 -12.12 -11.64 -8.52
N GLU A 4 -12.32 -11.85 -9.83
CA GLU A 4 -11.93 -10.89 -10.87
C GLU A 4 -13.07 -10.56 -11.86
N ALA A 5 -14.00 -11.48 -12.11
CA ALA A 5 -14.93 -11.51 -13.25
C ALA A 5 -14.25 -11.39 -14.63
N THR A 6 -13.77 -10.20 -14.94
CA THR A 6 -13.14 -9.80 -16.20
C THR A 6 -14.10 -9.99 -17.40
N ASP A 7 -15.29 -9.39 -17.32
CA ASP A 7 -16.32 -9.43 -18.38
C ASP A 7 -16.64 -8.04 -18.90
N ALA A 8 -17.28 -8.00 -20.07
CA ALA A 8 -17.91 -6.80 -20.60
C ALA A 8 -19.42 -6.70 -20.25
N ALA A 9 -20.03 -7.69 -19.55
CA ALA A 9 -21.47 -7.74 -19.35
C ALA A 9 -21.88 -7.90 -17.89
N ARG A 10 -20.94 -7.85 -16.94
CA ARG A 10 -21.25 -8.03 -15.53
C ARG A 10 -20.59 -6.94 -14.70
N ASN A 11 -20.60 -5.69 -15.22
CA ASN A 11 -19.99 -4.57 -14.53
C ASN A 11 -20.75 -4.15 -13.26
N ASN A 12 -21.90 -4.78 -12.98
CA ASN A 12 -22.88 -4.50 -11.93
C ASN A 12 -23.51 -3.13 -12.14
N ASP A 13 -24.66 -3.06 -12.81
CA ASP A 13 -25.41 -1.81 -13.10
C ASP A 13 -24.56 -0.76 -13.83
N GLY A 14 -23.48 -1.23 -14.43
CA GLY A 14 -22.56 -0.48 -15.23
C GLY A 14 -21.44 0.13 -14.42
N ALA A 15 -21.67 0.48 -13.15
CA ALA A 15 -20.69 1.20 -12.41
C ALA A 15 -19.84 0.23 -11.59
N TYR A 16 -18.57 0.17 -11.99
CA TYR A 16 -17.54 -0.71 -11.45
C TYR A 16 -17.58 -0.80 -9.89
N TYR A 17 -17.72 0.32 -9.14
CA TYR A 17 -18.03 0.30 -7.70
C TYR A 17 -19.38 0.95 -7.45
N LEU A 18 -19.73 1.98 -8.22
CA LEU A 18 -20.88 2.81 -7.86
C LEU A 18 -22.11 1.95 -7.96
N GLN A 19 -22.07 0.90 -8.80
CA GLN A 19 -23.26 0.06 -8.93
C GLN A 19 -24.61 0.74 -9.27
N THR A 20 -24.63 1.97 -9.81
CA THR A 20 -25.83 2.77 -9.99
C THR A 20 -25.66 3.84 -11.10
N GLN A 21 -24.62 3.69 -11.93
CA GLN A 21 -24.20 4.64 -12.97
C GLN A 21 -24.20 6.10 -12.50
N PHE A 22 -23.61 6.38 -11.32
CA PHE A 22 -23.65 7.71 -10.74
C PHE A 22 -22.83 8.72 -11.55
N THR A 23 -23.56 9.71 -12.06
CA THR A 23 -23.20 10.74 -13.04
C THR A 23 -22.61 10.13 -14.32
N ASN A 24 -22.02 10.96 -15.19
CA ASN A 24 -21.45 10.48 -16.46
C ASN A 24 -20.13 9.82 -16.12
N ALA A 25 -20.22 8.56 -15.72
CA ALA A 25 -19.12 7.74 -15.23
C ALA A 25 -18.28 7.25 -16.41
N ASP A 26 -18.91 7.07 -17.57
CA ASP A 26 -18.32 6.57 -18.81
C ASP A 26 -17.21 7.51 -19.22
N LYS A 27 -17.55 8.78 -19.45
CA LYS A 27 -16.62 9.85 -19.84
C LYS A 27 -15.59 10.13 -18.73
N VAL A 28 -15.82 9.63 -17.52
CA VAL A 28 -14.81 9.65 -16.47
C VAL A 28 -13.85 8.50 -16.73
N ASN A 29 -14.30 7.24 -16.74
CA ASN A 29 -13.43 6.07 -16.84
C ASN A 29 -12.50 6.17 -18.05
N GLU A 30 -13.01 6.71 -19.16
CA GLU A 30 -12.25 6.93 -20.38
C GLU A 30 -10.98 7.73 -20.09
N TYR A 31 -11.10 8.86 -19.38
CA TYR A 31 -9.97 9.70 -19.06
C TYR A 31 -9.06 8.98 -18.06
N LEU A 32 -9.65 8.35 -17.04
CA LEU A 32 -8.88 7.70 -15.99
C LEU A 32 -8.06 6.54 -16.55
N ALA A 33 -8.54 5.90 -17.62
CA ALA A 33 -7.91 4.79 -18.28
C ALA A 33 -6.89 5.30 -19.31
N GLN A 34 -7.23 6.27 -20.15
CA GLN A 34 -6.30 6.77 -21.17
C GLN A 34 -5.10 7.49 -20.53
N HIS A 35 -5.24 8.03 -19.32
CA HIS A 35 -4.17 8.64 -18.52
C HIS A 35 -3.80 7.75 -17.32
N ASP A 36 -4.17 6.45 -17.30
CA ASP A 36 -3.95 5.64 -16.09
C ASP A 36 -2.47 5.53 -15.74
N GLY A 37 -1.61 5.55 -16.75
CA GLY A 37 -0.18 5.77 -16.64
C GLY A 37 0.17 6.98 -15.79
N GLU A 38 -0.24 8.19 -16.21
CA GLU A 38 0.04 9.43 -15.51
C GLU A 38 -0.39 9.34 -14.05
N ILE A 39 -1.63 8.91 -13.84
CA ILE A 39 -2.23 8.89 -12.52
C ILE A 39 -1.42 7.97 -11.61
N ARG A 40 -1.16 6.75 -12.09
CA ARG A 40 -0.45 5.74 -11.34
C ARG A 40 1.01 6.13 -11.15
N ALA A 41 1.62 6.84 -12.09
CA ALA A 41 3.00 7.26 -12.01
C ALA A 41 3.15 8.35 -10.96
N GLU A 42 2.22 9.31 -10.90
CA GLU A 42 2.18 10.35 -9.87
C GLU A 42 2.05 9.67 -8.50
N ALA A 43 1.10 8.73 -8.36
CA ALA A 43 0.92 7.94 -7.15
C ALA A 43 2.05 6.94 -6.89
N ALA A 44 2.87 6.61 -7.89
CA ALA A 44 4.10 5.84 -7.71
C ALA A 44 5.28 6.74 -7.39
N ALA A 45 5.25 8.04 -7.68
CA ALA A 45 6.35 8.94 -7.38
C ALA A 45 6.10 9.66 -6.09
N ASP A 46 5.46 8.96 -5.16
CA ASP A 46 5.21 9.45 -3.85
C ASP A 46 5.73 8.55 -2.78
N PRO A 47 6.00 9.22 -1.66
CA PRO A 47 6.72 8.62 -0.57
C PRO A 47 5.82 7.67 0.16
N ALA A 48 4.50 7.77 -0.02
CA ALA A 48 3.55 6.80 0.46
C ALA A 48 4.02 5.41 -0.02
N VAL A 49 4.26 5.32 -1.32
CA VAL A 49 4.40 4.05 -1.99
C VAL A 49 5.85 3.60 -2.07
N VAL A 50 6.81 4.42 -2.47
CA VAL A 50 8.22 4.13 -2.19
C VAL A 50 8.49 3.78 -0.72
N ALA A 51 7.93 4.51 0.25
CA ALA A 51 8.29 4.21 1.64
C ALA A 51 7.76 2.84 2.00
N ALA A 52 6.47 2.62 1.78
CA ALA A 52 5.88 1.36 2.17
C ALA A 52 6.55 0.21 1.41
N LYS A 53 6.77 0.36 0.09
CA LYS A 53 7.37 -0.69 -0.75
C LYS A 53 8.84 -0.91 -0.42
N ALA A 54 9.66 0.13 -0.36
CA ALA A 54 11.09 0.03 -0.06
C ALA A 54 11.29 -0.61 1.31
N ALA A 55 10.36 -0.36 2.23
CA ALA A 55 10.30 -1.10 3.46
C ALA A 55 9.93 -2.56 3.21
N LEU A 56 8.82 -2.87 2.51
CA LEU A 56 8.41 -4.22 2.10
C LEU A 56 9.43 -4.98 1.25
N ASP A 57 10.41 -4.32 0.65
CA ASP A 57 11.55 -4.95 -0.03
C ASP A 57 12.61 -5.41 0.98
N ALA A 58 12.42 -5.09 2.28
CA ALA A 58 13.22 -5.51 3.43
C ALA A 58 12.38 -6.24 4.48
N VAL A 59 11.07 -6.02 4.53
CA VAL A 59 10.14 -6.59 5.50
C VAL A 59 9.16 -7.53 4.77
N GLU A 60 9.56 -7.99 3.58
CA GLU A 60 8.91 -9.11 2.92
C GLU A 60 9.17 -10.40 3.72
N GLY A 61 8.69 -11.55 3.24
CA GLY A 61 8.94 -12.80 3.93
C GLY A 61 7.90 -13.05 5.01
N GLY A 62 6.76 -12.36 4.93
CA GLY A 62 5.75 -12.29 5.97
C GLY A 62 6.36 -12.00 7.35
N SER A 63 7.36 -11.11 7.41
CA SER A 63 8.11 -10.88 8.64
C SER A 63 7.24 -10.21 9.73
N HIS A 64 7.77 -9.98 10.95
CA HIS A 64 6.94 -9.56 12.11
C HIS A 64 6.15 -8.29 11.79
N ASN A 65 6.77 -7.37 11.05
CA ASN A 65 6.21 -6.07 10.69
C ASN A 65 5.57 -6.13 9.30
N TYR A 66 5.53 -7.29 8.61
CA TYR A 66 5.02 -7.37 7.24
C TYR A 66 3.59 -6.84 7.19
N GLY A 67 2.72 -7.23 8.11
CA GLY A 67 1.36 -6.74 8.15
C GLY A 67 1.27 -5.25 8.45
N GLU A 68 2.24 -4.71 9.20
CA GLU A 68 2.33 -3.30 9.50
C GLU A 68 2.61 -2.53 8.19
N VAL A 69 3.68 -2.93 7.49
CA VAL A 69 4.09 -2.29 6.26
C VAL A 69 3.11 -2.57 5.11
N LYS A 70 2.57 -3.78 5.01
CA LYS A 70 1.56 -4.20 4.03
C LYS A 70 0.31 -3.34 4.21
N ALA A 71 -0.20 -3.22 5.42
CA ALA A 71 -1.41 -2.44 5.65
C ALA A 71 -1.15 -0.96 5.31
N ALA A 72 0.03 -0.43 5.71
CA ALA A 72 0.43 0.92 5.35
C ALA A 72 0.50 1.06 3.82
N TYR A 73 1.21 0.17 3.12
CA TYR A 73 1.37 0.18 1.67
C TYR A 73 0.03 0.24 0.99
N GLU A 74 -0.90 -0.64 1.37
CA GLU A 74 -2.18 -0.72 0.68
C GLU A 74 -3.02 0.51 0.93
N ALA A 75 -3.10 1.01 2.18
CA ALA A 75 -3.88 2.22 2.40
C ALA A 75 -3.28 3.39 1.62
N ALA A 76 -1.96 3.57 1.65
CA ALA A 76 -1.24 4.58 0.89
C ALA A 76 -1.39 4.41 -0.61
N PHE A 77 -1.23 3.20 -1.14
CA PHE A 77 -1.27 2.91 -2.58
C PHE A 77 -2.62 3.35 -3.12
N ASN A 78 -3.70 2.81 -2.54
CA ASN A 78 -5.01 3.16 -3.04
C ASN A 78 -5.31 4.64 -2.78
N ASN A 79 -4.91 5.17 -1.62
CA ASN A 79 -5.04 6.57 -1.28
C ASN A 79 -4.44 7.47 -2.36
N ALA A 80 -3.14 7.26 -2.65
CA ALA A 80 -2.35 8.06 -3.58
C ALA A 80 -2.99 7.98 -4.95
N PHE A 81 -3.14 6.77 -5.47
CA PHE A 81 -3.64 6.54 -6.81
C PHE A 81 -5.02 7.17 -6.99
N ASN A 82 -5.93 6.92 -6.06
CA ASN A 82 -7.29 7.44 -6.13
C ASN A 82 -7.33 8.96 -5.95
N ALA A 83 -6.45 9.54 -5.12
CA ALA A 83 -6.35 10.97 -4.97
C ALA A 83 -5.87 11.62 -6.27
N VAL A 84 -4.86 11.06 -6.93
CA VAL A 84 -4.43 11.61 -8.22
C VAL A 84 -5.62 11.61 -9.15
N ARG A 85 -6.22 10.44 -9.32
CA ARG A 85 -7.35 10.23 -10.19
C ARG A 85 -8.46 11.24 -9.91
N ASN A 86 -8.88 11.40 -8.65
CA ASN A 86 -9.96 12.28 -8.28
C ASN A 86 -9.60 13.72 -8.61
N LYS A 87 -8.35 14.12 -8.34
CA LYS A 87 -7.87 15.48 -8.55
C LYS A 87 -7.97 15.84 -10.04
N TYR A 88 -7.50 14.91 -10.88
CA TYR A 88 -7.57 15.00 -12.33
C TYR A 88 -9.03 15.09 -12.78
N VAL A 89 -9.89 14.11 -12.48
CA VAL A 89 -11.26 14.13 -13.01
C VAL A 89 -12.02 15.38 -12.56
N GLN A 90 -11.82 15.82 -11.31
CA GLN A 90 -12.39 17.08 -10.87
C GLN A 90 -11.90 18.24 -11.72
N ARG A 91 -10.61 18.42 -11.97
CA ARG A 91 -10.18 19.52 -12.84
C ARG A 91 -10.77 19.39 -14.25
N PHE A 92 -10.75 18.18 -14.81
CA PHE A 92 -11.30 17.90 -16.13
C PHE A 92 -12.77 18.29 -16.18
N GLN A 93 -13.60 17.78 -15.28
CA GLN A 93 -15.01 18.11 -15.29
C GLN A 93 -15.25 19.56 -14.89
N ALA A 94 -14.49 20.16 -13.98
CA ALA A 94 -14.69 21.53 -13.50
C ALA A 94 -14.68 22.56 -14.64
N THR A 95 -13.72 22.49 -15.55
CA THR A 95 -13.66 23.42 -16.67
C THR A 95 -14.90 23.19 -17.57
N TYR A 96 -15.24 21.93 -17.86
CA TYR A 96 -16.45 21.52 -18.58
C TYR A 96 -17.76 21.66 -17.79
N ASN A 97 -17.73 22.19 -16.57
CA ASN A 97 -18.89 22.37 -15.68
C ASN A 97 -19.22 23.85 -15.48
N ASN A 98 -18.64 24.67 -16.36
CA ASN A 98 -19.04 26.06 -16.54
C ASN A 98 -20.51 26.26 -16.90
N ALA A 99 -21.25 25.20 -17.25
CA ALA A 99 -22.68 25.26 -17.50
C ALA A 99 -23.42 25.86 -16.29
N THR A 100 -23.37 25.21 -15.12
CA THR A 100 -24.16 25.62 -13.94
C THR A 100 -23.54 25.19 -12.60
N GLU A 101 -22.29 24.78 -12.64
CA GLU A 101 -21.55 24.22 -11.50
C GLU A 101 -20.31 25.07 -11.18
N GLN A 102 -20.24 26.31 -11.69
CA GLN A 102 -19.13 27.21 -11.41
C GLN A 102 -19.51 28.31 -10.43
N GLU A 103 -20.61 29.03 -10.68
CA GLU A 103 -21.12 30.02 -9.75
C GLU A 103 -21.84 29.31 -8.61
N GLY A 104 -21.25 29.38 -7.42
CA GLY A 104 -21.79 28.87 -6.18
C GLY A 104 -20.64 28.30 -5.37
N LYS A 105 -20.05 27.21 -5.88
CA LYS A 105 -18.97 26.52 -5.19
C LYS A 105 -17.76 27.44 -5.01
N THR A 106 -17.58 27.97 -3.82
CA THR A 106 -16.39 28.73 -3.44
C THR A 106 -15.65 28.03 -2.29
N TYR A 107 -16.38 27.31 -1.44
CA TYR A 107 -15.91 26.67 -0.23
C TYR A 107 -15.68 25.16 -0.41
N ILE A 108 -15.32 24.74 -1.62
CA ILE A 108 -15.16 23.32 -1.99
C ILE A 108 -13.79 23.18 -2.65
N GLN A 109 -13.23 21.97 -2.58
CA GLN A 109 -11.89 21.61 -3.01
C GLN A 109 -11.89 20.19 -3.61
N GLY A 110 -12.27 20.04 -4.88
CA GLY A 110 -12.09 18.80 -5.64
C GLY A 110 -12.82 17.59 -5.02
N GLU A 111 -14.07 17.79 -4.59
CA GLU A 111 -14.91 16.73 -4.02
C GLU A 111 -15.23 15.67 -5.08
N THR A 112 -15.26 14.39 -4.71
CA THR A 112 -15.66 13.27 -5.56
C THR A 112 -16.30 12.14 -4.74
N PRO A 113 -17.05 11.23 -5.39
CA PRO A 113 -17.76 10.14 -4.73
C PRO A 113 -16.80 9.01 -4.31
N GLU A 114 -15.88 8.67 -5.20
CA GLU A 114 -14.77 7.76 -4.99
C GLU A 114 -13.71 8.40 -4.10
N GLN A 115 -13.92 9.64 -3.66
CA GLN A 115 -13.20 10.14 -2.52
C GLN A 115 -13.78 9.48 -1.31
N ALA A 116 -15.05 9.76 -0.94
CA ALA A 116 -15.72 9.34 0.29
C ALA A 116 -15.43 7.87 0.60
N ASN A 117 -15.51 7.03 -0.42
CA ASN A 117 -15.14 5.62 -0.40
C ASN A 117 -13.81 5.31 0.31
N ALA A 118 -12.74 6.06 0.03
CA ALA A 118 -11.41 5.87 0.62
C ALA A 118 -11.30 6.31 2.10
N ARG A 119 -12.36 6.87 2.69
CA ARG A 119 -12.43 7.21 4.13
C ARG A 119 -13.05 6.08 4.94
N TYR A 120 -13.50 5.01 4.29
CA TYR A 120 -13.67 3.74 4.98
C TYR A 120 -12.31 3.17 5.47
N LEU A 121 -11.17 3.64 4.97
CA LEU A 121 -9.85 3.09 5.27
C LEU A 121 -9.16 3.74 6.47
N LYS A 122 -9.60 3.41 7.70
CA LYS A 122 -9.10 4.02 8.93
C LYS A 122 -9.35 5.53 8.88
N ARG A 123 -8.86 6.26 9.89
CA ARG A 123 -8.92 7.73 9.97
C ARG A 123 -7.58 8.28 10.43
N VAL A 124 -6.50 7.58 10.05
CA VAL A 124 -5.16 7.71 10.61
C VAL A 124 -4.07 7.49 9.56
N GLY A 125 -4.46 7.33 8.30
CA GLY A 125 -3.55 7.28 7.17
C GLY A 125 -2.86 8.63 7.03
N ALA A 126 -1.79 8.87 7.79
CA ALA A 126 -0.78 9.87 7.49
C ALA A 126 0.60 9.28 7.73
N ALA A 127 0.84 8.57 8.84
CA ALA A 127 2.12 7.89 9.02
C ALA A 127 2.04 6.74 10.03
N ASN A 128 2.96 5.78 9.88
CA ASN A 128 3.14 4.50 10.61
C ASN A 128 4.64 4.16 10.59
N ASN A 129 5.30 3.70 11.69
CA ASN A 129 6.74 3.37 11.74
C ASN A 129 7.15 2.78 13.13
N GLN A 130 7.58 1.51 13.28
CA GLN A 130 7.89 0.81 14.55
C GLN A 130 8.91 -0.33 14.32
N ASN A 131 9.78 -0.68 15.29
CA ASN A 131 10.80 -1.74 15.17
C ASN A 131 10.50 -2.88 16.15
N PRO A 132 11.06 -4.09 15.93
CA PRO A 132 10.93 -5.18 16.89
C PRO A 132 11.71 -4.82 18.16
N ALA A 133 11.10 -5.13 19.30
CA ALA A 133 11.62 -4.86 20.61
C ALA A 133 12.28 -6.10 21.22
N ALA A 134 11.68 -7.26 20.98
CA ALA A 134 11.95 -8.60 21.52
C ALA A 134 12.02 -8.71 23.06
N GLU A 135 12.37 -9.92 23.51
CA GLU A 135 12.34 -10.36 24.91
C GLU A 135 13.43 -11.40 25.22
N ASP A 136 14.33 -11.65 24.27
CA ASP A 136 15.35 -12.68 24.36
C ASP A 136 16.69 -12.06 24.75
N LYS A 137 17.66 -12.84 25.27
CA LYS A 137 19.03 -12.37 25.55
C LYS A 137 19.80 -11.92 24.30
N GLY A 138 19.15 -11.75 23.16
CA GLY A 138 19.69 -11.30 21.90
C GLY A 138 20.55 -12.42 21.36
N ALA A 139 19.92 -13.57 21.10
CA ALA A 139 20.59 -14.80 20.72
C ALA A 139 19.54 -15.82 20.27
N THR A 140 19.23 -15.91 18.98
CA THR A 140 18.43 -17.02 18.44
C THR A 140 19.24 -18.34 18.47
N THR A 141 19.80 -18.71 19.64
CA THR A 141 20.54 -19.93 19.93
C THR A 141 21.64 -20.21 18.87
N PRO A 142 22.83 -19.58 19.00
CA PRO A 142 23.90 -19.72 18.00
C PRO A 142 24.49 -21.14 17.89
N ALA A 143 24.89 -21.78 19.01
CA ALA A 143 25.46 -23.14 19.13
C ALA A 143 26.92 -23.21 18.71
N SER A 144 27.49 -22.03 18.51
CA SER A 144 28.86 -21.82 18.02
C SER A 144 29.42 -20.40 18.28
N LYS A 145 29.05 -19.71 19.37
CA LYS A 145 29.31 -18.29 19.51
C LYS A 145 29.64 -17.98 20.96
N GLU A 146 30.88 -18.26 21.32
CA GLU A 146 31.53 -18.15 22.61
C GLU A 146 33.04 -18.05 22.31
N GLU A 147 33.88 -17.50 23.19
CA GLU A 147 35.33 -17.45 23.01
C GLU A 147 36.04 -17.06 24.32
N ALA A 148 36.73 -18.00 24.98
CA ALA A 148 37.38 -17.77 26.29
C ALA A 148 38.86 -18.17 26.35
N LYS A 149 39.58 -18.22 25.23
CA LYS A 149 40.98 -18.68 25.18
C LYS A 149 41.86 -17.54 24.67
N LYS A 150 42.63 -16.89 25.55
CA LYS A 150 43.57 -15.82 25.23
C LYS A 150 44.65 -15.78 26.32
N SER A 151 45.57 -14.82 26.23
CA SER A 151 46.57 -14.47 27.26
C SER A 151 47.69 -15.50 27.29
N GLU A 152 48.68 -15.24 26.44
CA GLU A 152 49.85 -16.08 26.23
C GLU A 152 51.01 -15.17 25.77
N ALA A 153 51.44 -14.20 26.59
CA ALA A 153 52.64 -13.41 26.31
C ALA A 153 53.16 -12.76 27.59
N ALA A 154 54.46 -12.88 27.87
CA ALA A 154 55.15 -12.15 28.93
C ALA A 154 56.63 -12.04 28.57
N ALA A 155 57.20 -10.83 28.54
CA ALA A 155 58.64 -10.64 28.45
C ALA A 155 59.04 -9.33 29.15
N LYS A 156 60.16 -9.34 29.87
CA LYS A 156 60.77 -8.16 30.46
C LYS A 156 62.20 -8.57 30.80
N ASN A 157 63.17 -7.82 30.30
CA ASN A 157 64.57 -7.91 30.71
C ASN A 157 64.93 -6.55 31.29
N ALA A 158 65.29 -5.60 30.42
CA ALA A 158 65.91 -4.31 30.78
C ALA A 158 67.30 -4.54 31.40
N GLY A 159 67.89 -3.47 31.93
CA GLY A 159 69.22 -3.45 32.52
C GLY A 159 69.95 -2.18 32.07
N LYS A 160 70.77 -1.59 32.95
CA LYS A 160 71.75 -0.56 32.57
C LYS A 160 72.79 -0.48 33.68
N ALA A 161 73.99 0.03 33.37
CA ALA A 161 74.96 0.51 34.35
C ALA A 161 75.73 1.69 33.72
N ALA A 162 76.66 2.28 34.48
CA ALA A 162 77.72 3.19 34.05
C ALA A 162 78.63 3.45 35.26
N GLY A 163 79.80 4.06 35.06
CA GLY A 163 80.72 4.51 36.11
C GLY A 163 81.99 5.05 35.47
N LYS A 164 82.86 5.71 36.24
CA LYS A 164 84.16 6.19 35.78
C LYS A 164 85.01 6.47 37.01
N ALA A 165 86.25 5.97 37.07
CA ALA A 165 87.25 6.33 38.07
C ALA A 165 88.63 6.23 37.42
N LEU A 166 89.70 6.55 38.16
CA LEU A 166 91.08 6.21 37.84
C LEU A 166 91.93 6.32 39.11
N PRO A 167 93.00 5.53 39.28
CA PRO A 167 93.95 5.74 40.36
C PRO A 167 94.69 7.07 40.15
N LYS A 168 95.01 7.74 41.25
CA LYS A 168 95.80 8.97 41.28
C LYS A 168 96.34 9.10 42.71
N THR A 169 97.62 9.43 42.86
CA THR A 169 98.23 9.78 44.14
C THR A 169 99.51 10.55 43.82
N SER A 170 100.04 11.26 44.81
CA SER A 170 101.24 12.06 44.71
C SER A 170 102.20 11.74 45.87
N ALA A 171 102.16 10.50 46.34
CA ALA A 171 102.96 9.96 47.45
C ALA A 171 103.91 8.88 46.91
N VAL A 172 104.56 9.12 45.78
CA VAL A 172 105.62 8.23 45.30
C VAL A 172 106.80 8.26 46.28
N LYS A 173 107.68 7.24 46.21
CA LYS A 173 108.95 7.17 46.96
C LYS A 173 108.74 7.37 48.48
N HIS A 174 108.02 6.44 49.12
CA HIS A 174 107.92 6.33 50.58
C HIS A 174 108.16 4.87 50.97
N HIS A 175 108.48 4.61 52.25
CA HIS A 175 108.53 3.29 52.90
C HIS A 175 108.82 3.51 54.39
N HIS A 176 110.04 3.97 54.72
CA HIS A 176 110.54 4.35 56.02
C HIS A 176 111.62 5.37 55.73
N HIS A 177 111.40 6.63 56.11
CA HIS A 177 112.46 7.64 56.14
C HIS A 177 113.18 7.47 57.49
N HIS A 178 114.48 7.72 57.55
CA HIS A 178 115.24 7.66 58.80
C HIS A 178 116.54 8.46 58.69
N HIS A 179 117.18 8.37 57.53
CA HIS A 179 118.33 9.12 57.07
C HIS A 179 118.09 9.30 55.56
N MET A 1 -30.47 6.70 -39.38
CA MET A 1 -30.10 7.39 -40.64
C MET A 1 -30.51 8.83 -40.47
N ALA A 2 -29.57 9.79 -40.61
CA ALA A 2 -29.80 11.22 -40.39
C ALA A 2 -30.62 11.46 -39.12
N ASP A 3 -30.00 11.15 -37.98
CA ASP A 3 -30.68 10.93 -36.70
C ASP A 3 -30.91 12.28 -35.99
N GLU A 4 -31.11 13.33 -36.78
CA GLU A 4 -31.14 14.75 -36.42
C GLU A 4 -32.59 15.20 -36.56
N ALA A 5 -33.31 15.17 -35.44
CA ALA A 5 -34.75 15.45 -35.37
C ALA A 5 -34.99 16.61 -34.40
N THR A 6 -35.06 17.83 -34.93
CA THR A 6 -35.15 19.05 -34.15
C THR A 6 -36.61 19.48 -33.97
N ASP A 7 -37.33 18.91 -33.00
CA ASP A 7 -38.71 19.35 -32.70
C ASP A 7 -38.73 20.81 -32.23
N ALA A 8 -39.87 21.49 -32.42
CA ALA A 8 -40.09 22.88 -32.04
C ALA A 8 -40.21 23.09 -30.52
N ALA A 9 -40.46 22.06 -29.71
CA ALA A 9 -40.66 22.17 -28.27
C ALA A 9 -39.63 21.28 -27.59
N ARG A 10 -39.38 21.54 -26.30
CA ARG A 10 -38.52 20.72 -25.45
C ARG A 10 -39.12 20.76 -24.05
N ASN A 11 -40.39 20.36 -23.95
CA ASN A 11 -41.15 20.37 -22.70
C ASN A 11 -41.02 19.04 -21.95
N ASN A 12 -40.01 18.23 -22.30
CA ASN A 12 -39.71 16.94 -21.68
C ASN A 12 -38.19 16.75 -21.71
N ASP A 13 -37.74 15.62 -21.18
CA ASP A 13 -36.39 15.38 -20.73
C ASP A 13 -35.52 14.94 -21.91
N GLY A 14 -34.20 14.99 -21.72
CA GLY A 14 -33.24 14.63 -22.74
C GLY A 14 -31.81 14.64 -22.24
N ALA A 15 -31.61 14.41 -20.94
CA ALA A 15 -30.29 14.56 -20.41
C ALA A 15 -29.44 13.41 -20.99
N TYR A 16 -28.41 13.77 -21.72
CA TYR A 16 -27.60 12.86 -22.46
C TYR A 16 -26.68 11.98 -21.58
N TYR A 17 -27.04 10.73 -21.68
CA TYR A 17 -26.72 9.57 -20.85
C TYR A 17 -27.12 9.80 -19.41
N LEU A 18 -27.92 10.84 -19.17
CA LEU A 18 -28.19 11.38 -17.86
C LEU A 18 -29.67 11.52 -17.57
N GLN A 19 -30.56 11.29 -18.54
CA GLN A 19 -32.03 11.48 -18.50
C GLN A 19 -32.76 10.92 -17.26
N THR A 20 -32.03 10.23 -16.42
CA THR A 20 -32.42 9.29 -15.39
C THR A 20 -31.54 9.52 -14.19
N GLN A 21 -31.15 10.79 -14.03
CA GLN A 21 -30.41 11.36 -12.94
C GLN A 21 -29.04 10.68 -12.87
N PHE A 22 -28.54 10.18 -14.01
CA PHE A 22 -27.46 9.22 -14.01
C PHE A 22 -26.12 9.89 -13.64
N THR A 23 -25.08 9.07 -13.62
CA THR A 23 -23.72 9.47 -13.31
C THR A 23 -22.95 9.56 -14.64
N ASN A 24 -22.41 10.74 -14.97
CA ASN A 24 -21.41 10.89 -16.04
C ASN A 24 -20.15 10.18 -15.55
N ALA A 25 -20.09 8.87 -15.77
CA ALA A 25 -18.97 8.03 -15.39
C ALA A 25 -18.23 7.50 -16.62
N ASP A 26 -18.92 7.41 -17.77
CA ASP A 26 -18.35 7.13 -19.11
C ASP A 26 -17.18 8.08 -19.36
N LYS A 27 -17.48 9.38 -19.50
CA LYS A 27 -16.49 10.35 -19.93
C LYS A 27 -15.37 10.55 -18.92
N VAL A 28 -15.60 10.16 -17.69
CA VAL A 28 -14.63 10.17 -16.62
C VAL A 28 -13.69 8.97 -16.83
N ASN A 29 -14.23 7.74 -16.81
CA ASN A 29 -13.50 6.48 -16.95
C ASN A 29 -12.60 6.51 -18.18
N GLU A 30 -13.11 7.07 -19.28
CA GLU A 30 -12.37 7.29 -20.51
C GLU A 30 -11.04 7.98 -20.21
N TYR A 31 -11.06 9.13 -19.54
CA TYR A 31 -9.84 9.85 -19.24
C TYR A 31 -8.98 9.10 -18.22
N LEU A 32 -9.59 8.42 -17.25
CA LEU A 32 -8.90 7.61 -16.23
C LEU A 32 -8.15 6.43 -16.84
N ALA A 33 -8.64 5.90 -17.97
CA ALA A 33 -8.01 4.81 -18.70
C ALA A 33 -6.93 5.36 -19.62
N GLN A 34 -7.23 6.42 -20.36
CA GLN A 34 -6.36 7.08 -21.33
C GLN A 34 -5.12 7.70 -20.69
N HIS A 35 -5.25 8.08 -19.42
CA HIS A 35 -4.17 8.58 -18.57
C HIS A 35 -3.83 7.57 -17.46
N ASP A 36 -4.04 6.27 -17.72
CA ASP A 36 -3.65 5.21 -16.78
C ASP A 36 -2.20 5.39 -16.35
N GLY A 37 -1.30 5.61 -17.32
CA GLY A 37 0.12 5.75 -17.07
C GLY A 37 0.46 6.95 -16.21
N GLU A 38 -0.15 8.10 -16.51
CA GLU A 38 0.09 9.33 -15.79
C GLU A 38 -0.37 9.20 -14.35
N ILE A 39 -1.65 8.89 -14.13
CA ILE A 39 -2.24 8.73 -12.80
C ILE A 39 -1.35 7.77 -12.00
N ARG A 40 -1.11 6.59 -12.55
CA ARG A 40 -0.44 5.51 -11.85
C ARG A 40 1.02 5.88 -11.58
N ALA A 41 1.68 6.64 -12.46
CA ALA A 41 3.05 7.10 -12.25
C ALA A 41 3.06 8.10 -11.12
N GLU A 42 2.15 9.08 -11.13
CA GLU A 42 2.15 10.13 -10.11
C GLU A 42 1.79 9.52 -8.76
N ALA A 43 0.91 8.53 -8.75
CA ALA A 43 0.53 7.76 -7.58
C ALA A 43 1.61 6.78 -7.12
N ALA A 44 2.47 6.27 -8.00
CA ALA A 44 3.58 5.39 -7.62
C ALA A 44 4.77 6.18 -7.10
N ALA A 45 4.99 7.38 -7.65
CA ALA A 45 6.04 8.29 -7.22
C ALA A 45 5.70 8.97 -5.88
N ASP A 46 4.51 8.74 -5.32
CA ASP A 46 4.02 9.46 -4.15
C ASP A 46 4.84 9.02 -2.93
N PRO A 47 5.14 9.91 -1.96
CA PRO A 47 6.18 9.66 -0.96
C PRO A 47 5.89 8.44 -0.09
N ALA A 48 4.61 8.24 0.23
CA ALA A 48 4.21 7.15 1.10
C ALA A 48 4.19 5.83 0.35
N VAL A 49 3.94 5.82 -0.98
CA VAL A 49 4.13 4.62 -1.76
C VAL A 49 5.59 4.24 -1.73
N VAL A 50 6.49 5.14 -2.14
CA VAL A 50 7.88 4.74 -2.27
C VAL A 50 8.44 4.25 -0.93
N ALA A 51 8.14 4.98 0.15
CA ALA A 51 8.57 4.65 1.51
C ALA A 51 8.04 3.27 1.96
N ALA A 52 6.73 3.05 1.95
CA ALA A 52 6.18 1.77 2.41
C ALA A 52 6.60 0.61 1.50
N LYS A 53 6.85 0.83 0.20
CA LYS A 53 7.45 -0.20 -0.66
C LYS A 53 8.86 -0.53 -0.17
N ALA A 54 9.70 0.50 0.02
CA ALA A 54 11.10 0.31 0.37
C ALA A 54 11.24 -0.42 1.71
N ALA A 55 10.29 -0.23 2.64
CA ALA A 55 10.24 -1.09 3.81
C ALA A 55 9.65 -2.46 3.51
N LEU A 56 8.59 -2.57 2.72
CA LEU A 56 7.89 -3.83 2.46
C LEU A 56 8.85 -4.88 1.93
N ASP A 57 9.64 -4.56 0.91
CA ASP A 57 10.60 -5.50 0.34
C ASP A 57 11.77 -5.81 1.30
N ALA A 58 11.93 -5.01 2.36
CA ALA A 58 12.96 -5.17 3.38
C ALA A 58 12.40 -5.83 4.65
N VAL A 59 11.11 -6.17 4.68
CA VAL A 59 10.40 -6.80 5.81
C VAL A 59 9.39 -7.82 5.24
N GLU A 60 9.70 -8.44 4.09
CA GLU A 60 8.74 -9.31 3.42
C GLU A 60 8.73 -10.70 4.05
N GLY A 61 8.05 -11.66 3.41
CA GLY A 61 8.11 -13.07 3.78
C GLY A 61 7.20 -13.43 4.96
N GLY A 62 6.35 -12.51 5.42
CA GLY A 62 5.46 -12.74 6.55
C GLY A 62 6.10 -12.44 7.90
N SER A 63 7.21 -11.69 7.92
CA SER A 63 7.90 -11.24 9.12
C SER A 63 6.98 -10.45 10.08
N HIS A 64 7.44 -10.18 11.31
CA HIS A 64 6.61 -9.58 12.37
C HIS A 64 6.01 -8.24 11.93
N ASN A 65 6.80 -7.39 11.27
CA ASN A 65 6.35 -6.09 10.80
C ASN A 65 5.70 -6.18 9.42
N TYR A 66 5.57 -7.37 8.81
CA TYR A 66 4.99 -7.57 7.49
C TYR A 66 3.58 -7.00 7.41
N GLY A 67 2.71 -7.29 8.38
CA GLY A 67 1.34 -6.79 8.35
C GLY A 67 1.31 -5.26 8.34
N GLU A 68 2.24 -4.64 9.06
CA GLU A 68 2.41 -3.19 9.11
C GLU A 68 2.80 -2.64 7.74
N VAL A 69 3.85 -3.17 7.11
CA VAL A 69 4.30 -2.72 5.78
C VAL A 69 3.25 -3.02 4.71
N LYS A 70 2.66 -4.22 4.70
CA LYS A 70 1.69 -4.65 3.71
C LYS A 70 0.43 -3.78 3.79
N ALA A 71 -0.09 -3.57 4.99
CA ALA A 71 -1.24 -2.69 5.18
C ALA A 71 -0.91 -1.26 4.77
N ALA A 72 0.27 -0.73 5.15
CA ALA A 72 0.66 0.62 4.76
C ALA A 72 0.80 0.75 3.24
N TYR A 73 1.39 -0.25 2.59
CA TYR A 73 1.59 -0.28 1.15
C TYR A 73 0.22 -0.18 0.45
N GLU A 74 -0.72 -1.06 0.79
CA GLU A 74 -2.05 -1.04 0.17
C GLU A 74 -2.81 0.26 0.49
N ALA A 75 -2.63 0.81 1.71
CA ALA A 75 -3.22 2.06 2.13
C ALA A 75 -2.70 3.19 1.23
N ALA A 76 -1.38 3.43 1.24
CA ALA A 76 -0.70 4.46 0.48
C ALA A 76 -0.94 4.33 -1.02
N PHE A 77 -0.99 3.09 -1.53
CA PHE A 77 -1.33 2.76 -2.91
C PHE A 77 -2.68 3.37 -3.24
N ASN A 78 -3.74 2.89 -2.57
CA ASN A 78 -5.09 3.32 -2.91
C ASN A 78 -5.35 4.77 -2.54
N ASN A 79 -4.69 5.27 -1.50
CA ASN A 79 -4.68 6.66 -1.07
C ASN A 79 -4.21 7.54 -2.22
N ALA A 80 -2.98 7.33 -2.68
CA ALA A 80 -2.38 8.15 -3.73
C ALA A 80 -3.22 8.03 -5.00
N PHE A 81 -3.49 6.81 -5.43
CA PHE A 81 -4.19 6.54 -6.67
C PHE A 81 -5.54 7.26 -6.68
N ASN A 82 -6.28 7.19 -5.57
CA ASN A 82 -7.53 7.92 -5.41
C ASN A 82 -7.27 9.41 -5.49
N ALA A 83 -6.28 9.94 -4.75
CA ALA A 83 -6.00 11.35 -4.68
C ALA A 83 -5.84 11.91 -6.10
N VAL A 84 -4.86 11.41 -6.85
CA VAL A 84 -4.59 11.86 -8.21
C VAL A 84 -5.84 11.71 -9.08
N ARG A 85 -6.47 10.53 -9.11
CA ARG A 85 -7.63 10.25 -9.96
C ARG A 85 -8.74 11.26 -9.64
N ASN A 86 -9.15 11.38 -8.37
CA ASN A 86 -10.18 12.32 -7.94
C ASN A 86 -9.87 13.74 -8.42
N LYS A 87 -8.68 14.23 -8.09
CA LYS A 87 -8.19 15.57 -8.44
C LYS A 87 -8.39 15.82 -9.95
N TYR A 88 -7.85 14.90 -10.75
CA TYR A 88 -7.88 14.96 -12.20
C TYR A 88 -9.33 14.97 -12.67
N VAL A 89 -10.22 14.11 -12.15
CA VAL A 89 -11.64 14.12 -12.53
C VAL A 89 -12.26 15.49 -12.28
N GLN A 90 -12.12 16.06 -11.09
CA GLN A 90 -12.79 17.32 -10.79
C GLN A 90 -12.33 18.39 -11.79
N ARG A 91 -11.01 18.55 -11.93
CA ARG A 91 -10.53 19.56 -12.89
C ARG A 91 -10.95 19.23 -14.31
N PHE A 92 -10.85 17.97 -14.75
CA PHE A 92 -11.21 17.51 -16.08
C PHE A 92 -12.64 17.90 -16.39
N GLN A 93 -13.57 17.49 -15.53
CA GLN A 93 -14.97 17.82 -15.60
C GLN A 93 -15.13 19.33 -15.78
N ALA A 94 -14.55 20.14 -14.89
CA ALA A 94 -14.81 21.57 -14.88
C ALA A 94 -14.31 22.21 -16.18
N THR A 95 -13.20 21.71 -16.67
CA THR A 95 -12.51 22.22 -17.83
C THR A 95 -13.26 21.81 -19.11
N TYR A 96 -13.91 20.64 -19.12
CA TYR A 96 -14.69 20.16 -20.26
C TYR A 96 -16.11 20.75 -20.28
N ASN A 97 -16.48 21.50 -19.25
CA ASN A 97 -17.77 22.20 -19.17
C ASN A 97 -17.83 23.42 -20.13
N ASN A 98 -16.84 23.59 -21.01
CA ASN A 98 -16.85 24.50 -22.17
C ASN A 98 -18.08 24.31 -23.07
N ALA A 99 -18.79 23.20 -22.93
CA ALA A 99 -20.07 22.92 -23.58
C ALA A 99 -21.26 23.62 -22.92
N THR A 100 -21.03 24.66 -22.10
CA THR A 100 -22.06 25.48 -21.45
C THR A 100 -22.80 24.77 -20.31
N GLU A 101 -22.42 23.52 -20.05
CA GLU A 101 -23.09 22.54 -19.22
C GLU A 101 -22.84 22.73 -17.71
N GLN A 102 -22.53 23.96 -17.25
CA GLN A 102 -22.18 24.23 -15.84
C GLN A 102 -23.15 25.14 -15.09
N GLU A 103 -24.15 25.76 -15.71
CA GLU A 103 -25.25 26.41 -14.99
C GLU A 103 -24.85 27.51 -13.96
N GLY A 104 -23.61 28.00 -14.07
CA GLY A 104 -23.05 29.04 -13.22
C GLY A 104 -22.80 28.56 -11.78
N LYS A 105 -21.82 27.67 -11.57
CA LYS A 105 -21.46 27.13 -10.26
C LYS A 105 -19.99 26.73 -10.25
N THR A 106 -19.08 27.67 -10.00
CA THR A 106 -17.65 27.41 -9.92
C THR A 106 -17.18 27.09 -8.49
N TYR A 107 -18.11 26.85 -7.57
CA TYR A 107 -17.88 26.82 -6.13
C TYR A 107 -18.55 25.64 -5.44
N ILE A 108 -18.79 24.55 -6.17
CA ILE A 108 -19.53 23.40 -5.64
C ILE A 108 -18.64 22.16 -5.81
N GLN A 109 -18.81 21.18 -4.92
CA GLN A 109 -18.16 19.88 -4.94
C GLN A 109 -18.86 18.94 -5.93
N GLY A 110 -18.57 17.64 -5.83
CA GLY A 110 -19.16 16.59 -6.64
C GLY A 110 -18.76 15.19 -6.18
N GLU A 111 -17.64 15.08 -5.43
CA GLU A 111 -17.06 13.79 -5.02
C GLU A 111 -16.79 12.91 -6.24
N THR A 112 -16.49 11.63 -6.03
CA THR A 112 -16.51 10.58 -7.04
C THR A 112 -17.07 9.30 -6.40
N PRO A 113 -17.52 8.31 -7.21
CA PRO A 113 -18.05 7.06 -6.70
C PRO A 113 -16.94 6.16 -6.14
N GLU A 114 -15.84 6.01 -6.89
CA GLU A 114 -14.67 5.23 -6.46
C GLU A 114 -14.15 5.76 -5.11
N GLN A 115 -14.33 7.05 -4.88
CA GLN A 115 -13.82 7.74 -3.72
C GLN A 115 -14.59 7.38 -2.45
N ALA A 116 -15.91 7.16 -2.57
CA ALA A 116 -16.72 6.60 -1.50
C ALA A 116 -16.36 5.14 -1.27
N ASN A 117 -15.85 4.42 -2.28
CA ASN A 117 -15.44 3.04 -2.07
C ASN A 117 -14.23 2.99 -1.15
N ALA A 118 -13.21 3.81 -1.43
CA ALA A 118 -12.00 3.89 -0.63
C ALA A 118 -12.25 4.33 0.82
N ARG A 119 -13.31 5.11 1.10
CA ARG A 119 -13.61 5.51 2.48
C ARG A 119 -13.74 4.30 3.41
N TYR A 120 -14.28 3.18 2.89
CA TYR A 120 -14.52 1.94 3.63
C TYR A 120 -13.28 1.43 4.38
N LEU A 121 -12.08 1.66 3.83
CA LEU A 121 -10.81 1.19 4.39
C LEU A 121 -9.75 2.30 4.40
N LYS A 122 -10.16 3.55 4.62
CA LYS A 122 -9.21 4.65 4.74
C LYS A 122 -8.19 4.35 5.84
N ARG A 123 -6.96 4.81 5.66
CA ARG A 123 -5.91 4.80 6.68
C ARG A 123 -5.05 6.06 6.49
N VAL A 124 -3.99 6.22 7.29
CA VAL A 124 -3.12 7.41 7.25
C VAL A 124 -1.63 7.01 7.19
N GLY A 125 -1.34 5.73 6.99
CA GLY A 125 0.00 5.17 7.15
C GLY A 125 0.30 5.00 8.64
N ALA A 126 1.58 4.98 9.01
CA ALA A 126 2.08 4.96 10.39
C ALA A 126 3.37 5.79 10.50
N ALA A 127 3.40 6.95 9.82
CA ALA A 127 4.54 7.86 9.72
C ALA A 127 5.88 7.15 9.46
N ASN A 128 5.90 6.18 8.54
CA ASN A 128 7.11 5.43 8.25
C ASN A 128 8.04 6.26 7.40
N ASN A 129 9.27 6.51 7.87
CA ASN A 129 10.41 6.92 7.07
C ASN A 129 11.67 6.71 7.93
N GLN A 130 12.28 5.53 7.81
CA GLN A 130 13.49 5.13 8.52
C GLN A 130 14.40 4.31 7.58
N ASN A 131 15.53 3.81 8.11
CA ASN A 131 16.45 2.86 7.48
C ASN A 131 17.09 3.43 6.20
N PRO A 132 17.85 4.53 6.28
CA PRO A 132 18.58 5.07 5.13
C PRO A 132 19.76 4.18 4.76
N ALA A 133 20.10 4.16 3.47
CA ALA A 133 21.16 3.35 2.90
C ALA A 133 22.53 3.77 3.46
N ALA A 134 23.06 4.91 2.99
CA ALA A 134 24.34 5.46 3.45
C ALA A 134 24.40 6.96 3.16
N GLU A 135 25.34 7.66 3.80
CA GLU A 135 25.65 9.05 3.53
C GLU A 135 27.02 9.33 4.13
N ASP A 136 28.03 9.69 3.33
CA ASP A 136 29.31 10.15 3.88
C ASP A 136 30.11 10.94 2.85
N LYS A 137 31.22 11.53 3.29
CA LYS A 137 32.26 12.28 2.59
C LYS A 137 32.99 11.52 1.47
N GLY A 138 32.57 10.30 1.13
CA GLY A 138 33.23 9.35 0.25
C GLY A 138 33.70 9.98 -1.06
N ALA A 139 32.77 10.34 -1.96
CA ALA A 139 33.11 10.96 -3.25
C ALA A 139 31.94 11.74 -3.86
N THR A 140 31.80 13.03 -3.52
CA THR A 140 30.81 13.93 -4.10
C THR A 140 31.29 14.52 -5.47
N THR A 141 32.02 13.72 -6.27
CA THR A 141 32.67 14.14 -7.52
C THR A 141 33.64 15.33 -7.29
N PRO A 142 34.83 15.06 -6.72
CA PRO A 142 35.85 16.07 -6.45
C PRO A 142 36.52 16.64 -7.72
N ALA A 143 36.24 16.11 -8.90
CA ALA A 143 36.69 16.57 -10.22
C ALA A 143 38.22 16.62 -10.38
N SER A 144 38.95 15.76 -9.66
CA SER A 144 40.39 15.70 -9.55
C SER A 144 41.11 15.82 -10.91
N LYS A 145 42.27 16.48 -10.93
CA LYS A 145 43.06 16.77 -12.11
C LYS A 145 42.23 17.60 -13.10
N GLU A 146 41.75 18.75 -12.63
CA GLU A 146 41.13 19.79 -13.47
C GLU A 146 42.15 20.84 -13.96
N GLU A 147 43.24 21.09 -13.23
CA GLU A 147 44.29 22.06 -13.62
C GLU A 147 45.41 21.32 -14.38
N ALA A 148 46.26 22.10 -15.05
CA ALA A 148 47.43 21.63 -15.81
C ALA A 148 48.61 22.62 -15.75
N LYS A 149 48.45 23.77 -15.12
CA LYS A 149 49.45 24.84 -15.03
C LYS A 149 50.77 24.33 -14.46
N LYS A 150 51.77 24.16 -15.31
CA LYS A 150 53.18 24.17 -14.94
C LYS A 150 53.93 24.78 -16.12
N SER A 151 55.03 25.46 -15.83
CA SER A 151 56.11 25.79 -16.75
C SER A 151 57.27 26.26 -15.86
N GLU A 152 58.52 26.04 -16.27
CA GLU A 152 59.69 26.17 -15.41
C GLU A 152 60.84 26.69 -16.26
N ALA A 153 61.60 27.64 -15.73
CA ALA A 153 62.50 28.45 -16.53
C ALA A 153 63.74 28.84 -15.74
N ALA A 154 64.76 29.34 -16.45
CA ALA A 154 66.12 29.48 -15.91
C ALA A 154 66.81 30.81 -16.26
N ALA A 155 66.05 31.84 -16.65
CA ALA A 155 66.59 33.14 -17.07
C ALA A 155 67.23 33.90 -15.89
N LYS A 156 68.49 33.60 -15.56
CA LYS A 156 69.27 34.32 -14.54
C LYS A 156 70.80 34.26 -14.77
N ASN A 157 71.27 33.68 -15.88
CA ASN A 157 72.70 33.53 -16.12
C ASN A 157 73.26 34.90 -16.53
N ALA A 158 73.90 35.61 -15.60
CA ALA A 158 74.48 36.93 -15.80
C ALA A 158 75.89 36.92 -15.22
N GLY A 159 76.88 37.34 -16.01
CA GLY A 159 78.26 37.41 -15.58
C GLY A 159 78.54 38.72 -14.85
N LYS A 160 79.55 38.73 -13.97
CA LYS A 160 80.12 39.93 -13.35
C LYS A 160 81.54 39.60 -12.90
N ALA A 161 82.39 40.61 -12.77
CA ALA A 161 83.75 40.48 -12.24
C ALA A 161 83.77 40.86 -10.76
N ALA A 162 84.97 40.98 -10.17
CA ALA A 162 85.15 41.49 -8.81
C ALA A 162 86.40 42.35 -8.68
N GLY A 163 87.51 41.89 -9.27
CA GLY A 163 88.81 42.56 -9.29
C GLY A 163 89.52 42.51 -7.94
N LYS A 164 88.90 43.08 -6.90
CA LYS A 164 89.52 43.56 -5.66
C LYS A 164 90.41 44.78 -5.96
N ALA A 165 90.72 45.55 -4.94
CA ALA A 165 91.72 46.61 -4.94
C ALA A 165 92.32 46.64 -3.54
N LEU A 166 93.61 46.93 -3.43
CA LEU A 166 94.31 47.14 -2.16
C LEU A 166 95.59 47.94 -2.45
N PRO A 167 96.11 48.75 -1.52
CA PRO A 167 97.36 49.47 -1.69
C PRO A 167 98.53 48.48 -1.69
N LYS A 168 99.05 48.14 -2.87
CA LYS A 168 100.12 47.15 -2.99
C LYS A 168 101.45 47.75 -2.50
N THR A 169 101.78 47.55 -1.22
CA THR A 169 103.07 47.89 -0.65
C THR A 169 104.19 47.29 -1.50
N SER A 170 105.03 48.15 -2.08
CA SER A 170 106.14 47.75 -2.94
C SER A 170 107.42 47.97 -2.16
N ALA A 171 107.98 46.89 -1.60
CA ALA A 171 109.18 46.94 -0.77
C ALA A 171 110.48 47.02 -1.56
N VAL A 172 110.39 46.95 -2.89
CA VAL A 172 111.51 46.92 -3.83
C VAL A 172 112.63 45.97 -3.35
N LYS A 173 112.21 44.75 -2.99
CA LYS A 173 113.08 43.80 -2.32
C LYS A 173 114.08 43.21 -3.32
N HIS A 174 115.29 43.76 -3.36
CA HIS A 174 116.37 43.42 -4.29
C HIS A 174 116.00 43.89 -5.71
N HIS A 175 116.81 43.53 -6.71
CA HIS A 175 116.66 43.93 -8.13
C HIS A 175 116.48 45.46 -8.26
N HIS A 176 117.31 46.22 -7.54
CA HIS A 176 117.27 47.68 -7.54
C HIS A 176 118.64 48.20 -7.12
N HIS A 177 119.02 47.98 -5.86
CA HIS A 177 120.34 48.36 -5.36
C HIS A 177 121.40 47.58 -6.13
N HIS A 178 122.51 48.25 -6.41
CA HIS A 178 123.80 47.71 -6.84
C HIS A 178 124.88 48.62 -6.25
N HIS A 179 126.14 48.38 -6.61
CA HIS A 179 127.27 49.28 -6.55
C HIS A 179 127.96 49.15 -7.90
N MET A 1 -13.26 -10.33 7.38
CA MET A 1 -14.56 -9.83 6.93
C MET A 1 -15.09 -10.80 5.88
N ALA A 2 -16.27 -11.42 6.11
CA ALA A 2 -16.75 -12.56 5.32
C ALA A 2 -18.19 -12.36 4.87
N ASP A 3 -19.14 -12.36 5.82
CA ASP A 3 -20.59 -12.40 5.59
C ASP A 3 -21.04 -13.72 4.94
N GLU A 4 -22.34 -13.82 4.68
CA GLU A 4 -23.02 -14.80 3.85
C GLU A 4 -24.12 -14.13 3.00
N ALA A 5 -24.50 -12.88 3.31
CA ALA A 5 -25.37 -11.98 2.58
C ALA A 5 -26.62 -12.67 2.04
N THR A 6 -27.60 -12.86 2.92
CA THR A 6 -28.89 -13.50 2.63
C THR A 6 -29.79 -12.67 1.69
N ASP A 7 -29.37 -11.44 1.37
CA ASP A 7 -30.16 -10.44 0.65
C ASP A 7 -30.04 -10.59 -0.87
N ALA A 8 -30.61 -9.63 -1.59
CA ALA A 8 -30.67 -9.45 -3.02
C ALA A 8 -31.67 -10.40 -3.68
N ALA A 9 -31.73 -11.66 -3.25
CA ALA A 9 -32.65 -12.70 -3.71
C ALA A 9 -32.64 -12.92 -5.23
N ARG A 10 -31.64 -12.35 -5.90
CA ARG A 10 -31.42 -12.31 -7.35
C ARG A 10 -32.40 -11.28 -7.88
N ASN A 11 -32.01 -10.02 -7.68
CA ASN A 11 -32.84 -8.84 -7.88
C ASN A 11 -33.25 -8.71 -9.35
N ASN A 12 -34.31 -7.95 -9.63
CA ASN A 12 -35.08 -8.01 -10.87
C ASN A 12 -34.86 -6.78 -11.77
N ASP A 13 -33.76 -6.04 -11.59
CA ASP A 13 -33.27 -5.08 -12.58
C ASP A 13 -31.77 -5.30 -12.74
N GLY A 14 -31.22 -4.99 -13.92
CA GLY A 14 -29.81 -5.17 -14.21
C GLY A 14 -28.92 -4.22 -13.41
N ALA A 15 -29.33 -2.96 -13.24
CA ALA A 15 -28.61 -2.01 -12.43
C ALA A 15 -29.56 -1.00 -11.80
N TYR A 16 -30.53 -1.49 -11.00
CA TYR A 16 -31.55 -0.73 -10.27
C TYR A 16 -32.54 -0.02 -11.21
N TYR A 17 -32.08 0.96 -12.00
CA TYR A 17 -32.82 1.65 -13.04
C TYR A 17 -31.91 1.86 -14.25
N LEU A 18 -30.57 1.81 -14.09
CA LEU A 18 -29.67 2.06 -15.20
C LEU A 18 -29.74 0.89 -16.16
N GLN A 19 -30.27 -0.25 -15.70
CA GLN A 19 -30.45 -1.54 -16.34
C GLN A 19 -29.20 -2.18 -16.94
N THR A 20 -28.07 -1.49 -16.86
CA THR A 20 -26.80 -1.83 -17.48
C THR A 20 -25.74 -1.00 -16.75
N GLN A 21 -25.49 0.26 -17.15
CA GLN A 21 -24.45 1.10 -16.55
C GLN A 21 -24.64 2.61 -16.72
N PHE A 22 -25.75 3.03 -17.30
CA PHE A 22 -25.90 4.38 -17.87
C PHE A 22 -25.72 5.46 -16.80
N THR A 23 -24.59 6.14 -16.88
CA THR A 23 -24.15 7.22 -15.99
C THR A 23 -23.23 8.19 -16.74
N ASN A 24 -22.97 9.36 -16.16
CA ASN A 24 -21.75 10.12 -16.46
C ASN A 24 -20.61 9.38 -15.78
N ALA A 25 -20.16 8.30 -16.41
CA ALA A 25 -18.96 7.54 -16.06
C ALA A 25 -18.10 7.32 -17.30
N ASP A 26 -18.71 7.33 -18.49
CA ASP A 26 -18.02 7.22 -19.78
C ASP A 26 -16.97 8.33 -19.93
N LYS A 27 -17.42 9.59 -19.90
CA LYS A 27 -16.54 10.77 -20.02
C LYS A 27 -15.52 10.91 -18.89
N VAL A 28 -15.62 10.08 -17.85
CA VAL A 28 -14.66 10.00 -16.77
C VAL A 28 -13.62 8.96 -17.18
N ASN A 29 -14.09 7.75 -17.48
CA ASN A 29 -13.30 6.61 -17.90
C ASN A 29 -12.39 6.93 -19.08
N GLU A 30 -12.83 7.81 -20.00
CA GLU A 30 -12.00 8.30 -21.11
C GLU A 30 -10.63 8.74 -20.57
N TYR A 31 -10.66 9.74 -19.69
CA TYR A 31 -9.48 10.35 -19.11
C TYR A 31 -8.73 9.32 -18.27
N LEU A 32 -9.46 8.56 -17.44
CA LEU A 32 -8.87 7.60 -16.50
C LEU A 32 -8.06 6.54 -17.22
N ALA A 33 -8.60 6.00 -18.31
CA ALA A 33 -7.94 4.96 -19.08
C ALA A 33 -6.74 5.57 -19.80
N GLN A 34 -6.96 6.68 -20.51
CA GLN A 34 -5.95 7.35 -21.31
C GLN A 34 -4.73 7.73 -20.47
N HIS A 35 -4.94 8.19 -19.23
CA HIS A 35 -3.90 8.67 -18.35
C HIS A 35 -3.58 7.67 -17.24
N ASP A 36 -4.02 6.40 -17.32
CA ASP A 36 -3.89 5.47 -16.19
C ASP A 36 -2.43 5.30 -15.75
N GLY A 37 -1.50 5.35 -16.71
CA GLY A 37 -0.06 5.33 -16.45
C GLY A 37 0.37 6.53 -15.62
N GLU A 38 -0.03 7.74 -16.00
CA GLU A 38 0.34 8.95 -15.28
C GLU A 38 -0.29 8.92 -13.88
N ILE A 39 -1.56 8.53 -13.78
CA ILE A 39 -2.29 8.47 -12.52
C ILE A 39 -1.58 7.50 -11.56
N ARG A 40 -1.35 6.26 -12.00
CA ARG A 40 -0.68 5.26 -11.18
C ARG A 40 0.77 5.66 -10.90
N ALA A 41 1.43 6.36 -11.83
CA ALA A 41 2.78 6.84 -11.63
C ALA A 41 2.79 7.88 -10.51
N GLU A 42 1.84 8.82 -10.51
CA GLU A 42 1.72 9.86 -9.50
C GLU A 42 1.54 9.21 -8.13
N ALA A 43 0.55 8.32 -7.97
CA ALA A 43 0.37 7.65 -6.68
C ALA A 43 1.61 6.83 -6.29
N ALA A 44 2.23 6.13 -7.25
CA ALA A 44 3.42 5.33 -7.01
C ALA A 44 4.68 6.17 -6.81
N ALA A 45 4.65 7.48 -7.06
CA ALA A 45 5.71 8.42 -6.75
C ALA A 45 5.51 9.09 -5.39
N ASP A 46 4.37 8.88 -4.73
CA ASP A 46 3.99 9.57 -3.50
C ASP A 46 4.82 8.98 -2.34
N PRO A 47 5.26 9.79 -1.34
CA PRO A 47 6.31 9.42 -0.38
C PRO A 47 5.99 8.15 0.41
N ALA A 48 4.72 7.99 0.76
CA ALA A 48 4.22 6.84 1.49
C ALA A 48 4.48 5.57 0.69
N VAL A 49 3.97 5.50 -0.53
CA VAL A 49 4.01 4.31 -1.36
C VAL A 49 5.48 3.99 -1.67
N VAL A 50 6.29 4.98 -2.05
CA VAL A 50 7.68 4.71 -2.42
C VAL A 50 8.46 4.13 -1.24
N ALA A 51 8.31 4.75 -0.07
CA ALA A 51 9.02 4.32 1.14
C ALA A 51 8.57 2.91 1.52
N ALA A 52 7.26 2.76 1.71
CA ALA A 52 6.66 1.51 2.16
C ALA A 52 6.96 0.38 1.18
N LYS A 53 6.90 0.60 -0.14
CA LYS A 53 7.24 -0.43 -1.12
C LYS A 53 8.70 -0.84 -0.95
N ALA A 54 9.61 0.13 -0.99
CA ALA A 54 11.04 -0.17 -0.95
C ALA A 54 11.39 -0.97 0.30
N ALA A 55 10.76 -0.64 1.43
CA ALA A 55 10.94 -1.35 2.69
C ALA A 55 10.19 -2.70 2.74
N LEU A 56 8.98 -2.79 2.19
CA LEU A 56 8.19 -4.02 2.10
C LEU A 56 8.99 -5.10 1.41
N ASP A 57 9.69 -4.76 0.32
CA ASP A 57 10.49 -5.71 -0.45
C ASP A 57 11.69 -6.25 0.35
N ALA A 58 12.01 -5.66 1.51
CA ALA A 58 13.08 -6.06 2.40
C ALA A 58 12.54 -6.69 3.69
N VAL A 59 11.34 -6.33 4.13
CA VAL A 59 10.72 -6.80 5.38
C VAL A 59 9.63 -7.85 5.05
N GLU A 60 9.69 -8.38 3.84
CA GLU A 60 8.87 -9.46 3.32
C GLU A 60 9.19 -10.76 4.05
N GLY A 61 8.41 -11.80 3.74
CA GLY A 61 8.51 -13.08 4.40
C GLY A 61 7.69 -13.12 5.69
N GLY A 62 6.69 -12.24 5.84
CA GLY A 62 5.92 -12.17 7.06
C GLY A 62 6.81 -11.83 8.26
N SER A 63 7.82 -10.96 8.08
CA SER A 63 8.63 -10.43 9.16
C SER A 63 7.74 -9.78 10.25
N HIS A 64 8.30 -9.42 11.41
CA HIS A 64 7.55 -8.84 12.52
C HIS A 64 6.77 -7.60 12.06
N ASN A 65 7.45 -6.66 11.40
CA ASN A 65 6.82 -5.44 10.91
C ASN A 65 6.13 -5.60 9.55
N TYR A 66 6.07 -6.82 8.98
CA TYR A 66 5.46 -7.08 7.69
C TYR A 66 4.05 -6.51 7.64
N GLY A 67 3.20 -6.86 8.60
CA GLY A 67 1.82 -6.41 8.60
C GLY A 67 1.70 -4.89 8.69
N GLU A 68 2.64 -4.20 9.34
CA GLU A 68 2.62 -2.76 9.44
C GLU A 68 3.00 -2.13 8.09
N VAL A 69 4.15 -2.52 7.53
CA VAL A 69 4.61 -1.97 6.25
C VAL A 69 3.64 -2.33 5.12
N LYS A 70 3.15 -3.59 5.08
CA LYS A 70 2.19 -4.06 4.09
C LYS A 70 0.89 -3.27 4.19
N ALA A 71 0.31 -3.15 5.40
CA ALA A 71 -0.96 -2.48 5.52
C ALA A 71 -0.84 -1.00 5.12
N ALA A 72 0.25 -0.34 5.52
CA ALA A 72 0.55 1.03 5.11
C ALA A 72 0.66 1.15 3.60
N TYR A 73 1.40 0.22 2.97
CA TYR A 73 1.66 0.16 1.53
C TYR A 73 0.34 0.04 0.76
N GLU A 74 -0.50 -0.95 1.08
CA GLU A 74 -1.80 -1.11 0.43
C GLU A 74 -2.64 0.13 0.66
N ALA A 75 -2.75 0.59 1.92
CA ALA A 75 -3.66 1.66 2.28
C ALA A 75 -3.32 2.90 1.46
N ALA A 76 -2.06 3.31 1.48
CA ALA A 76 -1.59 4.43 0.69
C ALA A 76 -1.87 4.23 -0.79
N PHE A 77 -1.67 3.02 -1.34
CA PHE A 77 -1.95 2.79 -2.75
C PHE A 77 -3.38 3.14 -3.09
N ASN A 78 -4.34 2.68 -2.28
CA ASN A 78 -5.75 2.92 -2.50
C ASN A 78 -6.04 4.40 -2.33
N ASN A 79 -5.54 4.97 -1.22
CA ASN A 79 -5.86 6.34 -0.82
C ASN A 79 -5.46 7.27 -1.96
N ALA A 80 -4.22 7.06 -2.41
CA ALA A 80 -3.47 7.89 -3.33
C ALA A 80 -4.05 7.74 -4.72
N PHE A 81 -4.33 6.50 -5.15
CA PHE A 81 -5.03 6.26 -6.40
C PHE A 81 -6.30 7.07 -6.41
N ASN A 82 -7.14 6.93 -5.38
CA ASN A 82 -8.42 7.61 -5.33
C ASN A 82 -8.22 9.13 -5.38
N ALA A 83 -7.24 9.65 -4.64
CA ALA A 83 -6.94 11.06 -4.58
C ALA A 83 -6.64 11.60 -5.98
N VAL A 84 -5.59 11.06 -6.61
CA VAL A 84 -5.13 11.46 -7.94
C VAL A 84 -6.27 11.31 -8.93
N ARG A 85 -6.87 10.11 -9.07
CA ARG A 85 -7.94 9.82 -10.02
C ARG A 85 -9.09 10.82 -9.86
N ASN A 86 -9.55 11.06 -8.64
CA ASN A 86 -10.63 12.00 -8.38
C ASN A 86 -10.20 13.40 -8.80
N LYS A 87 -9.06 13.89 -8.32
CA LYS A 87 -8.58 15.24 -8.59
C LYS A 87 -8.38 15.48 -10.09
N TYR A 88 -7.82 14.50 -10.80
CA TYR A 88 -7.65 14.51 -12.25
C TYR A 88 -9.01 14.75 -12.91
N VAL A 89 -9.99 13.90 -12.61
CA VAL A 89 -11.29 13.99 -13.25
C VAL A 89 -11.98 15.32 -12.87
N GLN A 90 -11.86 15.76 -11.61
CA GLN A 90 -12.42 17.05 -11.20
C GLN A 90 -11.79 18.17 -12.01
N ARG A 91 -10.47 18.30 -12.06
CA ARG A 91 -9.82 19.40 -12.79
C ARG A 91 -10.19 19.40 -14.27
N PHE A 92 -10.33 18.22 -14.89
CA PHE A 92 -10.86 18.07 -16.23
C PHE A 92 -12.27 18.67 -16.30
N GLN A 93 -13.26 18.07 -15.63
CA GLN A 93 -14.63 18.57 -15.77
C GLN A 93 -14.81 19.99 -15.25
N ALA A 94 -13.96 20.47 -14.36
CA ALA A 94 -14.03 21.81 -13.81
C ALA A 94 -13.91 22.81 -14.94
N THR A 95 -12.86 22.75 -15.76
CA THR A 95 -12.69 23.72 -16.83
C THR A 95 -13.82 23.56 -17.89
N TYR A 96 -14.32 22.33 -18.06
CA TYR A 96 -15.35 21.99 -19.04
C TYR A 96 -16.79 22.03 -18.51
N ASN A 97 -17.07 22.55 -17.31
CA ASN A 97 -18.45 22.56 -16.79
C ASN A 97 -19.28 23.65 -17.46
N ASN A 98 -18.64 24.49 -18.30
CA ASN A 98 -19.23 25.60 -19.04
C ASN A 98 -20.40 25.19 -19.96
N ALA A 99 -20.64 23.89 -20.14
CA ALA A 99 -21.83 23.34 -20.79
C ALA A 99 -23.09 23.41 -19.92
N THR A 100 -23.00 23.82 -18.64
CA THR A 100 -24.12 23.91 -17.72
C THR A 100 -23.94 25.14 -16.80
N GLU A 101 -22.72 25.39 -16.31
CA GLU A 101 -22.48 26.36 -15.24
C GLU A 101 -21.06 26.89 -15.32
N GLN A 102 -20.82 28.01 -14.64
CA GLN A 102 -19.50 28.44 -14.18
C GLN A 102 -19.69 29.42 -13.02
N GLU A 103 -19.89 30.71 -13.29
CA GLU A 103 -19.91 31.79 -12.31
C GLU A 103 -18.59 31.89 -11.50
N GLY A 104 -17.47 31.95 -12.23
CA GLY A 104 -16.19 32.50 -11.77
C GLY A 104 -15.51 31.70 -10.66
N LYS A 105 -15.28 30.39 -10.89
CA LYS A 105 -14.88 29.44 -9.85
C LYS A 105 -13.81 28.46 -10.32
N THR A 106 -12.77 28.94 -10.98
CA THR A 106 -11.66 28.14 -11.48
C THR A 106 -10.92 27.34 -10.38
N TYR A 107 -11.11 27.70 -9.11
CA TYR A 107 -10.38 27.15 -7.96
C TYR A 107 -11.30 26.42 -6.99
N ILE A 108 -12.35 25.81 -7.51
CA ILE A 108 -13.37 25.08 -6.76
C ILE A 108 -13.57 23.73 -7.48
N GLN A 109 -14.24 22.79 -6.82
CA GLN A 109 -14.60 21.47 -7.33
C GLN A 109 -16.02 21.08 -6.88
N GLY A 110 -16.59 20.02 -7.46
CA GLY A 110 -17.90 19.47 -7.10
C GLY A 110 -17.73 18.25 -6.20
N GLU A 111 -18.17 17.07 -6.63
CA GLU A 111 -18.23 15.85 -5.82
C GLU A 111 -18.08 14.59 -6.67
N THR A 112 -17.64 13.49 -6.05
CA THR A 112 -17.55 12.17 -6.67
C THR A 112 -18.08 11.08 -5.75
N PRO A 113 -18.52 9.93 -6.31
CA PRO A 113 -18.93 8.78 -5.50
C PRO A 113 -17.72 8.24 -4.74
N GLU A 114 -16.61 8.10 -5.45
CA GLU A 114 -15.33 7.63 -4.97
C GLU A 114 -14.75 8.57 -3.91
N GLN A 115 -15.17 9.84 -3.84
CA GLN A 115 -14.71 10.72 -2.78
C GLN A 115 -15.29 10.21 -1.47
N ALA A 116 -16.62 10.15 -1.39
CA ALA A 116 -17.30 9.71 -0.17
C ALA A 116 -16.90 8.28 0.16
N ASN A 117 -16.69 7.44 -0.86
CA ASN A 117 -16.22 6.07 -0.71
C ASN A 117 -14.88 6.05 0.03
N ALA A 118 -13.84 6.63 -0.57
CA ALA A 118 -12.51 6.62 0.02
C ALA A 118 -12.40 7.50 1.26
N ARG A 119 -13.35 8.40 1.54
CA ARG A 119 -13.35 9.15 2.82
C ARG A 119 -13.72 8.24 3.98
N TYR A 120 -14.26 7.04 3.74
CA TYR A 120 -14.41 6.00 4.76
C TYR A 120 -13.05 5.50 5.24
N LEU A 121 -12.00 5.57 4.39
CA LEU A 121 -10.64 5.13 4.67
C LEU A 121 -9.91 6.15 5.56
N LYS A 122 -10.56 6.61 6.63
CA LYS A 122 -10.02 7.58 7.56
C LYS A 122 -10.66 7.41 8.94
N ARG A 123 -10.71 6.18 9.45
CA ARG A 123 -11.33 5.86 10.75
C ARG A 123 -10.42 4.95 11.55
N VAL A 124 -9.56 5.53 12.39
CA VAL A 124 -8.62 4.78 13.23
C VAL A 124 -8.68 5.26 14.69
N GLY A 125 -9.57 6.19 15.00
CA GLY A 125 -9.59 6.84 16.30
C GLY A 125 -8.28 7.63 16.46
N ALA A 126 -7.59 7.47 17.58
CA ALA A 126 -6.39 8.25 17.88
C ALA A 126 -5.44 7.66 18.93
N ALA A 127 -5.72 6.47 19.50
CA ALA A 127 -5.07 6.00 20.71
C ALA A 127 -5.39 4.52 20.99
N ASN A 128 -4.72 3.92 21.99
CA ASN A 128 -5.22 2.71 22.64
C ASN A 128 -5.25 2.91 24.16
N ASN A 129 -4.09 3.04 24.82
CA ASN A 129 -3.95 2.91 26.28
C ASN A 129 -4.63 1.63 26.73
N GLN A 130 -4.02 0.50 26.39
CA GLN A 130 -4.53 -0.83 26.68
C GLN A 130 -3.71 -1.60 27.71
N ASN A 131 -2.64 -1.04 28.26
CA ASN A 131 -1.67 -1.83 29.02
C ASN A 131 -1.52 -1.25 30.44
N PRO A 132 -2.54 -1.33 31.32
CA PRO A 132 -2.51 -0.68 32.63
C PRO A 132 -1.71 -1.49 33.66
N ALA A 133 -0.82 -0.84 34.43
CA ALA A 133 -0.13 -1.44 35.58
C ALA A 133 0.54 -0.36 36.43
N ALA A 134 -0.15 0.09 37.46
CA ALA A 134 0.40 0.95 38.51
C ALA A 134 -0.34 0.82 39.85
N GLU A 135 -1.04 -0.28 40.05
CA GLU A 135 -1.91 -0.52 41.21
C GLU A 135 -2.05 -2.03 41.49
N ASP A 136 -1.22 -2.82 40.85
CA ASP A 136 -1.18 -4.27 40.93
C ASP A 136 -0.45 -4.70 42.20
N LYS A 137 -0.47 -6.00 42.49
CA LYS A 137 0.28 -6.58 43.60
C LYS A 137 1.72 -6.88 43.18
N GLY A 138 2.32 -6.10 42.28
CA GLY A 138 3.73 -6.18 42.00
C GLY A 138 4.52 -5.55 43.14
N ALA A 139 4.24 -4.27 43.41
CA ALA A 139 4.92 -3.46 44.43
C ALA A 139 6.43 -3.46 44.24
N THR A 140 6.89 -2.77 43.20
CA THR A 140 8.30 -2.51 42.85
C THR A 140 8.97 -1.62 43.93
N THR A 141 9.22 -2.19 45.12
CA THR A 141 10.02 -1.68 46.23
C THR A 141 9.81 -0.18 46.55
N PRO A 142 8.63 0.21 47.10
CA PRO A 142 8.30 1.62 47.34
C PRO A 142 9.10 2.27 48.47
N ALA A 143 9.75 1.48 49.34
CA ALA A 143 10.58 1.90 50.48
C ALA A 143 9.93 3.01 51.33
N SER A 144 8.64 2.85 51.66
CA SER A 144 7.88 3.91 52.31
C SER A 144 8.33 4.13 53.76
N LYS A 145 8.00 5.29 54.32
CA LYS A 145 8.64 5.77 55.55
C LYS A 145 8.00 5.35 56.84
N GLU A 146 6.95 4.54 56.79
CA GLU A 146 6.40 3.81 57.92
C GLU A 146 5.65 4.73 58.88
N GLU A 147 4.33 4.77 58.72
CA GLU A 147 3.46 5.81 59.30
C GLU A 147 2.84 5.41 60.63
N ALA A 148 3.25 4.24 61.13
CA ALA A 148 2.67 3.57 62.28
C ALA A 148 3.21 4.15 63.61
N LYS A 149 3.73 5.38 63.65
CA LYS A 149 4.60 5.83 64.75
C LYS A 149 4.62 7.36 64.86
N LYS A 150 5.34 7.87 65.86
CA LYS A 150 5.52 9.27 66.28
C LYS A 150 4.27 9.83 66.97
N SER A 151 4.40 10.98 67.63
CA SER A 151 3.26 11.68 68.24
C SER A 151 3.63 13.13 68.52
N GLU A 152 4.80 13.29 69.11
CA GLU A 152 5.21 14.38 70.00
C GLU A 152 4.21 14.58 71.15
N ALA A 153 4.49 15.57 72.01
CA ALA A 153 3.72 15.97 73.18
C ALA A 153 4.14 17.41 73.50
N ALA A 154 3.57 18.00 74.56
CA ALA A 154 3.98 19.29 75.10
C ALA A 154 3.94 19.23 76.63
N ALA A 155 4.51 20.24 77.29
CA ALA A 155 4.49 20.41 78.74
C ALA A 155 4.39 21.90 79.06
N LYS A 156 4.05 22.23 80.31
CA LYS A 156 3.94 23.58 80.83
C LYS A 156 3.96 23.39 82.35
N ASN A 157 4.73 24.21 83.05
CA ASN A 157 4.64 24.29 84.52
C ASN A 157 4.02 25.63 84.91
N ALA A 158 4.80 26.69 85.06
CA ALA A 158 4.34 27.94 85.67
C ALA A 158 5.22 29.10 85.22
N GLY A 159 4.86 30.31 85.65
CA GLY A 159 5.71 31.50 85.66
C GLY A 159 6.25 31.71 87.07
N LYS A 160 6.89 32.86 87.33
CA LYS A 160 7.38 33.22 88.66
C LYS A 160 7.14 34.71 88.88
N ALA A 161 7.04 35.14 90.13
CA ALA A 161 7.09 36.54 90.56
C ALA A 161 7.89 36.59 91.87
N ALA A 162 8.16 37.80 92.38
CA ALA A 162 8.73 38.01 93.72
C ALA A 162 8.45 39.44 94.17
N GLY A 163 9.17 40.39 93.58
CA GLY A 163 9.18 41.79 94.01
C GLY A 163 9.76 41.90 95.42
N LYS A 164 9.30 42.88 96.20
CA LYS A 164 9.82 43.26 97.52
C LYS A 164 11.20 43.91 97.33
N ALA A 165 11.98 44.04 98.41
CA ALA A 165 13.32 44.65 98.46
C ALA A 165 13.39 46.02 97.77
N LEU A 166 12.54 46.96 98.22
CA LEU A 166 12.43 48.31 97.67
C LEU A 166 12.80 49.34 98.77
N PRO A 167 14.08 49.68 98.93
CA PRO A 167 14.58 50.64 99.92
C PRO A 167 14.12 52.07 99.62
N LYS A 168 14.55 53.04 100.44
CA LYS A 168 14.31 54.47 100.25
C LYS A 168 15.61 55.22 100.51
N THR A 169 15.62 56.53 100.23
CA THR A 169 16.72 57.44 100.46
C THR A 169 16.14 58.80 100.82
N SER A 170 17.02 59.76 101.11
CA SER A 170 16.75 61.18 101.35
C SER A 170 15.59 61.46 102.33
N ALA A 171 15.39 60.60 103.33
CA ALA A 171 14.23 60.61 104.22
C ALA A 171 14.18 61.80 105.22
N VAL A 172 15.01 62.84 105.05
CA VAL A 172 15.25 63.88 106.03
C VAL A 172 14.83 65.22 105.42
N LYS A 173 13.63 65.71 105.77
CA LYS A 173 13.10 66.95 105.20
C LYS A 173 13.96 68.18 105.51
N HIS A 174 14.76 68.13 106.58
CA HIS A 174 15.60 69.19 107.18
C HIS A 174 14.95 70.60 107.33
N HIS A 175 13.66 70.77 107.05
CA HIS A 175 13.01 72.06 106.96
C HIS A 175 12.25 72.33 108.26
N HIS A 176 12.72 73.32 109.01
CA HIS A 176 12.04 73.91 110.17
C HIS A 176 12.44 75.38 110.32
N HIS A 177 13.74 75.69 110.27
CA HIS A 177 14.32 76.96 110.73
C HIS A 177 14.05 77.18 112.23
N HIS A 178 14.46 78.34 112.73
CA HIS A 178 14.31 78.85 114.09
C HIS A 178 14.28 80.38 113.99
N HIS A 179 14.02 81.03 115.13
CA HIS A 179 13.36 82.32 115.26
C HIS A 179 11.87 82.05 115.00
N MET A 1 -11.08 19.43 12.84
CA MET A 1 -12.11 19.24 11.81
C MET A 1 -13.19 18.36 12.41
N ALA A 2 -13.02 17.02 12.36
CA ALA A 2 -13.92 16.04 12.96
C ALA A 2 -15.34 16.26 12.47
N ASP A 3 -15.58 15.75 11.26
CA ASP A 3 -16.77 15.86 10.43
C ASP A 3 -17.99 15.41 11.23
N GLU A 4 -19.17 15.89 10.85
CA GLU A 4 -20.42 15.66 11.58
C GLU A 4 -21.56 15.15 10.68
N ALA A 5 -21.33 15.07 9.36
CA ALA A 5 -22.35 14.77 8.36
C ALA A 5 -21.89 13.57 7.54
N THR A 6 -22.27 12.37 7.99
CA THR A 6 -21.72 11.10 7.53
C THR A 6 -22.79 10.14 7.01
N ASP A 7 -23.77 10.68 6.27
CA ASP A 7 -24.93 9.96 5.70
C ASP A 7 -25.80 9.33 6.80
N ALA A 8 -26.85 8.59 6.45
CA ALA A 8 -27.68 7.83 7.39
C ALA A 8 -27.43 6.33 7.27
N ALA A 9 -26.68 5.88 6.26
CA ALA A 9 -26.30 4.52 5.98
C ALA A 9 -24.86 4.57 5.45
N ARG A 10 -24.28 3.42 5.08
CA ARG A 10 -22.86 3.33 4.70
C ARG A 10 -22.72 2.65 3.34
N ASN A 11 -23.73 2.78 2.48
CA ASN A 11 -23.84 1.99 1.26
C ASN A 11 -22.79 2.44 0.27
N ASN A 12 -22.05 1.48 -0.28
CA ASN A 12 -21.17 1.72 -1.41
C ASN A 12 -22.00 1.92 -2.68
N ASP A 13 -22.67 0.84 -3.10
CA ASP A 13 -23.18 0.64 -4.45
C ASP A 13 -22.05 0.88 -5.46
N GLY A 14 -22.36 1.25 -6.70
CA GLY A 14 -21.33 1.52 -7.70
C GLY A 14 -21.56 2.83 -8.43
N ALA A 15 -22.82 3.21 -8.63
CA ALA A 15 -23.16 4.40 -9.41
C ALA A 15 -24.37 5.08 -8.81
N TYR A 16 -24.28 5.38 -7.51
CA TYR A 16 -25.30 6.00 -6.66
C TYR A 16 -26.49 5.05 -6.54
N TYR A 17 -27.36 5.01 -7.55
CA TYR A 17 -28.56 4.19 -7.62
C TYR A 17 -28.55 3.27 -8.84
N LEU A 18 -27.58 3.42 -9.74
CA LEU A 18 -27.63 2.83 -11.06
C LEU A 18 -26.91 1.48 -11.07
N GLN A 19 -25.78 1.37 -10.36
CA GLN A 19 -24.90 0.21 -10.26
C GLN A 19 -24.60 -0.54 -11.54
N THR A 20 -24.31 0.25 -12.55
CA THR A 20 -24.15 -0.23 -13.91
C THR A 20 -23.11 0.63 -14.64
N GLN A 21 -23.50 1.74 -15.25
CA GLN A 21 -22.62 2.68 -15.96
C GLN A 21 -23.38 3.92 -16.44
N PHE A 22 -24.63 4.12 -16.00
CA PHE A 22 -25.47 5.23 -16.48
C PHE A 22 -25.14 6.56 -15.82
N THR A 23 -24.06 6.58 -15.04
CA THR A 23 -23.48 7.78 -14.51
C THR A 23 -22.76 8.58 -15.61
N ASN A 24 -22.47 9.85 -15.33
CA ASN A 24 -21.32 10.53 -15.92
C ASN A 24 -20.08 9.86 -15.35
N ALA A 25 -19.73 8.72 -15.94
CA ALA A 25 -18.58 7.88 -15.65
C ALA A 25 -17.88 7.52 -16.95
N ASP A 26 -18.66 7.37 -18.03
CA ASP A 26 -18.24 7.23 -19.42
C ASP A 26 -17.13 8.25 -19.73
N LYS A 27 -17.52 9.53 -19.75
CA LYS A 27 -16.63 10.60 -20.17
C LYS A 27 -15.47 10.83 -19.21
N VAL A 28 -15.38 10.11 -18.09
CA VAL A 28 -14.31 10.21 -17.11
C VAL A 28 -13.36 9.02 -17.31
N ASN A 29 -13.90 7.80 -17.50
CA ASN A 29 -13.12 6.60 -17.72
C ASN A 29 -12.26 6.73 -18.95
N GLU A 30 -12.66 7.61 -19.86
CA GLU A 30 -11.98 8.10 -21.04
C GLU A 30 -10.51 8.39 -20.68
N TYR A 31 -10.27 9.44 -19.89
CA TYR A 31 -8.94 9.76 -19.42
C TYR A 31 -8.41 8.81 -18.35
N LEU A 32 -9.24 8.27 -17.46
CA LEU A 32 -8.71 7.34 -16.44
C LEU A 32 -8.08 6.12 -17.08
N ALA A 33 -8.59 5.70 -18.24
CA ALA A 33 -8.07 4.57 -18.99
C ALA A 33 -6.84 5.03 -19.75
N GLN A 34 -6.98 6.07 -20.58
CA GLN A 34 -5.90 6.49 -21.45
C GLN A 34 -4.64 6.84 -20.66
N HIS A 35 -4.78 7.37 -19.44
CA HIS A 35 -3.68 7.87 -18.63
C HIS A 35 -3.51 7.04 -17.36
N ASP A 36 -4.06 5.81 -17.28
CA ASP A 36 -3.95 4.93 -16.10
C ASP A 36 -2.52 4.91 -15.60
N GLY A 37 -1.58 4.66 -16.52
CA GLY A 37 -0.17 4.58 -16.24
C GLY A 37 0.36 5.83 -15.58
N GLU A 38 -0.07 7.01 -16.03
CA GLU A 38 0.41 8.30 -15.58
C GLU A 38 -0.07 8.50 -14.14
N ILE A 39 -1.36 8.31 -13.91
CA ILE A 39 -2.01 8.45 -12.62
C ILE A 39 -1.36 7.49 -11.62
N ARG A 40 -1.21 6.21 -11.97
CA ARG A 40 -0.58 5.26 -11.06
C ARG A 40 0.94 5.46 -10.99
N ALA A 41 1.57 6.12 -11.95
CA ALA A 41 2.97 6.51 -11.84
C ALA A 41 3.09 7.61 -10.78
N GLU A 42 2.26 8.65 -10.85
CA GLU A 42 2.26 9.74 -9.87
C GLU A 42 2.04 9.14 -8.48
N ALA A 43 1.01 8.29 -8.34
CA ALA A 43 0.71 7.59 -7.12
C ALA A 43 1.91 6.77 -6.63
N ALA A 44 2.51 5.95 -7.49
CA ALA A 44 3.60 5.05 -7.11
C ALA A 44 4.90 5.77 -6.76
N ALA A 45 5.10 6.99 -7.26
CA ALA A 45 6.26 7.82 -7.00
C ALA A 45 6.10 8.70 -5.75
N ASP A 46 4.88 8.77 -5.18
CA ASP A 46 4.56 9.60 -4.03
C ASP A 46 5.33 9.05 -2.81
N PRO A 47 5.83 9.89 -1.88
CA PRO A 47 6.95 9.52 -1.01
C PRO A 47 6.55 8.40 -0.03
N ALA A 48 5.27 8.36 0.35
CA ALA A 48 4.74 7.36 1.27
C ALA A 48 4.65 5.99 0.60
N VAL A 49 4.37 5.96 -0.71
CA VAL A 49 4.21 4.74 -1.48
C VAL A 49 5.59 4.17 -1.76
N VAL A 50 6.54 4.98 -2.28
CA VAL A 50 7.91 4.51 -2.50
C VAL A 50 8.51 3.99 -1.19
N ALA A 51 8.34 4.73 -0.09
CA ALA A 51 8.88 4.34 1.20
C ALA A 51 8.33 2.99 1.65
N ALA A 52 7.00 2.87 1.70
CA ALA A 52 6.39 1.65 2.17
C ALA A 52 6.81 0.47 1.29
N LYS A 53 6.95 0.65 -0.03
CA LYS A 53 7.41 -0.42 -0.92
C LYS A 53 8.86 -0.78 -0.61
N ALA A 54 9.74 0.21 -0.49
CA ALA A 54 11.17 0.01 -0.24
C ALA A 54 11.39 -0.74 1.07
N ALA A 55 10.59 -0.43 2.10
CA ALA A 55 10.59 -1.13 3.36
C ALA A 55 10.01 -2.55 3.19
N LEU A 56 8.82 -2.68 2.59
CA LEU A 56 8.11 -3.94 2.38
C LEU A 56 9.02 -4.98 1.72
N ASP A 57 9.84 -4.58 0.76
CA ASP A 57 10.74 -5.46 0.00
C ASP A 57 11.77 -6.16 0.89
N ALA A 58 11.98 -5.64 2.10
CA ALA A 58 12.92 -6.14 3.09
C ALA A 58 12.21 -6.63 4.37
N VAL A 59 10.90 -6.39 4.49
CA VAL A 59 10.06 -6.71 5.64
C VAL A 59 9.05 -7.83 5.24
N GLU A 60 9.20 -8.36 4.03
CA GLU A 60 8.52 -9.49 3.43
C GLU A 60 8.71 -10.81 4.20
N GLY A 61 8.29 -11.93 3.63
CA GLY A 61 8.30 -13.22 4.30
C GLY A 61 7.14 -13.37 5.29
N GLY A 62 6.37 -12.30 5.54
CA GLY A 62 5.43 -12.23 6.63
C GLY A 62 6.14 -11.89 7.95
N SER A 63 7.21 -11.09 7.91
CA SER A 63 7.91 -10.59 9.10
C SER A 63 6.97 -9.86 10.07
N HIS A 64 7.46 -9.49 11.26
CA HIS A 64 6.62 -8.82 12.28
C HIS A 64 6.00 -7.53 11.74
N ASN A 65 6.80 -6.61 11.19
CA ASN A 65 6.26 -5.38 10.61
C ASN A 65 5.52 -5.62 9.28
N TYR A 66 5.38 -6.86 8.78
CA TYR A 66 4.77 -7.11 7.47
C TYR A 66 3.39 -6.50 7.39
N GLY A 67 2.46 -6.85 8.29
CA GLY A 67 1.10 -6.33 8.23
C GLY A 67 1.09 -4.80 8.30
N GLU A 68 2.01 -4.21 9.05
CA GLU A 68 2.12 -2.78 9.26
C GLU A 68 2.45 -2.13 7.91
N VAL A 69 3.55 -2.54 7.29
CA VAL A 69 4.09 -1.94 6.08
C VAL A 69 3.30 -2.35 4.83
N LYS A 70 2.82 -3.59 4.76
CA LYS A 70 1.94 -4.09 3.70
C LYS A 70 0.69 -3.22 3.67
N ALA A 71 0.04 -3.06 4.82
CA ALA A 71 -1.15 -2.25 4.91
C ALA A 71 -0.84 -0.78 4.63
N ALA A 72 0.33 -0.27 5.04
CA ALA A 72 0.76 1.10 4.76
C ALA A 72 0.92 1.30 3.26
N TYR A 73 1.64 0.39 2.58
CA TYR A 73 1.89 0.41 1.16
C TYR A 73 0.57 0.43 0.41
N GLU A 74 -0.28 -0.57 0.63
CA GLU A 74 -1.55 -0.65 -0.06
C GLU A 74 -2.40 0.56 0.26
N ALA A 75 -2.44 1.00 1.53
CA ALA A 75 -3.21 2.16 1.93
C ALA A 75 -2.80 3.38 1.12
N ALA A 76 -1.51 3.75 1.17
CA ALA A 76 -0.99 4.89 0.45
C ALA A 76 -1.19 4.73 -1.06
N PHE A 77 -1.08 3.51 -1.60
CA PHE A 77 -1.21 3.24 -3.02
C PHE A 77 -2.63 3.61 -3.48
N ASN A 78 -3.67 3.00 -2.90
CA ASN A 78 -5.03 3.27 -3.33
C ASN A 78 -5.41 4.69 -2.95
N ASN A 79 -4.89 5.19 -1.82
CA ASN A 79 -5.10 6.56 -1.38
C ASN A 79 -4.68 7.49 -2.50
N ALA A 80 -3.41 7.39 -2.92
CA ALA A 80 -2.79 8.28 -3.87
C ALA A 80 -3.40 8.11 -5.26
N PHE A 81 -3.60 6.87 -5.73
CA PHE A 81 -4.21 6.64 -7.04
C PHE A 81 -5.60 7.28 -7.07
N ASN A 82 -6.45 6.95 -6.10
CA ASN A 82 -7.78 7.54 -6.01
C ASN A 82 -7.71 9.04 -5.81
N ALA A 83 -6.69 9.57 -5.13
CA ALA A 83 -6.56 10.99 -4.84
C ALA A 83 -6.28 11.75 -6.12
N VAL A 84 -5.24 11.38 -6.85
CA VAL A 84 -4.91 11.95 -8.16
C VAL A 84 -6.14 11.82 -9.05
N ARG A 85 -6.62 10.58 -9.24
CA ARG A 85 -7.79 10.27 -10.06
C ARG A 85 -8.95 11.20 -9.71
N ASN A 86 -9.49 11.17 -8.48
CA ASN A 86 -10.70 11.93 -8.17
C ASN A 86 -10.46 13.42 -8.30
N LYS A 87 -9.41 13.96 -7.66
CA LYS A 87 -9.10 15.38 -7.66
C LYS A 87 -9.03 15.92 -9.09
N TYR A 88 -8.27 15.22 -9.95
CA TYR A 88 -8.11 15.63 -11.32
C TYR A 88 -9.46 15.55 -12.03
N VAL A 89 -10.17 14.42 -12.01
CA VAL A 89 -11.47 14.22 -12.66
C VAL A 89 -12.46 15.36 -12.31
N GLN A 90 -12.61 15.62 -11.01
CA GLN A 90 -13.46 16.67 -10.46
C GLN A 90 -13.07 17.98 -11.12
N ARG A 91 -11.83 18.45 -10.91
CA ARG A 91 -11.42 19.72 -11.51
C ARG A 91 -11.64 19.67 -13.01
N PHE A 92 -11.28 18.58 -13.69
CA PHE A 92 -11.21 18.48 -15.12
C PHE A 92 -12.57 18.85 -15.69
N GLN A 93 -13.63 18.11 -15.36
CA GLN A 93 -14.93 18.52 -15.90
C GLN A 93 -15.45 19.82 -15.28
N ALA A 94 -15.09 20.19 -14.05
CA ALA A 94 -15.50 21.46 -13.45
C ALA A 94 -14.73 22.66 -14.03
N THR A 95 -13.78 22.39 -14.91
CA THR A 95 -13.02 23.34 -15.69
C THR A 95 -13.34 23.15 -17.18
N TYR A 96 -14.51 22.59 -17.51
CA TYR A 96 -14.99 22.60 -18.88
C TYR A 96 -16.44 23.09 -19.01
N ASN A 97 -17.12 23.30 -17.89
CA ASN A 97 -18.48 23.76 -17.78
C ASN A 97 -18.58 25.22 -17.31
N ASN A 98 -17.43 25.83 -16.99
CA ASN A 98 -17.21 27.27 -16.77
C ASN A 98 -17.48 28.14 -18.01
N ALA A 99 -18.10 27.58 -19.05
CA ALA A 99 -18.56 28.27 -20.26
C ALA A 99 -19.95 27.77 -20.68
N THR A 100 -20.67 27.01 -19.82
CA THR A 100 -21.91 26.35 -20.22
C THR A 100 -23.01 26.54 -19.16
N GLU A 101 -22.70 26.32 -17.87
CA GLU A 101 -23.71 26.24 -16.82
C GLU A 101 -23.19 26.67 -15.45
N GLN A 102 -21.92 27.05 -15.32
CA GLN A 102 -21.35 27.32 -14.00
C GLN A 102 -21.90 28.60 -13.35
N GLU A 103 -22.51 29.52 -14.11
CA GLU A 103 -23.08 30.75 -13.58
C GLU A 103 -24.29 30.44 -12.69
N GLY A 104 -24.07 30.43 -11.37
CA GLY A 104 -25.13 30.29 -10.36
C GLY A 104 -24.98 29.05 -9.47
N LYS A 105 -23.87 28.32 -9.59
CA LYS A 105 -23.52 27.20 -8.72
C LYS A 105 -22.04 27.27 -8.39
N THR A 106 -21.61 26.63 -7.30
CA THR A 106 -20.20 26.57 -6.91
C THR A 106 -19.96 25.39 -5.94
N TYR A 107 -20.94 25.06 -5.09
CA TYR A 107 -20.84 24.01 -4.08
C TYR A 107 -21.85 22.88 -4.29
N ILE A 108 -22.31 22.72 -5.53
CA ILE A 108 -23.31 21.74 -5.94
C ILE A 108 -22.58 20.80 -6.90
N GLN A 109 -23.11 19.59 -7.10
CA GLN A 109 -22.66 18.68 -8.13
C GLN A 109 -21.17 18.30 -7.99
N GLY A 110 -20.66 18.33 -6.76
CA GLY A 110 -19.22 18.36 -6.47
C GLY A 110 -18.65 17.00 -6.06
N GLU A 111 -19.50 16.01 -5.83
CA GLU A 111 -19.19 14.70 -5.26
C GLU A 111 -19.11 13.65 -6.38
N THR A 112 -18.54 12.47 -6.11
CA THR A 112 -18.42 11.34 -7.03
C THR A 112 -18.77 10.03 -6.30
N PRO A 113 -19.13 8.94 -7.01
CA PRO A 113 -19.40 7.68 -6.35
C PRO A 113 -18.10 7.15 -5.71
N GLU A 114 -17.05 7.06 -6.52
CA GLU A 114 -15.75 6.51 -6.13
C GLU A 114 -15.14 7.25 -4.92
N GLN A 115 -15.53 8.52 -4.69
CA GLN A 115 -15.09 9.26 -3.52
C GLN A 115 -15.56 8.55 -2.24
N ALA A 116 -16.84 8.18 -2.22
CA ALA A 116 -17.49 7.47 -1.12
C ALA A 116 -16.93 6.05 -1.03
N ASN A 117 -16.75 5.36 -2.16
CA ASN A 117 -16.16 4.01 -2.16
C ASN A 117 -14.78 4.03 -1.49
N ALA A 118 -13.98 5.10 -1.68
CA ALA A 118 -12.71 5.29 -0.99
C ALA A 118 -12.82 5.79 0.46
N ARG A 119 -13.94 6.38 0.92
CA ARG A 119 -14.09 6.85 2.32
C ARG A 119 -14.06 5.68 3.30
N TYR A 120 -14.49 4.49 2.87
CA TYR A 120 -14.68 3.31 3.70
C TYR A 120 -13.40 2.83 4.40
N LEU A 121 -12.22 3.22 3.91
CA LEU A 121 -10.94 2.69 4.35
C LEU A 121 -10.45 3.39 5.62
N LYS A 122 -11.00 3.01 6.78
CA LYS A 122 -10.42 3.29 8.10
C LYS A 122 -10.53 2.06 8.98
N ARG A 123 -9.52 1.81 9.80
CA ARG A 123 -9.52 0.81 10.87
C ARG A 123 -8.43 1.14 11.90
N VAL A 124 -8.51 0.58 13.10
CA VAL A 124 -7.50 0.69 14.15
C VAL A 124 -7.34 -0.68 14.85
N GLY A 125 -7.61 -1.76 14.12
CA GLY A 125 -7.35 -3.15 14.49
C GLY A 125 -8.24 -3.61 15.64
N ALA A 126 -7.81 -3.36 16.87
CA ALA A 126 -8.60 -3.45 18.09
C ALA A 126 -8.13 -2.41 19.09
N ALA A 127 -6.84 -2.45 19.45
CA ALA A 127 -6.21 -1.68 20.52
C ALA A 127 -7.00 -1.80 21.82
N ASN A 128 -7.08 -3.02 22.35
CA ASN A 128 -7.88 -3.39 23.52
C ASN A 128 -7.20 -4.58 24.19
N ASN A 129 -6.36 -4.36 25.20
CA ASN A 129 -5.57 -5.40 25.87
C ASN A 129 -5.53 -5.11 27.38
N GLN A 130 -6.49 -5.61 28.15
CA GLN A 130 -6.52 -5.59 29.62
C GLN A 130 -7.19 -6.86 30.11
N ASN A 131 -6.77 -7.36 31.28
CA ASN A 131 -7.33 -8.56 31.90
C ASN A 131 -7.00 -8.61 33.40
N PRO A 132 -7.66 -9.47 34.19
CA PRO A 132 -7.26 -9.77 35.57
C PRO A 132 -6.07 -10.74 35.60
N ALA A 133 -5.53 -11.00 36.80
CA ALA A 133 -4.48 -11.99 36.98
C ALA A 133 -5.11 -13.39 36.99
N ALA A 134 -5.81 -13.71 38.10
CA ALA A 134 -6.52 -14.95 38.43
C ALA A 134 -7.06 -14.79 39.87
N GLU A 135 -7.61 -15.87 40.44
CA GLU A 135 -7.98 -16.00 41.84
C GLU A 135 -7.53 -17.39 42.32
N ASP A 136 -6.32 -17.51 42.87
CA ASP A 136 -5.82 -18.79 43.33
C ASP A 136 -4.57 -18.59 44.20
N LYS A 137 -4.01 -19.69 44.72
CA LYS A 137 -2.65 -19.80 45.25
C LYS A 137 -2.55 -19.15 46.62
N GLY A 138 -2.82 -17.86 46.69
CA GLY A 138 -2.89 -17.06 47.90
C GLY A 138 -3.86 -17.66 48.90
N ALA A 139 -5.03 -18.15 48.45
CA ALA A 139 -6.13 -18.47 49.36
C ALA A 139 -6.70 -19.87 49.13
N THR A 140 -5.91 -20.78 48.57
CA THR A 140 -6.32 -22.17 48.43
C THR A 140 -6.74 -22.76 49.80
N THR A 141 -6.01 -22.43 50.89
CA THR A 141 -6.36 -22.89 52.22
C THR A 141 -5.97 -21.88 53.31
N PRO A 142 -6.82 -20.88 53.64
CA PRO A 142 -6.55 -19.95 54.73
C PRO A 142 -6.61 -20.63 56.11
N ALA A 143 -7.33 -21.75 56.24
CA ALA A 143 -7.61 -22.44 57.49
C ALA A 143 -8.08 -21.53 58.63
N SER A 144 -8.72 -20.40 58.32
CA SER A 144 -9.14 -19.41 59.31
C SER A 144 -10.39 -18.68 58.81
N LYS A 145 -11.57 -19.18 59.21
CA LYS A 145 -12.89 -18.63 58.89
C LYS A 145 -13.85 -18.99 60.02
N GLU A 146 -13.60 -18.48 61.23
CA GLU A 146 -14.30 -18.86 62.44
C GLU A 146 -14.59 -17.59 63.27
N GLU A 147 -15.32 -17.74 64.37
CA GLU A 147 -15.57 -16.69 65.36
C GLU A 147 -15.62 -17.39 66.72
N ALA A 148 -15.50 -16.65 67.83
CA ALA A 148 -15.27 -17.20 69.16
C ALA A 148 -16.21 -16.55 70.17
N LYS A 149 -17.48 -16.39 69.79
CA LYS A 149 -18.47 -15.64 70.56
C LYS A 149 -18.69 -16.29 71.92
N LYS A 150 -18.28 -15.63 73.00
CA LYS A 150 -18.49 -16.02 74.38
C LYS A 150 -18.67 -14.71 75.15
N SER A 151 -18.89 -14.82 76.45
CA SER A 151 -18.61 -13.79 77.42
C SER A 151 -18.38 -14.55 78.73
N GLU A 152 -17.82 -13.86 79.70
CA GLU A 152 -17.77 -14.26 81.10
C GLU A 152 -18.71 -13.35 81.91
N ALA A 153 -18.80 -13.60 83.21
CA ALA A 153 -19.50 -12.81 84.21
C ALA A 153 -18.96 -13.22 85.59
N ALA A 154 -19.37 -12.54 86.66
CA ALA A 154 -18.90 -12.81 88.01
C ALA A 154 -20.05 -12.95 89.01
N ALA A 155 -19.72 -13.52 90.18
CA ALA A 155 -20.52 -13.39 91.38
C ALA A 155 -20.44 -11.94 91.87
N LYS A 156 -21.37 -11.54 92.74
CA LYS A 156 -21.38 -10.23 93.38
C LYS A 156 -21.99 -10.44 94.76
N ASN A 157 -21.15 -10.73 95.75
CA ASN A 157 -21.58 -10.84 97.15
C ASN A 157 -21.65 -9.45 97.79
N ALA A 158 -20.74 -8.54 97.40
CA ALA A 158 -20.44 -7.31 98.13
C ALA A 158 -20.13 -7.63 99.60
N GLY A 159 -20.30 -6.66 100.50
CA GLY A 159 -20.21 -6.86 101.94
C GLY A 159 -21.02 -5.76 102.60
N LYS A 160 -21.42 -5.95 103.87
CA LYS A 160 -22.29 -5.00 104.57
C LYS A 160 -22.04 -5.15 106.07
N ALA A 161 -21.40 -4.15 106.67
CA ALA A 161 -21.21 -4.05 108.11
C ALA A 161 -21.45 -2.60 108.53
N ALA A 162 -20.49 -1.73 108.20
CA ALA A 162 -20.39 -0.32 108.58
C ALA A 162 -20.16 -0.14 110.10
N GLY A 163 -19.72 1.06 110.47
CA GLY A 163 -19.32 1.39 111.84
C GLY A 163 -20.53 1.82 112.65
N LYS A 164 -21.38 0.88 113.07
CA LYS A 164 -22.44 1.20 114.03
C LYS A 164 -21.79 1.63 115.35
N ALA A 165 -22.18 2.80 115.87
CA ALA A 165 -21.82 3.25 117.22
C ALA A 165 -22.99 2.96 118.16
N LEU A 166 -22.82 3.29 119.45
CA LEU A 166 -23.89 3.37 120.44
C LEU A 166 -23.63 4.59 121.31
N PRO A 167 -24.07 5.79 120.89
CA PRO A 167 -23.85 7.03 121.64
C PRO A 167 -24.71 7.03 122.90
N LYS A 168 -24.14 6.62 124.04
CA LYS A 168 -24.80 6.73 125.34
C LYS A 168 -23.79 7.23 126.37
N THR A 169 -23.95 8.47 126.80
CA THR A 169 -23.34 8.99 128.01
C THR A 169 -24.36 9.91 128.66
N SER A 170 -24.14 10.25 129.93
CA SER A 170 -24.96 11.18 130.67
C SER A 170 -24.21 11.60 131.93
N ALA A 171 -23.32 12.58 131.81
CA ALA A 171 -22.48 13.08 132.90
C ALA A 171 -22.97 14.46 133.42
N VAL A 172 -24.23 14.81 133.15
CA VAL A 172 -24.80 16.08 133.56
C VAL A 172 -24.84 16.18 135.08
N LYS A 173 -24.62 17.39 135.61
CA LYS A 173 -24.79 17.75 137.02
C LYS A 173 -25.02 19.25 137.08
N HIS A 174 -25.48 19.76 138.22
CA HIS A 174 -25.47 21.18 138.55
C HIS A 174 -25.30 21.29 140.06
N HIS A 175 -24.85 22.46 140.54
CA HIS A 175 -24.57 22.72 141.95
C HIS A 175 -24.38 24.22 142.10
N HIS A 176 -25.43 24.92 142.53
CA HIS A 176 -25.45 26.31 142.99
C HIS A 176 -26.53 26.39 144.08
N HIS A 177 -26.53 27.52 144.82
CA HIS A 177 -27.11 27.76 146.15
C HIS A 177 -26.71 26.69 147.18
N HIS A 178 -27.00 26.96 148.45
CA HIS A 178 -26.73 26.07 149.58
C HIS A 178 -27.60 26.54 150.74
N HIS A 179 -27.45 27.82 151.08
CA HIS A 179 -28.53 28.69 151.49
C HIS A 179 -28.73 29.64 150.28
N MET A 1 -4.01 2.29 18.37
CA MET A 1 -5.16 1.64 19.01
C MET A 1 -6.45 1.99 18.25
N ALA A 2 -6.44 1.80 16.93
CA ALA A 2 -7.62 1.87 16.09
C ALA A 2 -7.39 0.88 14.95
N ASP A 3 -8.39 0.05 14.68
CA ASP A 3 -8.39 -1.04 13.71
C ASP A 3 -9.86 -1.40 13.43
N GLU A 4 -10.10 -2.49 12.70
CA GLU A 4 -11.40 -3.00 12.24
C GLU A 4 -12.02 -2.08 11.19
N ALA A 5 -12.41 -2.65 10.05
CA ALA A 5 -13.23 -1.97 9.05
C ALA A 5 -14.20 -2.95 8.39
N THR A 6 -15.40 -3.10 8.96
CA THR A 6 -16.55 -3.61 8.24
C THR A 6 -17.81 -3.00 8.86
N ASP A 7 -18.69 -2.43 8.03
CA ASP A 7 -20.03 -2.02 8.44
C ASP A 7 -20.98 -3.21 8.60
N ALA A 8 -20.47 -4.45 8.44
CA ALA A 8 -21.17 -5.69 8.11
C ALA A 8 -21.54 -5.81 6.63
N ALA A 9 -21.04 -4.88 5.80
CA ALA A 9 -21.28 -4.73 4.36
C ALA A 9 -22.71 -4.27 4.07
N ARG A 10 -22.93 -3.86 2.82
CA ARG A 10 -24.20 -3.25 2.39
C ARG A 10 -24.41 -3.36 0.87
N ASN A 11 -23.62 -4.17 0.16
CA ASN A 11 -23.66 -4.28 -1.30
C ASN A 11 -25.05 -4.72 -1.74
N ASN A 12 -25.82 -3.87 -2.43
CA ASN A 12 -27.25 -4.13 -2.70
C ASN A 12 -27.69 -3.59 -4.07
N ASP A 13 -26.77 -3.51 -5.02
CA ASP A 13 -26.98 -2.81 -6.28
C ASP A 13 -27.61 -3.72 -7.32
N GLY A 14 -28.26 -3.11 -8.32
CA GLY A 14 -29.16 -3.81 -9.23
C GLY A 14 -29.16 -3.25 -10.64
N ALA A 15 -28.04 -2.69 -11.09
CA ALA A 15 -27.86 -2.27 -12.46
C ALA A 15 -27.23 -3.45 -13.20
N TYR A 16 -27.93 -3.99 -14.19
CA TYR A 16 -27.58 -5.19 -14.96
C TYR A 16 -26.16 -5.12 -15.51
N TYR A 17 -25.85 -4.05 -16.25
CA TYR A 17 -24.54 -3.84 -16.83
C TYR A 17 -23.64 -3.10 -15.85
N LEU A 18 -24.11 -1.98 -15.32
CA LEU A 18 -23.25 -1.09 -14.57
C LEU A 18 -22.87 -1.67 -13.21
N GLN A 19 -23.70 -2.55 -12.66
CA GLN A 19 -23.61 -3.05 -11.32
C GLN A 19 -23.38 -2.03 -10.22
N THR A 20 -23.94 -0.82 -10.39
CA THR A 20 -24.08 0.08 -9.27
C THR A 20 -25.47 0.70 -9.38
N GLN A 21 -25.67 1.80 -10.09
CA GLN A 21 -26.98 2.42 -10.30
C GLN A 21 -27.02 3.23 -11.59
N PHE A 22 -25.95 3.13 -12.39
CA PHE A 22 -25.40 4.05 -13.36
C PHE A 22 -25.10 5.42 -12.77
N THR A 23 -24.21 6.17 -13.42
CA THR A 23 -23.64 7.39 -12.86
C THR A 23 -23.10 8.24 -14.01
N ASN A 24 -22.82 9.52 -13.77
CA ASN A 24 -21.81 10.22 -14.56
C ASN A 24 -20.46 9.67 -14.12
N ALA A 25 -20.12 8.52 -14.67
CA ALA A 25 -18.91 7.76 -14.44
C ALA A 25 -18.37 7.26 -15.78
N ASP A 26 -19.25 6.98 -16.74
CA ASP A 26 -18.89 6.55 -18.09
C ASP A 26 -17.90 7.54 -18.71
N LYS A 27 -18.30 8.81 -18.74
CA LYS A 27 -17.49 9.88 -19.31
C LYS A 27 -16.31 10.29 -18.42
N VAL A 28 -16.16 9.68 -17.26
CA VAL A 28 -15.05 9.89 -16.34
C VAL A 28 -14.02 8.79 -16.61
N ASN A 29 -14.44 7.52 -16.51
CA ASN A 29 -13.56 6.38 -16.61
C ASN A 29 -12.86 6.30 -17.96
N GLU A 30 -13.43 6.91 -19.01
CA GLU A 30 -12.77 7.21 -20.28
C GLU A 30 -11.41 7.86 -20.00
N TYR A 31 -11.47 9.08 -19.47
CA TYR A 31 -10.31 9.94 -19.26
C TYR A 31 -9.33 9.27 -18.33
N LEU A 32 -9.85 8.66 -17.24
CA LEU A 32 -9.05 8.00 -16.21
C LEU A 32 -8.36 6.74 -16.73
N ALA A 33 -8.97 6.01 -17.66
CA ALA A 33 -8.38 4.79 -18.22
C ALA A 33 -7.26 5.17 -19.17
N GLN A 34 -7.49 6.15 -20.05
CA GLN A 34 -6.48 6.58 -20.99
C GLN A 34 -5.27 7.23 -20.31
N HIS A 35 -5.51 7.98 -19.23
CA HIS A 35 -4.44 8.63 -18.48
C HIS A 35 -3.82 7.67 -17.44
N ASP A 36 -4.15 6.37 -17.48
CA ASP A 36 -3.67 5.39 -16.49
C ASP A 36 -2.17 5.49 -16.29
N GLY A 37 -1.40 5.70 -17.37
CA GLY A 37 0.05 5.80 -17.35
C GLY A 37 0.51 6.92 -16.42
N GLU A 38 -0.01 8.13 -16.65
CA GLU A 38 0.31 9.31 -15.86
C GLU A 38 -0.13 9.11 -14.40
N ILE A 39 -1.35 8.61 -14.19
CA ILE A 39 -1.91 8.39 -12.86
C ILE A 39 -1.03 7.36 -12.11
N ARG A 40 -0.69 6.24 -12.75
CA ARG A 40 0.11 5.21 -12.10
C ARG A 40 1.51 5.72 -11.83
N ALA A 41 2.09 6.53 -12.72
CA ALA A 41 3.41 7.09 -12.55
C ALA A 41 3.40 8.01 -11.32
N GLU A 42 2.42 8.91 -11.26
CA GLU A 42 2.30 9.91 -10.21
C GLU A 42 2.05 9.26 -8.86
N ALA A 43 1.21 8.22 -8.81
CA ALA A 43 0.99 7.42 -7.62
C ALA A 43 2.24 6.62 -7.25
N ALA A 44 2.90 5.96 -8.21
CA ALA A 44 4.11 5.20 -7.98
C ALA A 44 5.30 6.09 -7.57
N ALA A 45 5.19 7.40 -7.80
CA ALA A 45 6.14 8.39 -7.32
C ALA A 45 5.79 8.96 -5.94
N ASP A 46 4.60 8.70 -5.38
CA ASP A 46 4.20 9.38 -4.15
C ASP A 46 4.91 8.75 -2.96
N PRO A 47 5.29 9.54 -1.93
CA PRO A 47 6.10 9.07 -0.82
C PRO A 47 5.39 7.99 -0.02
N ALA A 48 4.06 7.96 -0.01
CA ALA A 48 3.34 6.92 0.68
C ALA A 48 3.64 5.58 0.02
N VAL A 49 3.43 5.45 -1.29
CA VAL A 49 3.73 4.21 -2.02
C VAL A 49 5.21 3.90 -1.92
N VAL A 50 6.04 4.86 -2.32
CA VAL A 50 7.49 4.86 -2.31
C VAL A 50 8.04 4.33 -0.99
N ALA A 51 7.71 4.99 0.12
CA ALA A 51 8.32 4.70 1.41
C ALA A 51 7.76 3.39 1.97
N ALA A 52 6.44 3.18 1.86
CA ALA A 52 5.84 1.96 2.36
C ALA A 52 6.45 0.76 1.65
N LYS A 53 6.48 0.75 0.31
CA LYS A 53 7.08 -0.34 -0.49
C LYS A 53 8.53 -0.56 -0.09
N ALA A 54 9.34 0.50 0.00
CA ALA A 54 10.75 0.36 0.34
C ALA A 54 10.92 -0.38 1.67
N ALA A 55 10.12 -0.03 2.67
CA ALA A 55 10.13 -0.73 3.96
C ALA A 55 9.57 -2.15 3.83
N LEU A 56 8.47 -2.35 3.09
CA LEU A 56 7.83 -3.64 2.83
C LEU A 56 8.86 -4.64 2.34
N ASP A 57 9.67 -4.23 1.37
CA ASP A 57 10.70 -5.02 0.71
C ASP A 57 11.78 -5.47 1.70
N ALA A 58 12.02 -4.71 2.77
CA ALA A 58 13.02 -4.99 3.78
C ALA A 58 12.46 -5.91 4.86
N VAL A 59 11.14 -6.13 4.89
CA VAL A 59 10.43 -6.70 6.02
C VAL A 59 9.40 -7.74 5.49
N GLU A 60 9.55 -8.19 4.25
CA GLU A 60 8.54 -9.02 3.58
C GLU A 60 8.52 -10.43 4.18
N GLY A 61 7.70 -11.30 3.59
CA GLY A 61 7.73 -12.73 3.80
C GLY A 61 6.94 -13.14 5.03
N GLY A 62 6.23 -12.20 5.65
CA GLY A 62 5.66 -12.40 6.97
C GLY A 62 6.71 -12.15 8.05
N SER A 63 7.60 -11.16 7.88
CA SER A 63 8.39 -10.66 9.01
C SER A 63 7.44 -10.11 10.09
N HIS A 64 7.94 -9.83 11.29
CA HIS A 64 7.11 -9.38 12.40
C HIS A 64 6.27 -8.16 12.02
N ASN A 65 6.88 -7.15 11.39
CA ASN A 65 6.23 -5.91 10.98
C ASN A 65 5.48 -6.02 9.66
N TYR A 66 5.41 -7.21 9.05
CA TYR A 66 4.78 -7.39 7.75
C TYR A 66 3.38 -6.78 7.71
N GLY A 67 2.56 -6.91 8.75
CA GLY A 67 1.23 -6.31 8.77
C GLY A 67 1.28 -4.79 8.78
N GLU A 68 2.25 -4.17 9.48
CA GLU A 68 2.44 -2.72 9.41
C GLU A 68 2.70 -2.32 7.96
N VAL A 69 3.79 -2.83 7.37
CA VAL A 69 4.22 -2.38 6.05
C VAL A 69 3.29 -2.82 4.93
N LYS A 70 2.75 -4.04 4.97
CA LYS A 70 1.79 -4.52 3.99
C LYS A 70 0.56 -3.63 4.05
N ALA A 71 -0.03 -3.41 5.23
CA ALA A 71 -1.19 -2.54 5.31
C ALA A 71 -0.83 -1.14 4.81
N ALA A 72 0.32 -0.61 5.23
CA ALA A 72 0.77 0.71 4.81
C ALA A 72 0.86 0.83 3.29
N TYR A 73 1.44 -0.15 2.59
CA TYR A 73 1.63 -0.11 1.15
C TYR A 73 0.31 -0.22 0.40
N GLU A 74 -0.53 -1.18 0.78
CA GLU A 74 -1.86 -1.38 0.21
C GLU A 74 -2.68 -0.09 0.34
N ALA A 75 -2.70 0.42 1.58
CA ALA A 75 -3.35 1.65 1.93
C ALA A 75 -2.88 2.76 1.01
N ALA A 76 -1.56 3.00 0.95
CA ALA A 76 -0.93 4.02 0.14
C ALA A 76 -1.26 3.87 -1.34
N PHE A 77 -1.18 2.65 -1.86
CA PHE A 77 -1.41 2.34 -3.27
C PHE A 77 -2.80 2.79 -3.67
N ASN A 78 -3.85 2.25 -3.03
CA ASN A 78 -5.17 2.69 -3.42
C ASN A 78 -5.33 4.17 -3.12
N ASN A 79 -4.75 4.63 -2.00
CA ASN A 79 -4.92 5.98 -1.52
C ASN A 79 -4.53 6.96 -2.62
N ALA A 80 -3.30 6.79 -3.15
CA ALA A 80 -2.67 7.68 -4.10
C ALA A 80 -3.33 7.51 -5.47
N PHE A 81 -3.59 6.27 -5.88
CA PHE A 81 -4.20 6.00 -7.17
C PHE A 81 -5.58 6.69 -7.25
N ASN A 82 -6.39 6.50 -6.21
CA ASN A 82 -7.68 7.15 -6.10
C ASN A 82 -7.52 8.67 -6.00
N ALA A 83 -6.58 9.17 -5.20
CA ALA A 83 -6.35 10.60 -5.01
C ALA A 83 -6.00 11.28 -6.34
N VAL A 84 -4.97 10.80 -7.04
CA VAL A 84 -4.53 11.33 -8.31
C VAL A 84 -5.69 11.28 -9.29
N ARG A 85 -6.34 10.12 -9.49
CA ARG A 85 -7.42 10.05 -10.47
C ARG A 85 -8.53 11.04 -10.11
N ASN A 86 -8.84 11.18 -8.82
CA ASN A 86 -9.90 12.06 -8.33
C ASN A 86 -9.57 13.51 -8.62
N LYS A 87 -8.37 13.96 -8.23
CA LYS A 87 -7.86 15.28 -8.54
C LYS A 87 -7.96 15.55 -10.04
N TYR A 88 -7.58 14.57 -10.87
CA TYR A 88 -7.65 14.67 -12.32
C TYR A 88 -9.08 14.87 -12.82
N VAL A 89 -10.02 13.97 -12.49
CA VAL A 89 -11.40 14.09 -12.96
C VAL A 89 -12.00 15.40 -12.48
N GLN A 90 -11.81 15.76 -11.20
CA GLN A 90 -12.46 16.93 -10.66
C GLN A 90 -11.92 18.19 -11.32
N ARG A 91 -10.61 18.25 -11.63
CA ARG A 91 -10.02 19.34 -12.41
C ARG A 91 -10.69 19.42 -13.78
N PHE A 92 -10.73 18.30 -14.51
CA PHE A 92 -11.31 18.18 -15.84
C PHE A 92 -12.75 18.71 -15.82
N GLN A 93 -13.62 18.11 -15.00
CA GLN A 93 -15.01 18.50 -14.95
C GLN A 93 -15.15 19.95 -14.50
N ALA A 94 -14.45 20.41 -13.46
CA ALA A 94 -14.51 21.80 -13.01
C ALA A 94 -14.25 22.76 -14.18
N THR A 95 -13.13 22.60 -14.89
CA THR A 95 -12.77 23.51 -15.97
C THR A 95 -13.63 23.34 -17.23
N TYR A 96 -14.57 22.38 -17.25
CA TYR A 96 -15.58 22.19 -18.30
C TYR A 96 -17.00 22.51 -17.81
N ASN A 97 -17.15 22.96 -16.56
CA ASN A 97 -18.40 23.46 -16.00
C ASN A 97 -18.45 24.98 -16.13
N ASN A 98 -17.80 25.52 -17.16
CA ASN A 98 -17.83 26.92 -17.59
C ASN A 98 -19.21 27.35 -18.13
N ALA A 99 -20.26 26.52 -17.94
CA ALA A 99 -21.63 26.78 -18.30
C ALA A 99 -22.56 26.60 -17.09
N THR A 100 -22.02 26.37 -15.88
CA THR A 100 -22.77 25.90 -14.73
C THR A 100 -22.66 26.92 -13.59
N GLU A 101 -21.60 26.82 -12.77
CA GLU A 101 -21.46 27.52 -11.50
C GLU A 101 -20.00 27.97 -11.37
N GLN A 102 -19.40 28.39 -12.50
CA GLN A 102 -18.01 28.80 -12.53
C GLN A 102 -17.86 30.16 -11.85
N GLU A 103 -17.38 30.16 -10.60
CA GLU A 103 -16.81 31.34 -9.97
C GLU A 103 -15.59 31.81 -10.79
N GLY A 104 -14.93 32.88 -10.35
CA GLY A 104 -13.56 33.19 -10.76
C GLY A 104 -12.51 32.19 -10.23
N LYS A 105 -12.90 30.96 -9.89
CA LYS A 105 -11.99 29.91 -9.46
C LYS A 105 -11.40 29.24 -10.69
N THR A 106 -10.30 28.53 -10.51
CA THR A 106 -9.79 27.55 -11.47
C THR A 106 -8.80 26.64 -10.75
N TYR A 107 -7.83 27.22 -10.04
CA TYR A 107 -6.78 26.56 -9.28
C TYR A 107 -7.26 26.03 -7.92
N ILE A 108 -8.50 25.58 -7.84
CA ILE A 108 -9.16 25.09 -6.62
C ILE A 108 -9.82 23.76 -6.98
N GLN A 109 -10.22 22.97 -5.97
CA GLN A 109 -11.03 21.78 -6.15
C GLN A 109 -12.51 22.08 -5.88
N GLY A 110 -13.38 21.08 -6.05
CA GLY A 110 -14.51 20.83 -5.17
C GLY A 110 -14.20 19.59 -4.33
N GLU A 111 -15.09 18.59 -4.34
CA GLU A 111 -14.75 17.20 -4.02
C GLU A 111 -15.44 16.30 -5.04
N THR A 112 -15.36 14.98 -4.86
CA THR A 112 -15.91 13.98 -5.76
C THR A 112 -16.58 12.89 -4.94
N PRO A 113 -17.50 12.11 -5.53
CA PRO A 113 -18.11 11.01 -4.78
C PRO A 113 -17.05 9.96 -4.43
N GLU A 114 -16.05 9.77 -5.29
CA GLU A 114 -14.94 8.87 -4.98
C GLU A 114 -13.95 9.46 -3.96
N GLN A 115 -13.91 10.78 -3.75
CA GLN A 115 -13.12 11.34 -2.65
C GLN A 115 -13.85 10.99 -1.34
N ALA A 116 -15.18 11.06 -1.33
CA ALA A 116 -16.02 10.59 -0.25
C ALA A 116 -16.01 9.06 -0.11
N ASN A 117 -15.73 8.32 -1.18
CA ASN A 117 -15.64 6.87 -1.12
C ASN A 117 -14.35 6.46 -0.44
N ALA A 118 -13.21 6.86 -1.02
CA ALA A 118 -11.87 6.46 -0.59
C ALA A 118 -11.51 6.93 0.83
N ARG A 119 -12.31 7.81 1.43
CA ARG A 119 -12.28 8.09 2.88
C ARG A 119 -12.41 6.81 3.71
N TYR A 120 -13.11 5.79 3.20
CA TYR A 120 -13.26 4.47 3.81
C TYR A 120 -11.94 3.70 3.94
N LEU A 121 -10.86 4.14 3.27
CA LEU A 121 -9.52 3.56 3.46
C LEU A 121 -8.94 4.14 4.75
N LYS A 122 -9.41 3.65 5.89
CA LYS A 122 -9.12 4.14 7.23
C LYS A 122 -7.88 3.44 7.78
N ARG A 123 -6.69 3.70 7.22
CA ARG A 123 -5.45 3.08 7.71
C ARG A 123 -5.10 3.62 9.10
N VAL A 124 -4.62 2.77 10.01
CA VAL A 124 -3.87 3.13 11.23
C VAL A 124 -2.82 2.03 11.52
N GLY A 125 -2.44 1.24 10.51
CA GLY A 125 -1.47 0.15 10.64
C GLY A 125 -0.14 0.67 11.16
N ALA A 126 0.16 0.44 12.44
CA ALA A 126 1.32 0.98 13.17
C ALA A 126 1.48 0.36 14.56
N ALA A 127 0.44 -0.30 15.10
CA ALA A 127 0.56 -1.06 16.33
C ALA A 127 1.08 -2.46 16.01
N ASN A 128 1.75 -3.08 16.97
CA ASN A 128 2.13 -4.48 16.89
C ASN A 128 0.91 -5.33 17.21
N ASN A 129 0.88 -6.56 16.71
CA ASN A 129 -0.05 -7.61 17.09
C ASN A 129 0.49 -8.93 16.55
N GLN A 130 0.39 -9.97 17.36
CA GLN A 130 0.87 -11.33 17.12
C GLN A 130 -0.16 -12.26 17.76
N ASN A 131 -0.11 -13.54 17.46
CA ASN A 131 -1.10 -14.50 17.94
C ASN A 131 -0.54 -15.93 17.91
N PRO A 132 0.39 -16.30 18.81
CA PRO A 132 1.03 -17.62 18.82
C PRO A 132 0.14 -18.70 19.46
N ALA A 133 0.47 -19.96 19.15
CA ALA A 133 -0.13 -21.21 19.60
C ALA A 133 0.65 -22.32 18.89
N ALA A 134 1.65 -22.87 19.56
CA ALA A 134 2.37 -24.06 19.14
C ALA A 134 1.53 -25.30 19.46
N GLU A 135 1.76 -26.39 18.73
CA GLU A 135 1.04 -27.65 18.87
C GLU A 135 1.87 -28.67 18.09
N ASP A 136 2.74 -29.42 18.77
CA ASP A 136 3.51 -30.51 18.17
C ASP A 136 3.08 -31.84 18.82
N LYS A 137 3.76 -32.94 18.54
CA LYS A 137 3.49 -34.24 19.13
C LYS A 137 4.14 -34.41 20.51
N GLY A 138 4.87 -33.41 21.01
CA GLY A 138 5.62 -33.51 22.25
C GLY A 138 6.93 -32.76 22.08
N ALA A 139 7.91 -33.36 21.39
CA ALA A 139 9.24 -32.79 21.22
C ALA A 139 9.92 -32.63 22.56
N THR A 140 10.84 -31.69 22.68
CA THR A 140 11.56 -31.45 23.93
C THR A 140 12.55 -32.61 24.18
N THR A 141 13.34 -32.94 23.16
CA THR A 141 14.23 -34.10 23.11
C THR A 141 13.55 -35.40 23.62
N PRO A 142 12.64 -35.99 22.81
CA PRO A 142 11.92 -37.20 23.17
C PRO A 142 12.74 -38.48 22.96
N ALA A 143 13.94 -38.37 22.37
CA ALA A 143 14.86 -39.47 22.08
C ALA A 143 14.24 -40.58 21.20
N SER A 144 13.27 -40.23 20.36
CA SER A 144 12.77 -41.09 19.30
C SER A 144 13.91 -41.45 18.34
N LYS A 145 13.69 -42.54 17.59
CA LYS A 145 14.67 -43.40 16.98
C LYS A 145 15.42 -44.17 18.07
N GLU A 146 14.71 -45.18 18.55
CA GLU A 146 15.15 -46.26 19.39
C GLU A 146 15.84 -47.37 18.55
N GLU A 147 16.51 -48.34 19.17
CA GLU A 147 16.58 -49.75 18.73
C GLU A 147 17.06 -50.62 19.90
N ALA A 148 17.16 -51.93 19.70
CA ALA A 148 17.67 -52.90 20.67
C ALA A 148 18.33 -54.05 19.90
N LYS A 149 19.60 -53.87 19.51
CA LYS A 149 20.33 -54.89 18.77
C LYS A 149 20.65 -56.08 19.70
N LYS A 150 20.73 -57.29 19.14
CA LYS A 150 21.33 -58.48 19.74
C LYS A 150 22.05 -59.23 18.63
N SER A 151 22.85 -60.23 19.00
CA SER A 151 23.29 -61.33 18.17
C SER A 151 23.80 -62.38 19.16
N GLU A 152 23.71 -63.66 18.81
CA GLU A 152 24.06 -64.80 19.65
C GLU A 152 24.77 -65.85 18.79
N ALA A 153 25.22 -66.97 19.37
CA ALA A 153 26.09 -67.95 18.72
C ALA A 153 25.70 -69.38 19.11
N ALA A 154 26.22 -70.36 18.37
CA ALA A 154 26.12 -71.78 18.67
C ALA A 154 27.27 -72.21 19.59
N ALA A 155 27.18 -73.42 20.16
CA ALA A 155 28.17 -74.00 21.06
C ALA A 155 28.07 -75.53 21.04
N LYS A 156 28.74 -76.19 21.98
CA LYS A 156 28.69 -77.63 22.32
C LYS A 156 29.42 -78.54 21.33
N ASN A 157 29.52 -78.17 20.05
CA ASN A 157 30.60 -78.55 19.11
C ASN A 157 31.00 -80.03 19.17
N ALA A 158 30.02 -80.95 19.12
CA ALA A 158 30.32 -82.39 19.16
C ALA A 158 30.95 -82.85 17.85
N GLY A 159 31.64 -84.00 17.89
CA GLY A 159 32.28 -84.65 16.75
C GLY A 159 32.59 -86.10 17.08
N LYS A 160 33.26 -86.83 16.18
CA LYS A 160 33.73 -88.21 16.40
C LYS A 160 34.88 -88.50 15.41
N ALA A 161 35.53 -89.65 15.54
CA ALA A 161 36.57 -90.15 14.64
C ALA A 161 36.40 -91.67 14.46
N ALA A 162 37.27 -92.30 13.67
CA ALA A 162 37.29 -93.73 13.38
C ALA A 162 38.75 -94.23 13.38
N GLY A 163 38.99 -95.50 13.02
CA GLY A 163 40.31 -96.11 13.03
C GLY A 163 40.19 -97.62 12.82
N LYS A 164 41.24 -98.37 13.22
CA LYS A 164 41.62 -99.74 12.81
C LYS A 164 42.23 -99.72 11.40
N ALA A 165 42.84 -100.84 11.01
CA ALA A 165 43.40 -101.17 9.71
C ALA A 165 43.25 -102.69 9.52
N LEU A 166 43.58 -103.23 8.34
CA LEU A 166 43.37 -104.64 8.01
C LEU A 166 44.57 -105.16 7.20
N PRO A 167 45.64 -105.63 7.87
CA PRO A 167 46.86 -106.10 7.21
C PRO A 167 46.65 -107.42 6.45
N LYS A 168 47.67 -107.89 5.73
CA LYS A 168 47.70 -109.16 5.01
C LYS A 168 49.10 -109.75 5.15
N THR A 169 49.32 -110.97 4.65
CA THR A 169 50.54 -111.73 4.84
C THR A 169 51.11 -112.16 3.49
N SER A 170 52.41 -112.45 3.45
CA SER A 170 53.18 -112.78 2.25
C SER A 170 52.90 -114.21 1.79
N ALA A 171 51.76 -114.43 1.11
CA ALA A 171 51.39 -115.70 0.47
C ALA A 171 52.23 -116.00 -0.79
N VAL A 172 53.53 -115.67 -0.78
CA VAL A 172 54.44 -115.90 -1.89
C VAL A 172 54.64 -117.41 -2.11
N LYS A 173 55.00 -117.82 -3.33
CA LYS A 173 55.40 -119.18 -3.67
C LYS A 173 56.28 -119.14 -4.93
N HIS A 174 56.65 -120.32 -5.43
CA HIS A 174 57.74 -120.66 -6.38
C HIS A 174 59.10 -120.15 -5.90
N HIS A 175 60.16 -120.51 -6.64
CA HIS A 175 61.53 -120.02 -6.48
C HIS A 175 62.40 -120.54 -7.65
N HIS A 176 62.09 -121.74 -8.16
CA HIS A 176 62.71 -122.27 -9.37
C HIS A 176 62.29 -121.42 -10.57
N HIS A 177 63.08 -121.51 -11.64
CA HIS A 177 62.98 -120.70 -12.84
C HIS A 177 62.97 -121.62 -14.07
N HIS A 178 64.02 -122.42 -14.21
CA HIS A 178 64.12 -123.54 -15.14
C HIS A 178 64.60 -124.76 -14.33
N HIS A 179 65.00 -125.81 -15.04
CA HIS A 179 65.71 -126.97 -14.51
C HIS A 179 67.00 -126.49 -13.83
N MET A 1 -14.21 19.07 -30.60
CA MET A 1 -15.67 19.22 -30.44
C MET A 1 -15.99 20.70 -30.53
N ALA A 2 -17.23 21.01 -30.87
CA ALA A 2 -17.91 22.28 -30.63
C ALA A 2 -19.22 21.89 -29.92
N ASP A 3 -20.10 22.87 -29.69
CA ASP A 3 -21.50 22.72 -29.28
C ASP A 3 -21.62 22.33 -27.80
N GLU A 4 -20.95 21.24 -27.41
CA GLU A 4 -20.75 20.64 -26.09
C GLU A 4 -22.07 20.37 -25.33
N ALA A 5 -22.78 21.41 -24.92
CA ALA A 5 -24.13 21.34 -24.39
C ALA A 5 -24.93 22.63 -24.58
N THR A 6 -24.24 23.77 -24.63
CA THR A 6 -24.79 25.13 -24.69
C THR A 6 -25.82 25.36 -23.56
N ASP A 7 -25.32 25.73 -22.38
CA ASP A 7 -26.13 26.01 -21.19
C ASP A 7 -26.82 27.37 -21.24
N ALA A 8 -27.61 27.65 -20.20
CA ALA A 8 -28.04 29.00 -19.83
C ALA A 8 -28.18 29.09 -18.29
N ALA A 9 -27.34 28.38 -17.52
CA ALA A 9 -27.48 28.21 -16.09
C ALA A 9 -26.11 28.09 -15.43
N ARG A 10 -26.02 28.50 -14.15
CA ARG A 10 -24.77 28.49 -13.41
C ARG A 10 -25.01 28.23 -11.91
N ASN A 11 -26.12 27.55 -11.57
CA ASN A 11 -26.58 27.43 -10.20
C ASN A 11 -26.09 26.11 -9.58
N ASN A 12 -26.27 25.99 -8.26
CA ASN A 12 -25.67 24.92 -7.46
C ASN A 12 -26.38 23.59 -7.69
N ASP A 13 -27.71 23.60 -7.57
CA ASP A 13 -28.50 22.40 -7.25
C ASP A 13 -29.64 22.21 -8.24
N GLY A 14 -30.49 21.23 -7.97
CA GLY A 14 -31.78 21.10 -8.64
C GLY A 14 -31.69 20.57 -10.05
N ALA A 15 -30.53 20.06 -10.44
CA ALA A 15 -30.28 19.44 -11.72
C ALA A 15 -30.98 18.08 -11.88
N TYR A 16 -32.21 17.93 -11.34
CA TYR A 16 -33.14 16.80 -11.39
C TYR A 16 -32.54 15.48 -10.89
N TYR A 17 -31.66 14.85 -11.67
CA TYR A 17 -30.98 13.61 -11.31
C TYR A 17 -29.52 13.87 -10.93
N LEU A 18 -28.95 15.01 -11.34
CA LEU A 18 -27.55 15.37 -11.12
C LEU A 18 -27.38 16.35 -10.00
N GLN A 19 -28.49 16.75 -9.36
CA GLN A 19 -28.68 17.73 -8.29
C GLN A 19 -27.90 17.43 -7.00
N THR A 20 -26.89 16.61 -7.15
CA THR A 20 -26.23 15.87 -6.10
C THR A 20 -24.73 15.95 -6.33
N GLN A 21 -24.26 15.43 -7.47
CA GLN A 21 -22.85 15.27 -7.80
C GLN A 21 -22.65 14.90 -9.26
N PHE A 22 -23.69 15.11 -10.09
CA PHE A 22 -23.70 14.99 -11.53
C PHE A 22 -23.00 13.72 -12.01
N THR A 23 -23.70 12.62 -11.77
CA THR A 23 -23.33 11.27 -12.15
C THR A 23 -22.96 11.26 -13.63
N ASN A 24 -21.68 11.04 -13.92
CA ASN A 24 -21.21 10.93 -15.30
C ASN A 24 -19.94 10.11 -15.36
N ALA A 25 -19.98 8.92 -14.77
CA ALA A 25 -18.78 8.13 -14.55
C ALA A 25 -18.10 7.70 -15.85
N ASP A 26 -18.83 7.63 -16.96
CA ASP A 26 -18.34 7.13 -18.24
C ASP A 26 -17.46 8.15 -18.94
N LYS A 27 -17.84 9.44 -18.94
CA LYS A 27 -16.99 10.49 -19.51
C LYS A 27 -15.66 10.54 -18.76
N VAL A 28 -15.72 10.44 -17.44
CA VAL A 28 -14.55 10.41 -16.57
C VAL A 28 -13.64 9.25 -16.99
N ASN A 29 -14.21 8.04 -17.08
CA ASN A 29 -13.47 6.84 -17.40
C ASN A 29 -12.69 6.99 -18.71
N GLU A 30 -13.21 7.73 -19.69
CA GLU A 30 -12.55 7.98 -20.95
C GLU A 30 -11.13 8.50 -20.69
N TYR A 31 -11.03 9.70 -20.09
CA TYR A 31 -9.74 10.35 -19.94
C TYR A 31 -8.90 9.45 -19.06
N LEU A 32 -9.52 8.96 -17.97
CA LEU A 32 -8.84 8.18 -16.96
C LEU A 32 -8.09 7.05 -17.62
N ALA A 33 -8.79 6.23 -18.41
CA ALA A 33 -8.23 5.08 -19.11
C ALA A 33 -7.11 5.55 -20.05
N GLN A 34 -7.35 6.62 -20.81
CA GLN A 34 -6.41 7.20 -21.76
C GLN A 34 -5.04 7.43 -21.08
N HIS A 35 -5.04 8.09 -19.92
CA HIS A 35 -3.83 8.46 -19.17
C HIS A 35 -3.60 7.61 -17.92
N ASP A 36 -4.19 6.42 -17.84
CA ASP A 36 -4.16 5.57 -16.64
C ASP A 36 -2.74 5.24 -16.18
N GLY A 37 -1.78 5.25 -17.11
CA GLY A 37 -0.37 5.04 -16.81
C GLY A 37 0.31 6.27 -16.24
N GLU A 38 -0.03 7.50 -16.65
CA GLU A 38 0.56 8.69 -16.02
C GLU A 38 -0.01 8.83 -14.61
N ILE A 39 -1.29 8.51 -14.43
CA ILE A 39 -1.91 8.44 -13.11
C ILE A 39 -1.16 7.41 -12.25
N ARG A 40 -0.95 6.18 -12.76
CA ARG A 40 -0.23 5.14 -12.03
C ARG A 40 1.17 5.61 -11.65
N ALA A 41 1.87 6.26 -12.59
CA ALA A 41 3.22 6.73 -12.40
C ALA A 41 3.28 7.77 -11.29
N GLU A 42 2.40 8.78 -11.35
CA GLU A 42 2.32 9.87 -10.39
C GLU A 42 2.05 9.32 -8.98
N ALA A 43 1.16 8.31 -8.88
CA ALA A 43 0.85 7.65 -7.61
C ALA A 43 2.02 6.83 -7.08
N ALA A 44 2.64 6.04 -7.95
CA ALA A 44 3.75 5.15 -7.61
C ALA A 44 5.02 5.93 -7.27
N ALA A 45 5.12 7.19 -7.70
CA ALA A 45 6.24 8.07 -7.39
C ALA A 45 6.09 8.80 -6.06
N ASP A 46 4.92 8.76 -5.40
CA ASP A 46 4.69 9.57 -4.21
C ASP A 46 5.27 8.83 -2.99
N PRO A 47 5.77 9.56 -1.98
CA PRO A 47 6.66 9.02 -0.95
C PRO A 47 6.02 7.94 -0.10
N ALA A 48 4.70 7.92 0.05
CA ALA A 48 4.06 6.90 0.86
C ALA A 48 4.19 5.51 0.19
N VAL A 49 3.91 5.35 -1.12
CA VAL A 49 4.15 4.09 -1.83
C VAL A 49 5.64 3.83 -1.91
N VAL A 50 6.41 4.83 -2.35
CA VAL A 50 7.86 4.81 -2.44
C VAL A 50 8.49 4.23 -1.17
N ALA A 51 8.23 4.86 -0.03
CA ALA A 51 8.85 4.52 1.24
C ALA A 51 8.28 3.22 1.76
N ALA A 52 6.95 3.01 1.66
CA ALA A 52 6.35 1.76 2.10
C ALA A 52 6.99 0.59 1.38
N LYS A 53 7.21 0.65 0.07
CA LYS A 53 7.88 -0.41 -0.68
C LYS A 53 9.32 -0.58 -0.20
N ALA A 54 10.06 0.51 -0.08
CA ALA A 54 11.46 0.49 0.34
C ALA A 54 11.66 -0.01 1.78
N ALA A 55 10.61 -0.01 2.62
CA ALA A 55 10.59 -0.71 3.90
C ALA A 55 10.13 -2.16 3.72
N LEU A 56 9.01 -2.35 3.02
CA LEU A 56 8.30 -3.62 2.87
C LEU A 56 9.25 -4.70 2.42
N ASP A 57 10.10 -4.41 1.44
CA ASP A 57 10.96 -5.44 0.85
C ASP A 57 12.01 -5.99 1.82
N ALA A 58 12.23 -5.31 2.95
CA ALA A 58 13.20 -5.65 3.99
C ALA A 58 12.53 -6.07 5.31
N VAL A 59 11.20 -6.03 5.36
CA VAL A 59 10.39 -6.36 6.53
C VAL A 59 9.25 -7.29 6.09
N GLU A 60 9.38 -7.88 4.90
CA GLU A 60 8.54 -8.92 4.35
C GLU A 60 8.74 -10.24 5.12
N GLY A 61 8.37 -11.39 4.55
CA GLY A 61 8.87 -12.65 5.08
C GLY A 61 8.13 -13.15 6.31
N GLY A 62 6.93 -12.61 6.57
CA GLY A 62 6.17 -12.96 7.77
C GLY A 62 6.74 -12.27 9.00
N SER A 63 7.58 -11.25 8.82
CA SER A 63 8.15 -10.45 9.90
C SER A 63 7.03 -9.96 10.82
N HIS A 64 7.33 -9.63 12.08
CA HIS A 64 6.31 -9.17 13.03
C HIS A 64 5.61 -7.91 12.53
N ASN A 65 6.31 -7.07 11.77
CA ASN A 65 5.78 -5.85 11.13
C ASN A 65 5.26 -6.10 9.71
N TYR A 66 5.42 -7.29 9.11
CA TYR A 66 5.13 -7.54 7.69
C TYR A 66 3.74 -7.07 7.31
N GLY A 67 2.72 -7.57 8.02
CA GLY A 67 1.33 -7.25 7.77
C GLY A 67 1.10 -5.74 7.88
N GLU A 68 1.78 -5.07 8.83
CA GLU A 68 1.68 -3.63 8.96
C GLU A 68 2.28 -2.91 7.75
N VAL A 69 3.47 -3.28 7.26
CA VAL A 69 4.05 -2.58 6.11
C VAL A 69 3.21 -2.88 4.85
N LYS A 70 2.73 -4.11 4.72
CA LYS A 70 1.86 -4.56 3.63
C LYS A 70 0.60 -3.72 3.61
N ALA A 71 -0.08 -3.59 4.74
CA ALA A 71 -1.28 -2.78 4.85
C ALA A 71 -0.97 -1.32 4.52
N ALA A 72 0.17 -0.81 5.00
CA ALA A 72 0.61 0.54 4.73
C ALA A 72 0.73 0.78 3.22
N TYR A 73 1.45 -0.09 2.53
CA TYR A 73 1.67 -0.05 1.10
C TYR A 73 0.34 -0.07 0.35
N GLU A 74 -0.55 -1.01 0.68
CA GLU A 74 -1.84 -1.13 0.03
C GLU A 74 -2.66 0.14 0.20
N ALA A 75 -2.85 0.56 1.46
CA ALA A 75 -3.61 1.74 1.81
C ALA A 75 -3.06 2.96 1.05
N ALA A 76 -1.74 3.15 1.05
CA ALA A 76 -1.05 4.25 0.39
C ALA A 76 -1.23 4.18 -1.12
N PHE A 77 -1.11 2.99 -1.73
CA PHE A 77 -1.18 2.83 -3.17
C PHE A 77 -2.55 3.25 -3.67
N ASN A 78 -3.63 2.69 -3.09
CA ASN A 78 -4.97 3.11 -3.48
C ASN A 78 -5.17 4.57 -3.15
N ASN A 79 -4.62 5.01 -2.01
CA ASN A 79 -4.87 6.34 -1.51
C ASN A 79 -4.39 7.35 -2.54
N ALA A 80 -3.13 7.20 -2.98
CA ALA A 80 -2.49 8.04 -3.97
C ALA A 80 -3.21 7.94 -5.29
N PHE A 81 -3.38 6.74 -5.84
CA PHE A 81 -3.96 6.58 -7.16
C PHE A 81 -5.35 7.19 -7.22
N ASN A 82 -6.20 6.93 -6.22
CA ASN A 82 -7.48 7.60 -6.18
C ASN A 82 -7.30 9.11 -6.02
N ALA A 83 -6.35 9.60 -5.20
CA ALA A 83 -6.14 11.02 -5.00
C ALA A 83 -5.84 11.74 -6.30
N VAL A 84 -4.88 11.27 -7.10
CA VAL A 84 -4.54 11.90 -8.37
C VAL A 84 -5.73 11.79 -9.33
N ARG A 85 -6.33 10.60 -9.48
CA ARG A 85 -7.49 10.43 -10.37
C ARG A 85 -8.59 11.39 -9.93
N ASN A 86 -8.97 11.37 -8.66
CA ASN A 86 -10.07 12.15 -8.12
C ASN A 86 -9.83 13.63 -8.29
N LYS A 87 -8.65 14.14 -7.91
CA LYS A 87 -8.38 15.57 -8.03
C LYS A 87 -8.54 16.00 -9.48
N TYR A 88 -7.95 15.22 -10.38
CA TYR A 88 -7.96 15.48 -11.79
C TYR A 88 -9.40 15.48 -12.31
N VAL A 89 -10.14 14.37 -12.15
CA VAL A 89 -11.46 14.24 -12.74
C VAL A 89 -12.41 15.29 -12.18
N GLN A 90 -12.39 15.57 -10.87
CA GLN A 90 -13.27 16.61 -10.34
C GLN A 90 -12.91 17.96 -10.94
N ARG A 91 -11.62 18.33 -11.05
CA ARG A 91 -11.30 19.64 -11.64
C ARG A 91 -11.72 19.67 -13.11
N PHE A 92 -11.49 18.57 -13.85
CA PHE A 92 -11.82 18.46 -15.26
C PHE A 92 -13.34 18.55 -15.46
N GLN A 93 -14.14 17.74 -14.76
CA GLN A 93 -15.58 17.84 -14.89
C GLN A 93 -16.07 19.22 -14.43
N ALA A 94 -15.49 19.82 -13.39
CA ALA A 94 -15.89 21.14 -12.92
C ALA A 94 -15.75 22.21 -14.01
N THR A 95 -14.63 22.22 -14.76
CA THR A 95 -14.42 23.20 -15.82
C THR A 95 -15.26 22.88 -17.08
N TYR A 96 -15.87 21.69 -17.19
CA TYR A 96 -16.72 21.26 -18.32
C TYR A 96 -18.18 21.04 -17.93
N ASN A 97 -18.54 21.30 -16.68
CA ASN A 97 -19.88 20.94 -16.17
C ASN A 97 -20.93 21.92 -16.65
N ASN A 98 -20.49 23.12 -17.03
CA ASN A 98 -21.27 24.32 -17.31
C ASN A 98 -22.34 24.51 -16.24
N ALA A 99 -21.87 24.53 -14.98
CA ALA A 99 -22.61 24.93 -13.80
C ALA A 99 -21.82 25.97 -12.99
N THR A 100 -20.66 26.41 -13.53
CA THR A 100 -19.64 27.22 -12.89
C THR A 100 -19.00 26.49 -11.69
N GLU A 101 -19.19 25.16 -11.66
CA GLU A 101 -18.77 24.20 -10.64
C GLU A 101 -17.28 24.30 -10.29
N GLN A 102 -16.47 24.88 -11.17
CA GLN A 102 -15.12 25.31 -10.86
C GLN A 102 -15.18 26.58 -10.01
N GLU A 103 -15.62 26.44 -8.77
CA GLU A 103 -15.39 27.44 -7.74
C GLU A 103 -13.87 27.67 -7.61
N GLY A 104 -13.46 28.76 -6.96
CA GLY A 104 -12.06 29.17 -6.84
C GLY A 104 -11.17 28.19 -6.05
N LYS A 105 -11.74 27.19 -5.40
CA LYS A 105 -11.05 26.05 -4.79
C LYS A 105 -10.08 25.40 -5.78
N THR A 106 -8.93 24.97 -5.29
CA THR A 106 -7.89 24.38 -6.12
C THR A 106 -7.14 23.23 -5.43
N TYR A 107 -7.49 22.87 -4.20
CA TYR A 107 -6.85 21.79 -3.45
C TYR A 107 -7.85 20.93 -2.67
N ILE A 108 -9.10 20.91 -3.12
CA ILE A 108 -10.23 20.30 -2.41
C ILE A 108 -10.89 19.33 -3.37
N GLN A 109 -11.57 18.32 -2.83
CA GLN A 109 -12.40 17.37 -3.53
C GLN A 109 -13.80 17.39 -2.94
N GLY A 110 -14.80 17.14 -3.79
CA GLY A 110 -16.11 16.71 -3.39
C GLY A 110 -16.15 15.21 -3.68
N GLU A 111 -17.09 14.75 -4.50
CA GLU A 111 -17.55 13.38 -4.44
C GLU A 111 -17.26 12.64 -5.75
N THR A 112 -16.86 11.38 -5.64
CA THR A 112 -16.80 10.44 -6.76
C THR A 112 -17.28 9.05 -6.31
N PRO A 113 -17.77 8.20 -7.23
CA PRO A 113 -18.15 6.85 -6.89
C PRO A 113 -16.92 6.01 -6.53
N GLU A 114 -15.79 6.25 -7.21
CA GLU A 114 -14.54 5.59 -6.89
C GLU A 114 -13.93 6.10 -5.57
N GLN A 115 -14.30 7.30 -5.09
CA GLN A 115 -13.88 7.71 -3.76
C GLN A 115 -14.50 6.77 -2.75
N ALA A 116 -15.82 6.61 -2.78
CA ALA A 116 -16.51 5.69 -1.90
C ALA A 116 -16.00 4.26 -2.09
N ASN A 117 -15.74 3.84 -3.34
CA ASN A 117 -15.20 2.51 -3.61
C ASN A 117 -13.80 2.31 -3.03
N ALA A 118 -13.00 3.38 -2.85
CA ALA A 118 -11.73 3.31 -2.12
C ALA A 118 -11.98 3.33 -0.60
N ARG A 119 -12.96 4.11 -0.14
CA ARG A 119 -13.32 4.19 1.28
C ARG A 119 -13.75 2.83 1.83
N TYR A 120 -14.14 1.88 0.97
CA TYR A 120 -14.40 0.48 1.26
C TYR A 120 -13.30 -0.18 2.09
N LEU A 121 -12.03 0.19 1.86
CA LEU A 121 -10.86 -0.41 2.48
C LEU A 121 -9.96 0.60 3.19
N LYS A 122 -10.43 1.85 3.32
CA LYS A 122 -9.63 2.94 3.89
C LYS A 122 -9.58 2.78 5.40
N ARG A 123 -8.68 1.94 5.89
CA ARG A 123 -8.43 1.65 7.30
C ARG A 123 -6.93 1.84 7.53
N VAL A 124 -6.54 2.66 8.51
CA VAL A 124 -5.12 2.96 8.77
C VAL A 124 -4.90 3.08 10.29
N GLY A 125 -5.79 2.47 11.08
CA GLY A 125 -5.68 2.42 12.53
C GLY A 125 -4.49 1.57 12.94
N ALA A 126 -3.98 1.82 14.16
CA ALA A 126 -2.85 1.17 14.83
C ALA A 126 -1.49 1.28 14.13
N ALA A 127 -1.46 1.65 12.84
CA ALA A 127 -0.25 1.77 12.03
C ALA A 127 0.77 2.68 12.70
N ASN A 128 2.04 2.27 12.73
CA ASN A 128 3.11 2.99 13.41
C ASN A 128 3.53 4.23 12.62
N ASN A 129 4.24 5.18 13.25
CA ASN A 129 4.75 6.41 12.66
C ASN A 129 6.25 6.48 12.93
N GLN A 130 6.94 7.41 12.26
CA GLN A 130 8.31 7.79 12.58
C GLN A 130 8.47 9.25 12.17
N ASN A 131 9.15 10.05 12.99
CA ASN A 131 9.42 11.47 12.75
C ASN A 131 10.64 11.86 13.60
N PRO A 132 11.49 12.79 13.13
CA PRO A 132 12.74 13.13 13.79
C PRO A 132 12.54 14.09 14.96
N ALA A 133 13.44 14.01 15.96
CA ALA A 133 13.32 14.60 17.27
C ALA A 133 13.26 16.12 17.22
N ALA A 134 14.34 16.79 16.78
CA ALA A 134 14.43 18.24 16.81
C ALA A 134 15.36 18.80 15.73
N GLU A 135 15.20 20.10 15.52
CA GLU A 135 15.98 20.98 14.65
C GLU A 135 16.01 20.44 13.22
N ASP A 136 16.90 20.99 12.40
CA ASP A 136 17.14 20.52 11.04
C ASP A 136 18.45 21.13 10.52
N LYS A 137 18.83 20.75 9.30
CA LYS A 137 19.93 21.22 8.48
C LYS A 137 19.73 22.68 8.01
N GLY A 138 19.03 23.52 8.77
CA GLY A 138 18.58 24.86 8.39
C GLY A 138 19.22 25.93 9.25
N ALA A 139 18.85 26.01 10.52
CA ALA A 139 19.38 26.97 11.50
C ALA A 139 20.81 26.58 11.91
N THR A 140 21.77 26.77 11.00
CA THR A 140 23.13 26.29 11.16
C THR A 140 23.97 27.22 12.04
N THR A 141 23.63 28.51 12.14
CA THR A 141 24.17 29.44 13.12
C THR A 141 23.11 30.53 13.33
N PRO A 142 22.00 30.28 14.04
CA PRO A 142 20.93 31.26 14.16
C PRO A 142 21.37 32.56 14.84
N ALA A 143 22.30 32.49 15.81
CA ALA A 143 22.88 33.60 16.58
C ALA A 143 21.94 34.17 17.66
N SER A 144 20.88 33.43 17.99
CA SER A 144 19.64 33.85 18.61
C SER A 144 18.79 34.56 17.55
N LYS A 145 17.53 34.88 17.87
CA LYS A 145 16.57 35.39 16.88
C LYS A 145 15.61 36.35 17.57
N GLU A 146 16.22 37.18 18.41
CA GLU A 146 15.62 38.12 19.32
C GLU A 146 15.28 39.41 18.57
N GLU A 147 14.74 40.42 19.25
CA GLU A 147 14.28 41.72 18.71
C GLU A 147 13.14 41.58 17.66
N ALA A 148 12.67 40.35 17.45
CA ALA A 148 11.73 39.94 16.43
C ALA A 148 10.44 39.54 17.13
N LYS A 149 9.77 40.53 17.74
CA LYS A 149 8.57 40.40 18.58
C LYS A 149 8.70 39.26 19.61
N LYS A 150 7.61 38.86 20.26
CA LYS A 150 7.57 37.68 21.11
C LYS A 150 6.12 37.21 21.31
N SER A 151 5.44 36.91 20.21
CA SER A 151 4.02 36.63 20.18
C SER A 151 3.66 35.22 20.72
N GLU A 152 4.52 34.61 21.53
CA GLU A 152 4.41 33.23 22.00
C GLU A 152 4.59 33.20 23.53
N ALA A 153 3.97 32.21 24.20
CA ALA A 153 4.14 31.96 25.62
C ALA A 153 4.05 30.47 25.89
N ALA A 154 5.10 29.93 26.51
CA ALA A 154 5.05 28.65 27.21
C ALA A 154 4.25 28.82 28.51
N ALA A 155 3.97 27.71 29.19
CA ALA A 155 3.44 27.67 30.55
C ALA A 155 4.00 26.43 31.24
N LYS A 156 4.08 26.46 32.58
CA LYS A 156 4.55 25.40 33.47
C LYS A 156 4.46 25.88 34.91
N ASN A 157 3.93 25.04 35.79
CA ASN A 157 4.01 25.17 37.26
C ASN A 157 4.14 23.79 37.89
N ALA A 158 4.98 22.92 37.32
CA ALA A 158 5.36 21.66 37.96
C ALA A 158 6.19 21.95 39.22
N GLY A 159 6.10 21.07 40.23
CA GLY A 159 6.79 21.18 41.51
C GLY A 159 6.70 19.85 42.26
N LYS A 160 7.23 19.77 43.48
CA LYS A 160 7.12 18.59 44.35
C LYS A 160 7.38 19.00 45.81
N ALA A 161 7.10 18.11 46.75
CA ALA A 161 7.60 18.11 48.12
C ALA A 161 7.87 16.65 48.51
N ALA A 162 8.53 16.41 49.64
CA ALA A 162 8.73 15.10 50.26
C ALA A 162 9.20 15.31 51.71
N GLY A 163 9.31 14.22 52.48
CA GLY A 163 9.99 14.19 53.77
C GLY A 163 10.36 12.76 54.10
N LYS A 164 11.31 12.55 55.02
CA LYS A 164 11.72 11.22 55.49
C LYS A 164 12.46 11.37 56.83
N ALA A 165 11.72 11.57 57.92
CA ALA A 165 12.30 11.45 59.25
C ALA A 165 12.52 9.97 59.58
N LEU A 166 13.33 9.68 60.60
CA LEU A 166 13.56 8.37 61.19
C LEU A 166 13.73 8.61 62.71
N PRO A 167 13.28 7.72 63.61
CA PRO A 167 13.63 7.80 65.00
C PRO A 167 15.09 7.38 65.19
N LYS A 168 15.99 8.37 65.35
CA LYS A 168 17.40 8.16 65.66
C LYS A 168 17.49 7.47 67.03
N THR A 169 17.61 6.16 67.07
CA THR A 169 17.75 5.38 68.29
C THR A 169 19.10 5.70 68.95
N SER A 170 19.12 5.74 70.29
CA SER A 170 20.36 5.83 71.07
C SER A 170 20.00 5.47 72.51
N ALA A 171 20.09 4.18 72.86
CA ALA A 171 19.64 3.66 74.16
C ALA A 171 20.60 2.59 74.71
N VAL A 172 21.83 2.52 74.20
CA VAL A 172 22.84 1.59 74.69
C VAL A 172 23.10 1.89 76.17
N LYS A 173 23.01 0.86 77.03
CA LYS A 173 23.43 0.97 78.42
C LYS A 173 24.90 0.55 78.54
N HIS A 174 25.43 0.66 79.75
CA HIS A 174 26.81 0.41 80.11
C HIS A 174 26.81 -0.21 81.52
N HIS A 175 27.92 -0.83 81.92
CA HIS A 175 28.19 -1.30 83.28
C HIS A 175 29.71 -1.38 83.46
N HIS A 176 30.15 -1.64 84.69
CA HIS A 176 31.47 -2.17 85.00
C HIS A 176 31.35 -2.96 86.30
N HIS A 177 32.42 -3.68 86.68
CA HIS A 177 32.61 -4.34 87.97
C HIS A 177 34.09 -4.24 88.33
N HIS A 178 34.48 -4.78 89.48
CA HIS A 178 35.88 -5.07 89.81
C HIS A 178 35.91 -6.33 90.67
N HIS A 179 35.17 -6.29 91.80
CA HIS A 179 35.40 -7.06 93.02
C HIS A 179 36.87 -7.01 93.45
#